data_5UDC
#
_entry.id   5UDC
#
_cell.length_a   103.780
_cell.length_b   126.310
_cell.length_c   162.310
_cell.angle_alpha   90.000
_cell.angle_beta   102.560
_cell.angle_gamma   90.000
#
_symmetry.space_group_name_H-M   'P 1 21 1'
#
loop_
_entity.id
_entity.type
_entity.pdbx_description
1 polymer 'MEDI8897 Fab Heavy Chain'
2 polymer 'MEDI8897 Fab Light Chain'
3 polymer 'Fusion glycoprotein F0'
4 branched alpha-D-mannopyranose-(1-2)-alpha-D-mannopyranose-(1-2)-alpha-D-mannopyranose-(1-3)-[alpha-D-mannopyranose-(1-2)-alpha-D-mannopyranose-(1-3)-[alpha-D-mannopyranose-(1-2)-alpha-D-mannopyranose-(1-6)]alpha-D-mannopyranose-(1-6)]beta-D-mannopyranose-(1-4)-2-acetamido-2-deoxy-beta-D-glucopyranose-(1-4)-2-acetamido-2-deoxy-beta-D-glucopyranose
5 non-polymer 'CHLORIDE ION'
#
loop_
_entity_poly.entity_id
_entity_poly.type
_entity_poly.pdbx_seq_one_letter_code
_entity_poly.pdbx_strand_id
1 'polypeptide(L)'
;QVQLVQSGAEVKKPGSSVMVSCQASGGLLEDYIINWVRQAPGQGPEWMGGIIPVLGTVHYGPKFQGRVTITADESTDTAY
MELSSLRSEDTAMYYCATETALVVSETYLPHYFDNWGQGTLVTVSSASTKGPSVFPLAPSSKSTSGGTAALGCLVKDYFP
EPVTVSWNSGALTSGVHTFPAVLQSSGLYSLSSVVTVPSSSLGTQTYICNVNHKPSNTKVDKRVEPKS
;
H,B,E
2 'polypeptide(L)'
;DIQMTQSPSSLSAAVGDRVTITCQASQDIVNYLNWYQQKPGKAPKLLIYVASNLETGVPSRFSGSGSGTDFSLTISSLQP
EDVATYYCQQYDNLPLTFGGGTKVEIKRTVAAPSVFIFPPSDEQLKSGTASVVCLLNNFYPREAKVQWKVDNALQSGNSQ
ESVTEQDSKDSTYSLSSTLTLSKADYEKHKVYACEVTHQGLSSPVTKSFNRGEC
;
L,C,G
3 'polypeptide(L)'
;MELLILKANAITTILTAVTFCFASGQNITEEFYQSTCSAVSKGYLSALRTGWYTSVITIELSNIKENKCNGTDAKVKLIK
QELDKYKNAVTELQLLMQSTPATNNRARRELPRFMNYTLNNAKKTNVTLSKKRKRRFLGFLLGVGSAIASGVAVCKVLHL
EGEVNKIKSALLSTNKAVVSLSNGVSVLTFKVLDLKNYIDKQLLPILNKQSCSISNIETVIEFQQKNNRLLEITREFSVN
AGVTTPVSTYMLTNSELLSLINDMPITNDQKKLMSNNVQIVRQQSYSIMCIIKEEVLAYVVQLPLYGVIDTPCWKLHTSP
LCTTNTKEGSNICLTRTDRGWYCDNAGSVSFFPQAETCKVQSNRVFCDTMNSLTLPSEVNLCNVDIFNPKYDCKIMTSKT
DVSSSVITSLGAIVSCYGKTKCTASNKNRGIIKTFSNGCDYVSNKGVDTVSVGNTLYYVNKQEGKSLYVKGEPIINFYDP
LVFPSDEFDASISQVNEKINQSLAFIRKSDELLSAIGGYIPEAPRDGQAYVRKDGEWVLLSTFLGGLVPRGSHHHHHHSA
WSHPQFEK
;
F,A,D
#
loop_
_chem_comp.id
_chem_comp.type
_chem_comp.name
_chem_comp.formula
BMA D-saccharide, beta linking beta-D-mannopyranose 'C6 H12 O6'
CL non-polymer 'CHLORIDE ION' 'Cl -1'
MAN D-saccharide, alpha linking alpha-D-mannopyranose 'C6 H12 O6'
NAG D-saccharide, beta linking 2-acetamido-2-deoxy-beta-D-glucopyranose 'C8 H15 N O6'
#
# COMPACT_ATOMS: atom_id res chain seq x y z
N VAL A 2 -13.19 -11.87 -30.83
CA VAL A 2 -12.70 -11.50 -32.16
C VAL A 2 -12.00 -12.65 -32.86
N GLN A 3 -12.41 -12.89 -34.11
CA GLN A 3 -11.91 -13.98 -34.94
C GLN A 3 -11.02 -13.43 -36.03
N LEU A 4 -9.88 -14.08 -36.25
CA LEU A 4 -8.96 -13.74 -37.34
C LEU A 4 -9.12 -14.76 -38.47
N VAL A 5 -9.50 -14.28 -39.65
CA VAL A 5 -9.82 -15.14 -40.78
C VAL A 5 -8.86 -14.81 -41.92
N GLN A 6 -8.00 -15.75 -42.27
CA GLN A 6 -6.96 -15.51 -43.26
C GLN A 6 -7.41 -15.94 -44.65
N SER A 7 -6.64 -15.54 -45.65
CA SER A 7 -6.95 -15.94 -47.01
C SER A 7 -6.68 -17.43 -47.19
N GLY A 8 -7.10 -17.95 -48.33
CA GLY A 8 -7.02 -19.37 -48.58
C GLY A 8 -5.63 -19.84 -48.94
N ALA A 9 -5.43 -21.15 -48.78
CA ALA A 9 -4.21 -21.79 -49.23
C ALA A 9 -4.10 -21.69 -50.75
N GLU A 10 -2.87 -21.62 -51.23
CA GLU A 10 -2.63 -21.54 -52.67
C GLU A 10 -1.24 -22.02 -52.98
N VAL A 11 -1.02 -22.34 -54.25
CA VAL A 11 0.29 -22.71 -54.75
C VAL A 11 0.86 -21.52 -55.50
N LYS A 12 2.14 -21.25 -55.29
CA LYS A 12 2.83 -20.13 -55.92
C LYS A 12 4.04 -20.67 -56.69
N LYS A 13 4.26 -20.12 -57.88
CA LYS A 13 5.38 -20.56 -58.67
C LYS A 13 6.67 -20.08 -58.01
N PRO A 14 7.76 -20.84 -58.13
CA PRO A 14 9.03 -20.38 -57.55
C PRO A 14 9.47 -19.07 -58.19
N GLY A 15 9.89 -18.13 -57.34
CA GLY A 15 10.39 -16.85 -57.79
C GLY A 15 9.38 -15.71 -57.73
N SER A 16 8.09 -16.01 -57.65
CA SER A 16 7.07 -14.97 -57.59
C SER A 16 6.89 -14.52 -56.13
N SER A 17 5.87 -13.70 -55.89
CA SER A 17 5.56 -13.18 -54.57
C SER A 17 4.13 -13.55 -54.19
N VAL A 18 3.87 -13.65 -52.90
CA VAL A 18 2.56 -14.05 -52.37
C VAL A 18 2.10 -13.04 -51.33
N MET A 19 0.80 -12.75 -51.32
CA MET A 19 0.18 -11.93 -50.29
C MET A 19 -0.90 -12.71 -49.58
N VAL A 20 -0.77 -12.78 -48.25
CA VAL A 20 -1.75 -13.38 -47.36
C VAL A 20 -2.49 -12.24 -46.65
N SER A 21 -3.81 -12.39 -46.53
CA SER A 21 -4.64 -11.41 -45.86
C SER A 21 -5.09 -11.96 -44.52
N CYS A 22 -5.47 -11.06 -43.62
CA CYS A 22 -5.94 -11.48 -42.32
C CYS A 22 -7.00 -10.47 -41.88
N GLN A 23 -8.24 -10.93 -41.76
CA GLN A 23 -9.39 -10.09 -41.47
C GLN A 23 -9.65 -10.15 -39.98
N ALA A 24 -9.55 -9.00 -39.30
CA ALA A 24 -9.94 -8.93 -37.91
C ALA A 24 -11.43 -8.62 -37.90
N SER A 25 -12.22 -9.48 -37.29
CA SER A 25 -13.66 -9.38 -37.39
C SER A 25 -14.23 -9.00 -36.03
N GLY A 26 -14.91 -7.87 -35.98
CA GLY A 26 -15.51 -7.46 -34.74
C GLY A 26 -14.71 -6.43 -34.02
N GLY A 27 -13.57 -6.03 -34.56
CA GLY A 27 -12.76 -5.03 -33.86
C GLY A 27 -11.79 -4.34 -34.78
N LEU A 28 -11.14 -3.32 -34.23
CA LEU A 28 -10.26 -2.49 -35.01
C LEU A 28 -8.85 -3.07 -35.04
N LEU A 29 -8.09 -2.74 -36.08
CA LEU A 29 -6.69 -3.13 -36.10
C LEU A 29 -5.84 -2.23 -35.22
N GLU A 30 -6.34 -1.05 -34.89
CA GLU A 30 -5.60 -0.14 -34.02
C GLU A 30 -5.32 -0.76 -32.65
N ASP A 31 -6.11 -1.77 -32.26
CA ASP A 31 -6.09 -2.35 -30.92
C ASP A 31 -5.12 -3.52 -30.79
N TYR A 32 -4.28 -3.78 -31.76
CA TYR A 32 -3.49 -5.00 -31.71
C TYR A 32 -2.07 -4.72 -32.16
N ILE A 33 -1.18 -5.63 -31.77
CA ILE A 33 0.02 -5.90 -32.54
C ILE A 33 -0.33 -7.08 -33.43
N ILE A 34 -0.15 -6.92 -34.75
CA ILE A 34 -0.46 -8.00 -35.67
C ILE A 34 0.87 -8.57 -36.14
N ASN A 35 1.12 -9.82 -35.77
CA ASN A 35 2.35 -10.51 -36.14
C ASN A 35 2.09 -11.53 -37.23
N TRP A 36 3.13 -11.85 -37.96
CA TRP A 36 3.08 -12.91 -38.94
C TRP A 36 4.10 -13.96 -38.53
N VAL A 37 3.63 -15.19 -38.38
CA VAL A 37 4.43 -16.31 -37.90
C VAL A 37 4.22 -17.45 -38.87
N ARG A 38 5.30 -17.98 -39.41
CA ARG A 38 5.18 -19.10 -40.33
C ARG A 38 5.76 -20.36 -39.69
N GLN A 39 5.37 -21.49 -40.26
CA GLN A 39 5.83 -22.79 -39.77
C GLN A 39 5.99 -23.71 -40.96
N ALA A 40 7.23 -24.09 -41.25
CA ALA A 40 7.54 -25.02 -42.31
C ALA A 40 7.25 -26.44 -41.86
N PRO A 41 7.11 -27.38 -42.79
CA PRO A 41 6.83 -28.77 -42.39
C PRO A 41 7.90 -29.32 -41.47
N GLY A 42 7.47 -29.90 -40.35
CA GLY A 42 8.38 -30.54 -39.43
C GLY A 42 9.21 -29.62 -38.57
N GLN A 43 8.90 -28.33 -38.54
CA GLN A 43 9.64 -27.34 -37.76
C GLN A 43 8.74 -26.67 -36.75
N GLY A 44 9.36 -25.94 -35.85
CA GLY A 44 8.63 -25.08 -34.97
C GLY A 44 8.18 -23.84 -35.71
N PRO A 45 7.47 -22.97 -34.99
CA PRO A 45 7.12 -21.68 -35.56
C PRO A 45 8.31 -20.74 -35.62
N GLU A 46 8.22 -19.77 -36.52
CA GLU A 46 9.25 -18.77 -36.76
C GLU A 46 8.59 -17.42 -36.88
N TRP A 47 9.03 -16.46 -36.06
CA TRP A 47 8.44 -15.13 -36.08
C TRP A 47 8.98 -14.35 -37.27
N MET A 48 8.09 -13.88 -38.15
CA MET A 48 8.54 -13.12 -39.32
C MET A 48 8.49 -11.63 -39.09
N GLY A 49 7.48 -11.15 -38.40
CA GLY A 49 7.40 -9.72 -38.19
C GLY A 49 6.10 -9.36 -37.51
N GLY A 50 5.98 -8.06 -37.23
CA GLY A 50 4.79 -7.56 -36.58
C GLY A 50 4.60 -6.09 -36.87
N ILE A 51 3.36 -5.66 -36.81
CA ILE A 51 2.98 -4.28 -37.10
C ILE A 51 2.20 -3.75 -35.91
N ILE A 52 2.46 -2.51 -35.54
CA ILE A 52 1.76 -1.93 -34.41
C ILE A 52 1.01 -0.71 -34.92
N PRO A 53 -0.16 -0.89 -35.53
CA PRO A 53 -0.80 0.22 -36.25
C PRO A 53 -1.03 1.45 -35.41
N VAL A 54 -1.27 1.28 -34.10
CA VAL A 54 -1.53 2.46 -33.27
C VAL A 54 -0.28 3.33 -33.16
N LEU A 55 0.90 2.74 -33.32
CA LEU A 55 2.15 3.51 -33.24
C LEU A 55 2.70 3.88 -34.60
N GLY A 56 2.16 3.34 -35.67
CA GLY A 56 2.77 3.50 -36.97
C GLY A 56 4.13 2.85 -37.03
N THR A 57 4.27 1.68 -36.40
CA THR A 57 5.54 0.99 -36.30
C THR A 57 5.41 -0.40 -36.88
N VAL A 58 6.41 -0.81 -37.64
CA VAL A 58 6.48 -2.15 -38.20
C VAL A 58 7.83 -2.74 -37.86
N HIS A 59 7.85 -4.03 -37.54
CA HIS A 59 9.08 -4.72 -37.20
C HIS A 59 9.15 -6.02 -37.97
N TYR A 60 10.30 -6.30 -38.57
CA TYR A 60 10.51 -7.51 -39.33
C TYR A 60 11.70 -8.22 -38.71
N GLY A 61 11.69 -9.55 -38.74
CA GLY A 61 12.83 -10.29 -38.26
C GLY A 61 14.03 -10.04 -39.16
N PRO A 62 15.23 -10.08 -38.60
CA PRO A 62 16.41 -9.81 -39.42
C PRO A 62 16.53 -10.74 -40.60
N LYS A 63 16.11 -11.99 -40.44
CA LYS A 63 16.21 -12.96 -41.52
C LYS A 63 15.28 -12.61 -42.68
N PHE A 64 14.22 -11.82 -42.45
CA PHE A 64 13.21 -11.58 -43.47
C PHE A 64 13.15 -10.16 -44.03
N GLN A 65 13.78 -9.17 -43.41
CA GLN A 65 13.62 -7.80 -43.89
C GLN A 65 14.16 -7.65 -45.30
N GLY A 66 13.47 -6.80 -46.08
CA GLY A 66 13.80 -6.56 -47.47
C GLY A 66 13.10 -7.46 -48.46
N ARG A 67 12.43 -8.53 -48.00
CA ARG A 67 11.56 -9.28 -48.89
C ARG A 67 10.24 -9.61 -48.20
N VAL A 68 9.91 -8.94 -47.11
CA VAL A 68 8.61 -9.03 -46.47
C VAL A 68 8.08 -7.62 -46.30
N THR A 69 6.80 -7.44 -46.58
CA THR A 69 6.13 -6.16 -46.33
C THR A 69 4.86 -6.45 -45.53
N ILE A 70 4.73 -5.80 -44.38
CA ILE A 70 3.56 -5.94 -43.53
C ILE A 70 2.83 -4.60 -43.52
N THR A 71 1.54 -4.63 -43.84
CA THR A 71 0.71 -3.45 -43.87
C THR A 71 -0.55 -3.73 -43.06
N ALA A 72 -1.19 -2.67 -42.59
CA ALA A 72 -2.44 -2.81 -41.86
C ALA A 72 -3.43 -1.80 -42.43
N ASP A 73 -4.41 -2.31 -43.17
CA ASP A 73 -5.42 -1.51 -43.83
C ASP A 73 -6.54 -1.27 -42.83
N GLU A 74 -6.57 -0.09 -42.23
CA GLU A 74 -7.56 0.18 -41.20
C GLU A 74 -8.95 0.44 -41.77
N SER A 75 -9.09 0.59 -43.08
CA SER A 75 -10.40 0.79 -43.68
C SER A 75 -11.21 -0.50 -43.83
N THR A 76 -10.55 -1.65 -43.84
CA THR A 76 -11.24 -2.93 -43.96
C THR A 76 -10.83 -3.86 -42.83
N ASP A 77 -10.03 -3.36 -41.88
CA ASP A 77 -9.57 -4.12 -40.72
C ASP A 77 -8.84 -5.38 -41.17
N THR A 78 -8.08 -5.26 -42.23
CA THR A 78 -7.31 -6.36 -42.78
C THR A 78 -5.83 -6.01 -42.72
N ALA A 79 -5.04 -6.89 -42.15
CA ALA A 79 -3.60 -6.79 -42.23
C ALA A 79 -3.13 -7.72 -43.34
N TYR A 80 -2.03 -7.35 -43.98
CA TYR A 80 -1.53 -8.09 -45.12
C TYR A 80 -0.07 -8.41 -44.91
N MET A 81 0.38 -9.50 -45.51
CA MET A 81 1.78 -9.87 -45.43
C MET A 81 2.22 -10.30 -46.82
N GLU A 82 3.11 -9.53 -47.42
CA GLU A 82 3.68 -9.83 -48.73
C GLU A 82 5.04 -10.48 -48.55
N LEU A 83 5.29 -11.58 -49.27
CA LEU A 83 6.57 -12.28 -49.25
C LEU A 83 7.06 -12.49 -50.68
N SER A 84 8.13 -11.80 -51.05
CA SER A 84 8.64 -11.82 -52.42
C SER A 84 9.79 -12.82 -52.59
N SER A 85 10.04 -13.16 -53.86
CA SER A 85 11.13 -14.05 -54.27
C SER A 85 11.07 -15.40 -53.52
N LEU A 86 10.01 -16.14 -53.82
CA LEU A 86 9.75 -17.41 -53.15
C LEU A 86 10.67 -18.52 -53.64
N ARG A 87 11.11 -19.37 -52.71
CA ARG A 87 11.92 -20.53 -53.02
C ARG A 87 11.42 -21.71 -52.18
N SER A 88 12.05 -22.86 -52.36
CA SER A 88 11.56 -24.10 -51.76
C SER A 88 11.52 -24.02 -50.24
N GLU A 89 12.45 -23.29 -49.62
CA GLU A 89 12.43 -23.18 -48.17
C GLU A 89 11.17 -22.50 -47.65
N ASP A 90 10.48 -21.72 -48.49
CA ASP A 90 9.32 -20.94 -48.06
C ASP A 90 8.02 -21.73 -48.02
N THR A 91 7.98 -22.96 -48.52
CA THR A 91 6.74 -23.72 -48.39
C THR A 91 6.40 -23.85 -46.92
N ALA A 92 5.32 -23.21 -46.46
CA ALA A 92 5.07 -23.19 -45.02
C ALA A 92 3.65 -22.75 -44.73
N MET A 93 3.25 -23.01 -43.49
CA MET A 93 1.98 -22.55 -42.93
C MET A 93 2.18 -21.16 -42.33
N TYR A 94 1.49 -20.18 -42.88
CA TYR A 94 1.66 -18.79 -42.49
C TYR A 94 0.54 -18.35 -41.57
N TYR A 95 0.89 -17.99 -40.33
CA TYR A 95 -0.10 -17.64 -39.32
C TYR A 95 -0.07 -16.15 -39.04
N CYS A 96 -1.26 -15.57 -39.02
CA CYS A 96 -1.51 -14.23 -38.51
C CYS A 96 -1.85 -14.37 -37.04
N ALA A 97 -1.20 -13.56 -36.18
CA ALA A 97 -1.38 -13.71 -34.74
C ALA A 97 -1.26 -12.37 -34.05
N THR A 98 -2.21 -12.09 -33.17
CA THR A 98 -2.30 -10.78 -32.55
C THR A 98 -2.02 -10.85 -31.07
N GLU A 99 -1.64 -9.70 -30.54
CA GLU A 99 -1.48 -9.42 -29.12
C GLU A 99 -2.27 -8.16 -28.86
N THR A 100 -3.06 -8.14 -27.79
CA THR A 100 -3.83 -6.94 -27.51
C THR A 100 -2.89 -5.83 -27.04
N ALA A 101 -3.00 -4.67 -27.68
CA ALA A 101 -2.12 -3.54 -27.43
C ALA A 101 -3.04 -2.33 -27.21
N LEU A 102 -3.67 -2.35 -26.06
CA LEU A 102 -4.63 -1.31 -25.71
C LEU A 102 -3.96 -0.17 -24.92
N VAL A 103 -3.21 -0.49 -23.87
CA VAL A 103 -2.35 0.48 -23.21
C VAL A 103 -0.94 0.28 -23.75
N VAL A 104 -0.46 1.20 -24.59
CA VAL A 104 0.79 1.04 -25.31
C VAL A 104 1.73 2.19 -24.98
N SER A 105 3.01 1.88 -24.96
CA SER A 105 4.08 2.86 -24.88
C SER A 105 4.61 3.15 -26.27
N GLU A 106 5.28 4.30 -26.42
CA GLU A 106 5.93 4.63 -27.68
C GLU A 106 6.98 3.61 -28.09
N THR A 107 7.62 2.95 -27.13
CA THR A 107 8.65 1.95 -27.38
C THR A 107 8.14 0.54 -27.21
N TYR A 108 6.84 0.33 -27.42
CA TYR A 108 6.21 -0.98 -27.30
C TYR A 108 6.54 -1.84 -28.51
N LEU A 109 6.87 -3.10 -28.26
CA LEU A 109 7.29 -4.08 -29.23
C LEU A 109 6.46 -5.34 -29.03
N PRO A 110 6.37 -6.21 -30.02
CA PRO A 110 5.64 -7.46 -29.82
C PRO A 110 6.28 -8.31 -28.73
N HIS A 111 5.44 -8.99 -27.96
CA HIS A 111 5.83 -9.81 -26.82
C HIS A 111 5.37 -11.26 -26.93
N TYR A 112 4.10 -11.50 -27.28
CA TYR A 112 3.55 -12.84 -27.39
C TYR A 112 2.43 -12.84 -28.43
N PHE A 113 1.84 -14.01 -28.67
CA PHE A 113 0.75 -14.18 -29.65
C PHE A 113 -0.41 -14.87 -28.94
N ASP A 114 -1.43 -14.11 -28.58
CA ASP A 114 -2.52 -14.63 -27.79
C ASP A 114 -3.80 -14.91 -28.57
N ASN A 115 -3.89 -14.46 -29.83
CA ASN A 115 -5.03 -14.72 -30.70
C ASN A 115 -4.53 -15.04 -32.10
N TRP A 116 -4.96 -16.18 -32.64
CA TRP A 116 -4.40 -16.67 -33.90
C TRP A 116 -5.48 -16.80 -34.95
N GLY A 117 -5.08 -16.58 -36.21
CA GLY A 117 -5.87 -16.99 -37.35
C GLY A 117 -5.77 -18.49 -37.55
N GLN A 118 -6.49 -18.97 -38.56
CA GLN A 118 -6.47 -20.40 -38.84
C GLN A 118 -5.23 -20.85 -39.60
N GLY A 119 -4.53 -19.94 -40.25
CA GLY A 119 -3.36 -20.30 -41.03
C GLY A 119 -3.66 -20.41 -42.51
N THR A 120 -2.67 -20.04 -43.32
CA THR A 120 -2.72 -20.13 -44.78
C THR A 120 -1.51 -20.94 -45.22
N LEU A 121 -1.74 -22.12 -45.78
CA LEU A 121 -0.66 -22.98 -46.26
C LEU A 121 -0.27 -22.57 -47.67
N VAL A 122 0.88 -21.91 -47.80
CA VAL A 122 1.41 -21.52 -49.09
C VAL A 122 2.46 -22.55 -49.48
N THR A 123 2.25 -23.19 -50.64
CA THR A 123 3.16 -24.19 -51.20
C THR A 123 3.81 -23.55 -52.42
N VAL A 124 5.14 -23.51 -52.44
CA VAL A 124 5.86 -22.98 -53.58
C VAL A 124 6.35 -24.15 -54.43
N SER A 125 5.80 -24.29 -55.64
CA SER A 125 6.12 -25.37 -56.55
C SER A 125 5.69 -24.99 -57.96
N SER A 126 6.40 -25.53 -58.95
CA SER A 126 6.05 -25.28 -60.35
C SER A 126 4.81 -26.05 -60.77
N ALA A 127 4.37 -27.02 -59.97
CA ALA A 127 3.29 -27.89 -60.38
C ALA A 127 1.97 -27.12 -60.53
N SER A 128 1.15 -27.57 -61.47
CA SER A 128 -0.14 -26.97 -61.73
C SER A 128 -1.15 -27.44 -60.70
N THR A 129 -2.15 -26.61 -60.43
CA THR A 129 -3.22 -26.99 -59.52
C THR A 129 -4.12 -28.01 -60.19
N LYS A 130 -4.52 -29.04 -59.45
CA LYS A 130 -5.38 -30.09 -59.99
C LYS A 130 -6.28 -30.65 -58.88
N GLY A 131 -7.57 -30.78 -59.17
CA GLY A 131 -8.52 -31.27 -58.21
C GLY A 131 -8.58 -32.80 -58.12
N PRO A 132 -9.10 -33.29 -56.99
CA PRO A 132 -9.13 -34.74 -56.74
C PRO A 132 -10.43 -35.39 -57.20
N SER A 133 -10.35 -36.71 -57.43
CA SER A 133 -11.54 -37.54 -57.57
C SER A 133 -11.79 -38.28 -56.26
N VAL A 134 -13.06 -38.43 -55.90
CA VAL A 134 -13.47 -38.99 -54.62
C VAL A 134 -14.17 -40.32 -54.86
N PHE A 135 -13.70 -41.36 -54.18
CA PHE A 135 -14.24 -42.69 -54.37
C PHE A 135 -14.72 -43.27 -53.05
N PRO A 136 -15.89 -43.91 -53.03
CA PRO A 136 -16.38 -44.53 -51.80
C PRO A 136 -15.50 -45.71 -51.40
N LEU A 137 -15.56 -46.04 -50.10
CA LEU A 137 -14.99 -47.30 -49.60
C LEU A 137 -16.15 -48.14 -49.05
N ALA A 138 -16.85 -48.83 -49.95
CA ALA A 138 -18.08 -49.51 -49.59
C ALA A 138 -17.81 -50.68 -48.65
N PRO A 139 -18.65 -50.89 -47.65
CA PRO A 139 -18.51 -52.05 -46.75
C PRO A 139 -18.94 -53.35 -47.43
N SER A 140 -18.82 -54.45 -46.69
CA SER A 140 -19.23 -55.77 -47.18
C SER A 140 -19.43 -56.77 -46.04
N GLY A 147 -20.00 -57.01 -33.93
CA GLY A 147 -19.00 -56.08 -33.45
C GLY A 147 -19.26 -54.63 -33.83
N THR A 148 -18.44 -54.12 -34.75
CA THR A 148 -18.51 -52.71 -35.17
C THR A 148 -17.90 -52.62 -36.57
N ALA A 149 -18.56 -51.84 -37.43
CA ALA A 149 -18.16 -51.72 -38.82
C ALA A 149 -17.58 -50.34 -39.12
N ALA A 150 -16.83 -50.26 -40.23
CA ALA A 150 -16.18 -49.03 -40.66
C ALA A 150 -16.38 -48.79 -42.17
N LEU A 151 -16.58 -47.53 -42.56
CA LEU A 151 -16.68 -47.13 -43.95
C LEU A 151 -15.97 -45.80 -44.14
N GLY A 152 -15.79 -45.39 -45.39
CA GLY A 152 -15.12 -44.12 -45.64
C GLY A 152 -15.04 -43.81 -47.12
N CYS A 153 -14.28 -42.77 -47.45
CA CYS A 153 -14.02 -42.37 -48.83
C CYS A 153 -12.57 -41.96 -48.98
N LEU A 154 -12.01 -42.19 -50.17
CA LEU A 154 -10.62 -41.91 -50.49
C LEU A 154 -10.52 -40.73 -51.43
N VAL A 155 -9.74 -39.73 -51.05
CA VAL A 155 -9.54 -38.52 -51.85
C VAL A 155 -8.15 -38.64 -52.47
N LYS A 156 -8.10 -38.87 -53.78
CA LYS A 156 -6.87 -39.28 -54.45
C LYS A 156 -6.50 -38.28 -55.55
N ASP A 157 -5.20 -38.04 -55.67
CA ASP A 157 -4.59 -37.27 -56.76
C ASP A 157 -4.98 -35.79 -56.75
N TYR A 158 -4.54 -35.05 -55.72
CA TYR A 158 -4.75 -33.61 -55.65
C TYR A 158 -3.44 -32.89 -55.36
N PHE A 159 -3.40 -31.62 -55.73
CA PHE A 159 -2.25 -30.74 -55.47
C PHE A 159 -2.71 -29.29 -55.54
N PRO A 160 -2.24 -28.42 -54.64
CA PRO A 160 -1.40 -28.79 -53.51
C PRO A 160 -2.25 -29.15 -52.30
N GLU A 161 -1.65 -29.43 -51.15
CA GLU A 161 -2.45 -29.56 -49.95
C GLU A 161 -3.03 -28.19 -49.61
N PRO A 162 -4.07 -28.12 -48.77
CA PRO A 162 -4.79 -29.19 -48.06
C PRO A 162 -6.17 -29.49 -48.64
N VAL A 163 -6.70 -30.64 -48.24
CA VAL A 163 -8.08 -31.01 -48.51
C VAL A 163 -8.77 -31.19 -47.16
N THR A 164 -10.03 -30.78 -47.10
CA THR A 164 -10.86 -31.02 -45.91
C THR A 164 -12.03 -31.91 -46.29
N VAL A 165 -12.63 -32.54 -45.28
CA VAL A 165 -13.72 -33.49 -45.49
C VAL A 165 -14.60 -33.51 -44.27
N SER A 166 -15.92 -33.49 -44.49
CA SER A 166 -16.91 -33.59 -43.43
C SER A 166 -17.96 -34.61 -43.85
N TRP A 167 -18.52 -35.29 -42.85
CA TRP A 167 -19.52 -36.33 -43.09
C TRP A 167 -20.90 -35.82 -42.73
N ASN A 168 -21.83 -35.93 -43.67
CA ASN A 168 -23.21 -35.44 -43.50
C ASN A 168 -23.21 -33.98 -43.08
N SER A 169 -22.36 -33.18 -43.75
CA SER A 169 -22.20 -31.75 -43.50
C SER A 169 -21.78 -31.48 -42.05
N GLY A 170 -20.94 -32.34 -41.49
CA GLY A 170 -20.46 -32.17 -40.14
C GLY A 170 -21.25 -32.91 -39.08
N ALA A 171 -22.27 -33.67 -39.46
CA ALA A 171 -23.11 -34.36 -38.48
C ALA A 171 -22.40 -35.53 -37.81
N LEU A 172 -21.52 -36.23 -38.52
CA LEU A 172 -20.84 -37.40 -37.97
C LEU A 172 -19.45 -36.99 -37.49
N THR A 173 -19.25 -37.01 -36.16
CA THR A 173 -18.00 -36.59 -35.53
C THR A 173 -17.36 -37.66 -34.66
N SER A 174 -18.15 -38.40 -33.88
CA SER A 174 -17.61 -39.44 -33.02
C SER A 174 -17.14 -40.61 -33.88
N GLY A 175 -15.83 -40.86 -33.88
CA GLY A 175 -15.29 -42.02 -34.57
C GLY A 175 -14.60 -41.76 -35.90
N VAL A 176 -14.53 -40.50 -36.35
CA VAL A 176 -13.87 -40.17 -37.61
C VAL A 176 -12.36 -40.18 -37.43
N HIS A 177 -11.65 -40.62 -38.47
CA HIS A 177 -10.18 -40.61 -38.48
C HIS A 177 -9.75 -40.11 -39.86
N THR A 178 -9.17 -38.92 -39.91
CA THR A 178 -8.64 -38.38 -41.16
C THR A 178 -7.13 -38.46 -41.14
N PHE A 179 -6.56 -39.20 -42.08
CA PHE A 179 -5.14 -39.47 -42.04
C PHE A 179 -4.35 -38.35 -42.69
N PRO A 180 -3.12 -38.12 -42.26
CA PRO A 180 -2.23 -37.21 -42.98
C PRO A 180 -2.00 -37.69 -44.41
N ALA A 181 -1.92 -36.73 -45.34
CA ALA A 181 -1.67 -37.06 -46.73
C ALA A 181 -0.26 -37.62 -46.91
N VAL A 182 -0.14 -38.55 -47.87
CA VAL A 182 1.14 -39.13 -48.24
C VAL A 182 1.47 -38.67 -49.65
N LEU A 183 2.73 -38.34 -49.89
CA LEU A 183 3.16 -37.88 -51.21
C LEU A 183 3.37 -39.09 -52.12
N GLN A 184 2.63 -39.13 -53.22
CA GLN A 184 2.76 -40.21 -54.19
C GLN A 184 3.89 -39.92 -55.17
N SER A 185 4.32 -40.96 -55.88
CA SER A 185 5.43 -40.83 -56.82
C SER A 185 5.09 -39.91 -57.99
N SER A 186 3.81 -39.79 -58.35
CA SER A 186 3.39 -38.88 -59.40
C SER A 186 3.64 -37.42 -59.04
N GLY A 187 3.83 -37.12 -57.75
CA GLY A 187 3.94 -35.76 -57.26
C GLY A 187 2.67 -35.21 -56.66
N LEU A 188 1.60 -36.00 -56.59
CA LEU A 188 0.32 -35.59 -56.03
C LEU A 188 0.09 -36.31 -54.70
N TYR A 189 -0.65 -35.65 -53.82
CA TYR A 189 -0.92 -36.16 -52.49
C TYR A 189 -2.20 -36.98 -52.48
N SER A 190 -2.28 -37.94 -51.57
CA SER A 190 -3.50 -38.70 -51.36
C SER A 190 -3.72 -38.86 -49.87
N LEU A 191 -4.98 -39.10 -49.51
CA LEU A 191 -5.41 -39.00 -48.12
C LEU A 191 -6.68 -39.84 -47.96
N SER A 192 -6.88 -40.35 -46.76
CA SER A 192 -8.02 -41.22 -46.48
C SER A 192 -8.75 -40.74 -45.23
N SER A 193 -10.06 -40.94 -45.22
CA SER A 193 -10.91 -40.60 -44.08
C SER A 193 -11.85 -41.77 -43.82
N VAL A 194 -11.76 -42.34 -42.62
CA VAL A 194 -12.56 -43.50 -42.20
C VAL A 194 -13.32 -43.12 -40.93
N VAL A 195 -14.47 -43.77 -40.71
CA VAL A 195 -15.23 -43.59 -39.47
C VAL A 195 -15.86 -44.92 -39.06
N THR A 196 -15.76 -45.26 -37.78
CA THR A 196 -16.37 -46.46 -37.24
C THR A 196 -17.76 -46.16 -36.67
N VAL A 197 -18.71 -47.06 -36.96
CA VAL A 197 -20.13 -46.82 -36.69
C VAL A 197 -20.79 -48.14 -36.28
N PRO A 198 -21.74 -48.13 -35.33
CA PRO A 198 -22.47 -49.36 -35.00
C PRO A 198 -23.10 -50.01 -36.23
N SER A 199 -23.01 -51.35 -36.27
CA SER A 199 -23.49 -52.13 -37.41
C SER A 199 -25.00 -52.04 -37.63
N SER A 200 -25.77 -51.65 -36.61
CA SER A 200 -27.23 -51.64 -36.73
C SER A 200 -27.76 -50.47 -37.56
N SER A 201 -26.95 -49.45 -37.84
CA SER A 201 -27.39 -48.29 -38.60
C SER A 201 -26.88 -48.29 -40.04
N LEU A 202 -26.30 -49.41 -40.49
CA LEU A 202 -25.75 -49.48 -41.84
C LEU A 202 -26.81 -49.44 -42.94
N GLY A 203 -28.06 -49.80 -42.63
CA GLY A 203 -29.10 -49.89 -43.64
C GLY A 203 -30.13 -48.77 -43.64
N THR A 204 -30.31 -48.12 -42.49
CA THR A 204 -31.33 -47.10 -42.32
C THR A 204 -30.78 -45.67 -42.31
N GLN A 205 -29.47 -45.51 -42.14
CA GLN A 205 -28.84 -44.20 -42.09
C GLN A 205 -27.92 -44.01 -43.29
N THR A 206 -27.96 -42.81 -43.88
CA THR A 206 -27.14 -42.47 -45.04
C THR A 206 -25.89 -41.73 -44.59
N TYR A 207 -24.76 -42.06 -45.23
CA TYR A 207 -23.47 -41.47 -44.90
C TYR A 207 -22.87 -40.86 -46.17
N ILE A 208 -22.72 -39.54 -46.17
CA ILE A 208 -22.18 -38.78 -47.30
C ILE A 208 -20.98 -38.00 -46.80
N CYS A 209 -19.88 -38.03 -47.55
CA CYS A 209 -18.71 -37.22 -47.24
C CYS A 209 -18.58 -36.05 -48.21
N ASN A 210 -18.53 -34.84 -47.66
CA ASN A 210 -18.40 -33.60 -48.42
C ASN A 210 -16.91 -33.24 -48.45
N VAL A 211 -16.29 -33.39 -49.61
CA VAL A 211 -14.87 -33.07 -49.78
C VAL A 211 -14.73 -31.67 -50.35
N ASN A 212 -13.92 -30.83 -49.69
CA ASN A 212 -13.62 -29.47 -50.13
C ASN A 212 -12.12 -29.32 -50.37
N HIS A 213 -11.77 -28.95 -51.61
CA HIS A 213 -10.41 -28.59 -52.00
C HIS A 213 -10.49 -27.16 -52.54
N LYS A 214 -10.38 -26.20 -51.62
CA LYS A 214 -10.50 -24.80 -52.03
C LYS A 214 -9.38 -24.30 -52.96
N PRO A 215 -8.11 -24.73 -52.84
CA PRO A 215 -7.08 -24.19 -53.76
C PRO A 215 -7.44 -24.30 -55.22
N SER A 216 -8.11 -25.38 -55.61
CA SER A 216 -8.60 -25.58 -56.96
C SER A 216 -10.08 -25.23 -57.09
N ASN A 217 -10.70 -24.76 -56.00
CA ASN A 217 -12.09 -24.31 -56.01
C ASN A 217 -13.05 -25.44 -56.37
N THR A 218 -12.77 -26.65 -55.85
CA THR A 218 -13.57 -27.82 -56.15
C THR A 218 -14.30 -28.25 -54.88
N LYS A 219 -15.63 -28.27 -54.94
CA LYS A 219 -16.46 -28.85 -53.90
C LYS A 219 -17.34 -29.93 -54.53
N VAL A 220 -17.22 -31.14 -54.02
CA VAL A 220 -17.92 -32.29 -54.59
C VAL A 220 -18.63 -33.02 -53.45
N ASP A 221 -19.94 -33.23 -53.61
CA ASP A 221 -20.74 -33.97 -52.66
C ASP A 221 -21.07 -35.29 -53.34
N LYS A 222 -20.37 -36.34 -52.95
CA LYS A 222 -20.55 -37.66 -53.54
C LYS A 222 -21.30 -38.55 -52.55
N ARG A 223 -22.37 -39.18 -53.03
CA ARG A 223 -23.18 -40.04 -52.18
C ARG A 223 -22.64 -41.46 -52.28
N VAL A 224 -22.35 -42.05 -51.13
CA VAL A 224 -21.69 -43.35 -51.12
C VAL A 224 -22.60 -44.40 -50.47
N ASP B 1 20.28 -13.32 -33.04
CA ASP B 1 19.09 -13.88 -32.42
C ASP B 1 19.40 -14.58 -31.11
N ILE B 2 18.39 -14.68 -30.25
CA ILE B 2 18.51 -15.44 -29.02
C ILE B 2 18.04 -16.87 -29.32
N GLN B 3 18.89 -17.85 -29.06
CA GLN B 3 18.55 -19.25 -29.27
C GLN B 3 18.04 -19.87 -27.99
N MET B 4 16.88 -20.50 -28.07
CA MET B 4 16.27 -21.21 -26.95
C MET B 4 16.54 -22.69 -27.14
N THR B 5 17.17 -23.32 -26.14
CA THR B 5 17.47 -24.75 -26.19
C THR B 5 16.47 -25.47 -25.28
N GLN B 6 15.58 -26.22 -25.88
CA GLN B 6 14.51 -26.87 -25.16
C GLN B 6 14.82 -28.35 -24.98
N SER B 7 14.53 -28.86 -23.78
CA SER B 7 14.84 -30.23 -23.41
C SER B 7 13.69 -30.81 -22.60
N PRO B 8 13.36 -32.09 -22.78
CA PRO B 8 13.97 -33.00 -23.76
C PRO B 8 13.31 -32.79 -25.12
N SER B 9 13.76 -33.53 -26.14
CA SER B 9 13.13 -33.37 -27.45
C SER B 9 11.81 -34.12 -27.53
N SER B 10 11.70 -35.25 -26.83
CA SER B 10 10.46 -35.99 -26.70
C SER B 10 10.50 -36.76 -25.40
N LEU B 11 9.31 -37.07 -24.86
CA LEU B 11 9.23 -37.85 -23.64
C LEU B 11 7.93 -38.65 -23.63
N SER B 12 7.95 -39.77 -22.92
CA SER B 12 6.77 -40.61 -22.76
C SER B 12 6.52 -40.82 -21.26
N ALA B 13 5.30 -40.51 -20.83
CA ALA B 13 4.94 -40.63 -19.42
C ALA B 13 3.50 -41.15 -19.32
N ALA B 14 3.22 -41.80 -18.20
CA ALA B 14 1.90 -42.39 -17.99
C ALA B 14 0.88 -41.32 -17.59
N VAL B 15 -0.40 -41.65 -17.81
CA VAL B 15 -1.48 -40.76 -17.43
C VAL B 15 -1.45 -40.55 -15.92
N GLY B 16 -1.44 -39.29 -15.49
CA GLY B 16 -1.41 -38.96 -14.09
C GLY B 16 -0.04 -38.63 -13.56
N ASP B 17 1.00 -38.76 -14.37
CA ASP B 17 2.37 -38.48 -13.95
C ASP B 17 2.61 -36.98 -13.92
N ARG B 18 3.63 -36.58 -13.15
CA ARG B 18 4.06 -35.19 -13.14
C ARG B 18 5.21 -35.02 -14.13
N VAL B 19 5.05 -34.07 -15.05
CA VAL B 19 5.98 -33.90 -16.16
C VAL B 19 6.53 -32.47 -16.10
N THR B 20 7.83 -32.33 -16.31
CA THR B 20 8.51 -31.05 -16.30
C THR B 20 9.25 -30.87 -17.61
N ILE B 21 9.11 -29.69 -18.22
CA ILE B 21 9.80 -29.34 -19.46
C ILE B 21 10.71 -28.15 -19.19
N THR B 22 11.88 -28.13 -19.83
CA THR B 22 12.89 -27.10 -19.59
C THR B 22 13.13 -26.27 -20.84
N CYS B 23 13.37 -24.97 -20.63
CA CYS B 23 13.81 -24.05 -21.67
C CYS B 23 14.96 -23.23 -21.13
N GLN B 24 16.07 -23.20 -21.86
CA GLN B 24 17.21 -22.36 -21.48
C GLN B 24 17.62 -21.46 -22.64
N ALA B 25 17.89 -20.20 -22.33
CA ALA B 25 18.29 -19.20 -23.30
C ALA B 25 19.79 -19.03 -23.31
N SER B 26 20.31 -18.57 -24.46
CA SER B 26 21.73 -18.29 -24.58
C SER B 26 22.17 -17.05 -23.80
N GLN B 27 21.22 -16.21 -23.36
CA GLN B 27 21.56 -15.03 -22.57
C GLN B 27 20.39 -14.71 -21.63
N ASP B 28 20.63 -13.71 -20.76
CA ASP B 28 19.62 -13.30 -19.79
C ASP B 28 18.39 -12.71 -20.49
N ILE B 29 17.21 -13.27 -20.18
CA ILE B 29 15.95 -12.78 -20.70
C ILE B 29 14.97 -12.47 -19.56
N VAL B 30 15.51 -12.19 -18.36
CA VAL B 30 14.74 -11.87 -17.17
C VAL B 30 13.65 -12.92 -16.96
N ASN B 31 12.39 -12.50 -17.00
CA ASN B 31 11.26 -13.41 -17.04
C ASN B 31 10.40 -13.10 -18.26
N TYR B 32 11.05 -12.68 -19.35
CA TYR B 32 10.33 -12.38 -20.57
C TYR B 32 10.23 -13.65 -21.44
N LEU B 33 9.39 -14.58 -20.99
CA LEU B 33 9.30 -15.86 -21.67
C LEU B 33 7.87 -16.37 -21.65
N ASN B 34 7.41 -16.87 -22.81
CA ASN B 34 6.08 -17.44 -22.98
C ASN B 34 6.17 -18.89 -23.39
N TRP B 35 5.08 -19.62 -23.12
CA TRP B 35 4.94 -21.02 -23.46
C TRP B 35 3.72 -21.21 -24.35
N TYR B 36 3.85 -22.08 -25.35
CA TYR B 36 2.73 -22.36 -26.23
C TYR B 36 2.48 -23.87 -26.33
N GLN B 37 1.22 -24.22 -26.56
CA GLN B 37 0.80 -25.58 -26.84
C GLN B 37 0.28 -25.64 -28.27
N GLN B 38 0.81 -26.56 -29.07
CA GLN B 38 0.36 -26.73 -30.44
C GLN B 38 -0.06 -28.17 -30.62
N LYS B 39 -1.31 -28.37 -30.83
CA LYS B 39 -1.64 -29.73 -31.21
C LYS B 39 -1.51 -29.89 -32.73
N PRO B 40 -1.28 -31.12 -33.17
CA PRO B 40 -1.07 -31.37 -34.61
C PRO B 40 -2.13 -30.74 -35.49
N GLY B 41 -1.69 -30.04 -36.53
CA GLY B 41 -2.55 -29.47 -37.54
C GLY B 41 -3.23 -28.17 -37.16
N LYS B 42 -3.13 -27.74 -35.91
CA LYS B 42 -3.76 -26.51 -35.45
C LYS B 42 -2.71 -25.47 -35.09
N ALA B 43 -3.14 -24.22 -35.10
CA ALA B 43 -2.31 -23.12 -34.66
C ALA B 43 -1.93 -23.32 -33.20
N PRO B 44 -0.81 -22.72 -32.75
CA PRO B 44 -0.49 -22.78 -31.32
C PRO B 44 -1.50 -22.04 -30.46
N LYS B 45 -1.54 -22.46 -29.20
CA LYS B 45 -2.38 -21.84 -28.17
C LYS B 45 -1.45 -21.36 -27.07
N LEU B 46 -1.63 -20.12 -26.64
CA LEU B 46 -0.81 -19.56 -25.57
C LEU B 46 -1.22 -20.15 -24.23
N LEU B 47 -0.25 -20.74 -23.52
CA LEU B 47 -0.51 -21.26 -22.18
C LEU B 47 0.02 -20.36 -21.07
N ILE B 48 1.26 -19.88 -21.19
CA ILE B 48 1.91 -19.11 -20.13
C ILE B 48 2.57 -17.89 -20.75
N TYR B 49 2.41 -16.74 -20.08
CA TYR B 49 3.04 -15.50 -20.51
C TYR B 49 3.76 -14.86 -19.33
N VAL B 50 4.89 -14.20 -19.63
CA VAL B 50 5.80 -13.65 -18.63
C VAL B 50 6.14 -14.75 -17.62
N ALA B 51 6.59 -15.89 -18.13
CA ALA B 51 7.20 -16.98 -17.37
C ALA B 51 6.23 -17.80 -16.51
N SER B 52 5.23 -17.17 -15.89
CA SER B 52 4.43 -17.89 -14.89
C SER B 52 2.93 -17.61 -14.90
N ASN B 53 2.44 -16.69 -15.72
CA ASN B 53 1.02 -16.34 -15.69
C ASN B 53 0.22 -17.29 -16.59
N LEU B 54 -0.81 -17.90 -16.00
CA LEU B 54 -1.69 -18.84 -16.66
C LEU B 54 -2.73 -18.11 -17.49
N GLU B 55 -2.87 -18.51 -18.76
CA GLU B 55 -3.93 -17.95 -19.59
C GLU B 55 -5.30 -18.43 -19.13
N THR B 56 -6.31 -17.57 -19.32
CA THR B 56 -7.66 -17.90 -18.88
C THR B 56 -8.19 -19.14 -19.58
N GLY B 57 -8.85 -19.99 -18.80
CA GLY B 57 -9.43 -21.22 -19.32
C GLY B 57 -8.44 -22.34 -19.52
N VAL B 58 -7.16 -22.11 -19.23
CA VAL B 58 -6.14 -23.14 -19.27
C VAL B 58 -6.17 -23.86 -17.93
N PRO B 59 -6.11 -25.20 -17.92
CA PRO B 59 -6.27 -25.95 -16.68
C PRO B 59 -5.26 -25.54 -15.60
N SER B 60 -5.73 -25.58 -14.35
CA SER B 60 -4.87 -25.21 -13.23
C SER B 60 -3.68 -26.15 -13.08
N ARG B 61 -3.72 -27.32 -13.73
CA ARG B 61 -2.63 -28.28 -13.65
C ARG B 61 -1.36 -27.79 -14.35
N PHE B 62 -1.47 -26.76 -15.18
CA PHE B 62 -0.31 -26.14 -15.81
C PHE B 62 0.30 -25.07 -14.91
N SER B 63 1.63 -25.03 -14.89
CA SER B 63 2.36 -24.00 -14.16
C SER B 63 3.67 -23.70 -14.87
N GLY B 64 4.15 -22.48 -14.70
CA GLY B 64 5.43 -22.09 -15.27
C GLY B 64 6.33 -21.51 -14.19
N SER B 65 7.62 -21.73 -14.33
CA SER B 65 8.60 -21.24 -13.37
C SER B 65 9.89 -20.87 -14.10
N GLY B 66 10.77 -20.20 -13.37
CA GLY B 66 12.08 -19.84 -13.89
C GLY B 66 12.27 -18.34 -13.98
N SER B 67 13.52 -17.97 -14.21
CA SER B 67 13.95 -16.59 -14.41
C SER B 67 15.39 -16.59 -14.88
N GLY B 68 15.83 -15.45 -15.42
CA GLY B 68 17.17 -15.31 -15.93
C GLY B 68 17.37 -16.02 -17.24
N THR B 69 18.00 -17.19 -17.19
CA THR B 69 18.28 -17.97 -18.38
C THR B 69 17.68 -19.36 -18.37
N ASP B 70 17.18 -19.83 -17.23
CA ASP B 70 16.67 -21.19 -17.11
C ASP B 70 15.21 -21.14 -16.68
N PHE B 71 14.34 -21.82 -17.43
CA PHE B 71 12.91 -21.81 -17.20
C PHE B 71 12.37 -23.23 -17.29
N SER B 72 11.18 -23.44 -16.72
CA SER B 72 10.57 -24.76 -16.70
C SER B 72 9.07 -24.64 -16.88
N LEU B 73 8.47 -25.69 -17.48
CA LEU B 73 7.03 -25.84 -17.62
C LEU B 73 6.61 -27.15 -16.96
N THR B 74 5.67 -27.07 -16.03
CA THR B 74 5.26 -28.21 -15.22
C THR B 74 3.78 -28.52 -15.41
N ILE B 75 3.48 -29.79 -15.66
CA ILE B 75 2.12 -30.31 -15.67
C ILE B 75 1.97 -31.20 -14.44
N SER B 76 1.01 -30.87 -13.57
CA SER B 76 0.93 -31.57 -12.29
C SER B 76 0.28 -32.94 -12.41
N SER B 77 -0.59 -33.15 -13.40
CA SER B 77 -1.29 -34.42 -13.55
C SER B 77 -1.63 -34.61 -15.03
N LEU B 78 -0.73 -35.27 -15.75
CA LEU B 78 -0.85 -35.36 -17.21
C LEU B 78 -2.14 -36.08 -17.60
N GLN B 79 -2.84 -35.53 -18.59
CA GLN B 79 -4.09 -36.05 -19.09
C GLN B 79 -3.98 -36.37 -20.59
N PRO B 80 -4.86 -37.23 -21.11
CA PRO B 80 -4.75 -37.60 -22.53
C PRO B 80 -4.83 -36.45 -23.51
N GLU B 81 -5.68 -35.45 -23.26
CA GLU B 81 -5.88 -34.39 -24.24
C GLU B 81 -4.68 -33.44 -24.33
N ASP B 82 -3.65 -33.65 -23.53
CA ASP B 82 -2.46 -32.81 -23.55
C ASP B 82 -1.42 -33.30 -24.54
N VAL B 83 -1.71 -34.34 -25.31
CA VAL B 83 -0.79 -34.79 -26.35
C VAL B 83 -0.60 -33.68 -27.37
N ALA B 84 0.62 -33.14 -27.43
CA ALA B 84 0.92 -32.01 -28.29
C ALA B 84 2.41 -31.68 -28.17
N THR B 85 2.86 -30.77 -29.01
CA THR B 85 4.20 -30.22 -28.97
C THR B 85 4.13 -28.87 -28.27
N TYR B 86 5.06 -28.62 -27.36
CA TYR B 86 5.11 -27.38 -26.60
C TYR B 86 6.35 -26.59 -26.99
N TYR B 87 6.19 -25.28 -27.11
CA TYR B 87 7.30 -24.42 -27.51
C TYR B 87 7.43 -23.27 -26.52
N CYS B 88 8.66 -22.96 -26.11
CA CYS B 88 8.94 -21.73 -25.39
C CYS B 88 9.38 -20.63 -26.35
N GLN B 89 9.17 -19.39 -25.93
CA GLN B 89 9.42 -18.25 -26.80
C GLN B 89 9.82 -17.04 -25.96
N GLN B 90 10.94 -16.43 -26.29
CA GLN B 90 11.41 -15.25 -25.57
C GLN B 90 11.02 -13.98 -26.32
N TYR B 91 10.97 -12.87 -25.58
CA TYR B 91 10.77 -11.55 -26.18
C TYR B 91 11.63 -10.49 -25.51
N ASP B 92 12.73 -10.88 -24.86
CA ASP B 92 13.63 -9.91 -24.24
C ASP B 92 14.10 -8.89 -25.25
N ASN B 93 14.41 -9.33 -26.46
CA ASN B 93 14.70 -8.42 -27.55
C ASN B 93 14.36 -9.09 -28.86
N LEU B 94 14.29 -8.30 -29.88
CA LEU B 94 13.86 -8.85 -31.16
C LEU B 94 15.06 -9.44 -31.90
N PRO B 95 14.83 -10.42 -32.79
CA PRO B 95 13.53 -10.96 -33.16
C PRO B 95 13.00 -11.93 -32.12
N LEU B 96 11.68 -12.03 -32.00
CA LEU B 96 11.11 -13.07 -31.14
C LEU B 96 11.56 -14.42 -31.67
N THR B 97 11.95 -15.31 -30.77
CA THR B 97 12.43 -16.61 -31.20
C THR B 97 11.68 -17.70 -30.44
N PHE B 98 11.60 -18.88 -31.06
CA PHE B 98 10.98 -20.03 -30.44
C PHE B 98 12.02 -21.09 -30.14
N GLY B 99 11.71 -21.92 -29.14
CA GLY B 99 12.51 -23.10 -28.87
C GLY B 99 12.29 -24.14 -29.94
N GLY B 100 13.03 -25.24 -29.83
CA GLY B 100 12.87 -26.28 -30.82
C GLY B 100 11.63 -27.12 -30.65
N GLY B 101 11.06 -27.15 -29.46
CA GLY B 101 9.85 -27.89 -29.16
C GLY B 101 10.12 -29.19 -28.42
N THR B 102 9.13 -29.60 -27.63
CA THR B 102 9.14 -30.88 -26.93
C THR B 102 7.82 -31.59 -27.17
N LYS B 103 7.89 -32.74 -27.84
CA LYS B 103 6.69 -33.53 -28.09
C LYS B 103 6.40 -34.41 -26.88
N VAL B 104 5.17 -34.34 -26.40
CA VAL B 104 4.74 -35.11 -25.23
C VAL B 104 3.83 -36.23 -25.73
N GLU B 105 4.21 -37.47 -25.43
CA GLU B 105 3.43 -38.65 -25.80
C GLU B 105 2.98 -39.40 -24.54
N ILE B 106 1.79 -39.99 -24.64
CA ILE B 106 1.16 -40.67 -23.52
C ILE B 106 1.48 -42.17 -23.55
N LYS B 107 1.90 -42.70 -22.40
CA LYS B 107 2.08 -44.14 -22.21
C LYS B 107 0.84 -44.73 -21.56
N ARG B 108 0.21 -45.70 -22.22
CA ARG B 108 -0.96 -46.38 -21.70
C ARG B 108 -0.81 -47.89 -21.86
N THR B 109 -1.84 -48.63 -21.44
CA THR B 109 -1.88 -50.07 -21.62
C THR B 109 -2.05 -50.44 -23.09
N VAL B 110 -1.68 -51.67 -23.43
CA VAL B 110 -1.74 -52.14 -24.81
C VAL B 110 -3.20 -52.38 -25.21
N ALA B 111 -3.58 -51.84 -26.36
CA ALA B 111 -4.90 -52.04 -26.95
C ALA B 111 -4.74 -52.62 -28.36
N ALA B 112 -5.49 -53.69 -28.64
CA ALA B 112 -5.37 -54.36 -29.93
C ALA B 112 -5.99 -53.53 -31.05
N PRO B 113 -5.46 -53.64 -32.27
CA PRO B 113 -6.06 -52.93 -33.41
C PRO B 113 -7.26 -53.67 -33.97
N SER B 114 -8.24 -52.88 -34.41
CA SER B 114 -9.35 -53.39 -35.22
C SER B 114 -8.94 -53.33 -36.68
N VAL B 115 -8.95 -54.47 -37.36
CA VAL B 115 -8.38 -54.60 -38.69
C VAL B 115 -9.51 -54.74 -39.71
N PHE B 116 -9.54 -53.84 -40.68
CA PHE B 116 -10.59 -53.76 -41.70
C PHE B 116 -9.94 -53.56 -43.07
N ILE B 117 -10.50 -54.21 -44.08
CA ILE B 117 -10.00 -54.10 -45.46
C ILE B 117 -11.14 -53.64 -46.36
N PHE B 118 -10.80 -52.81 -47.35
CA PHE B 118 -11.76 -52.26 -48.29
C PHE B 118 -11.35 -52.56 -49.73
N PRO B 119 -12.25 -53.09 -50.56
CA PRO B 119 -11.92 -53.30 -51.97
C PRO B 119 -12.01 -52.00 -52.74
N PRO B 120 -11.40 -51.90 -53.92
CA PRO B 120 -11.54 -50.67 -54.71
C PRO B 120 -12.95 -50.50 -55.24
N SER B 121 -13.35 -49.24 -55.41
CA SER B 121 -14.70 -48.93 -55.85
C SER B 121 -14.89 -49.31 -57.31
N ASP B 122 -16.14 -49.58 -57.67
CA ASP B 122 -16.45 -49.79 -59.08
C ASP B 122 -16.25 -48.51 -59.88
N GLU B 123 -16.46 -47.35 -59.24
CA GLU B 123 -16.26 -46.07 -59.92
C GLU B 123 -14.78 -45.80 -60.18
N GLN B 124 -13.91 -46.15 -59.23
CA GLN B 124 -12.48 -45.85 -59.38
C GLN B 124 -11.83 -46.73 -60.46
N LEU B 125 -12.19 -48.01 -60.51
CA LEU B 125 -11.56 -48.93 -61.45
C LEU B 125 -11.71 -48.47 -62.90
N LYS B 126 -12.86 -47.87 -63.23
CA LYS B 126 -13.07 -47.40 -64.60
C LYS B 126 -12.07 -46.31 -64.99
N SER B 127 -11.65 -45.50 -64.01
CA SER B 127 -10.70 -44.43 -64.28
C SER B 127 -9.28 -44.92 -64.54
N GLY B 128 -8.99 -46.20 -64.30
CA GLY B 128 -7.69 -46.77 -64.66
C GLY B 128 -6.71 -46.97 -63.54
N THR B 129 -7.14 -46.89 -62.28
CA THR B 129 -6.29 -47.14 -61.13
C THR B 129 -7.09 -47.90 -60.09
N ALA B 130 -6.39 -48.67 -59.25
CA ALA B 130 -7.03 -49.44 -58.19
C ALA B 130 -6.27 -49.20 -56.89
N SER B 131 -6.96 -48.68 -55.90
CA SER B 131 -6.41 -48.45 -54.57
C SER B 131 -7.13 -49.34 -53.57
N VAL B 132 -6.39 -50.21 -52.90
CA VAL B 132 -6.92 -51.12 -51.88
C VAL B 132 -6.36 -50.68 -50.54
N VAL B 133 -7.25 -50.37 -49.59
CA VAL B 133 -6.88 -49.79 -48.31
C VAL B 133 -7.07 -50.84 -47.22
N CYS B 134 -6.08 -50.94 -46.32
CA CYS B 134 -6.16 -51.78 -45.14
C CYS B 134 -5.98 -50.88 -43.92
N LEU B 135 -6.79 -51.11 -42.88
CA LEU B 135 -6.90 -50.20 -41.75
C LEU B 135 -6.64 -50.91 -40.42
N LEU B 136 -5.78 -50.31 -39.60
CA LEU B 136 -5.62 -50.69 -38.20
C LEU B 136 -6.21 -49.57 -37.34
N ASN B 137 -7.25 -49.89 -36.58
CA ASN B 137 -8.10 -48.88 -35.97
C ASN B 137 -7.94 -48.98 -34.45
N ASN B 138 -7.50 -47.88 -33.83
CA ASN B 138 -7.44 -47.73 -32.38
C ASN B 138 -6.57 -48.82 -31.73
N PHE B 139 -5.26 -48.68 -31.93
CA PHE B 139 -4.29 -49.60 -31.36
C PHE B 139 -3.21 -48.83 -30.61
N TYR B 140 -2.44 -49.59 -29.82
CA TYR B 140 -1.27 -49.08 -29.10
C TYR B 140 -0.37 -50.30 -28.86
N PRO B 141 0.96 -50.15 -28.97
CA PRO B 141 1.77 -48.95 -29.21
C PRO B 141 1.89 -48.49 -30.67
N ARG B 142 2.62 -47.37 -30.82
CA ARG B 142 2.79 -46.68 -32.09
C ARG B 142 3.27 -47.63 -33.20
N GLU B 143 4.18 -48.55 -32.87
CA GLU B 143 4.81 -49.39 -33.87
C GLU B 143 3.86 -50.47 -34.36
N ALA B 144 3.53 -50.45 -35.65
CA ALA B 144 2.73 -51.47 -36.28
C ALA B 144 3.28 -51.81 -37.66
N LYS B 145 2.87 -52.97 -38.17
CA LYS B 145 3.33 -53.48 -39.47
C LYS B 145 2.16 -54.00 -40.29
N VAL B 146 2.10 -53.56 -41.55
CA VAL B 146 1.09 -54.00 -42.50
C VAL B 146 1.82 -54.56 -43.70
N GLN B 147 1.65 -55.86 -43.96
CA GLN B 147 2.26 -56.52 -45.10
C GLN B 147 1.17 -57.07 -46.02
N TRP B 148 1.16 -56.59 -47.26
CA TRP B 148 0.18 -57.02 -48.26
C TRP B 148 0.42 -58.45 -48.72
N LYS B 149 -0.68 -59.11 -49.08
CA LYS B 149 -0.63 -60.46 -49.65
C LYS B 149 -1.67 -60.52 -50.78
N VAL B 150 -1.21 -60.55 -52.02
CA VAL B 150 -2.08 -60.70 -53.18
C VAL B 150 -2.11 -62.18 -53.56
N ASP B 151 -3.32 -62.74 -53.61
CA ASP B 151 -3.53 -64.19 -53.58
C ASP B 151 -2.77 -64.74 -52.39
N ASN B 152 -1.57 -65.29 -52.60
CA ASN B 152 -0.72 -65.70 -51.51
C ASN B 152 0.70 -65.16 -51.64
N ALA B 153 0.96 -64.30 -52.64
CA ALA B 153 2.29 -63.75 -52.90
C ALA B 153 2.48 -62.43 -52.15
N LEU B 154 3.47 -62.39 -51.25
CA LEU B 154 3.78 -61.17 -50.51
C LEU B 154 4.25 -60.06 -51.45
N GLN B 155 3.65 -58.88 -51.33
CA GLN B 155 3.95 -57.72 -52.17
C GLN B 155 4.91 -56.77 -51.44
N SER B 156 5.90 -56.27 -52.18
CA SER B 156 6.95 -55.44 -51.61
C SER B 156 7.04 -54.11 -52.35
N GLY B 157 6.81 -53.01 -51.63
CA GLY B 157 7.15 -51.67 -52.08
C GLY B 157 6.24 -51.01 -53.09
N ASN B 158 5.04 -51.53 -53.35
CA ASN B 158 4.09 -50.85 -54.22
C ASN B 158 2.95 -50.20 -53.44
N SER B 159 3.19 -49.83 -52.18
CA SER B 159 2.17 -49.26 -51.32
C SER B 159 2.76 -48.15 -50.46
N GLN B 160 1.88 -47.31 -49.93
CA GLN B 160 2.25 -46.18 -49.07
C GLN B 160 1.31 -46.14 -47.88
N GLU B 161 1.88 -45.98 -46.68
CA GLU B 161 1.09 -45.93 -45.46
C GLU B 161 1.23 -44.57 -44.79
N SER B 162 0.15 -44.15 -44.14
CA SER B 162 0.08 -42.89 -43.40
C SER B 162 -0.52 -43.18 -42.03
N VAL B 163 0.05 -42.55 -40.99
CA VAL B 163 -0.36 -42.78 -39.61
C VAL B 163 -0.79 -41.47 -38.98
N THR B 164 -1.91 -41.50 -38.26
CA THR B 164 -2.41 -40.33 -37.55
C THR B 164 -1.63 -40.06 -36.27
N GLU B 165 -1.78 -38.83 -35.78
CA GLU B 165 -1.32 -38.47 -34.44
C GLU B 165 -2.20 -39.13 -33.39
N GLN B 166 -1.73 -39.06 -32.15
CA GLN B 166 -2.45 -39.70 -31.06
C GLN B 166 -3.79 -39.01 -30.86
N ASP B 167 -4.86 -39.80 -30.82
CA ASP B 167 -6.21 -39.25 -30.75
C ASP B 167 -6.41 -38.57 -29.39
N SER B 168 -7.07 -37.40 -29.41
CA SER B 168 -7.08 -36.54 -28.24
C SER B 168 -7.94 -37.07 -27.10
N LYS B 169 -8.87 -38.00 -27.36
CA LYS B 169 -9.79 -38.43 -26.32
C LYS B 169 -9.47 -39.80 -25.74
N ASP B 170 -8.77 -40.67 -26.48
CA ASP B 170 -8.44 -42.01 -25.98
C ASP B 170 -7.01 -42.46 -26.26
N SER B 171 -6.16 -41.63 -26.87
CA SER B 171 -4.71 -41.84 -26.93
C SER B 171 -4.30 -43.09 -27.71
N THR B 172 -5.08 -43.47 -28.72
CA THR B 172 -4.73 -44.58 -29.59
C THR B 172 -4.28 -44.04 -30.95
N TYR B 173 -3.66 -44.91 -31.75
CA TYR B 173 -3.21 -44.55 -33.09
C TYR B 173 -4.02 -45.29 -34.14
N SER B 174 -4.00 -44.75 -35.36
CA SER B 174 -4.59 -45.41 -36.52
C SER B 174 -3.64 -45.32 -37.69
N LEU B 175 -3.67 -46.34 -38.56
CA LEU B 175 -2.76 -46.42 -39.70
C LEU B 175 -3.51 -46.99 -40.90
N SER B 176 -3.37 -46.34 -42.05
CA SER B 176 -3.95 -46.81 -43.31
C SER B 176 -2.86 -47.01 -44.34
N SER B 177 -2.91 -48.14 -45.05
CA SER B 177 -2.00 -48.45 -46.14
C SER B 177 -2.77 -48.54 -47.46
N THR B 178 -2.28 -47.86 -48.49
CA THR B 178 -2.93 -47.83 -49.80
C THR B 178 -2.02 -48.50 -50.82
N LEU B 179 -2.56 -49.54 -51.47
CA LEU B 179 -1.84 -50.30 -52.49
C LEU B 179 -2.35 -49.89 -53.86
N THR B 180 -1.52 -49.19 -54.63
CA THR B 180 -1.92 -48.65 -55.92
C THR B 180 -1.27 -49.43 -57.06
N LEU B 181 -2.09 -49.89 -57.99
CA LEU B 181 -1.66 -50.60 -59.19
C LEU B 181 -2.54 -50.17 -60.35
N SER B 182 -2.14 -50.55 -61.56
CA SER B 182 -2.96 -50.26 -62.73
C SER B 182 -4.15 -51.22 -62.80
N LYS B 183 -5.19 -50.78 -63.52
CA LYS B 183 -6.39 -51.61 -63.69
C LYS B 183 -6.05 -52.93 -64.35
N ALA B 184 -5.10 -52.91 -65.29
CA ALA B 184 -4.71 -54.14 -65.97
C ALA B 184 -4.19 -55.17 -64.97
N ASP B 185 -3.33 -54.73 -64.04
CA ASP B 185 -2.74 -55.64 -63.07
C ASP B 185 -3.70 -56.02 -61.94
N TYR B 186 -4.73 -55.19 -61.69
CA TYR B 186 -5.71 -55.54 -60.67
C TYR B 186 -6.56 -56.72 -61.13
N GLU B 187 -7.06 -56.68 -62.36
CA GLU B 187 -7.88 -57.76 -62.90
C GLU B 187 -7.06 -59.02 -63.19
N LYS B 188 -5.77 -59.02 -62.91
CA LYS B 188 -4.96 -60.21 -63.07
C LYS B 188 -5.16 -61.20 -61.93
N HIS B 189 -5.57 -60.71 -60.76
CA HIS B 189 -5.76 -61.56 -59.59
C HIS B 189 -7.20 -61.44 -59.10
N LYS B 190 -7.56 -62.27 -58.12
CA LYS B 190 -8.96 -62.40 -57.71
C LYS B 190 -9.18 -62.04 -56.25
N VAL B 191 -8.58 -62.78 -55.31
CA VAL B 191 -8.88 -62.65 -53.89
C VAL B 191 -7.72 -61.93 -53.21
N TYR B 192 -8.01 -60.78 -52.60
CA TYR B 192 -7.03 -59.92 -51.94
C TYR B 192 -7.20 -59.94 -50.43
N ALA B 193 -6.08 -60.06 -49.71
CA ALA B 193 -6.07 -60.08 -48.25
C ALA B 193 -4.89 -59.24 -47.72
N CYS B 194 -5.08 -58.64 -46.54
CA CYS B 194 -4.01 -57.98 -45.81
C CYS B 194 -3.88 -58.62 -44.43
N GLU B 195 -2.69 -59.13 -44.13
CA GLU B 195 -2.40 -59.76 -42.84
C GLU B 195 -1.54 -58.81 -42.02
N VAL B 196 -1.90 -58.64 -40.74
CA VAL B 196 -1.36 -57.57 -39.90
C VAL B 196 -0.78 -58.17 -38.64
N THR B 197 0.45 -57.80 -38.31
CA THR B 197 1.12 -58.21 -37.08
C THR B 197 1.26 -57.01 -36.14
N HIS B 198 1.01 -57.24 -34.85
CA HIS B 198 1.04 -56.16 -33.87
C HIS B 198 1.08 -56.76 -32.47
N GLN B 199 1.49 -55.92 -31.49
CA GLN B 199 1.65 -56.36 -30.11
C GLN B 199 0.35 -56.50 -29.34
N GLY B 200 -0.78 -56.01 -29.87
CA GLY B 200 -2.04 -56.14 -29.16
C GLY B 200 -2.86 -57.36 -29.50
N LEU B 201 -2.47 -58.09 -30.55
CA LEU B 201 -3.17 -59.29 -30.99
C LEU B 201 -2.29 -60.51 -30.76
N SER B 202 -2.90 -61.59 -30.27
CA SER B 202 -2.15 -62.82 -30.00
C SER B 202 -1.69 -63.48 -31.29
N SER B 203 -2.58 -63.59 -32.28
CA SER B 203 -2.25 -64.15 -33.58
C SER B 203 -2.53 -63.12 -34.67
N PRO B 204 -1.81 -63.18 -35.79
CA PRO B 204 -2.02 -62.18 -36.85
C PRO B 204 -3.42 -62.34 -37.46
N VAL B 205 -4.11 -61.22 -37.61
CA VAL B 205 -5.46 -61.20 -38.14
C VAL B 205 -5.38 -60.90 -39.63
N THR B 206 -6.07 -61.71 -40.43
CA THR B 206 -6.14 -61.50 -41.87
C THR B 206 -7.59 -61.27 -42.24
N LYS B 207 -7.83 -60.21 -43.01
CA LYS B 207 -9.16 -59.91 -43.53
C LYS B 207 -9.09 -59.94 -45.05
N SER B 208 -10.05 -60.60 -45.69
CA SER B 208 -10.01 -60.81 -47.13
C SER B 208 -11.38 -60.59 -47.73
N PHE B 209 -11.46 -60.69 -49.07
CA PHE B 209 -12.72 -60.57 -49.80
C PHE B 209 -12.57 -61.25 -51.16
N ASN B 210 -13.72 -61.54 -51.78
CA ASN B 210 -13.78 -62.02 -53.15
C ASN B 210 -14.24 -60.90 -54.05
N ARG B 211 -13.55 -60.72 -55.17
CA ARG B 211 -13.88 -59.65 -56.11
C ARG B 211 -15.21 -59.92 -56.81
N ASN C 27 40.80 12.14 22.64
CA ASN C 27 42.01 12.95 22.58
C ASN C 27 41.63 14.43 22.45
N ILE C 28 40.76 14.90 23.33
CA ILE C 28 40.28 16.27 23.29
C ILE C 28 40.74 16.97 24.56
N THR C 29 41.35 18.14 24.41
CA THR C 29 41.82 18.92 25.54
C THR C 29 41.25 20.32 25.43
N GLU C 30 41.21 21.02 26.55
CA GLU C 30 40.68 22.38 26.57
C GLU C 30 41.45 23.21 27.58
N GLU C 31 41.74 24.45 27.24
CA GLU C 31 42.42 25.39 28.13
C GLU C 31 41.53 26.61 28.31
N PHE C 32 41.35 27.03 29.55
CA PHE C 32 40.61 28.24 29.83
C PHE C 32 41.59 29.36 30.13
N TYR C 33 41.48 30.43 29.38
CA TYR C 33 42.35 31.58 29.58
C TYR C 33 41.55 32.59 30.37
N GLN C 34 41.79 32.61 31.70
CA GLN C 34 41.11 33.56 32.57
C GLN C 34 41.48 34.99 32.25
N SER C 35 42.67 35.19 31.68
CA SER C 35 43.11 36.53 31.37
C SER C 35 42.29 37.19 30.27
N THR C 36 41.77 36.40 29.32
CA THR C 36 41.06 36.94 28.17
C THR C 36 39.64 36.40 28.07
N CYS C 37 39.17 35.68 29.09
CA CYS C 37 37.81 35.13 29.11
C CYS C 37 37.52 34.33 27.86
N SER C 38 38.40 33.37 27.57
CA SER C 38 38.24 32.56 26.38
C SER C 38 38.77 31.16 26.65
N ALA C 39 38.48 30.26 25.73
CA ALA C 39 38.84 28.86 25.90
C ALA C 39 39.10 28.27 24.52
N VAL C 40 40.02 27.33 24.46
CA VAL C 40 40.36 26.65 23.21
C VAL C 40 40.21 25.16 23.43
N SER C 41 39.45 24.50 22.55
CA SER C 41 39.30 23.05 22.56
C SER C 41 40.14 22.53 21.41
N LYS C 42 41.12 21.68 21.70
CA LYS C 42 42.03 21.22 20.66
C LYS C 42 42.00 19.71 20.54
N GLY C 43 42.69 19.19 19.51
CA GLY C 43 42.76 17.78 19.27
C GLY C 43 41.77 17.24 18.28
N TYR C 44 40.95 18.11 17.71
CA TYR C 44 39.98 17.74 16.68
C TYR C 44 40.67 17.55 15.34
N LEU C 45 40.13 16.67 14.52
CA LEU C 45 40.66 16.41 13.19
C LEU C 45 39.83 17.09 12.11
N SER C 46 40.49 17.46 11.03
CA SER C 46 39.83 18.21 9.98
C SER C 46 39.20 17.27 8.98
N ALA C 47 38.15 17.77 8.34
CA ALA C 47 37.61 17.21 7.10
C ALA C 47 36.99 18.40 6.39
N LEU C 48 37.82 19.13 5.64
CA LEU C 48 37.40 20.35 5.00
C LEU C 48 36.96 20.07 3.57
N ARG C 49 35.74 20.48 3.22
CA ARG C 49 35.33 20.48 1.84
C ARG C 49 36.10 21.56 1.08
N THR C 50 36.87 21.15 0.09
CA THR C 50 37.60 22.12 -0.69
C THR C 50 37.04 22.27 -2.09
N GLY C 51 36.39 21.23 -2.60
CA GLY C 51 35.80 21.25 -3.91
C GLY C 51 34.58 20.36 -4.04
N TRP C 52 34.15 20.13 -5.28
CA TRP C 52 32.91 19.45 -5.56
C TRP C 52 33.11 18.36 -6.59
N TYR C 53 32.39 17.26 -6.42
CA TYR C 53 32.25 16.28 -7.48
C TYR C 53 30.79 16.30 -7.94
N THR C 54 30.62 16.28 -9.25
CA THR C 54 29.31 16.23 -9.89
C THR C 54 29.14 14.89 -10.58
N SER C 55 28.07 14.20 -10.27
CA SER C 55 27.76 12.90 -10.84
C SER C 55 26.35 12.97 -11.44
N VAL C 56 26.11 12.16 -12.48
CA VAL C 56 24.83 12.16 -13.18
C VAL C 56 24.05 10.91 -12.77
N ILE C 57 22.90 11.10 -12.14
CA ILE C 57 22.03 10.00 -11.77
C ILE C 57 20.83 10.03 -12.70
N THR C 58 20.56 8.90 -13.36
CA THR C 58 19.48 8.80 -14.34
C THR C 58 18.46 7.77 -13.93
N ILE C 59 17.21 8.06 -14.23
CA ILE C 59 16.11 7.11 -14.14
C ILE C 59 15.50 7.03 -15.52
N GLU C 60 15.37 5.81 -16.05
CA GLU C 60 14.88 5.61 -17.39
C GLU C 60 13.35 5.45 -17.34
N LEU C 61 12.64 6.27 -18.11
CA LEU C 61 11.18 6.26 -18.15
C LEU C 61 10.66 5.76 -19.48
N SER C 62 9.37 5.42 -19.51
CA SER C 62 8.68 5.02 -20.72
C SER C 62 7.52 5.96 -21.01
N ASN C 63 7.39 6.39 -22.26
CA ASN C 63 6.30 7.25 -22.69
C ASN C 63 5.01 6.45 -22.83
N ILE C 64 3.94 6.88 -22.16
CA ILE C 64 2.69 6.14 -22.20
C ILE C 64 1.74 6.91 -23.12
N LYS C 65 1.46 6.31 -24.28
CA LYS C 65 0.71 7.01 -25.33
C LYS C 65 -0.81 6.94 -25.14
N GLU C 66 -1.37 5.73 -25.08
CA GLU C 66 -2.82 5.54 -25.12
C GLU C 66 -3.26 4.77 -23.88
N ASN C 67 -3.89 5.47 -22.94
CA ASN C 67 -4.41 4.84 -21.72
C ASN C 67 -5.91 4.59 -21.87
N LYS C 68 -6.23 3.64 -22.74
CA LYS C 68 -7.62 3.37 -23.13
C LYS C 68 -8.33 2.42 -22.16
N CYS C 69 -8.11 2.49 -20.85
CA CYS C 69 -8.75 1.53 -19.96
C CYS C 69 -10.00 2.15 -19.37
N ASN C 70 -11.13 1.48 -19.60
CA ASN C 70 -12.41 1.75 -18.97
C ASN C 70 -12.75 0.59 -18.04
N GLY C 71 -13.93 0.62 -17.44
CA GLY C 71 -14.31 -0.49 -16.60
C GLY C 71 -14.11 -0.27 -15.12
N THR C 72 -15.19 -0.06 -14.36
CA THR C 72 -15.05 0.21 -12.93
C THR C 72 -15.05 -1.13 -12.21
N ASP C 73 -13.86 -1.70 -12.14
CA ASP C 73 -13.58 -2.93 -11.44
C ASP C 73 -12.49 -2.65 -10.44
N ALA C 74 -12.65 -3.17 -9.22
CA ALA C 74 -11.75 -2.81 -8.12
C ALA C 74 -10.29 -3.05 -8.51
N LYS C 75 -9.99 -4.21 -9.10
CA LYS C 75 -8.61 -4.49 -9.47
C LYS C 75 -8.16 -3.64 -10.65
N VAL C 76 -9.05 -3.40 -11.61
CA VAL C 76 -8.70 -2.58 -12.76
C VAL C 76 -8.41 -1.15 -12.34
N LYS C 77 -9.27 -0.60 -11.48
CA LYS C 77 -9.14 0.80 -11.08
C LYS C 77 -7.76 1.10 -10.48
N LEU C 78 -7.22 0.18 -9.69
CA LEU C 78 -5.95 0.47 -9.02
C LEU C 78 -4.81 0.63 -10.02
N ILE C 79 -4.74 -0.23 -11.03
CA ILE C 79 -3.66 -0.06 -12.00
C ILE C 79 -3.87 1.22 -12.80
N LYS C 80 -5.11 1.51 -13.19
CA LYS C 80 -5.33 2.72 -13.99
C LYS C 80 -5.00 3.98 -13.19
N GLN C 81 -5.38 4.01 -11.92
CA GLN C 81 -5.06 5.16 -11.07
C GLN C 81 -3.56 5.23 -10.80
N GLU C 82 -2.91 4.07 -10.61
CA GLU C 82 -1.46 4.03 -10.42
C GLU C 82 -0.71 4.49 -11.66
N LEU C 83 -1.23 4.14 -12.85
CA LEU C 83 -0.62 4.57 -14.09
C LEU C 83 -0.76 6.06 -14.29
N ASP C 84 -1.90 6.62 -13.87
CA ASP C 84 -2.07 8.05 -13.95
C ASP C 84 -1.09 8.77 -13.02
N LYS C 85 -0.81 8.18 -11.86
CA LYS C 85 0.20 8.73 -10.96
C LYS C 85 1.56 8.80 -11.65
N TYR C 86 1.95 7.73 -12.35
CA TYR C 86 3.21 7.73 -13.06
C TYR C 86 3.22 8.77 -14.17
N LYS C 87 2.15 8.80 -14.97
CA LYS C 87 2.08 9.76 -16.07
C LYS C 87 2.06 11.19 -15.53
N ASN C 88 1.26 11.44 -14.49
CA ASN C 88 1.22 12.79 -13.91
C ASN C 88 2.57 13.19 -13.33
N ALA C 89 3.28 12.25 -12.71
CA ALA C 89 4.58 12.58 -12.14
C ALA C 89 5.56 12.94 -13.24
N VAL C 90 5.55 12.18 -14.34
CA VAL C 90 6.41 12.50 -15.47
C VAL C 90 6.04 13.88 -16.02
N THR C 91 4.74 14.11 -16.21
CA THR C 91 4.29 15.41 -16.69
C THR C 91 4.63 16.51 -15.69
N GLU C 92 4.43 16.25 -14.40
CA GLU C 92 4.72 17.26 -13.39
C GLU C 92 6.18 17.68 -13.44
N LEU C 93 7.08 16.71 -13.62
CA LEU C 93 8.49 17.05 -13.70
C LEU C 93 8.82 17.83 -14.97
N GLN C 94 8.10 17.58 -16.07
CA GLN C 94 8.37 18.32 -17.31
C GLN C 94 7.95 19.79 -17.20
N LEU C 95 6.82 20.07 -16.52
CA LEU C 95 6.40 21.45 -16.28
C LEU C 95 7.45 22.20 -15.45
N LEU C 96 8.21 21.47 -14.63
CA LEU C 96 9.23 22.09 -13.79
C LEU C 96 10.36 22.70 -14.62
N MET C 97 10.70 22.11 -15.78
CA MET C 97 11.75 22.68 -16.61
C MET C 97 11.29 23.94 -17.31
N GLN C 98 10.11 23.90 -17.92
CA GLN C 98 9.51 25.07 -18.59
C GLN C 98 9.54 26.33 -17.73
N PHE C 137 31.30 36.15 16.30
CA PHE C 137 31.07 37.34 15.49
C PHE C 137 31.95 37.19 14.26
N LEU C 138 32.15 38.27 13.52
CA LEU C 138 33.02 38.31 12.34
C LEU C 138 32.53 37.49 11.14
N GLY C 139 31.30 36.97 11.17
CA GLY C 139 30.80 36.25 9.99
C GLY C 139 30.72 37.13 8.77
N PHE C 140 30.45 38.43 8.97
CA PHE C 140 30.26 39.40 7.90
C PHE C 140 31.51 39.67 7.09
N LEU C 141 32.66 39.16 7.48
CA LEU C 141 33.84 39.44 6.67
C LEU C 141 33.93 38.52 5.48
N LEU C 142 33.13 37.45 5.46
CA LEU C 142 33.28 36.33 4.54
C LEU C 142 32.77 36.66 3.15
N GLY C 143 33.32 35.96 2.16
CA GLY C 143 32.89 36.17 0.80
C GLY C 143 31.64 35.37 0.48
N VAL C 144 31.14 35.54 -0.74
CA VAL C 144 29.91 34.90 -1.17
C VAL C 144 30.22 34.05 -2.39
N GLY C 145 29.80 32.79 -2.36
CA GLY C 145 30.00 31.87 -3.45
C GLY C 145 28.68 31.43 -4.05
N SER C 146 28.80 30.60 -5.08
CA SER C 146 27.61 30.11 -5.75
C SER C 146 27.58 28.61 -5.54
N ALA C 147 26.82 28.17 -4.54
CA ALA C 147 27.01 26.82 -4.03
C ALA C 147 26.90 25.78 -5.11
N ILE C 148 25.95 25.92 -6.04
CA ILE C 148 25.69 24.87 -7.02
C ILE C 148 26.15 25.30 -8.40
N ALA C 149 26.99 26.33 -8.48
CA ALA C 149 27.47 26.77 -9.78
C ALA C 149 28.20 25.65 -10.49
N SER C 150 28.92 24.81 -9.74
CA SER C 150 29.64 23.71 -10.36
C SER C 150 28.68 22.64 -10.87
N GLY C 151 27.75 22.21 -10.01
CA GLY C 151 26.78 21.21 -10.43
C GLY C 151 25.85 21.69 -11.52
N VAL C 152 25.34 22.90 -11.39
CA VAL C 152 24.45 23.45 -12.42
C VAL C 152 25.17 23.57 -13.75
N ALA C 153 26.44 23.98 -13.74
CA ALA C 153 27.19 24.08 -15.00
C ALA C 153 27.26 22.75 -15.72
N VAL C 154 27.43 21.64 -14.99
CA VAL C 154 27.37 20.32 -15.60
C VAL C 154 25.98 20.06 -16.17
N CYS C 155 24.96 20.54 -15.47
CA CYS C 155 23.59 20.34 -15.91
C CYS C 155 23.33 21.03 -17.25
N LYS C 156 23.87 22.23 -17.47
CA LYS C 156 23.73 22.87 -18.76
C LYS C 156 24.35 22.05 -19.89
N VAL C 157 25.47 21.35 -19.64
CA VAL C 157 26.07 20.54 -20.68
C VAL C 157 25.14 19.41 -21.15
N LEU C 158 24.32 18.89 -20.24
CA LEU C 158 23.42 17.82 -20.63
C LEU C 158 22.32 18.28 -21.57
N HIS C 159 22.07 19.59 -21.68
CA HIS C 159 21.07 20.07 -22.63
C HIS C 159 21.59 20.14 -24.06
N LEU C 160 22.88 19.91 -24.27
CA LEU C 160 23.44 20.00 -25.59
C LEU C 160 22.98 18.81 -26.45
N GLU C 161 23.07 19.00 -27.77
CA GLU C 161 22.56 17.99 -28.68
C GLU C 161 23.34 16.69 -28.54
N GLY C 162 22.61 15.59 -28.49
CA GLY C 162 23.21 14.28 -28.40
C GLY C 162 23.86 13.96 -27.08
N GLU C 163 23.83 14.87 -26.12
CA GLU C 163 24.53 14.60 -24.88
C GLU C 163 23.84 13.49 -24.09
N VAL C 164 22.51 13.41 -24.18
CA VAL C 164 21.79 12.33 -23.52
C VAL C 164 22.07 10.99 -24.19
N ASN C 165 22.22 10.98 -25.51
CA ASN C 165 22.46 9.72 -26.20
C ASN C 165 23.80 9.11 -25.78
N LYS C 166 24.83 9.92 -25.57
CA LYS C 166 26.08 9.38 -25.01
C LYS C 166 25.81 8.71 -23.67
N ILE C 167 25.15 9.43 -22.76
CA ILE C 167 24.82 8.89 -21.45
C ILE C 167 23.96 7.64 -21.61
N LYS C 168 22.93 7.74 -22.45
CA LYS C 168 21.96 6.67 -22.59
C LYS C 168 22.60 5.44 -23.20
N SER C 169 23.50 5.65 -24.17
CA SER C 169 24.22 4.54 -24.78
C SER C 169 25.30 3.97 -23.87
N ALA C 170 25.96 4.80 -23.07
CA ALA C 170 26.97 4.28 -22.17
C ALA C 170 26.36 3.47 -21.04
N LEU C 171 25.13 3.80 -20.63
CA LEU C 171 24.42 3.08 -19.57
C LEU C 171 23.46 2.04 -20.14
N LEU C 172 23.74 1.56 -21.34
CA LEU C 172 22.85 0.57 -21.95
C LEU C 172 23.05 -0.81 -21.35
N SER C 173 24.30 -1.23 -21.18
CA SER C 173 24.61 -2.58 -20.73
C SER C 173 24.83 -2.70 -19.23
N THR C 174 25.39 -1.66 -18.60
CA THR C 174 25.58 -1.64 -17.16
C THR C 174 24.89 -0.42 -16.57
N ASN C 175 24.77 -0.40 -15.24
CA ASN C 175 24.16 0.72 -14.54
C ASN C 175 25.17 1.73 -14.10
N LYS C 176 26.42 1.55 -14.50
CA LYS C 176 27.51 2.38 -14.03
C LYS C 176 28.49 2.50 -15.17
N ALA C 177 28.74 3.72 -15.62
CA ALA C 177 29.72 3.94 -16.67
C ALA C 177 30.26 5.34 -16.54
N VAL C 178 31.48 5.54 -17.01
CA VAL C 178 32.12 6.84 -17.02
C VAL C 178 31.91 7.41 -18.41
N VAL C 179 31.31 8.59 -18.47
CA VAL C 179 30.97 9.23 -19.74
C VAL C 179 31.86 10.44 -19.92
N SER C 180 32.42 10.58 -21.12
CA SER C 180 33.16 11.79 -21.48
C SER C 180 32.19 12.73 -22.16
N LEU C 181 31.96 13.90 -21.55
CA LEU C 181 31.01 14.86 -22.11
C LEU C 181 31.61 15.65 -23.27
N SER C 182 30.76 16.46 -23.90
CA SER C 182 31.17 17.21 -25.07
C SER C 182 32.27 18.22 -24.73
N ASN C 183 32.19 18.85 -23.56
CA ASN C 183 33.18 19.82 -23.13
C ASN C 183 34.49 19.19 -22.69
N GLY C 184 34.53 17.86 -22.53
CA GLY C 184 35.74 17.15 -22.18
C GLY C 184 35.70 16.56 -20.79
N VAL C 185 34.73 16.94 -19.98
CA VAL C 185 34.67 16.50 -18.59
C VAL C 185 34.18 15.06 -18.52
N SER C 186 34.86 14.25 -17.71
CA SER C 186 34.44 12.88 -17.45
C SER C 186 33.58 12.85 -16.20
N VAL C 187 32.40 12.25 -16.30
CA VAL C 187 31.41 12.27 -15.24
C VAL C 187 30.90 10.85 -15.00
N LEU C 188 30.79 10.48 -13.73
CA LEU C 188 30.12 9.23 -13.38
C LEU C 188 28.64 9.28 -13.74
N THR C 189 28.16 8.22 -14.37
CA THR C 189 26.75 8.08 -14.66
C THR C 189 26.22 6.86 -13.94
N PHE C 190 24.93 6.85 -13.68
CA PHE C 190 24.38 5.90 -12.72
C PHE C 190 22.90 5.76 -13.03
N LYS C 191 22.51 4.60 -13.55
CA LYS C 191 21.10 4.30 -13.75
C LYS C 191 20.61 3.58 -12.50
N VAL C 192 19.81 4.28 -11.71
CA VAL C 192 19.39 3.79 -10.41
C VAL C 192 18.02 3.11 -10.45
N LEU C 193 17.21 3.40 -11.46
CA LEU C 193 15.87 2.86 -11.55
C LEU C 193 15.51 2.75 -13.03
N ASP C 194 15.08 1.55 -13.44
CA ASP C 194 14.69 1.27 -14.82
C ASP C 194 13.19 1.04 -14.85
N LEU C 195 12.42 2.12 -15.03
CA LEU C 195 10.99 1.98 -15.15
C LEU C 195 10.55 1.64 -16.57
N LYS C 196 11.34 2.03 -17.58
CA LYS C 196 10.98 1.76 -18.96
C LYS C 196 10.81 0.26 -19.20
N ASN C 197 11.84 -0.53 -18.91
CA ASN C 197 11.72 -1.96 -19.15
C ASN C 197 10.65 -2.60 -18.29
N TYR C 198 10.48 -2.13 -17.05
CA TYR C 198 9.43 -2.71 -16.22
C TYR C 198 8.06 -2.47 -16.83
N ILE C 199 7.80 -1.23 -17.24
CA ILE C 199 6.50 -0.92 -17.82
C ILE C 199 6.37 -1.55 -19.21
N ASP C 200 7.41 -1.43 -20.03
CA ASP C 200 7.29 -1.89 -21.42
C ASP C 200 7.27 -3.41 -21.53
N LYS C 201 8.07 -4.11 -20.72
CA LYS C 201 8.25 -5.54 -20.92
C LYS C 201 7.59 -6.41 -19.87
N GLN C 202 7.20 -5.87 -18.74
CA GLN C 202 6.64 -6.71 -17.69
C GLN C 202 5.24 -6.33 -17.27
N LEU C 203 4.88 -5.05 -17.30
CA LEU C 203 3.62 -4.60 -16.75
C LEU C 203 2.56 -4.50 -17.82
N LEU C 204 2.87 -3.75 -18.86
CA LEU C 204 1.92 -3.54 -19.94
C LEU C 204 1.51 -4.85 -20.59
N PRO C 205 2.41 -5.81 -20.87
CA PRO C 205 1.93 -7.11 -21.39
C PRO C 205 0.99 -7.81 -20.43
N ILE C 206 1.32 -7.84 -19.15
CA ILE C 206 0.42 -8.41 -18.15
C ILE C 206 -0.88 -7.63 -18.11
N LEU C 207 -0.78 -6.30 -18.13
CA LEU C 207 -1.97 -5.46 -18.09
C LEU C 207 -2.87 -5.70 -19.30
N ASN C 208 -2.28 -5.69 -20.50
CA ASN C 208 -3.04 -5.80 -21.74
C ASN C 208 -3.71 -7.16 -21.88
N LYS C 209 -3.08 -8.21 -21.38
CA LYS C 209 -3.50 -9.57 -21.69
C LYS C 209 -4.97 -9.78 -21.30
N GLN C 210 -5.34 -9.34 -20.10
CA GLN C 210 -6.71 -9.55 -19.63
C GLN C 210 -7.59 -8.30 -19.79
N SER C 211 -7.48 -7.59 -20.90
CA SER C 211 -8.36 -6.46 -21.23
C SER C 211 -8.45 -5.44 -20.09
N CYS C 212 -7.29 -4.89 -19.74
CA CYS C 212 -7.10 -3.88 -18.72
C CYS C 212 -7.47 -4.38 -17.34
N SER C 213 -7.56 -5.69 -17.17
CA SER C 213 -7.88 -6.29 -15.89
C SER C 213 -6.70 -7.13 -15.45
N ILE C 214 -6.42 -7.09 -14.16
CA ILE C 214 -5.28 -7.78 -13.60
C ILE C 214 -5.79 -8.75 -12.56
N SER C 215 -5.52 -10.03 -12.76
CA SER C 215 -6.09 -11.04 -11.89
C SER C 215 -5.17 -11.40 -10.73
N ASN C 216 -4.11 -10.63 -10.51
CA ASN C 216 -3.10 -10.97 -9.49
C ASN C 216 -2.72 -9.68 -8.78
N ILE C 217 -3.18 -9.52 -7.54
CA ILE C 217 -2.94 -8.29 -6.79
C ILE C 217 -1.46 -8.01 -6.66
N GLU C 218 -0.63 -9.03 -6.70
CA GLU C 218 0.80 -8.83 -6.49
C GLU C 218 1.42 -7.99 -7.60
N THR C 219 0.85 -8.02 -8.81
CA THR C 219 1.43 -7.23 -9.90
C THR C 219 1.17 -5.74 -9.72
N VAL C 220 -0.02 -5.37 -9.22
CA VAL C 220 -0.27 -3.95 -8.97
C VAL C 220 0.66 -3.43 -7.86
N ILE C 221 0.84 -4.21 -6.78
CA ILE C 221 1.69 -3.75 -5.68
C ILE C 221 3.15 -3.61 -6.13
N GLU C 222 3.66 -4.61 -6.84
CA GLU C 222 5.02 -4.53 -7.35
C GLU C 222 5.21 -3.26 -8.16
N PHE C 223 4.16 -2.81 -8.85
CA PHE C 223 4.25 -1.58 -9.59
C PHE C 223 4.28 -0.38 -8.64
N GLN C 224 3.49 -0.43 -7.57
CA GLN C 224 3.49 0.70 -6.62
C GLN C 224 4.84 0.85 -5.97
N GLN C 225 5.51 -0.27 -5.69
CA GLN C 225 6.84 -0.23 -5.12
C GLN C 225 7.83 0.36 -6.12
N LYS C 226 7.77 -0.11 -7.36
CA LYS C 226 8.64 0.41 -8.41
C LYS C 226 8.38 1.89 -8.62
N ASN C 227 7.11 2.27 -8.67
CA ASN C 227 6.74 3.64 -9.00
C ASN C 227 7.00 4.59 -7.83
N ASN C 228 6.97 4.07 -6.61
CA ASN C 228 7.04 4.95 -5.45
C ASN C 228 8.26 5.85 -5.47
N ARG C 229 9.43 5.32 -5.82
CA ARG C 229 10.64 6.14 -5.79
C ARG C 229 10.54 7.32 -6.74
N LEU C 230 10.06 7.08 -7.95
CA LEU C 230 9.91 8.18 -8.90
C LEU C 230 8.91 9.22 -8.38
N LEU C 231 7.87 8.76 -7.69
CA LEU C 231 6.88 9.68 -7.13
C LEU C 231 7.49 10.57 -6.06
N GLU C 232 8.34 9.99 -5.20
CA GLU C 232 8.95 10.78 -4.14
C GLU C 232 10.06 11.70 -4.67
N ILE C 233 10.81 11.26 -5.67
CA ILE C 233 11.75 12.16 -6.30
C ILE C 233 11.03 13.39 -6.81
N THR C 234 9.93 13.18 -7.51
CA THR C 234 9.11 14.29 -8.00
C THR C 234 8.58 15.13 -6.85
N ARG C 235 8.12 14.49 -5.77
CA ARG C 235 7.60 15.22 -4.63
C ARG C 235 8.65 16.12 -4.02
N GLU C 236 9.89 15.65 -3.93
CA GLU C 236 10.96 16.46 -3.34
C GLU C 236 11.32 17.62 -4.25
N PHE C 237 11.51 17.35 -5.53
CA PHE C 237 11.86 18.41 -6.48
C PHE C 237 10.76 19.45 -6.63
N SER C 238 9.49 19.09 -6.41
CA SER C 238 8.42 20.07 -6.60
C SER C 238 8.32 21.08 -5.46
N VAL C 239 8.70 20.71 -4.23
CA VAL C 239 8.68 21.68 -3.14
C VAL C 239 10.02 22.31 -2.92
N ASN C 240 11.08 21.77 -3.52
CA ASN C 240 12.41 22.32 -3.35
C ASN C 240 12.88 23.08 -4.60
N ALA C 241 11.97 23.30 -5.55
CA ALA C 241 12.29 24.02 -6.79
C ALA C 241 13.53 23.46 -7.49
N GLY C 242 13.58 22.13 -7.60
CA GLY C 242 14.56 21.47 -8.46
C GLY C 242 15.97 21.40 -7.94
N VAL C 243 16.24 21.87 -6.71
CA VAL C 243 17.54 21.73 -6.04
C VAL C 243 17.28 21.38 -4.59
N THR C 244 17.74 20.21 -4.15
CA THR C 244 17.55 19.72 -2.79
C THR C 244 18.87 19.61 -2.05
N THR C 245 18.77 19.73 -0.73
CA THR C 245 19.83 19.40 0.23
C THR C 245 19.19 19.15 1.59
N PRO C 246 19.57 18.08 2.31
CA PRO C 246 20.50 17.01 1.91
C PRO C 246 19.96 16.08 0.83
N VAL C 247 20.88 15.34 0.21
CA VAL C 247 20.49 14.38 -0.82
C VAL C 247 19.80 13.23 -0.11
N SER C 248 18.49 13.11 -0.33
CA SER C 248 17.73 12.12 0.41
C SER C 248 18.04 10.71 -0.10
N THR C 249 17.57 9.73 0.64
CA THR C 249 17.76 8.35 0.25
C THR C 249 16.90 7.97 -0.95
N TYR C 250 15.92 8.80 -1.31
CA TYR C 250 15.18 8.61 -2.55
C TYR C 250 16.01 9.04 -3.76
N MET C 251 16.69 10.18 -3.64
CA MET C 251 17.54 10.61 -4.73
C MET C 251 18.70 9.64 -4.92
N LEU C 252 19.23 9.13 -3.83
CA LEU C 252 20.41 8.27 -3.88
C LEU C 252 20.33 7.31 -2.70
N THR C 253 20.11 6.03 -2.98
CA THR C 253 20.04 5.07 -1.89
C THR C 253 21.42 4.92 -1.26
N ASN C 254 21.40 4.36 -0.07
CA ASN C 254 22.62 4.22 0.70
C ASN C 254 23.66 3.42 -0.06
N SER C 255 23.23 2.30 -0.66
CA SER C 255 24.15 1.45 -1.42
C SER C 255 24.62 2.13 -2.70
N GLU C 256 23.76 2.92 -3.36
CA GLU C 256 24.18 3.64 -4.55
C GLU C 256 25.27 4.65 -4.21
N LEU C 257 25.07 5.38 -3.11
CA LEU C 257 26.02 6.42 -2.70
C LEU C 257 27.37 5.81 -2.34
N LEU C 258 27.36 4.68 -1.64
CA LEU C 258 28.60 3.98 -1.36
C LEU C 258 29.30 3.55 -2.64
N SER C 259 28.52 3.16 -3.66
CA SER C 259 29.11 2.82 -4.95
C SER C 259 29.66 4.05 -5.65
N LEU C 260 28.99 5.19 -5.50
CA LEU C 260 29.52 6.43 -6.06
C LEU C 260 30.89 6.73 -5.45
N ILE C 261 30.98 6.61 -4.13
CA ILE C 261 32.22 6.93 -3.42
C ILE C 261 33.35 6.00 -3.84
N ASN C 262 33.06 4.70 -3.96
CA ASN C 262 34.11 3.75 -4.31
C ASN C 262 34.63 3.97 -5.74
N ASP C 263 33.80 4.52 -6.62
CA ASP C 263 34.20 4.80 -7.99
C ASP C 263 34.65 6.23 -8.23
N MET C 264 34.66 7.08 -7.20
CA MET C 264 35.10 8.44 -7.45
C MET C 264 36.61 8.51 -7.60
N PRO C 265 37.11 9.49 -8.36
CA PRO C 265 38.58 9.64 -8.51
C PRO C 265 39.20 10.32 -7.30
N ILE C 266 39.19 9.64 -6.16
CA ILE C 266 39.68 10.20 -4.90
C ILE C 266 40.55 9.16 -4.19
N THR C 267 41.23 9.62 -3.13
CA THR C 267 42.14 8.80 -2.35
C THR C 267 41.40 7.69 -1.60
N ASN C 268 42.15 6.65 -1.22
CA ASN C 268 41.58 5.62 -0.36
C ASN C 268 41.29 6.17 1.01
N ASP C 269 42.12 7.10 1.49
CA ASP C 269 41.83 7.83 2.71
C ASP C 269 40.54 8.63 2.55
N GLN C 270 40.35 9.23 1.37
CA GLN C 270 39.17 10.06 1.15
C GLN C 270 37.91 9.19 1.10
N LYS C 271 37.99 8.08 0.35
CA LYS C 271 36.86 7.17 0.25
C LYS C 271 36.45 6.66 1.64
N LYS C 272 37.43 6.27 2.45
CA LYS C 272 37.13 5.79 3.80
C LYS C 272 36.43 6.86 4.61
N LEU C 273 36.89 8.11 4.53
CA LEU C 273 36.25 9.19 5.27
C LEU C 273 34.79 9.37 4.87
N MET C 274 34.54 9.48 3.55
CA MET C 274 33.18 9.68 3.08
C MET C 274 32.29 8.49 3.42
N SER C 275 32.84 7.28 3.34
CA SER C 275 32.01 6.09 3.49
C SER C 275 31.53 5.90 4.93
N ASN C 276 32.38 6.24 5.91
CA ASN C 276 31.96 6.06 7.30
C ASN C 276 31.12 7.21 7.82
N ASN C 277 30.94 8.28 7.05
CA ASN C 277 30.16 9.45 7.42
C ASN C 277 29.15 9.82 6.32
N VAL C 278 28.41 8.85 5.78
CA VAL C 278 27.50 9.19 4.68
C VAL C 278 26.46 10.21 5.13
N GLN C 279 26.06 10.17 6.40
CA GLN C 279 25.06 11.12 6.88
C GLN C 279 25.57 12.55 6.77
N ILE C 280 26.87 12.77 6.94
CA ILE C 280 27.42 14.10 6.74
C ILE C 280 27.57 14.40 5.25
N VAL C 281 28.01 13.40 4.47
CA VAL C 281 28.20 13.61 3.04
C VAL C 281 26.90 14.02 2.37
N ARG C 282 25.79 13.41 2.77
CA ARG C 282 24.50 13.84 2.25
C ARG C 282 24.27 15.30 2.59
N GLN C 283 24.49 15.67 3.85
CA GLN C 283 24.20 17.03 4.32
C GLN C 283 25.05 18.07 3.65
N GLN C 284 26.18 17.68 3.09
CA GLN C 284 27.00 18.64 2.37
C GLN C 284 26.80 18.52 0.87
N SER C 285 25.80 17.76 0.43
CA SER C 285 25.56 17.50 -0.98
C SER C 285 24.32 18.23 -1.49
N TYR C 286 24.31 18.45 -2.81
CA TYR C 286 23.14 18.95 -3.49
C TYR C 286 22.68 17.93 -4.52
N SER C 287 21.38 17.88 -4.73
CA SER C 287 20.81 17.14 -5.86
C SER C 287 20.09 18.14 -6.74
N ILE C 288 20.57 18.30 -7.97
CA ILE C 288 20.08 19.32 -8.89
C ILE C 288 19.37 18.61 -10.05
N MET C 289 18.05 18.77 -10.12
CA MET C 289 17.27 18.22 -11.21
C MET C 289 17.73 18.80 -12.54
N CYS C 290 17.72 17.97 -13.60
CA CYS C 290 18.36 18.36 -14.85
C CYS C 290 17.44 18.32 -16.07
N ILE C 291 17.19 17.14 -16.68
CA ILE C 291 16.38 17.00 -17.91
C ILE C 291 15.47 15.78 -17.87
N ILE C 292 14.35 15.89 -18.59
CA ILE C 292 13.53 14.73 -18.96
C ILE C 292 13.44 14.80 -20.48
N LYS C 293 14.39 14.16 -21.13
CA LYS C 293 14.62 14.22 -22.56
C LYS C 293 14.88 12.79 -22.96
N GLU C 294 14.58 12.48 -24.22
CA GLU C 294 14.58 11.10 -24.66
C GLU C 294 13.62 10.43 -23.68
N GLU C 295 13.91 9.21 -23.26
CA GLU C 295 13.05 8.50 -22.34
C GLU C 295 13.72 8.36 -20.97
N VAL C 296 14.55 9.35 -20.62
CA VAL C 296 15.37 9.31 -19.42
C VAL C 296 15.17 10.59 -18.63
N LEU C 297 15.01 10.44 -17.32
CA LEU C 297 15.12 11.49 -16.30
C LEU C 297 16.51 11.47 -15.70
N ALA C 298 17.18 12.62 -15.71
CA ALA C 298 18.51 12.73 -15.14
C ALA C 298 18.55 13.90 -14.17
N TYR C 299 19.21 13.68 -13.03
CA TYR C 299 19.54 14.77 -12.13
C TYR C 299 21.01 14.64 -11.72
N VAL C 300 21.63 15.80 -11.44
CA VAL C 300 23.02 15.85 -11.03
C VAL C 300 23.08 15.85 -9.50
N VAL C 301 23.84 14.92 -8.95
CA VAL C 301 24.10 14.88 -7.51
C VAL C 301 25.51 15.43 -7.31
N GLN C 302 25.59 16.57 -6.60
CA GLN C 302 26.81 17.33 -6.39
C GLN C 302 27.33 16.99 -5.00
N LEU C 303 28.35 16.14 -4.95
CA LEU C 303 28.92 15.63 -3.72
C LEU C 303 30.16 16.44 -3.33
N PRO C 304 30.33 16.68 -2.04
CA PRO C 304 31.52 17.39 -1.57
C PRO C 304 32.74 16.50 -1.63
N LEU C 305 33.86 17.04 -2.10
CA LEU C 305 35.12 16.31 -1.96
C LEU C 305 36.01 17.02 -0.94
N TYR C 306 36.56 16.22 -0.02
CA TYR C 306 37.29 16.72 1.13
C TYR C 306 38.78 16.66 0.80
N GLY C 307 39.32 17.79 0.35
CA GLY C 307 40.72 17.84 -0.03
C GLY C 307 41.68 18.02 1.11
N VAL C 308 41.18 18.34 2.30
CA VAL C 308 42.01 18.48 3.49
C VAL C 308 41.44 17.58 4.58
N ILE C 309 42.21 16.58 4.97
CA ILE C 309 41.78 15.57 5.92
C ILE C 309 42.87 15.39 6.95
N ASP C 310 42.47 15.23 8.20
CA ASP C 310 43.34 14.87 9.31
C ASP C 310 44.31 15.98 9.68
N THR C 311 43.99 17.27 9.35
CA THR C 311 44.90 18.23 9.97
C THR C 311 44.30 18.70 11.30
N PRO C 312 45.14 19.14 12.24
CA PRO C 312 44.65 19.54 13.56
C PRO C 312 43.73 20.76 13.50
N CYS C 313 42.67 20.71 14.30
CA CYS C 313 41.68 21.78 14.37
C CYS C 313 41.43 22.15 15.82
N TRP C 314 41.03 23.39 16.03
CA TRP C 314 40.65 23.81 17.37
C TRP C 314 39.48 24.77 17.32
N LYS C 315 38.66 24.71 18.36
CA LYS C 315 37.52 25.58 18.51
C LYS C 315 37.83 26.60 19.60
N LEU C 316 37.63 27.88 19.28
CA LEU C 316 37.81 28.98 20.21
C LEU C 316 36.45 29.43 20.69
N HIS C 317 36.25 29.37 22.00
CA HIS C 317 35.05 29.88 22.66
C HIS C 317 35.42 31.19 23.32
N THR C 318 34.59 32.23 23.17
CA THR C 318 34.87 33.49 23.83
C THR C 318 33.61 33.98 24.54
N SER C 319 33.81 34.82 25.55
CA SER C 319 32.73 35.34 26.38
C SER C 319 33.12 36.73 26.88
N PRO C 320 32.15 37.53 27.32
CA PRO C 320 32.48 38.89 27.78
C PRO C 320 33.27 38.88 29.08
N LEU C 321 34.24 39.79 29.14
CA LEU C 321 35.13 40.01 30.28
C LEU C 321 34.93 41.45 30.72
N CYS C 322 34.40 41.65 31.93
CA CYS C 322 34.09 42.98 32.41
C CYS C 322 34.74 43.25 33.77
N THR C 323 34.85 44.54 34.08
CA THR C 323 35.27 44.98 35.39
C THR C 323 34.20 44.63 36.42
N THR C 324 34.57 44.72 37.69
CA THR C 324 33.74 44.25 38.79
C THR C 324 33.52 45.43 39.73
N ASN C 325 33.33 46.60 39.15
CA ASN C 325 33.07 47.79 39.93
C ASN C 325 31.67 47.73 40.55
N THR C 326 31.52 48.43 41.67
CA THR C 326 30.24 48.43 42.37
C THR C 326 29.23 49.41 41.75
N LYS C 327 29.70 50.52 41.18
CA LYS C 327 28.82 51.48 40.51
C LYS C 327 28.24 50.87 39.24
N GLU C 328 26.91 50.98 39.08
CA GLU C 328 26.19 50.24 38.04
C GLU C 328 26.83 50.43 36.67
N GLY C 329 26.96 51.67 36.23
CA GLY C 329 27.47 51.97 34.91
C GLY C 329 28.94 52.31 34.85
N SER C 330 29.69 52.12 35.93
CA SER C 330 31.12 52.40 35.91
C SER C 330 31.91 51.25 35.32
N ASN C 331 31.24 50.27 34.74
CA ASN C 331 31.90 49.06 34.29
C ASN C 331 32.33 49.15 32.84
N ILE C 332 33.35 48.37 32.51
CA ILE C 332 33.95 48.27 31.19
C ILE C 332 33.89 46.81 30.78
N CYS C 333 33.78 46.56 29.48
CA CYS C 333 33.71 45.19 28.99
C CYS C 333 34.61 45.01 27.77
N LEU C 334 35.00 43.76 27.55
CA LEU C 334 35.93 43.40 26.50
C LEU C 334 35.74 41.93 26.14
N THR C 335 35.58 41.62 24.85
CA THR C 335 35.34 40.24 24.40
C THR C 335 36.19 39.92 23.17
N ARG C 336 36.81 38.74 23.17
CA ARG C 336 37.46 38.27 21.95
C ARG C 336 36.38 37.93 20.93
N THR C 337 36.49 38.49 19.72
CA THR C 337 35.50 38.21 18.70
C THR C 337 35.89 37.06 17.78
N ASP C 338 37.13 36.58 17.87
CA ASP C 338 37.62 35.62 16.89
C ASP C 338 37.11 34.22 17.18
N ARG C 339 35.94 34.12 17.81
CA ARG C 339 35.35 32.83 18.14
C ARG C 339 35.05 32.05 16.88
N GLY C 340 35.10 30.72 16.97
CA GLY C 340 34.81 29.84 15.88
C GLY C 340 35.81 28.71 15.79
N TRP C 341 35.82 28.04 14.64
CA TRP C 341 36.68 26.90 14.35
C TRP C 341 37.93 27.33 13.59
N TYR C 342 39.06 26.65 13.88
CA TYR C 342 40.33 26.89 13.21
C TYR C 342 40.94 25.55 12.83
N CYS C 343 41.32 25.39 11.57
CA CYS C 343 41.99 24.17 11.12
C CYS C 343 43.26 24.55 10.38
N ASP C 344 44.34 23.83 10.66
CA ASP C 344 45.54 23.95 9.84
C ASP C 344 45.23 23.48 8.43
N ASN C 345 45.72 24.24 7.45
CA ASN C 345 45.36 23.99 6.05
C ASN C 345 46.41 24.62 5.15
N ALA C 346 47.25 23.79 4.54
CA ALA C 346 48.22 24.24 3.53
C ALA C 346 49.10 25.38 4.04
N GLY C 347 49.64 25.20 5.24
CA GLY C 347 50.58 26.18 5.79
C GLY C 347 49.93 27.41 6.41
N SER C 348 48.64 27.59 6.22
CA SER C 348 47.88 28.66 6.85
C SER C 348 46.84 28.03 7.77
N VAL C 349 45.92 28.86 8.26
CA VAL C 349 44.86 28.41 9.14
C VAL C 349 43.54 28.88 8.56
N SER C 350 42.64 27.95 8.30
CA SER C 350 41.30 28.29 7.85
C SER C 350 40.42 28.61 9.06
N PHE C 351 39.80 29.78 9.04
CA PHE C 351 39.00 30.25 10.15
C PHE C 351 37.53 30.25 9.74
N PHE C 352 36.69 29.59 10.51
CA PHE C 352 35.27 29.51 10.25
C PHE C 352 34.52 30.27 11.33
N PRO C 353 34.10 31.50 11.09
CA PRO C 353 33.51 32.31 12.17
C PRO C 353 32.18 31.77 12.68
N GLN C 354 31.24 31.52 11.81
CA GLN C 354 30.00 30.87 12.21
C GLN C 354 30.31 29.41 12.51
N ALA C 355 30.44 29.05 13.79
CA ALA C 355 30.80 27.68 14.15
C ALA C 355 29.64 26.70 13.96
N GLU C 356 28.41 27.21 13.79
CA GLU C 356 27.23 26.38 13.54
C GLU C 356 27.21 25.78 12.14
N THR C 357 28.01 26.29 11.21
CA THR C 357 28.09 25.68 9.89
C THR C 357 29.02 24.49 9.85
N CYS C 358 29.70 24.19 10.96
CA CYS C 358 30.56 23.01 11.05
C CYS C 358 29.85 21.90 11.83
N LYS C 359 30.01 20.67 11.38
CA LYS C 359 29.43 19.52 12.04
C LYS C 359 30.55 18.68 12.63
N VAL C 360 30.42 18.34 13.91
CA VAL C 360 31.39 17.54 14.63
C VAL C 360 30.84 16.13 14.82
N GLN C 361 31.54 15.13 14.29
CA GLN C 361 31.23 13.73 14.56
C GLN C 361 32.39 13.16 15.36
N SER C 362 32.12 12.86 16.62
CA SER C 362 33.11 12.39 17.58
C SER C 362 34.23 13.43 17.76
N ASN C 363 35.35 13.24 17.08
CA ASN C 363 36.46 14.18 17.18
C ASN C 363 36.82 14.77 15.84
N ARG C 364 36.02 14.53 14.81
CA ARG C 364 36.29 15.07 13.49
C ARG C 364 35.34 16.22 13.19
N VAL C 365 35.89 17.30 12.63
CA VAL C 365 35.15 18.50 12.31
C VAL C 365 35.01 18.60 10.80
N PHE C 366 33.78 18.56 10.31
CA PHE C 366 33.48 18.78 8.90
C PHE C 366 33.12 20.25 8.71
N CYS C 367 33.96 21.01 8.01
CA CYS C 367 33.67 22.40 7.68
C CYS C 367 33.74 22.61 6.17
N ASP C 368 33.29 23.79 5.72
CA ASP C 368 33.23 24.14 4.30
C ASP C 368 34.05 25.39 4.06
N THR C 369 35.09 25.29 3.21
CA THR C 369 36.03 26.40 3.06
C THR C 369 35.41 27.65 2.47
N MET C 370 34.26 27.54 1.80
CA MET C 370 33.61 28.73 1.27
C MET C 370 33.13 29.66 2.39
N ASN C 371 32.96 29.15 3.61
CA ASN C 371 32.64 29.97 4.76
C ASN C 371 33.85 30.30 5.62
N SER C 372 35.05 30.36 5.04
CA SER C 372 36.25 30.58 5.83
C SER C 372 37.07 31.76 5.33
N LEU C 373 37.84 32.33 6.26
CA LEU C 373 38.92 33.25 5.96
C LEU C 373 40.25 32.52 6.13
N THR C 374 41.22 32.90 5.31
CA THR C 374 42.55 32.30 5.32
C THR C 374 43.49 33.24 6.05
N LEU C 375 43.99 32.79 7.21
CA LEU C 375 44.75 33.52 8.20
C LEU C 375 46.14 32.93 8.38
N PRO C 376 47.10 33.76 8.79
CA PRO C 376 48.46 33.26 9.10
C PRO C 376 48.48 32.37 10.33
N SER C 377 49.46 31.46 10.37
CA SER C 377 49.52 30.50 11.46
C SER C 377 49.60 31.20 12.81
N GLU C 378 50.07 32.45 12.82
CA GLU C 378 50.25 33.27 14.00
C GLU C 378 48.95 33.69 14.65
N VAL C 379 47.80 33.34 14.07
CA VAL C 379 46.53 33.61 14.74
C VAL C 379 46.47 32.84 16.06
N ASN C 380 47.14 31.70 16.14
CA ASN C 380 47.12 30.90 17.36
C ASN C 380 47.76 31.63 18.52
N LEU C 381 48.58 32.66 18.24
CA LEU C 381 49.26 33.39 19.30
C LEU C 381 48.27 34.16 20.16
N CYS C 382 47.11 34.49 19.61
CA CYS C 382 46.08 35.15 20.39
C CYS C 382 45.64 34.30 21.57
N ASN C 383 45.92 33.00 21.55
CA ASN C 383 45.55 32.17 22.67
C ASN C 383 46.61 32.14 23.76
N VAL C 384 47.88 32.35 23.41
CA VAL C 384 48.93 32.32 24.41
C VAL C 384 49.26 33.71 24.96
N ASP C 385 49.09 34.76 24.16
CA ASP C 385 49.42 36.11 24.62
C ASP C 385 48.66 37.10 23.75
N ILE C 386 47.55 37.61 24.28
CA ILE C 386 46.70 38.47 23.46
C ILE C 386 47.40 39.77 23.07
N PHE C 387 48.46 40.18 23.78
CA PHE C 387 49.21 41.38 23.42
C PHE C 387 50.49 41.09 22.64
N ASN C 388 50.64 39.87 22.13
CA ASN C 388 51.82 39.53 21.34
C ASN C 388 51.93 40.47 20.15
N PRO C 389 53.16 40.76 19.70
CA PRO C 389 53.33 41.74 18.61
C PRO C 389 53.14 41.18 17.20
N LYS C 390 52.98 39.87 17.04
CA LYS C 390 53.02 39.27 15.71
C LYS C 390 51.66 39.19 15.04
N TYR C 391 50.57 39.20 15.79
CA TYR C 391 49.24 39.21 15.21
C TYR C 391 48.33 40.10 16.06
N ASP C 392 47.56 40.96 15.40
CA ASP C 392 46.69 41.92 16.06
C ASP C 392 45.38 41.22 16.40
N CYS C 393 45.23 40.80 17.65
CA CYS C 393 44.10 39.99 18.04
C CYS C 393 42.81 40.82 18.05
N LYS C 394 41.72 40.24 17.54
CA LYS C 394 40.49 40.98 17.40
C LYS C 394 39.62 40.89 18.66
N ILE C 395 39.07 42.04 19.03
CA ILE C 395 38.22 42.19 20.21
C ILE C 395 37.16 43.25 19.90
N MET C 396 36.09 43.23 20.68
CA MET C 396 35.10 44.29 20.69
C MET C 396 34.99 44.81 22.11
N THR C 397 34.57 46.07 22.25
CA THR C 397 34.48 46.71 23.56
C THR C 397 33.07 47.21 23.78
N SER C 398 32.64 47.22 25.04
CA SER C 398 31.29 47.66 25.34
C SER C 398 31.26 48.18 26.76
N LYS C 399 30.11 48.74 27.14
CA LYS C 399 29.82 49.17 28.50
C LYS C 399 28.64 48.38 29.04
N THR C 400 28.32 47.27 28.38
CA THR C 400 27.12 46.47 28.65
C THR C 400 27.52 45.22 29.44
N ASP C 401 27.42 45.30 30.76
CA ASP C 401 27.86 44.21 31.65
C ASP C 401 26.69 43.28 31.98
N VAL C 402 26.29 42.46 31.00
CA VAL C 402 25.21 41.51 31.20
C VAL C 402 25.79 40.10 31.37
N SER C 403 25.13 39.32 32.22
CA SER C 403 25.60 38.00 32.61
C SER C 403 25.16 36.96 31.58
N SER C 404 26.03 35.98 31.33
CA SER C 404 25.76 34.93 30.35
C SER C 404 26.69 33.76 30.62
N SER C 405 26.47 32.68 29.88
CA SER C 405 27.37 31.52 29.93
C SER C 405 27.58 30.96 28.54
N VAL C 406 28.79 30.49 28.30
CA VAL C 406 29.17 29.84 27.05
C VAL C 406 29.57 28.41 27.37
N ILE C 407 28.82 27.45 26.85
CA ILE C 407 29.18 26.05 27.07
C ILE C 407 30.31 25.72 26.11
N THR C 408 31.41 25.20 26.63
CA THR C 408 32.53 24.81 25.80
C THR C 408 32.51 23.30 25.57
N SER C 409 33.55 22.82 24.89
CA SER C 409 33.64 21.40 24.60
C SER C 409 33.78 20.59 25.88
N LEU C 410 34.52 21.12 26.86
CA LEU C 410 34.79 20.39 28.09
C LEU C 410 34.37 21.14 29.34
N GLY C 411 33.65 22.23 29.23
CA GLY C 411 33.21 22.91 30.42
C GLY C 411 32.27 24.05 30.18
N ALA C 412 32.32 25.07 31.03
CA ALA C 412 31.43 26.20 30.91
C ALA C 412 32.18 27.45 31.33
N ILE C 413 32.21 28.44 30.44
CA ILE C 413 32.65 29.77 30.79
C ILE C 413 31.43 30.52 31.32
N VAL C 414 31.60 31.22 32.44
CA VAL C 414 30.51 31.95 33.06
C VAL C 414 30.93 33.40 33.21
N SER C 415 30.20 34.28 32.57
CA SER C 415 30.34 35.73 32.78
C SER C 415 29.24 36.16 33.74
N CYS C 416 29.61 36.37 35.00
CA CYS C 416 28.66 36.70 36.04
C CYS C 416 28.91 38.13 36.50
N TYR C 417 27.93 39.01 36.30
CA TYR C 417 28.06 40.41 36.68
C TYR C 417 26.77 40.88 37.33
N GLY C 418 26.88 41.98 38.10
CA GLY C 418 25.74 42.53 38.81
C GLY C 418 25.23 41.58 39.89
N LYS C 419 23.91 41.56 40.09
CA LYS C 419 23.31 40.76 41.14
C LYS C 419 22.81 39.42 40.65
N THR C 420 23.25 38.99 39.47
CA THR C 420 22.81 37.73 38.92
C THR C 420 23.42 36.57 39.69
N LYS C 421 22.61 35.55 39.98
CA LYS C 421 23.08 34.36 40.67
C LYS C 421 23.60 33.34 39.67
N CYS C 422 24.87 32.96 39.81
CA CYS C 422 25.53 32.04 38.89
C CYS C 422 26.10 30.89 39.70
N THR C 423 25.69 29.67 39.40
CA THR C 423 26.14 28.49 40.12
C THR C 423 26.39 27.32 39.18
N ALA C 424 27.13 26.33 39.67
CA ALA C 424 27.35 25.07 38.97
C ALA C 424 26.89 23.91 39.84
N SER C 425 26.21 22.93 39.25
CA SER C 425 25.56 21.88 40.02
C SER C 425 25.96 20.48 39.58
N ASN C 426 25.80 19.54 40.50
CA ASN C 426 26.00 18.12 40.30
C ASN C 426 24.63 17.44 40.37
N LYS C 427 24.49 16.31 39.68
CA LYS C 427 23.19 15.61 39.73
C LYS C 427 22.93 15.00 41.10
N ASN C 428 23.99 14.67 41.84
CA ASN C 428 23.91 14.00 43.13
C ASN C 428 24.04 14.92 44.33
N ARG C 429 24.37 16.19 44.12
CA ARG C 429 24.73 17.04 45.24
C ARG C 429 24.10 18.43 45.21
N GLY C 430 23.47 18.82 44.11
CA GLY C 430 22.94 20.16 44.02
C GLY C 430 24.03 21.17 43.67
N ILE C 431 23.88 22.37 44.20
CA ILE C 431 24.79 23.46 43.93
C ILE C 431 26.14 23.14 44.56
N ILE C 432 27.19 23.14 43.75
CA ILE C 432 28.53 22.90 44.27
C ILE C 432 29.48 24.07 44.08
N LYS C 433 29.14 25.05 43.26
CA LYS C 433 29.97 26.24 43.16
C LYS C 433 29.07 27.45 42.93
N THR C 434 29.36 28.55 43.63
CA THR C 434 28.74 29.85 43.35
C THR C 434 29.83 30.76 42.79
N PHE C 435 29.56 31.36 41.64
CA PHE C 435 30.56 32.17 40.95
C PHE C 435 30.63 33.56 41.55
N SER C 436 31.85 34.08 41.64
CA SER C 436 31.99 35.48 41.98
C SER C 436 31.98 36.30 40.70
N ASN C 437 31.82 37.60 40.86
CA ASN C 437 31.76 38.47 39.69
C ASN C 437 33.10 38.48 38.98
N GLY C 438 33.04 38.48 37.65
CA GLY C 438 34.17 38.28 36.77
C GLY C 438 33.92 37.07 35.89
N CYS C 439 34.89 36.77 35.06
CA CYS C 439 34.78 35.64 34.15
C CYS C 439 35.52 34.47 34.76
N ASP C 440 34.81 33.37 34.98
CA ASP C 440 35.34 32.18 35.61
C ASP C 440 34.96 30.98 34.74
N TYR C 441 35.44 29.81 35.13
CA TYR C 441 35.31 28.63 34.29
C TYR C 441 35.17 27.41 35.18
N VAL C 442 34.46 26.42 34.64
CA VAL C 442 34.19 25.16 35.33
C VAL C 442 34.35 24.02 34.35
N SER C 443 35.00 22.96 34.80
CA SER C 443 35.12 21.77 33.98
C SER C 443 33.90 20.88 34.12
N ASN C 444 33.73 20.01 33.13
CA ASN C 444 32.61 19.09 33.05
C ASN C 444 32.78 17.87 33.94
N LYS C 445 33.84 17.82 34.76
CA LYS C 445 34.09 16.66 35.61
C LYS C 445 33.04 16.56 36.71
N GLY C 446 33.11 17.47 37.67
CA GLY C 446 32.15 17.38 38.75
C GLY C 446 30.83 18.05 38.49
N VAL C 447 30.70 18.72 37.35
CA VAL C 447 29.56 19.57 37.06
C VAL C 447 28.72 18.96 35.95
N ASP C 448 27.40 19.02 36.14
CA ASP C 448 26.42 18.58 35.16
C ASP C 448 25.64 19.74 34.57
N THR C 449 25.34 20.77 35.36
CA THR C 449 24.60 21.93 34.91
C THR C 449 25.31 23.19 35.39
N VAL C 450 24.97 24.31 34.76
CA VAL C 450 25.42 25.63 35.16
C VAL C 450 24.21 26.53 35.06
N SER C 451 23.99 27.38 36.05
CA SER C 451 22.80 28.22 36.07
C SER C 451 23.23 29.67 36.16
N VAL C 452 22.85 30.47 35.16
CA VAL C 452 23.14 31.90 35.16
C VAL C 452 21.83 32.65 35.08
N GLY C 453 21.43 33.28 36.19
CA GLY C 453 20.12 33.92 36.20
C GLY C 453 19.04 32.87 36.06
N ASN C 454 18.05 33.18 35.23
CA ASN C 454 16.95 32.25 35.05
C ASN C 454 17.25 31.23 33.96
N THR C 455 18.51 31.10 33.58
CA THR C 455 18.95 30.25 32.48
C THR C 455 19.72 29.06 33.04
N LEU C 456 19.21 27.85 32.80
CA LEU C 456 19.91 26.62 33.14
C LEU C 456 20.61 26.07 31.90
N TYR C 457 21.93 25.86 32.01
CA TYR C 457 22.72 25.25 30.96
C TYR C 457 23.11 23.83 31.37
N TYR C 458 22.98 22.88 30.44
CA TYR C 458 23.60 21.57 30.58
C TYR C 458 24.98 21.58 29.95
N VAL C 459 25.92 20.91 30.59
CA VAL C 459 27.30 20.88 30.12
C VAL C 459 27.54 19.62 29.32
N ASN C 460 28.41 19.74 28.29
CA ASN C 460 28.82 18.58 27.53
C ASN C 460 29.53 17.59 28.45
N LYS C 461 29.20 16.32 28.31
CA LYS C 461 29.80 15.28 29.13
C LYS C 461 30.85 14.47 28.37
N GLN C 462 31.44 15.04 27.34
CA GLN C 462 32.55 14.38 26.66
C GLN C 462 33.76 14.32 27.58
N GLU C 463 34.47 13.21 27.55
CA GLU C 463 35.59 13.00 28.44
C GLU C 463 36.84 13.68 27.88
N GLY C 464 37.67 14.22 28.76
CA GLY C 464 38.87 14.90 28.36
C GLY C 464 39.35 15.85 29.43
N LYS C 465 40.65 16.13 29.40
CA LYS C 465 41.26 16.98 30.41
C LYS C 465 41.13 18.46 30.06
N SER C 466 40.83 19.26 31.09
CA SER C 466 40.78 20.71 31.03
C SER C 466 41.95 21.29 31.81
N LEU C 467 42.47 22.42 31.34
CA LEU C 467 43.55 23.10 32.05
C LEU C 467 43.10 24.53 32.28
N TYR C 468 43.08 24.96 33.53
CA TYR C 468 42.67 26.32 33.87
C TYR C 468 43.92 27.16 33.91
N VAL C 469 44.09 28.04 32.92
CA VAL C 469 45.25 28.91 32.87
C VAL C 469 44.92 30.19 33.63
N LYS C 470 45.49 30.30 34.82
CA LYS C 470 45.31 31.45 35.69
C LYS C 470 45.87 32.68 35.02
N GLY C 471 45.22 33.81 35.23
CA GLY C 471 45.73 35.01 34.62
C GLY C 471 44.95 36.22 35.06
N GLU C 472 45.60 37.35 35.07
CA GLU C 472 44.93 38.58 35.46
C GLU C 472 44.03 39.06 34.34
N PRO C 473 42.75 39.31 34.61
CA PRO C 473 41.84 39.76 33.55
C PRO C 473 42.37 40.98 32.83
N ILE C 474 42.41 40.90 31.50
CA ILE C 474 43.09 41.89 30.68
C ILE C 474 42.41 43.24 30.80
N ILE C 475 41.13 43.23 31.18
CA ILE C 475 40.36 44.46 31.25
C ILE C 475 40.85 45.38 32.36
N ASN C 476 41.59 44.85 33.32
CA ASN C 476 42.07 45.70 34.39
C ASN C 476 43.15 46.65 33.92
N PHE C 477 43.83 46.33 32.81
CA PHE C 477 44.98 47.14 32.39
C PHE C 477 44.54 48.39 31.66
N TYR C 478 43.24 48.65 31.56
CA TYR C 478 42.73 49.80 30.84
C TYR C 478 42.18 50.82 31.82
N ASP C 479 42.41 52.09 31.52
CA ASP C 479 41.84 53.16 32.31
C ASP C 479 40.45 53.50 31.80
N PRO C 480 39.42 53.39 32.62
CA PRO C 480 38.05 53.65 32.14
C PRO C 480 37.84 55.07 31.62
N LEU C 481 38.75 55.99 31.92
CA LEU C 481 38.57 57.38 31.51
C LEU C 481 38.86 57.62 30.03
N VAL C 482 39.66 56.76 29.39
CA VAL C 482 40.07 56.94 28.00
C VAL C 482 39.66 55.73 27.15
N PHE C 483 38.86 54.83 27.70
CA PHE C 483 38.50 53.59 27.04
C PHE C 483 37.43 53.81 25.98
N PRO C 484 37.66 53.41 24.70
CA PRO C 484 36.63 53.54 23.65
C PRO C 484 35.63 52.40 23.75
N SER C 485 34.40 52.71 24.16
CA SER C 485 33.41 51.70 24.47
C SER C 485 32.34 51.55 23.39
N ASP C 486 32.70 51.79 22.13
CA ASP C 486 31.76 51.61 21.04
C ASP C 486 32.40 50.92 19.84
N GLU C 487 33.44 50.12 20.07
CA GLU C 487 34.17 49.49 18.97
C GLU C 487 33.68 48.07 18.79
N PHE C 488 33.11 47.78 17.61
CA PHE C 488 32.68 46.42 17.31
C PHE C 488 33.69 45.65 16.46
N ASP C 489 34.36 46.30 15.52
CA ASP C 489 35.33 45.64 14.66
C ASP C 489 36.67 46.30 14.89
N ALA C 490 37.20 46.12 16.10
CA ALA C 490 38.49 46.67 16.48
C ALA C 490 39.47 45.56 16.80
N SER C 491 40.57 45.91 17.45
CA SER C 491 41.66 44.99 17.70
C SER C 491 42.52 45.53 18.84
N ILE C 492 43.49 44.71 19.26
CA ILE C 492 44.40 45.17 20.31
C ILE C 492 45.06 46.47 19.90
N SER C 493 45.70 46.50 18.73
CA SER C 493 46.43 47.69 18.36
C SER C 493 45.50 48.85 18.00
N GLN C 494 44.29 48.56 17.49
CA GLN C 494 43.37 49.65 17.19
C GLN C 494 42.89 50.34 18.45
N VAL C 495 42.56 49.57 19.49
CA VAL C 495 42.12 50.19 20.73
C VAL C 495 43.28 50.94 21.39
N ASN C 496 44.48 50.38 21.27
CA ASN C 496 45.69 51.04 21.76
C ASN C 496 45.85 52.41 21.11
N GLU C 497 45.81 52.45 19.77
CA GLU C 497 46.03 53.69 19.03
C GLU C 497 44.90 54.68 19.27
N LYS C 498 43.70 54.19 19.63
CA LYS C 498 42.61 55.11 19.94
C LYS C 498 42.70 55.67 21.35
N ILE C 499 43.24 54.88 22.29
CA ILE C 499 43.55 55.43 23.61
C ILE C 499 44.71 56.40 23.55
N ASN C 500 45.79 56.02 22.85
CA ASN C 500 46.95 56.89 22.73
C ASN C 500 46.59 58.22 22.09
N GLN C 501 45.74 58.21 21.07
CA GLN C 501 45.32 59.45 20.43
C GLN C 501 44.37 60.25 21.31
N SER C 502 43.56 59.56 22.12
CA SER C 502 42.67 60.25 23.05
C SER C 502 43.42 60.69 24.31
N LEU C 503 44.51 59.99 24.66
CA LEU C 503 45.34 60.39 25.79
C LEU C 503 46.29 61.53 25.41
N ALA C 504 46.77 61.58 24.16
CA ALA C 504 47.59 62.70 23.72
C ALA C 504 46.75 63.95 23.53
N PHE C 505 45.50 63.80 23.10
CA PHE C 505 44.58 64.92 23.04
C PHE C 505 44.34 65.52 24.41
N ILE C 506 44.36 64.70 25.46
CA ILE C 506 44.16 65.19 26.81
C ILE C 506 45.46 65.70 27.43
N ARG C 507 46.62 65.19 27.02
CA ARG C 507 47.89 65.68 27.53
C ARG C 507 48.28 67.03 26.94
N LYS C 508 48.08 67.21 25.62
CA LYS C 508 48.47 68.45 24.97
C LYS C 508 47.58 69.61 25.41
N SER C 509 46.34 69.33 25.79
CA SER C 509 45.46 70.38 26.28
C SER C 509 45.85 70.88 27.67
N ASP C 510 46.37 69.99 28.54
CA ASP C 510 46.77 70.43 29.88
C ASP C 510 48.06 71.23 29.83
N GLU C 511 48.98 70.87 28.93
CA GLU C 511 50.19 71.66 28.73
C GLU C 511 49.88 73.07 28.27
N LEU C 512 48.73 73.28 27.64
CA LEU C 512 48.29 74.62 27.27
C LEU C 512 48.21 75.55 28.48
N LEU C 513 48.08 75.01 29.69
CA LEU C 513 48.08 75.84 30.90
C LEU C 513 49.40 75.72 31.65
N VAL D 2 9.04 -35.70 4.06
CA VAL D 2 10.13 -36.30 4.83
C VAL D 2 9.55 -37.11 5.99
N GLN D 3 10.06 -38.31 6.19
CA GLN D 3 9.59 -39.20 7.24
C GLN D 3 10.63 -39.27 8.35
N LEU D 4 10.17 -39.18 9.60
CA LEU D 4 11.03 -39.32 10.76
C LEU D 4 10.83 -40.69 11.38
N VAL D 5 11.91 -41.47 11.50
CA VAL D 5 11.86 -42.84 12.00
C VAL D 5 12.73 -42.96 13.24
N GLN D 6 12.08 -43.23 14.38
CA GLN D 6 12.72 -43.30 15.69
C GLN D 6 13.11 -44.74 16.03
N SER D 7 13.96 -44.86 17.06
CA SER D 7 14.45 -46.14 17.53
C SER D 7 13.35 -46.98 18.16
N GLY D 8 13.70 -48.24 18.45
CA GLY D 8 12.74 -49.21 18.92
C GLY D 8 12.36 -49.02 20.38
N ALA D 9 11.21 -49.60 20.73
CA ALA D 9 10.78 -49.64 22.11
C ALA D 9 11.73 -50.49 22.94
N GLU D 10 11.87 -50.10 24.21
CA GLU D 10 12.71 -50.88 25.11
C GLU D 10 12.30 -50.58 26.54
N VAL D 11 12.69 -51.48 27.43
CA VAL D 11 12.51 -51.34 28.86
C VAL D 11 13.85 -50.96 29.48
N LYS D 12 13.82 -50.01 30.41
CA LYS D 12 15.03 -49.53 31.08
C LYS D 12 14.87 -49.65 32.60
N LYS D 13 15.91 -50.09 33.27
CA LYS D 13 15.85 -50.20 34.71
C LYS D 13 15.87 -48.82 35.35
N PRO D 14 15.21 -48.65 36.50
CA PRO D 14 15.25 -47.35 37.18
C PRO D 14 16.68 -46.98 37.52
N GLY D 15 17.01 -45.70 37.29
CA GLY D 15 18.30 -45.18 37.64
C GLY D 15 19.30 -45.14 36.49
N SER D 16 19.07 -45.91 35.43
CA SER D 16 19.95 -45.88 34.28
C SER D 16 19.52 -44.76 33.34
N SER D 17 20.14 -44.68 32.16
CA SER D 17 19.82 -43.65 31.18
C SER D 17 19.47 -44.30 29.85
N VAL D 18 18.71 -43.56 29.03
CA VAL D 18 18.22 -44.04 27.75
C VAL D 18 18.57 -43.02 26.67
N MET D 19 18.90 -43.51 25.49
CA MET D 19 19.06 -42.66 24.32
C MET D 19 18.07 -43.09 23.24
N VAL D 20 17.23 -42.15 22.81
CA VAL D 20 16.29 -42.35 21.72
C VAL D 20 16.87 -41.64 20.50
N SER D 21 16.85 -42.32 19.37
CA SER D 21 17.39 -41.77 18.13
C SER D 21 16.24 -41.42 17.19
N CYS D 22 16.54 -40.56 16.23
CA CYS D 22 15.52 -40.15 15.27
C CYS D 22 16.20 -39.89 13.93
N GLN D 23 15.89 -40.72 12.94
CA GLN D 23 16.54 -40.67 11.63
C GLN D 23 15.64 -39.92 10.65
N ALA D 24 16.14 -38.81 10.12
CA ALA D 24 15.43 -38.03 9.11
C ALA D 24 15.80 -38.51 7.71
N SER D 25 14.79 -38.89 6.93
CA SER D 25 14.98 -39.44 5.60
C SER D 25 14.42 -38.47 4.58
N GLY D 26 15.25 -38.00 3.66
CA GLY D 26 14.82 -37.08 2.64
C GLY D 26 15.28 -35.65 2.79
N GLY D 27 16.05 -35.33 3.84
CA GLY D 27 16.58 -33.99 3.98
C GLY D 27 17.71 -33.97 4.99
N LEU D 28 18.35 -32.80 5.09
CA LEU D 28 19.41 -32.60 6.06
C LEU D 28 18.84 -32.07 7.37
N LEU D 29 19.59 -32.27 8.44
CA LEU D 29 19.16 -31.74 9.73
C LEU D 29 19.38 -30.25 9.84
N GLU D 30 20.24 -29.66 9.00
CA GLU D 30 20.44 -28.22 9.03
C GLU D 30 19.15 -27.46 8.74
N ASP D 31 18.19 -28.09 8.08
CA ASP D 31 16.98 -27.46 7.61
C ASP D 31 15.84 -27.48 8.64
N TYR D 32 16.10 -27.89 9.88
CA TYR D 32 15.01 -28.08 10.82
C TYR D 32 15.36 -27.57 12.22
N ILE D 33 14.30 -27.36 13.00
CA ILE D 33 14.31 -27.44 14.46
C ILE D 33 13.88 -28.85 14.84
N ILE D 34 14.70 -29.55 15.61
CA ILE D 34 14.37 -30.92 16.04
C ILE D 34 14.02 -30.88 17.52
N ASN D 35 12.76 -31.16 17.83
CA ASN D 35 12.24 -31.14 19.18
C ASN D 35 12.02 -32.56 19.66
N TRP D 36 11.99 -32.73 20.98
CA TRP D 36 11.60 -33.98 21.61
C TRP D 36 10.43 -33.73 22.53
N VAL D 37 9.37 -34.52 22.34
CA VAL D 37 8.10 -34.37 23.06
C VAL D 37 7.73 -35.72 23.61
N ARG D 38 7.41 -35.79 24.91
CA ARG D 38 7.01 -37.06 25.51
C ARG D 38 5.53 -37.03 25.88
N GLN D 39 4.97 -38.22 26.11
CA GLN D 39 3.58 -38.37 26.52
C GLN D 39 3.46 -39.59 27.43
N ALA D 40 3.17 -39.37 28.72
CA ALA D 40 2.95 -40.43 29.68
C ALA D 40 1.53 -40.98 29.56
N PRO D 41 1.28 -42.19 30.07
CA PRO D 41 -0.07 -42.77 29.98
C PRO D 41 -1.11 -41.87 30.64
N GLY D 42 -2.20 -41.62 29.92
CA GLY D 42 -3.28 -40.83 30.49
C GLY D 42 -2.99 -39.35 30.59
N GLN D 43 -1.91 -38.88 29.98
CA GLN D 43 -1.51 -37.47 30.02
C GLN D 43 -1.42 -36.90 28.62
N GLY D 44 -1.35 -35.58 28.56
CA GLY D 44 -1.06 -34.89 27.33
C GLY D 44 0.41 -34.98 26.97
N PRO D 45 0.77 -34.39 25.83
CA PRO D 45 2.19 -34.28 25.47
C PRO D 45 2.88 -33.20 26.29
N GLU D 46 4.20 -33.35 26.40
CA GLU D 46 5.04 -32.40 27.14
C GLU D 46 6.30 -32.14 26.32
N TRP D 47 6.62 -30.85 26.10
CA TRP D 47 7.82 -30.49 25.34
C TRP D 47 9.05 -30.62 26.23
N MET D 48 10.01 -31.42 25.77
CA MET D 48 11.23 -31.66 26.54
C MET D 48 12.37 -30.76 26.10
N GLY D 49 12.51 -30.50 24.82
CA GLY D 49 13.58 -29.64 24.36
C GLY D 49 13.68 -29.68 22.85
N GLY D 50 14.59 -28.85 22.32
CA GLY D 50 14.81 -28.79 20.89
C GLY D 50 16.16 -28.21 20.56
N ILE D 51 16.68 -28.59 19.41
CA ILE D 51 17.98 -28.14 18.94
C ILE D 51 17.79 -27.52 17.55
N ILE D 52 18.47 -26.40 17.32
CA ILE D 52 18.38 -25.70 16.05
C ILE D 52 19.77 -25.68 15.42
N PRO D 53 20.17 -26.75 14.75
CA PRO D 53 21.57 -26.87 14.31
C PRO D 53 22.05 -25.75 13.39
N VAL D 54 21.18 -25.14 12.59
CA VAL D 54 21.62 -24.06 11.72
C VAL D 54 22.08 -22.87 12.55
N LEU D 55 21.60 -22.75 13.79
CA LEU D 55 22.02 -21.71 14.72
C LEU D 55 23.04 -22.17 15.74
N GLY D 56 23.29 -23.47 15.85
CA GLY D 56 24.12 -23.97 16.93
C GLY D 56 23.49 -23.72 18.30
N THR D 57 22.19 -23.94 18.41
CA THR D 57 21.43 -23.63 19.61
C THR D 57 20.70 -24.87 20.10
N VAL D 58 20.68 -25.07 21.42
CA VAL D 58 19.88 -26.11 22.05
C VAL D 58 19.02 -25.49 23.13
N HIS D 59 17.78 -25.96 23.26
CA HIS D 59 16.86 -25.46 24.26
C HIS D 59 16.20 -26.63 24.99
N TYR D 60 16.16 -26.55 26.31
CA TYR D 60 15.56 -27.58 27.16
C TYR D 60 14.52 -26.97 28.08
N GLY D 61 13.48 -27.75 28.36
CA GLY D 61 12.48 -27.38 29.34
C GLY D 61 13.04 -27.40 30.75
N PRO D 62 12.47 -26.58 31.64
CA PRO D 62 13.03 -26.49 33.00
C PRO D 62 13.04 -27.80 33.76
N LYS D 63 11.99 -28.62 33.60
CA LYS D 63 11.87 -29.88 34.32
C LYS D 63 12.93 -30.90 33.90
N PHE D 64 13.48 -30.76 32.70
CA PHE D 64 14.38 -31.75 32.13
C PHE D 64 15.81 -31.31 32.03
N GLN D 65 16.08 -30.01 32.15
CA GLN D 65 17.42 -29.50 31.94
C GLN D 65 18.38 -30.10 32.96
N GLY D 66 19.58 -30.43 32.50
CA GLY D 66 20.59 -31.05 33.32
C GLY D 66 20.48 -32.55 33.41
N ARG D 67 19.39 -33.14 32.92
CA ARG D 67 19.30 -34.59 32.78
C ARG D 67 18.73 -35.00 31.43
N VAL D 68 18.64 -34.07 30.47
CA VAL D 68 18.31 -34.38 29.09
C VAL D 68 19.41 -33.77 28.22
N THR D 69 19.87 -34.54 27.24
CA THR D 69 20.84 -34.07 26.26
C THR D 69 20.33 -34.39 24.86
N ILE D 70 20.23 -33.36 24.02
CA ILE D 70 19.76 -33.50 22.65
C ILE D 70 20.93 -33.22 21.71
N THR D 71 21.19 -34.15 20.80
CA THR D 71 22.28 -34.01 19.85
C THR D 71 21.77 -34.30 18.44
N ALA D 72 22.47 -33.72 17.45
CA ALA D 72 22.11 -33.86 16.04
C ALA D 72 23.36 -34.25 15.25
N ASP D 73 23.44 -35.51 14.85
CA ASP D 73 24.60 -36.06 14.14
C ASP D 73 24.47 -35.73 12.66
N GLU D 74 25.17 -34.69 12.21
CA GLU D 74 25.04 -34.31 10.80
C GLU D 74 25.78 -35.23 9.84
N SER D 75 26.67 -36.09 10.32
CA SER D 75 27.31 -37.01 9.40
C SER D 75 26.38 -38.15 8.99
N THR D 76 25.34 -38.41 9.80
CA THR D 76 24.37 -39.44 9.51
C THR D 76 22.94 -38.93 9.56
N ASP D 77 22.74 -37.63 9.77
CA ASP D 77 21.40 -37.02 9.79
C ASP D 77 20.47 -37.68 10.80
N THR D 78 21.00 -38.02 11.96
CA THR D 78 20.23 -38.62 13.04
C THR D 78 20.21 -37.68 14.23
N ALA D 79 19.03 -37.47 14.79
CA ALA D 79 18.88 -36.75 16.05
C ALA D 79 18.82 -37.75 17.21
N TYR D 80 19.35 -37.34 18.37
CA TYR D 80 19.38 -38.18 19.54
C TYR D 80 18.86 -37.41 20.75
N MET D 81 18.34 -38.16 21.72
CA MET D 81 17.87 -37.57 22.97
C MET D 81 18.32 -38.49 24.10
N GLU D 82 19.18 -37.97 24.98
CA GLU D 82 19.62 -38.69 26.16
C GLU D 82 18.82 -38.22 27.37
N LEU D 83 18.34 -39.18 28.17
CA LEU D 83 17.61 -38.89 29.41
C LEU D 83 18.24 -39.71 30.53
N SER D 84 18.94 -39.06 31.44
CA SER D 84 19.69 -39.75 32.49
C SER D 84 18.89 -39.82 33.79
N SER D 85 19.27 -40.77 34.63
CA SER D 85 18.64 -41.02 35.93
C SER D 85 17.14 -41.26 35.76
N LEU D 86 16.83 -42.38 35.11
CA LEU D 86 15.43 -42.71 34.84
C LEU D 86 14.74 -43.16 36.11
N ARG D 87 13.47 -42.78 36.24
CA ARG D 87 12.62 -43.20 37.34
C ARG D 87 11.27 -43.59 36.77
N SER D 88 10.38 -44.04 37.65
CA SER D 88 9.10 -44.57 37.19
C SER D 88 8.28 -43.53 36.44
N GLU D 89 8.40 -42.24 36.78
CA GLU D 89 7.64 -41.21 36.11
C GLU D 89 7.92 -41.13 34.61
N ASP D 90 9.08 -41.63 34.17
CA ASP D 90 9.51 -41.47 32.78
C ASP D 90 8.89 -42.49 31.82
N THR D 91 8.16 -43.49 32.31
CA THR D 91 7.46 -44.38 31.38
C THR D 91 6.51 -43.55 30.54
N ALA D 92 6.82 -43.43 29.25
CA ALA D 92 6.08 -42.54 28.36
C ALA D 92 6.49 -42.86 26.93
N MET D 93 5.67 -42.37 25.99
CA MET D 93 5.97 -42.43 24.57
C MET D 93 6.76 -41.19 24.20
N TYR D 94 7.97 -41.39 23.67
CA TYR D 94 8.87 -40.28 23.35
C TYR D 94 8.82 -40.01 21.85
N TYR D 95 8.42 -38.80 21.48
CA TYR D 95 8.25 -38.41 20.08
C TYR D 95 9.33 -37.45 19.65
N CYS D 96 9.89 -37.71 18.48
CA CYS D 96 10.74 -36.77 17.76
C CYS D 96 9.86 -35.93 16.83
N ALA D 97 10.08 -34.61 16.83
CA ALA D 97 9.19 -33.72 16.08
C ALA D 97 9.93 -32.52 15.53
N THR D 98 9.69 -32.19 14.25
CA THR D 98 10.43 -31.14 13.56
C THR D 98 9.54 -29.96 13.19
N GLU D 99 10.21 -28.83 12.98
CA GLU D 99 9.65 -27.62 12.39
C GLU D 99 10.58 -27.16 11.28
N THR D 100 10.02 -26.78 10.14
CA THR D 100 10.86 -26.36 9.02
C THR D 100 11.50 -25.01 9.35
N ALA D 101 12.83 -24.94 9.20
CA ALA D 101 13.60 -23.76 9.59
C ALA D 101 14.58 -23.39 8.50
N LEU D 102 14.07 -22.79 7.42
CA LEU D 102 14.93 -22.37 6.32
C LEU D 102 15.38 -20.92 6.45
N VAL D 103 14.44 -20.00 6.65
CA VAL D 103 14.75 -18.60 6.92
C VAL D 103 14.68 -18.38 8.43
N VAL D 104 15.84 -18.26 9.08
CA VAL D 104 15.94 -18.23 10.53
C VAL D 104 16.59 -16.94 10.99
N SER D 105 16.13 -16.42 12.12
CA SER D 105 16.80 -15.36 12.83
C SER D 105 17.59 -15.92 14.01
N GLU D 106 18.65 -15.23 14.40
CA GLU D 106 19.29 -15.47 15.68
C GLU D 106 18.32 -15.03 16.77
N THR D 107 17.96 -15.98 17.65
CA THR D 107 16.93 -15.92 18.72
C THR D 107 15.68 -16.64 18.23
N TYR D 108 15.87 -17.54 17.27
CA TYR D 108 14.77 -18.33 16.78
C TYR D 108 14.50 -19.43 17.79
N LEU D 109 13.23 -19.68 18.05
CA LEU D 109 12.82 -20.69 19.01
C LEU D 109 11.86 -21.63 18.34
N PRO D 110 11.69 -22.84 18.86
CA PRO D 110 10.66 -23.72 18.34
C PRO D 110 9.28 -23.08 18.53
N HIS D 111 8.39 -23.31 17.56
CA HIS D 111 7.06 -22.71 17.57
C HIS D 111 5.97 -23.77 17.52
N TYR D 112 6.09 -24.74 16.62
CA TYR D 112 5.09 -25.79 16.40
C TYR D 112 5.81 -27.06 15.93
N PHE D 113 5.03 -28.13 15.78
CA PHE D 113 5.52 -29.44 15.36
C PHE D 113 4.68 -29.94 14.19
N ASP D 114 5.21 -29.85 12.98
CA ASP D 114 4.42 -30.23 11.82
C ASP D 114 4.77 -31.60 11.26
N ASN D 115 5.89 -32.18 11.68
CA ASN D 115 6.25 -33.51 11.20
C ASN D 115 6.82 -34.30 12.37
N TRP D 116 6.29 -35.51 12.58
CA TRP D 116 6.57 -36.29 13.76
C TRP D 116 7.19 -37.64 13.40
N GLY D 117 8.00 -38.16 14.29
CA GLY D 117 8.38 -39.55 14.25
C GLY D 117 7.22 -40.43 14.69
N GLN D 118 7.45 -41.75 14.65
CA GLN D 118 6.40 -42.68 15.06
C GLN D 118 6.33 -42.86 16.56
N GLY D 119 7.35 -42.43 17.29
CA GLY D 119 7.33 -42.58 18.73
C GLY D 119 8.15 -43.76 19.21
N THR D 120 8.76 -43.59 20.37
CA THR D 120 9.55 -44.62 21.02
C THR D 120 8.93 -44.83 22.40
N LEU D 121 8.34 -46.00 22.62
CA LEU D 121 7.71 -46.28 23.91
C LEU D 121 8.76 -46.86 24.85
N VAL D 122 9.21 -46.03 25.80
CA VAL D 122 10.17 -46.44 26.80
C VAL D 122 9.39 -46.77 28.06
N THR D 123 9.53 -48.01 28.53
CA THR D 123 8.91 -48.49 29.76
C THR D 123 10.03 -48.58 30.78
N VAL D 124 9.91 -47.89 31.90
CA VAL D 124 10.92 -47.97 32.96
C VAL D 124 10.41 -48.92 34.05
N SER D 125 11.07 -50.07 34.17
CA SER D 125 10.72 -51.11 35.12
C SER D 125 11.91 -52.04 35.27
N SER D 126 12.05 -52.60 36.47
CA SER D 126 13.12 -53.57 36.69
C SER D 126 12.82 -54.91 36.06
N ALA D 127 11.57 -55.15 35.63
CA ALA D 127 11.18 -56.43 35.09
C ALA D 127 11.93 -56.73 33.80
N SER D 128 12.15 -58.02 33.55
CA SER D 128 12.87 -58.47 32.37
C SER D 128 11.97 -58.45 31.14
N THR D 129 12.60 -58.31 29.99
CA THR D 129 11.89 -58.33 28.72
C THR D 129 11.41 -59.74 28.40
N LYS D 130 10.18 -59.86 27.90
CA LYS D 130 9.63 -61.16 27.57
C LYS D 130 8.69 -61.09 26.36
N GLY D 131 8.91 -61.98 25.40
CA GLY D 131 8.10 -62.04 24.21
C GLY D 131 6.82 -62.80 24.48
N PRO D 132 5.82 -62.61 23.62
CA PRO D 132 4.51 -63.22 23.87
C PRO D 132 4.38 -64.60 23.23
N SER D 133 3.48 -65.38 23.80
CA SER D 133 3.00 -66.59 23.15
C SER D 133 1.65 -66.27 22.52
N VAL D 134 1.41 -66.84 21.35
CA VAL D 134 0.22 -66.54 20.55
C VAL D 134 -0.64 -67.80 20.47
N PHE D 135 -1.92 -67.66 20.82
CA PHE D 135 -2.85 -68.77 20.83
C PHE D 135 -4.01 -68.50 19.89
N PRO D 136 -4.44 -69.48 19.11
CA PRO D 136 -5.55 -69.24 18.18
C PRO D 136 -6.89 -69.01 18.88
N LEU D 137 -7.75 -68.25 18.21
CA LEU D 137 -9.16 -68.12 18.59
C LEU D 137 -9.99 -68.67 17.43
N ALA D 138 -10.11 -70.00 17.39
CA ALA D 138 -10.71 -70.64 16.24
C ALA D 138 -12.20 -70.28 16.12
N PRO D 139 -12.69 -70.08 14.90
CA PRO D 139 -14.13 -69.82 14.72
C PRO D 139 -14.99 -71.08 14.86
N SER D 140 -16.23 -70.86 15.29
CA SER D 140 -17.17 -71.95 15.46
C SER D 140 -18.09 -72.07 14.24
N THR D 148 -21.73 -64.56 8.33
CA THR D 148 -20.40 -64.02 8.58
C THR D 148 -19.83 -64.52 9.91
N ALA D 149 -18.58 -64.96 9.90
CA ALA D 149 -17.92 -65.57 11.05
C ALA D 149 -16.82 -64.68 11.59
N ALA D 150 -16.38 -64.99 12.81
CA ALA D 150 -15.32 -64.23 13.47
C ALA D 150 -14.23 -65.16 13.98
N LEU D 151 -12.97 -64.76 13.78
CA LEU D 151 -11.80 -65.50 14.23
C LEU D 151 -10.74 -64.52 14.72
N GLY D 152 -9.69 -65.05 15.32
CA GLY D 152 -8.61 -64.19 15.78
C GLY D 152 -7.52 -64.99 16.47
N CYS D 153 -6.57 -64.27 17.07
CA CYS D 153 -5.53 -64.89 17.88
C CYS D 153 -5.29 -64.03 19.11
N LEU D 154 -4.92 -64.70 20.20
CA LEU D 154 -4.73 -64.07 21.50
C LEU D 154 -3.24 -63.98 21.78
N VAL D 155 -2.76 -62.77 22.05
CA VAL D 155 -1.37 -62.49 22.33
C VAL D 155 -1.26 -62.30 23.83
N LYS D 156 -0.71 -63.28 24.53
CA LYS D 156 -0.82 -63.32 25.97
C LYS D 156 0.57 -63.39 26.59
N ASP D 157 0.76 -62.66 27.71
CA ASP D 157 1.93 -62.73 28.58
C ASP D 157 3.22 -62.18 27.96
N TYR D 158 3.25 -60.88 27.64
CA TYR D 158 4.46 -60.21 27.16
C TYR D 158 4.72 -58.95 27.96
N PHE D 159 5.99 -58.53 27.94
CA PHE D 159 6.44 -57.31 28.61
C PHE D 159 7.74 -56.82 27.99
N PRO D 160 7.90 -55.51 27.76
CA PRO D 160 6.94 -54.43 27.94
C PRO D 160 6.12 -54.18 26.69
N GLU D 161 5.31 -53.13 26.75
CA GLU D 161 4.61 -52.66 25.57
C GLU D 161 5.62 -52.07 24.58
N PRO D 162 5.25 -51.93 23.30
CA PRO D 162 4.00 -52.28 22.65
C PRO D 162 4.15 -53.50 21.76
N VAL D 163 3.03 -54.11 21.41
CA VAL D 163 3.01 -55.16 20.41
C VAL D 163 2.13 -54.68 19.26
N THR D 164 2.50 -55.05 18.05
CA THR D 164 1.73 -54.77 16.84
C THR D 164 1.28 -56.09 16.23
N VAL D 165 0.25 -56.02 15.40
CA VAL D 165 -0.32 -57.24 14.82
C VAL D 165 -0.91 -56.91 13.46
N SER D 166 -0.59 -57.75 12.49
CA SER D 166 -1.08 -57.61 11.13
C SER D 166 -1.59 -58.96 10.66
N TRP D 167 -2.61 -58.92 9.81
CA TRP D 167 -3.25 -60.12 9.28
C TRP D 167 -2.84 -60.34 7.83
N ASN D 168 -2.41 -61.56 7.52
CA ASN D 168 -2.00 -61.93 6.17
C ASN D 168 -0.93 -60.97 5.65
N SER D 169 0.01 -60.62 6.52
CA SER D 169 1.07 -59.66 6.20
C SER D 169 0.51 -58.32 5.71
N GLY D 170 -0.65 -57.93 6.24
CA GLY D 170 -1.27 -56.65 5.92
C GLY D 170 -2.28 -56.66 4.78
N ALA D 171 -2.47 -57.80 4.11
CA ALA D 171 -3.43 -57.87 3.01
C ALA D 171 -4.88 -57.85 3.50
N LEU D 172 -5.12 -58.39 4.70
CA LEU D 172 -6.45 -58.44 5.30
C LEU D 172 -6.57 -57.28 6.28
N THR D 173 -7.39 -56.30 5.95
CA THR D 173 -7.50 -55.13 6.82
C THR D 173 -8.92 -54.80 7.23
N SER D 174 -9.90 -54.92 6.33
CA SER D 174 -11.28 -54.54 6.64
C SER D 174 -11.89 -55.48 7.66
N GLY D 175 -12.26 -54.94 8.83
CA GLY D 175 -12.98 -55.70 9.82
C GLY D 175 -12.18 -56.15 11.03
N VAL D 176 -10.88 -55.82 11.08
CA VAL D 176 -10.04 -56.22 12.21
C VAL D 176 -10.30 -55.29 13.39
N HIS D 177 -10.22 -55.84 14.60
CA HIS D 177 -10.28 -55.04 15.81
C HIS D 177 -9.25 -55.60 16.78
N THR D 178 -8.19 -54.84 17.04
CA THR D 178 -7.15 -55.21 18.01
C THR D 178 -7.33 -54.34 19.24
N PHE D 179 -7.54 -54.98 20.37
CA PHE D 179 -7.86 -54.27 21.59
C PHE D 179 -6.62 -53.75 22.29
N PRO D 180 -6.74 -52.66 23.05
CA PRO D 180 -5.61 -52.22 23.88
C PRO D 180 -5.18 -53.34 24.79
N ALA D 181 -3.88 -53.42 25.04
CA ALA D 181 -3.39 -54.46 25.93
C ALA D 181 -3.95 -54.22 27.32
N VAL D 182 -4.27 -55.29 28.03
CA VAL D 182 -4.75 -55.20 29.40
C VAL D 182 -3.67 -55.80 30.30
N LEU D 183 -3.40 -55.13 31.41
CA LEU D 183 -2.40 -55.61 32.35
C LEU D 183 -3.01 -56.67 33.26
N GLN D 184 -2.49 -57.90 33.18
CA GLN D 184 -2.98 -58.99 34.00
C GLN D 184 -2.29 -58.97 35.36
N SER D 185 -2.86 -59.71 36.31
CA SER D 185 -2.31 -59.71 37.67
C SER D 185 -0.90 -60.26 37.71
N SER D 186 -0.53 -61.11 36.75
CA SER D 186 0.83 -61.62 36.68
C SER D 186 1.87 -60.53 36.44
N GLY D 187 1.46 -59.36 35.95
CA GLY D 187 2.37 -58.31 35.59
C GLY D 187 2.75 -58.27 34.13
N LEU D 188 2.20 -59.18 33.32
CA LEU D 188 2.45 -59.25 31.89
C LEU D 188 1.19 -58.83 31.13
N TYR D 189 1.39 -58.30 29.92
CA TYR D 189 0.27 -57.81 29.14
C TYR D 189 -0.29 -58.91 28.24
N SER D 190 -1.59 -58.81 27.97
CA SER D 190 -2.22 -59.69 27.00
C SER D 190 -3.16 -58.84 26.17
N LEU D 191 -3.47 -59.37 25.00
CA LEU D 191 -4.10 -58.59 23.95
C LEU D 191 -4.78 -59.56 23.00
N SER D 192 -5.84 -59.08 22.37
CA SER D 192 -6.62 -59.89 21.45
C SER D 192 -6.75 -59.16 20.13
N SER D 193 -6.76 -59.94 19.05
CA SER D 193 -6.92 -59.40 17.70
C SER D 193 -7.96 -60.23 17.00
N VAL D 194 -9.04 -59.60 16.57
CA VAL D 194 -10.17 -60.26 15.93
C VAL D 194 -10.36 -59.69 14.54
N VAL D 195 -10.89 -60.50 13.64
CA VAL D 195 -11.29 -60.03 12.32
C VAL D 195 -12.54 -60.80 11.91
N THR D 196 -13.53 -60.09 11.39
CA THR D 196 -14.74 -60.71 10.88
C THR D 196 -14.58 -61.03 9.40
N VAL D 197 -15.04 -62.21 9.02
CA VAL D 197 -14.71 -62.79 7.73
C VAL D 197 -15.93 -63.49 7.16
N PRO D 198 -16.17 -63.39 5.86
CA PRO D 198 -17.27 -64.16 5.24
C PRO D 198 -17.15 -65.64 5.55
N SER D 199 -18.27 -66.25 5.92
CA SER D 199 -18.25 -67.66 6.34
C SER D 199 -17.86 -68.59 5.21
N SER D 200 -18.05 -68.19 3.94
CA SER D 200 -17.80 -69.07 2.81
C SER D 200 -16.31 -69.22 2.51
N SER D 201 -15.46 -68.38 3.10
CA SER D 201 -14.03 -68.45 2.86
C SER D 201 -13.26 -69.08 4.01
N LEU D 202 -13.96 -69.66 4.99
CA LEU D 202 -13.27 -70.27 6.13
C LEU D 202 -12.48 -71.51 5.70
N GLY D 203 -12.84 -72.12 4.58
CA GLY D 203 -12.18 -73.32 4.12
C GLY D 203 -11.25 -73.01 2.98
N THR D 204 -11.50 -71.89 2.29
CA THR D 204 -10.75 -71.55 1.08
C THR D 204 -9.72 -70.45 1.28
N GLN D 205 -9.79 -69.69 2.37
CA GLN D 205 -8.86 -68.58 2.59
C GLN D 205 -8.00 -68.88 3.82
N THR D 206 -6.72 -68.54 3.72
CA THR D 206 -5.77 -68.77 4.80
C THR D 206 -5.64 -67.50 5.63
N TYR D 207 -5.58 -67.66 6.95
CA TYR D 207 -5.53 -66.53 7.86
C TYR D 207 -4.33 -66.66 8.79
N ILE D 208 -3.40 -65.72 8.67
CA ILE D 208 -2.19 -65.63 9.49
C ILE D 208 -2.21 -64.30 10.20
N CYS D 209 -1.92 -64.29 11.50
CA CYS D 209 -1.73 -63.05 12.24
C CYS D 209 -0.24 -62.87 12.53
N ASN D 210 0.31 -61.74 12.10
CA ASN D 210 1.72 -61.42 12.30
C ASN D 210 1.85 -60.59 13.57
N VAL D 211 2.36 -61.20 14.63
CA VAL D 211 2.62 -60.51 15.89
C VAL D 211 4.08 -60.08 15.89
N ASN D 212 4.31 -58.79 16.08
CA ASN D 212 5.66 -58.22 16.16
C ASN D 212 5.81 -57.58 17.52
N HIS D 213 6.78 -58.05 18.29
CA HIS D 213 7.08 -57.52 19.61
C HIS D 213 8.51 -57.00 19.57
N LYS D 214 8.69 -55.74 19.19
CA LYS D 214 10.03 -55.19 19.10
C LYS D 214 10.79 -55.16 20.43
N PRO D 215 10.17 -54.89 21.60
CA PRO D 215 10.95 -54.87 22.84
C PRO D 215 11.76 -56.13 23.08
N SER D 216 11.20 -57.30 22.77
CA SER D 216 11.87 -58.58 22.94
C SER D 216 12.47 -59.11 21.65
N ASN D 217 12.41 -58.35 20.57
CA ASN D 217 13.07 -58.67 19.31
C ASN D 217 12.55 -59.97 18.69
N THR D 218 11.26 -60.27 18.90
CA THR D 218 10.59 -61.47 18.40
C THR D 218 9.42 -61.07 17.51
N LYS D 219 9.34 -61.67 16.33
CA LYS D 219 8.15 -61.58 15.49
C LYS D 219 7.62 -62.99 15.27
N VAL D 220 6.33 -63.19 15.55
CA VAL D 220 5.69 -64.51 15.60
C VAL D 220 4.49 -64.54 14.66
N ASP D 221 4.46 -65.52 13.75
CA ASP D 221 3.37 -65.73 12.80
C ASP D 221 2.57 -66.99 13.17
N LYS D 222 1.35 -66.79 13.66
CA LYS D 222 0.46 -67.87 14.08
C LYS D 222 -0.67 -68.04 13.06
N ARG D 223 -0.86 -69.26 12.57
CA ARG D 223 -1.90 -69.57 11.59
C ARG D 223 -3.13 -70.13 12.28
N VAL D 224 -4.32 -69.62 11.93
CA VAL D 224 -5.55 -69.99 12.60
C VAL D 224 -6.45 -70.76 11.64
N GLU D 225 -7.17 -71.74 12.18
CA GLU D 225 -8.11 -72.58 11.45
C GLU D 225 -8.99 -73.30 12.47
N PRO D 226 -10.17 -73.79 12.05
CA PRO D 226 -11.05 -74.54 12.96
C PRO D 226 -10.52 -75.92 13.33
N ASP E 1 6.03 -20.91 34.06
CA ASP E 1 5.51 -21.61 32.88
C ASP E 1 4.07 -21.19 32.63
N ILE E 2 3.62 -21.33 31.38
CA ILE E 2 2.26 -20.99 31.00
C ILE E 2 1.37 -22.22 31.10
N GLN E 3 0.28 -22.12 31.83
CA GLN E 3 -0.71 -23.19 31.90
C GLN E 3 -1.84 -22.89 30.93
N MET E 4 -2.15 -23.86 30.06
CA MET E 4 -3.24 -23.75 29.12
C MET E 4 -4.43 -24.51 29.70
N THR E 5 -5.54 -23.82 29.91
CA THR E 5 -6.74 -24.45 30.44
C THR E 5 -7.72 -24.66 29.29
N GLN E 6 -7.90 -25.91 28.91
CA GLN E 6 -8.70 -26.27 27.75
C GLN E 6 -10.06 -26.78 28.21
N SER E 7 -11.11 -26.37 27.51
CA SER E 7 -12.49 -26.70 27.83
C SER E 7 -13.26 -26.96 26.55
N PRO E 8 -14.19 -27.94 26.54
CA PRO E 8 -14.50 -28.86 27.65
C PRO E 8 -13.54 -30.04 27.71
N SER E 9 -13.72 -30.92 28.69
CA SER E 9 -12.85 -32.09 28.82
C SER E 9 -13.25 -33.22 27.88
N SER E 10 -14.55 -33.39 27.65
CA SER E 10 -15.03 -34.34 26.66
C SER E 10 -16.39 -33.88 26.15
N LEU E 11 -16.72 -34.28 24.93
CA LEU E 11 -18.00 -33.92 24.37
C LEU E 11 -18.43 -34.99 23.37
N SER E 12 -19.74 -35.13 23.22
CA SER E 12 -20.32 -36.09 22.29
C SER E 12 -21.31 -35.35 21.40
N ALA E 13 -21.13 -35.45 20.09
CA ALA E 13 -21.97 -34.75 19.13
C ALA E 13 -22.27 -35.63 17.92
N ALA E 14 -23.41 -35.36 17.28
CA ALA E 14 -23.90 -36.11 16.14
C ALA E 14 -23.20 -35.68 14.85
N VAL E 15 -23.23 -36.57 13.86
CA VAL E 15 -22.64 -36.27 12.56
C VAL E 15 -23.33 -35.05 11.97
N GLY E 16 -22.53 -34.06 11.58
CA GLY E 16 -23.05 -32.82 11.03
C GLY E 16 -23.16 -31.67 12.01
N ASP E 17 -22.86 -31.89 13.28
CA ASP E 17 -22.97 -30.85 14.29
C ASP E 17 -21.82 -29.86 14.19
N ARG E 18 -22.04 -28.65 14.69
CA ARG E 18 -21.01 -27.64 14.80
C ARG E 18 -20.37 -27.73 16.18
N VAL E 19 -19.05 -27.87 16.21
CA VAL E 19 -18.32 -28.12 17.44
C VAL E 19 -17.29 -27.03 17.62
N THR E 20 -17.23 -26.46 18.83
CA THR E 20 -16.27 -25.42 19.17
C THR E 20 -15.54 -25.82 20.45
N ILE E 21 -14.22 -25.68 20.44
CA ILE E 21 -13.37 -25.99 21.59
C ILE E 21 -12.74 -24.70 22.07
N THR E 22 -12.53 -24.60 23.38
CA THR E 22 -11.96 -23.42 24.00
C THR E 22 -10.60 -23.74 24.60
N CYS E 23 -9.67 -22.79 24.48
CA CYS E 23 -8.36 -22.84 25.12
C CYS E 23 -8.09 -21.50 25.76
N GLN E 24 -7.68 -21.50 27.03
CA GLN E 24 -7.28 -20.28 27.71
C GLN E 24 -5.87 -20.41 28.25
N ALA E 25 -5.09 -19.35 28.10
CA ALA E 25 -3.74 -19.28 28.60
C ALA E 25 -3.71 -18.50 29.91
N SER E 26 -2.71 -18.79 30.73
CA SER E 26 -2.54 -18.06 31.97
C SER E 26 -2.05 -16.63 31.74
N GLN E 27 -1.56 -16.31 30.55
CA GLN E 27 -1.12 -14.96 30.24
C GLN E 27 -1.28 -14.72 28.74
N ASP E 28 -1.05 -13.46 28.35
CA ASP E 28 -1.17 -13.06 26.95
C ASP E 28 -0.12 -13.78 26.10
N ILE E 29 -0.58 -14.42 25.03
CA ILE E 29 0.36 -15.08 24.11
C ILE E 29 0.16 -14.62 22.66
N VAL E 30 -0.39 -13.41 22.48
CA VAL E 30 -0.69 -12.86 21.15
C VAL E 30 -1.57 -13.86 20.42
N ASN E 31 -1.13 -14.35 19.27
CA ASN E 31 -1.80 -15.48 18.63
C ASN E 31 -0.79 -16.58 18.31
N TYR E 32 0.18 -16.75 19.21
CA TYR E 32 1.20 -17.79 19.08
C TYR E 32 0.67 -19.08 19.71
N LEU E 33 -0.27 -19.69 19.00
CA LEU E 33 -1.02 -20.84 19.50
C LEU E 33 -1.24 -21.84 18.39
N ASN E 34 -1.06 -23.12 18.71
CA ASN E 34 -1.32 -24.20 17.77
C ASN E 34 -2.36 -25.15 18.32
N TRP E 35 -2.98 -25.90 17.41
CA TRP E 35 -3.91 -26.95 17.73
C TRP E 35 -3.39 -28.26 17.13
N TYR E 36 -3.57 -29.34 17.85
CA TYR E 36 -3.17 -30.64 17.35
C TYR E 36 -4.33 -31.62 17.46
N GLN E 37 -4.36 -32.57 16.55
CA GLN E 37 -5.27 -33.70 16.59
C GLN E 37 -4.42 -34.94 16.79
N GLN E 38 -4.78 -35.74 17.79
CA GLN E 38 -4.08 -36.99 18.06
C GLN E 38 -5.09 -38.12 18.15
N LYS E 39 -5.01 -39.05 17.24
CA LYS E 39 -5.85 -40.21 17.48
C LYS E 39 -5.13 -41.20 18.37
N PRO E 40 -5.86 -42.05 19.10
CA PRO E 40 -5.25 -43.01 20.04
C PRO E 40 -4.13 -43.83 19.41
N GLY E 41 -2.99 -43.86 20.10
CA GLY E 41 -1.84 -44.67 19.73
C GLY E 41 -0.97 -44.08 18.64
N LYS E 42 -1.39 -42.98 18.02
CA LYS E 42 -0.71 -42.36 16.89
C LYS E 42 -0.10 -41.03 17.31
N ALA E 43 0.90 -40.59 16.56
CA ALA E 43 1.49 -39.29 16.81
C ALA E 43 0.45 -38.18 16.61
N PRO E 44 0.63 -37.04 17.27
CA PRO E 44 -0.24 -35.88 17.00
C PRO E 44 -0.02 -35.31 15.61
N LYS E 45 -1.07 -34.67 15.10
CA LYS E 45 -1.05 -33.99 13.81
C LYS E 45 -1.33 -32.51 14.01
N LEU E 46 -0.53 -31.68 13.37
CA LEU E 46 -0.73 -30.25 13.40
C LEU E 46 -1.95 -29.89 12.56
N LEU E 47 -2.96 -29.25 13.16
CA LEU E 47 -4.15 -28.81 12.45
C LEU E 47 -4.14 -27.32 12.16
N ILE E 48 -3.81 -26.53 13.16
CA ILE E 48 -3.88 -25.08 13.11
C ILE E 48 -2.57 -24.55 13.69
N TYR E 49 -2.00 -23.56 13.03
CA TYR E 49 -0.80 -22.92 13.55
C TYR E 49 -0.98 -21.40 13.52
N VAL E 50 -0.37 -20.73 14.49
CA VAL E 50 -0.51 -19.30 14.72
C VAL E 50 -2.00 -18.96 14.79
N ALA E 51 -2.73 -19.72 15.61
CA ALA E 51 -4.12 -19.44 16.00
C ALA E 51 -5.14 -19.69 14.89
N SER E 52 -4.83 -19.38 13.63
CA SER E 52 -5.86 -19.41 12.60
C SER E 52 -5.42 -19.99 11.27
N ASN E 53 -4.16 -20.37 11.08
CA ASN E 53 -3.70 -20.86 9.79
C ASN E 53 -3.96 -22.36 9.68
N LEU E 54 -4.69 -22.75 8.64
CA LEU E 54 -5.02 -24.14 8.38
C LEU E 54 -3.84 -24.87 7.76
N GLU E 55 -3.49 -26.01 8.34
CA GLU E 55 -2.44 -26.84 7.77
C GLU E 55 -2.92 -27.46 6.45
N THR E 56 -1.96 -27.69 5.54
CA THR E 56 -2.32 -28.26 4.26
C THR E 56 -2.95 -29.62 4.43
N GLY E 57 -4.02 -29.87 3.70
CA GLY E 57 -4.70 -31.14 3.75
C GLY E 57 -5.64 -31.30 4.92
N VAL E 58 -5.74 -30.31 5.80
CA VAL E 58 -6.74 -30.37 6.87
C VAL E 58 -8.07 -29.89 6.28
N PRO E 59 -9.17 -30.59 6.56
CA PRO E 59 -10.45 -30.21 5.95
C PRO E 59 -10.83 -28.77 6.26
N SER E 60 -11.43 -28.11 5.27
CA SER E 60 -11.82 -26.71 5.41
C SER E 60 -12.84 -26.50 6.52
N ARG E 61 -13.47 -27.57 7.00
CA ARG E 61 -14.41 -27.43 8.11
C ARG E 61 -13.70 -27.08 9.41
N PHE E 62 -12.38 -27.26 9.47
CA PHE E 62 -11.58 -26.80 10.60
C PHE E 62 -11.17 -25.35 10.39
N SER E 63 -11.26 -24.56 11.46
CA SER E 63 -10.77 -23.20 11.49
C SER E 63 -10.32 -22.91 12.90
N GLY E 64 -9.39 -21.98 13.03
CA GLY E 64 -8.93 -21.54 14.33
C GLY E 64 -9.14 -20.05 14.45
N SER E 65 -9.50 -19.60 15.64
CA SER E 65 -9.71 -18.19 15.89
C SER E 65 -9.29 -17.86 17.31
N GLY E 66 -9.18 -16.57 17.57
CA GLY E 66 -8.80 -16.06 18.88
C GLY E 66 -7.46 -15.36 18.83
N SER E 67 -7.18 -14.67 19.93
CA SER E 67 -5.89 -14.01 20.12
C SER E 67 -5.83 -13.54 21.57
N GLY E 68 -4.62 -13.25 22.01
CA GLY E 68 -4.43 -12.84 23.40
C GLY E 68 -4.47 -14.01 24.37
N THR E 69 -5.59 -14.19 25.06
CA THR E 69 -5.71 -15.24 26.06
C THR E 69 -6.80 -16.27 25.79
N ASP E 70 -7.75 -16.01 24.90
CA ASP E 70 -8.86 -16.92 24.65
C ASP E 70 -8.84 -17.33 23.18
N PHE E 71 -8.89 -18.63 22.94
CA PHE E 71 -8.78 -19.19 21.60
C PHE E 71 -9.86 -20.24 21.40
N SER E 72 -10.15 -20.52 20.14
CA SER E 72 -11.19 -21.47 19.80
C SER E 72 -10.80 -22.28 18.58
N LEU E 73 -11.32 -23.50 18.54
CA LEU E 73 -11.20 -24.39 17.38
C LEU E 73 -12.61 -24.81 16.96
N THR E 74 -12.95 -24.58 15.70
CA THR E 74 -14.31 -24.79 15.21
C THR E 74 -14.32 -25.84 14.12
N ILE E 75 -15.22 -26.81 14.26
CA ILE E 75 -15.55 -27.76 13.20
C ILE E 75 -16.97 -27.44 12.72
N SER E 76 -17.10 -27.09 11.44
CA SER E 76 -18.38 -26.58 10.97
C SER E 76 -19.39 -27.70 10.71
N SER E 77 -18.91 -28.91 10.42
CA SER E 77 -19.77 -30.06 10.12
C SER E 77 -18.98 -31.32 10.53
N LEU E 78 -19.18 -31.74 11.78
CA LEU E 78 -18.40 -32.82 12.35
C LEU E 78 -18.59 -34.11 11.56
N GLN E 79 -17.50 -34.81 11.32
CA GLN E 79 -17.50 -36.08 10.61
C GLN E 79 -16.96 -37.18 11.52
N PRO E 80 -17.29 -38.46 11.25
CA PRO E 80 -16.86 -39.52 12.16
C PRO E 80 -15.36 -39.59 12.38
N GLU E 81 -14.57 -39.36 11.32
CA GLU E 81 -13.12 -39.53 11.42
C GLU E 81 -12.45 -38.50 12.30
N ASP E 82 -13.22 -37.58 12.86
CA ASP E 82 -12.66 -36.57 13.74
C ASP E 82 -12.66 -37.01 15.19
N VAL E 83 -13.10 -38.24 15.50
CA VAL E 83 -13.02 -38.76 16.86
C VAL E 83 -11.56 -38.86 17.24
N ALA E 84 -11.15 -38.04 18.21
CA ALA E 84 -9.76 -37.93 18.62
C ALA E 84 -9.70 -36.94 19.77
N THR E 85 -8.53 -36.82 20.36
CA THR E 85 -8.26 -35.83 21.39
C THR E 85 -7.52 -34.66 20.75
N TYR E 86 -7.94 -33.45 21.08
CA TYR E 86 -7.36 -32.23 20.51
C TYR E 86 -6.60 -31.50 21.60
N TYR E 87 -5.44 -30.95 21.25
CA TYR E 87 -4.58 -30.23 22.19
C TYR E 87 -4.21 -28.87 21.63
N CYS E 88 -4.27 -27.85 22.48
CA CYS E 88 -3.68 -26.56 22.15
C CYS E 88 -2.27 -26.47 22.72
N GLN E 89 -1.44 -25.64 22.09
CA GLN E 89 -0.04 -25.51 22.44
C GLN E 89 0.44 -24.09 22.14
N GLN E 90 1.00 -23.42 23.14
CA GLN E 90 1.50 -22.06 22.98
C GLN E 90 3.01 -22.07 22.78
N TYR E 91 3.53 -20.98 22.20
CA TYR E 91 4.99 -20.83 22.09
C TYR E 91 5.46 -19.40 22.32
N ASP E 92 4.67 -18.55 23.00
CA ASP E 92 5.09 -17.16 23.23
C ASP E 92 6.42 -17.09 23.95
N ASN E 93 6.63 -17.95 24.93
CA ASN E 93 7.94 -18.11 25.54
C ASN E 93 8.03 -19.52 26.10
N LEU E 94 9.24 -19.93 26.41
CA LEU E 94 9.50 -21.30 26.78
C LEU E 94 9.13 -21.53 28.25
N PRO E 95 8.83 -22.78 28.64
CA PRO E 95 8.82 -23.98 27.79
C PRO E 95 7.53 -24.05 26.99
N LEU E 96 7.58 -24.67 25.81
CA LEU E 96 6.35 -24.90 25.07
C LEU E 96 5.43 -25.79 25.89
N THR E 97 4.18 -25.40 26.00
CA THR E 97 3.24 -26.11 26.86
C THR E 97 1.98 -26.48 26.09
N PHE E 98 1.34 -27.56 26.53
CA PHE E 98 0.11 -28.03 25.90
C PHE E 98 -1.08 -27.85 26.84
N GLY E 99 -2.26 -27.77 26.23
CA GLY E 99 -3.49 -27.77 26.98
C GLY E 99 -3.78 -29.14 27.55
N GLY E 100 -4.88 -29.21 28.32
CA GLY E 100 -5.27 -30.48 28.89
C GLY E 100 -5.90 -31.42 27.90
N GLY E 101 -6.39 -30.90 26.78
CA GLY E 101 -6.98 -31.75 25.76
C GLY E 101 -8.49 -31.72 25.77
N THR E 102 -9.07 -32.00 24.60
CA THR E 102 -10.52 -32.17 24.47
C THR E 102 -10.79 -33.43 23.67
N LYS E 103 -11.40 -34.43 24.31
CA LYS E 103 -11.75 -35.65 23.61
C LYS E 103 -13.09 -35.45 22.92
N VAL E 104 -13.13 -35.72 21.62
CA VAL E 104 -14.34 -35.56 20.81
C VAL E 104 -14.88 -36.94 20.48
N GLU E 105 -16.11 -37.20 20.88
CA GLU E 105 -16.78 -38.47 20.63
C GLU E 105 -18.00 -38.23 19.75
N ILE E 106 -18.31 -39.19 18.88
CA ILE E 106 -19.44 -39.09 17.96
C ILE E 106 -20.66 -39.75 18.58
N LYS E 107 -21.80 -39.06 18.53
CA LYS E 107 -23.09 -39.59 18.93
C LYS E 107 -23.85 -40.07 17.70
N ARG E 108 -24.23 -41.35 17.67
CA ARG E 108 -24.94 -41.93 16.53
C ARG E 108 -26.14 -42.72 17.03
N THR E 109 -26.84 -43.34 16.09
CA THR E 109 -27.99 -44.20 16.41
C THR E 109 -27.53 -45.47 17.13
N VAL E 110 -28.46 -46.09 17.84
CA VAL E 110 -28.13 -47.29 18.61
C VAL E 110 -27.95 -48.46 17.67
N ALA E 111 -26.83 -49.18 17.81
CA ALA E 111 -26.55 -50.38 17.02
C ALA E 111 -26.25 -51.54 17.96
N ALA E 112 -26.94 -52.66 17.74
CA ALA E 112 -26.78 -53.81 18.60
C ALA E 112 -25.43 -54.48 18.36
N PRO E 113 -24.86 -55.14 19.38
CA PRO E 113 -23.60 -55.88 19.18
C PRO E 113 -23.81 -57.26 18.60
N SER E 114 -22.86 -57.67 17.75
CA SER E 114 -22.73 -59.05 17.29
C SER E 114 -21.86 -59.81 18.30
N VAL E 115 -22.38 -60.89 18.88
CA VAL E 115 -21.75 -61.53 20.04
C VAL E 115 -21.14 -62.85 19.62
N PHE E 116 -19.83 -63.01 19.90
CA PHE E 116 -19.05 -64.18 19.52
C PHE E 116 -18.21 -64.64 20.70
N ILE E 117 -18.14 -65.97 20.91
CA ILE E 117 -17.40 -66.56 22.01
C ILE E 117 -16.38 -67.56 21.47
N PHE E 118 -15.21 -67.60 22.13
CA PHE E 118 -14.09 -68.46 21.74
C PHE E 118 -13.63 -69.31 22.92
N PRO E 119 -13.45 -70.62 22.73
CA PRO E 119 -12.92 -71.45 23.79
C PRO E 119 -11.42 -71.29 23.91
N PRO E 120 -10.83 -71.70 25.04
CA PRO E 120 -9.37 -71.64 25.16
C PRO E 120 -8.69 -72.65 24.25
N SER E 121 -7.44 -72.34 23.90
CA SER E 121 -6.69 -73.16 22.97
C SER E 121 -6.35 -74.51 23.60
N ASP E 122 -6.22 -75.52 22.77
CA ASP E 122 -5.65 -76.77 23.29
C ASP E 122 -4.18 -76.58 23.60
N GLU E 123 -3.50 -75.72 22.83
CA GLU E 123 -2.09 -75.44 23.08
C GLU E 123 -1.93 -74.62 24.35
N GLN E 124 -2.85 -73.68 24.60
CA GLN E 124 -2.76 -72.86 25.81
C GLN E 124 -3.01 -73.71 27.06
N LEU E 125 -3.97 -74.64 26.99
CA LEU E 125 -4.24 -75.49 28.15
C LEU E 125 -2.99 -76.26 28.56
N LYS E 126 -2.14 -76.63 27.59
CA LYS E 126 -0.92 -77.37 27.89
C LYS E 126 0.03 -76.56 28.76
N SER E 127 0.05 -75.24 28.58
CA SER E 127 0.89 -74.38 29.42
C SER E 127 0.32 -74.19 30.82
N GLY E 128 -0.93 -74.60 31.05
CA GLY E 128 -1.51 -74.57 32.39
C GLY E 128 -2.50 -73.47 32.68
N THR E 129 -2.97 -72.75 31.66
CA THR E 129 -3.95 -71.69 31.87
C THR E 129 -4.96 -71.74 30.73
N ALA E 130 -6.18 -71.24 31.00
CA ALA E 130 -7.26 -71.26 30.02
C ALA E 130 -7.90 -69.89 29.94
N SER E 131 -7.92 -69.33 28.73
CA SER E 131 -8.54 -68.02 28.46
C SER E 131 -9.76 -68.22 27.58
N VAL E 132 -10.92 -67.77 28.06
CA VAL E 132 -12.18 -67.83 27.31
C VAL E 132 -12.56 -66.40 26.96
N VAL E 133 -12.65 -66.10 25.67
CA VAL E 133 -12.82 -64.74 25.16
C VAL E 133 -14.23 -64.58 24.63
N CYS E 134 -14.87 -63.47 24.99
CA CYS E 134 -16.19 -63.10 24.50
C CYS E 134 -16.08 -61.76 23.79
N LEU E 135 -16.79 -61.62 22.67
CA LEU E 135 -16.66 -60.42 21.84
C LEU E 135 -18.02 -59.80 21.56
N LEU E 136 -18.11 -58.49 21.75
CA LEU E 136 -19.23 -57.69 21.28
C LEU E 136 -18.71 -56.80 20.17
N ASN E 137 -19.25 -56.95 18.97
CA ASN E 137 -18.64 -56.38 17.78
C ASN E 137 -19.57 -55.33 17.16
N ASN E 138 -19.05 -54.12 17.00
CA ASN E 138 -19.70 -53.02 16.27
C ASN E 138 -21.07 -52.70 16.86
N PHE E 139 -21.00 -52.11 18.06
CA PHE E 139 -22.18 -51.69 18.79
C PHE E 139 -22.05 -50.24 19.23
N TYR E 140 -23.18 -49.67 19.62
CA TYR E 140 -23.27 -48.34 20.22
C TYR E 140 -24.54 -48.32 21.04
N PRO E 141 -24.54 -47.73 22.24
CA PRO E 141 -23.41 -47.01 22.85
C PRO E 141 -22.34 -47.84 23.56
N ARG E 142 -21.32 -47.11 24.04
CA ARG E 142 -20.18 -47.69 24.74
C ARG E 142 -20.62 -48.58 25.89
N GLU E 143 -21.70 -48.21 26.57
CA GLU E 143 -22.13 -48.89 27.78
C GLU E 143 -22.81 -50.21 27.42
N ALA E 144 -22.18 -51.31 27.80
CA ALA E 144 -22.75 -52.65 27.66
C ALA E 144 -22.35 -53.42 28.92
N LYS E 145 -23.01 -54.55 29.15
CA LYS E 145 -22.73 -55.35 30.33
C LYS E 145 -22.60 -56.82 29.96
N VAL E 146 -21.47 -57.41 30.35
CA VAL E 146 -21.17 -58.82 30.10
C VAL E 146 -20.81 -59.47 31.43
N GLN E 147 -21.63 -60.42 31.86
CA GLN E 147 -21.34 -61.18 33.08
C GLN E 147 -21.18 -62.66 32.71
N TRP E 148 -20.02 -63.22 33.01
CA TRP E 148 -19.74 -64.61 32.68
C TRP E 148 -20.59 -65.55 33.54
N LYS E 149 -20.91 -66.70 32.96
CA LYS E 149 -21.70 -67.72 33.63
C LYS E 149 -21.07 -69.08 33.32
N VAL E 150 -20.41 -69.68 34.31
CA VAL E 150 -19.88 -71.03 34.17
C VAL E 150 -20.93 -71.96 34.79
N ASP E 151 -21.39 -72.92 33.99
CA ASP E 151 -22.64 -73.63 34.26
C ASP E 151 -23.73 -72.59 34.52
N ASN E 152 -24.06 -72.39 35.80
CA ASN E 152 -24.98 -71.33 36.19
C ASN E 152 -24.40 -70.46 37.30
N ALA E 153 -23.12 -70.63 37.63
CA ALA E 153 -22.49 -69.89 38.71
C ALA E 153 -21.96 -68.58 38.16
N LEU E 154 -22.51 -67.47 38.66
CA LEU E 154 -22.03 -66.16 38.23
C LEU E 154 -20.58 -66.01 38.63
N GLN E 155 -19.74 -65.61 37.68
CA GLN E 155 -18.32 -65.49 37.92
C GLN E 155 -17.97 -64.04 38.24
N SER E 156 -17.17 -63.86 39.30
CA SER E 156 -16.84 -62.54 39.82
C SER E 156 -15.33 -62.39 39.87
N GLY E 157 -14.82 -61.41 39.13
CA GLY E 157 -13.44 -60.98 39.31
C GLY E 157 -12.38 -61.91 38.77
N ASN E 158 -12.75 -62.92 37.99
CA ASN E 158 -11.77 -63.75 37.32
C ASN E 158 -11.68 -63.45 35.83
N SER E 159 -12.08 -62.23 35.45
CA SER E 159 -12.09 -61.82 34.05
C SER E 159 -11.69 -60.35 33.95
N GLN E 160 -11.25 -59.98 32.76
CA GLN E 160 -10.85 -58.61 32.46
C GLN E 160 -11.35 -58.25 31.07
N GLU E 161 -11.99 -57.09 30.93
CA GLU E 161 -12.53 -56.68 29.65
C GLU E 161 -11.82 -55.44 29.12
N SER E 162 -11.70 -55.38 27.79
CA SER E 162 -11.05 -54.30 27.07
C SER E 162 -11.94 -53.82 25.93
N VAL E 163 -11.98 -52.50 25.74
CA VAL E 163 -12.84 -51.86 24.76
C VAL E 163 -11.96 -51.04 23.82
N THR E 164 -12.27 -51.11 22.52
CA THR E 164 -11.55 -50.31 21.53
C THR E 164 -12.00 -48.87 21.58
N GLU E 165 -11.17 -48.00 21.00
CA GLU E 165 -11.61 -46.64 20.79
C GLU E 165 -12.66 -46.62 19.68
N GLN E 166 -13.35 -45.50 19.55
CA GLN E 166 -14.44 -45.41 18.59
C GLN E 166 -13.91 -45.48 17.16
N ASP E 167 -14.55 -46.32 16.35
CA ASP E 167 -14.11 -46.55 14.98
C ASP E 167 -14.32 -45.29 14.15
N SER E 168 -13.34 -44.96 13.31
CA SER E 168 -13.29 -43.64 12.67
C SER E 168 -14.29 -43.44 11.54
N LYS E 169 -14.83 -44.51 10.94
CA LYS E 169 -15.71 -44.35 9.80
C LYS E 169 -17.18 -44.68 10.09
N ASP E 170 -17.47 -45.44 11.14
CA ASP E 170 -18.84 -45.82 11.46
C ASP E 170 -19.23 -45.64 12.92
N SER E 171 -18.34 -45.11 13.76
CA SER E 171 -18.70 -44.61 15.10
C SER E 171 -19.24 -45.71 16.00
N THR E 172 -18.80 -46.94 15.80
CA THR E 172 -19.18 -48.05 16.65
C THR E 172 -18.03 -48.46 17.54
N TYR E 173 -18.36 -49.21 18.59
CA TYR E 173 -17.36 -49.76 19.49
C TYR E 173 -17.32 -51.28 19.40
N SER E 174 -16.23 -51.85 19.89
CA SER E 174 -16.10 -53.28 20.08
C SER E 174 -15.55 -53.52 21.47
N LEU E 175 -15.94 -54.65 22.07
CA LEU E 175 -15.59 -54.94 23.45
C LEU E 175 -15.25 -56.41 23.59
N SER E 176 -14.12 -56.72 24.21
CA SER E 176 -13.74 -58.10 24.51
C SER E 176 -13.50 -58.25 26.00
N SER E 177 -14.08 -59.29 26.59
CA SER E 177 -13.79 -59.67 27.98
C SER E 177 -13.14 -61.04 27.96
N THR E 178 -12.02 -61.17 28.65
CA THR E 178 -11.28 -62.43 28.67
C THR E 178 -11.38 -63.00 30.08
N LEU E 179 -11.91 -64.21 30.17
CA LEU E 179 -12.09 -64.92 31.43
C LEU E 179 -10.99 -65.96 31.54
N THR E 180 -10.06 -65.74 32.46
CA THR E 180 -8.88 -66.58 32.62
C THR E 180 -9.02 -67.46 33.85
N LEU E 181 -8.75 -68.76 33.69
CA LEU E 181 -8.83 -69.74 34.77
C LEU E 181 -7.63 -70.67 34.66
N SER E 182 -7.42 -71.44 35.73
CA SER E 182 -6.39 -72.46 35.70
C SER E 182 -6.90 -73.69 34.94
N LYS E 183 -5.95 -74.47 34.42
CA LYS E 183 -6.33 -75.70 33.72
C LYS E 183 -7.10 -76.63 34.65
N ALA E 184 -6.68 -76.70 35.92
CA ALA E 184 -7.34 -77.57 36.88
C ALA E 184 -8.79 -77.14 37.08
N ASP E 185 -9.01 -75.84 37.26
CA ASP E 185 -10.36 -75.37 37.53
C ASP E 185 -11.20 -75.30 36.25
N TYR E 186 -10.55 -75.17 35.09
CA TYR E 186 -11.29 -75.17 33.83
C TYR E 186 -11.91 -76.54 33.58
N GLU E 187 -11.12 -77.60 33.75
CA GLU E 187 -11.61 -78.96 33.58
C GLU E 187 -12.53 -79.40 34.71
N LYS E 188 -12.74 -78.54 35.70
CA LYS E 188 -13.65 -78.84 36.79
C LYS E 188 -15.11 -78.60 36.40
N HIS E 189 -15.35 -77.74 35.43
CA HIS E 189 -16.70 -77.38 35.02
C HIS E 189 -16.90 -77.74 33.55
N LYS E 190 -18.13 -77.57 33.06
CA LYS E 190 -18.53 -78.15 31.77
C LYS E 190 -18.90 -77.10 30.74
N VAL E 191 -19.97 -76.33 30.95
CA VAL E 191 -20.55 -75.46 29.93
C VAL E 191 -20.22 -74.00 30.25
N TYR E 192 -19.52 -73.33 29.33
CA TYR E 192 -19.09 -71.96 29.50
C TYR E 192 -19.91 -71.04 28.60
N ALA E 193 -20.44 -69.96 29.17
CA ALA E 193 -21.27 -69.01 28.44
C ALA E 193 -20.95 -67.58 28.85
N CYS E 194 -21.13 -66.64 27.92
CA CYS E 194 -21.11 -65.21 28.22
C CYS E 194 -22.43 -64.61 27.76
N GLU E 195 -23.14 -63.99 28.70
CA GLU E 195 -24.44 -63.38 28.42
C GLU E 195 -24.29 -61.86 28.40
N VAL E 196 -24.92 -61.21 27.42
CA VAL E 196 -24.68 -59.81 27.10
C VAL E 196 -26.00 -59.05 27.14
N THR E 197 -26.03 -57.96 27.91
CA THR E 197 -27.17 -57.07 27.97
C THR E 197 -26.80 -55.73 27.35
N HIS E 198 -27.73 -55.17 26.57
CA HIS E 198 -27.43 -53.92 25.88
C HIS E 198 -28.75 -53.32 25.40
N GLN E 199 -28.75 -52.00 25.15
CA GLN E 199 -29.99 -51.32 24.79
C GLN E 199 -30.42 -51.54 23.35
N GLY E 200 -29.58 -52.12 22.50
CA GLY E 200 -29.96 -52.33 21.11
C GLY E 200 -30.64 -53.64 20.83
N LEU E 201 -30.64 -54.55 21.80
CA LEU E 201 -31.31 -55.85 21.70
C LEU E 201 -32.46 -55.89 22.69
N SER E 202 -33.60 -56.45 22.27
CA SER E 202 -34.78 -56.48 23.13
C SER E 202 -34.55 -57.38 24.33
N SER E 203 -33.97 -58.56 24.12
CA SER E 203 -33.62 -59.48 25.17
C SER E 203 -32.13 -59.78 25.12
N PRO E 204 -31.51 -60.06 26.26
CA PRO E 204 -30.07 -60.33 26.26
C PRO E 204 -29.72 -61.59 25.49
N VAL E 205 -28.68 -61.50 24.67
CA VAL E 205 -28.24 -62.58 23.80
C VAL E 205 -27.14 -63.35 24.50
N THR E 206 -27.22 -64.69 24.47
CA THR E 206 -26.24 -65.57 25.07
C THR E 206 -25.56 -66.42 24.01
N LYS E 207 -24.23 -66.49 24.08
CA LYS E 207 -23.44 -67.41 23.27
C LYS E 207 -22.66 -68.34 24.20
N SER E 208 -22.70 -69.66 23.90
CA SER E 208 -22.11 -70.66 24.78
C SER E 208 -21.38 -71.73 23.96
N PHE E 209 -20.74 -72.67 24.68
CA PHE E 209 -20.09 -73.83 24.09
C PHE E 209 -19.96 -74.90 25.17
N ASN E 210 -19.78 -76.14 24.73
CA ASN E 210 -19.52 -77.26 25.63
C ASN E 210 -18.04 -77.64 25.59
N ARG E 211 -17.44 -77.83 26.75
CA ARG E 211 -16.03 -78.23 26.82
C ARG E 211 -15.80 -79.68 26.39
N ASN F 27 -8.93 41.32 27.47
CA ASN F 27 -7.97 40.24 27.72
C ASN F 27 -6.53 40.68 27.41
N ILE F 28 -6.30 41.13 26.18
CA ILE F 28 -4.98 41.53 25.71
C ILE F 28 -5.03 43.00 25.30
N THR F 29 -4.05 43.78 25.76
CA THR F 29 -3.98 45.21 25.52
C THR F 29 -2.65 45.61 24.88
N GLU F 30 -2.64 46.79 24.26
CA GLU F 30 -1.44 47.31 23.64
C GLU F 30 -1.40 48.83 23.77
N GLU F 31 -0.20 49.37 24.02
CA GLU F 31 0.03 50.81 24.14
C GLU F 31 1.10 51.23 23.16
N PHE F 32 0.86 52.35 22.47
CA PHE F 32 1.86 52.96 21.61
C PHE F 32 2.39 54.22 22.29
N TYR F 33 3.70 54.31 22.45
CA TYR F 33 4.32 55.46 23.10
C TYR F 33 4.84 56.36 21.98
N GLN F 34 4.08 57.42 21.67
CA GLN F 34 4.47 58.32 20.58
C GLN F 34 5.81 58.96 20.86
N SER F 35 6.17 59.09 22.13
CA SER F 35 7.44 59.69 22.50
C SER F 35 8.62 58.83 22.10
N THR F 36 8.46 57.51 22.06
CA THR F 36 9.60 56.62 21.84
C THR F 36 9.45 55.72 20.61
N CYS F 37 8.43 55.92 19.79
CA CYS F 37 8.25 55.14 18.56
C CYS F 37 8.33 53.64 18.85
N SER F 38 7.55 53.18 19.83
CA SER F 38 7.53 51.78 20.22
C SER F 38 6.15 51.43 20.76
N ALA F 39 5.93 50.14 20.96
CA ALA F 39 4.64 49.67 21.43
C ALA F 39 4.85 48.39 22.23
N VAL F 40 3.99 48.20 23.22
CA VAL F 40 4.05 47.05 24.12
C VAL F 40 2.71 46.31 24.07
N SER F 41 2.76 45.00 23.89
CA SER F 41 1.57 44.16 23.92
C SER F 41 1.57 43.44 25.26
N LYS F 42 0.49 43.59 26.03
CA LYS F 42 0.42 43.05 27.37
C LYS F 42 -0.67 41.99 27.45
N GLY F 43 -0.68 41.25 28.56
CA GLY F 43 -1.69 40.25 28.78
C GLY F 43 -1.32 38.86 28.34
N TYR F 44 -0.13 38.65 27.78
CA TYR F 44 0.32 37.33 27.36
C TYR F 44 0.79 36.52 28.57
N LEU F 45 0.62 35.20 28.49
CA LEU F 45 1.05 34.31 29.56
C LEU F 45 2.33 33.56 29.17
N SER F 46 3.09 33.17 30.17
CA SER F 46 4.37 32.53 29.94
C SER F 46 4.21 31.02 29.88
N ALA F 47 5.12 30.39 29.14
CA ALA F 47 5.41 28.96 29.25
C ALA F 47 6.87 28.81 28.82
N LEU F 48 7.76 29.01 29.78
CA LEU F 48 9.18 29.08 29.48
C LEU F 48 9.79 27.68 29.57
N ARG F 49 10.48 27.26 28.51
CA ARG F 49 11.27 26.04 28.64
C ARG F 49 12.43 26.34 29.56
N THR F 50 12.48 25.66 30.71
CA THR F 50 13.56 25.87 31.66
C THR F 50 14.50 24.69 31.77
N GLY F 51 14.01 23.49 31.47
CA GLY F 51 14.83 22.29 31.52
C GLY F 51 14.40 21.21 30.55
N TRP F 52 14.97 20.02 30.72
CA TRP F 52 14.82 18.90 29.80
C TRP F 52 14.45 17.64 30.54
N TYR F 53 13.56 16.85 29.94
CA TYR F 53 13.36 15.47 30.33
C TYR F 53 13.85 14.59 29.19
N THR F 54 14.63 13.56 29.52
CA THR F 54 15.11 12.61 28.54
C THR F 54 14.45 11.27 28.80
N SER F 55 13.89 10.68 27.76
CA SER F 55 13.23 9.40 27.85
C SER F 55 13.87 8.46 26.83
N VAL F 56 13.89 7.17 27.14
CA VAL F 56 14.51 6.21 26.23
C VAL F 56 13.42 5.46 25.50
N ILE F 57 13.38 5.64 24.19
CA ILE F 57 12.40 5.01 23.33
C ILE F 57 13.10 3.88 22.61
N THR F 58 12.54 2.67 22.71
CA THR F 58 13.18 1.49 22.14
C THR F 58 12.28 0.80 21.14
N ILE F 59 12.93 0.27 20.11
CA ILE F 59 12.33 -0.59 19.11
C ILE F 59 13.10 -1.89 19.14
N GLU F 60 12.39 -2.99 19.35
CA GLU F 60 13.01 -4.30 19.46
C GLU F 60 13.01 -4.94 18.08
N LEU F 61 14.19 -5.32 17.59
CA LEU F 61 14.38 -5.92 16.28
C LEU F 61 14.81 -7.37 16.44
N SER F 62 14.71 -8.14 15.36
CA SER F 62 15.32 -9.48 15.33
C SER F 62 16.30 -9.53 14.18
N ASN F 63 17.54 -9.89 14.48
CA ASN F 63 18.54 -10.04 13.44
C ASN F 63 18.33 -11.38 12.77
N ILE F 64 18.13 -11.35 11.46
CA ILE F 64 17.88 -12.53 10.63
C ILE F 64 19.10 -12.74 9.77
N LYS F 65 19.71 -13.93 9.87
CA LYS F 65 21.04 -14.05 9.27
C LYS F 65 20.96 -13.99 7.75
N GLU F 66 20.33 -14.95 7.11
CA GLU F 66 20.31 -14.93 5.65
C GLU F 66 18.90 -15.23 5.16
N ASN F 67 18.58 -14.69 3.99
CA ASN F 67 17.29 -14.89 3.33
C ASN F 67 17.42 -16.04 2.33
N LYS F 68 17.41 -17.29 2.87
CA LYS F 68 17.72 -18.48 2.07
C LYS F 68 16.60 -18.96 1.17
N CYS F 69 15.49 -18.25 1.04
CA CYS F 69 14.47 -18.72 0.12
C CYS F 69 14.61 -17.89 -1.16
N ASN F 70 15.47 -18.40 -2.04
CA ASN F 70 15.65 -17.83 -3.36
C ASN F 70 14.78 -18.65 -4.30
N GLY F 71 13.83 -17.98 -4.94
CA GLY F 71 12.92 -18.62 -5.85
C GLY F 71 11.84 -17.67 -6.31
N THR F 72 11.30 -17.94 -7.50
CA THR F 72 10.31 -17.06 -8.10
C THR F 72 8.90 -17.50 -7.72
N ASP F 73 8.08 -16.52 -7.35
CA ASP F 73 6.68 -16.67 -6.98
C ASP F 73 6.21 -15.27 -6.61
N ALA F 74 5.03 -14.86 -7.10
CA ALA F 74 4.60 -13.48 -6.94
C ALA F 74 4.58 -13.04 -5.48
N LYS F 75 3.97 -13.83 -4.60
CA LYS F 75 3.92 -13.45 -3.19
C LYS F 75 5.28 -13.63 -2.53
N VAL F 76 6.01 -14.68 -2.90
CA VAL F 76 7.33 -14.94 -2.33
C VAL F 76 8.29 -13.81 -2.69
N LYS F 77 8.24 -13.36 -3.94
CA LYS F 77 9.11 -12.28 -4.40
C LYS F 77 8.90 -11.03 -3.55
N LEU F 78 7.64 -10.75 -3.19
CA LEU F 78 7.37 -9.57 -2.36
C LEU F 78 7.92 -9.76 -0.96
N ILE F 79 7.72 -10.93 -0.37
CA ILE F 79 8.24 -11.16 0.97
C ILE F 79 9.76 -11.03 0.99
N LYS F 80 10.43 -11.54 -0.05
CA LYS F 80 11.89 -11.41 -0.10
C LYS F 80 12.31 -9.96 -0.20
N GLN F 81 11.63 -9.17 -1.02
CA GLN F 81 11.99 -7.76 -1.15
C GLN F 81 11.66 -6.99 0.12
N GLU F 82 10.57 -7.34 0.78
CA GLU F 82 10.23 -6.68 2.03
C GLU F 82 11.24 -7.02 3.12
N LEU F 83 11.72 -8.26 3.14
CA LEU F 83 12.73 -8.62 4.12
C LEU F 83 14.06 -7.95 3.82
N ASP F 84 14.41 -7.88 2.54
CA ASP F 84 15.65 -7.22 2.16
C ASP F 84 15.60 -5.74 2.48
N LYS F 85 14.43 -5.11 2.33
CA LYS F 85 14.29 -3.72 2.78
C LYS F 85 14.51 -3.63 4.28
N TYR F 86 13.92 -4.56 5.04
CA TYR F 86 14.09 -4.57 6.49
C TYR F 86 15.54 -4.86 6.89
N LYS F 87 16.14 -5.90 6.29
CA LYS F 87 17.52 -6.22 6.64
C LYS F 87 18.44 -5.05 6.35
N ASN F 88 18.27 -4.39 5.20
CA ASN F 88 19.08 -3.22 4.89
C ASN F 88 18.85 -2.10 5.88
N ALA F 89 17.62 -1.96 6.39
CA ALA F 89 17.33 -0.90 7.34
C ALA F 89 18.14 -1.06 8.61
N VAL F 90 18.24 -2.29 9.11
CA VAL F 90 19.06 -2.54 10.28
C VAL F 90 20.52 -2.23 9.96
N THR F 91 21.02 -2.73 8.83
CA THR F 91 22.40 -2.49 8.44
C THR F 91 22.67 -1.01 8.21
N GLU F 92 21.71 -0.29 7.63
CA GLU F 92 21.89 1.15 7.41
C GLU F 92 22.01 1.89 8.74
N LEU F 93 21.22 1.49 9.73
CA LEU F 93 21.32 2.10 11.06
C LEU F 93 22.64 1.76 11.74
N GLN F 94 23.18 0.58 11.49
CA GLN F 94 24.44 0.18 12.12
C GLN F 94 25.61 0.98 11.57
N LEU F 95 25.62 1.25 10.25
CA LEU F 95 26.64 2.14 9.70
C LEU F 95 26.50 3.55 10.26
N LEU F 96 25.29 3.95 10.62
CA LEU F 96 25.04 5.27 11.18
C LEU F 96 25.72 5.45 12.53
N MET F 97 25.73 4.40 13.36
CA MET F 97 26.31 4.50 14.70
C MET F 97 27.84 4.43 14.73
N GLN F 98 28.46 3.80 13.76
CA GLN F 98 29.90 3.56 13.83
C GLN F 98 30.75 4.83 13.89
N PHE F 137 17.30 44.07 17.90
CA PHE F 137 18.68 43.71 18.19
C PHE F 137 18.91 43.14 19.58
N LEU F 138 20.17 43.20 19.99
CA LEU F 138 20.69 42.70 21.26
C LEU F 138 20.74 41.18 21.33
N GLY F 139 20.50 40.50 20.22
CA GLY F 139 20.59 39.04 20.23
C GLY F 139 22.00 38.55 20.50
N PHE F 140 22.99 39.30 20.04
CA PHE F 140 24.39 38.89 20.13
C PHE F 140 24.89 38.80 21.56
N LEU F 141 24.09 39.20 22.54
CA LEU F 141 24.46 39.15 23.94
C LEU F 141 24.14 37.81 24.60
N LEU F 142 23.46 36.90 23.91
CA LEU F 142 22.81 35.79 24.61
C LEU F 142 23.73 34.69 25.10
N GLY F 143 24.91 34.51 24.53
CA GLY F 143 25.74 33.40 24.94
C GLY F 143 25.32 32.07 24.28
N VAL F 144 26.09 31.03 24.55
CA VAL F 144 26.07 29.79 23.80
C VAL F 144 25.79 28.62 24.73
N GLY F 145 24.88 27.73 24.34
CA GLY F 145 24.63 26.50 25.05
C GLY F 145 24.97 25.29 24.19
N SER F 146 24.74 24.12 24.76
CA SER F 146 24.91 22.85 24.04
C SER F 146 23.53 22.19 24.06
N ALA F 147 22.79 22.37 22.98
CA ALA F 147 21.35 22.15 22.98
C ALA F 147 20.97 20.73 23.39
N ILE F 148 21.71 19.73 22.94
CA ILE F 148 21.34 18.35 23.26
C ILE F 148 22.33 17.70 24.21
N ALA F 149 23.12 18.50 24.94
CA ALA F 149 24.12 17.92 25.84
C ALA F 149 23.47 17.01 26.86
N SER F 150 22.24 17.34 27.26
CA SER F 150 21.54 16.53 28.26
C SER F 150 21.20 15.15 27.73
N GLY F 151 20.53 15.12 26.57
CA GLY F 151 20.19 13.83 25.97
C GLY F 151 21.40 13.04 25.51
N VAL F 152 22.37 13.71 24.88
CA VAL F 152 23.56 13.00 24.42
C VAL F 152 24.27 12.36 25.59
N ALA F 153 24.30 13.05 26.74
CA ALA F 153 24.88 12.49 27.93
C ALA F 153 24.15 11.21 28.36
N VAL F 154 22.81 11.21 28.30
CA VAL F 154 22.03 10.02 28.63
C VAL F 154 22.31 8.93 27.61
N CYS F 155 22.54 9.33 26.36
CA CYS F 155 22.81 8.34 25.33
C CYS F 155 24.09 7.58 25.64
N LYS F 156 25.13 8.29 26.08
CA LYS F 156 26.39 7.65 26.41
C LYS F 156 26.25 6.67 27.57
N VAL F 157 25.37 6.97 28.53
CA VAL F 157 25.18 6.06 29.66
C VAL F 157 24.64 4.71 29.19
N LEU F 158 23.83 4.71 28.13
CA LEU F 158 23.28 3.45 27.61
C LEU F 158 24.34 2.58 26.95
N HIS F 159 25.50 3.14 26.61
CA HIS F 159 26.56 2.33 26.02
C HIS F 159 27.32 1.51 27.04
N LEU F 160 27.12 1.75 28.33
CA LEU F 160 27.89 1.05 29.34
C LEU F 160 27.46 -0.40 29.38
N GLU F 161 28.35 -1.25 29.89
CA GLU F 161 28.09 -2.69 29.80
C GLU F 161 26.85 -3.05 30.61
N GLY F 162 26.02 -3.89 30.01
CA GLY F 162 24.78 -4.38 30.60
C GLY F 162 23.68 -3.36 30.73
N GLU F 163 23.91 -2.11 30.31
CA GLU F 163 22.90 -1.09 30.49
C GLU F 163 21.70 -1.30 29.60
N VAL F 164 21.89 -1.88 28.42
CA VAL F 164 20.74 -2.13 27.55
C VAL F 164 19.86 -3.23 28.14
N ASN F 165 20.48 -4.26 28.72
CA ASN F 165 19.71 -5.37 29.30
C ASN F 165 18.84 -4.91 30.45
N LYS F 166 19.33 -3.98 31.28
CA LYS F 166 18.47 -3.40 32.32
C LYS F 166 17.21 -2.85 31.68
N ILE F 167 17.37 -2.06 30.62
CA ILE F 167 16.21 -1.54 29.89
C ILE F 167 15.40 -2.70 29.32
N LYS F 168 16.07 -3.66 28.68
CA LYS F 168 15.37 -4.70 27.94
C LYS F 168 14.57 -5.62 28.86
N SER F 169 15.13 -5.97 30.01
CA SER F 169 14.39 -6.86 30.90
C SER F 169 13.22 -6.13 31.56
N ALA F 170 13.35 -4.82 31.81
CA ALA F 170 12.26 -4.08 32.42
C ALA F 170 11.09 -3.92 31.46
N LEU F 171 11.34 -3.92 30.16
CA LEU F 171 10.31 -3.80 29.14
C LEU F 171 9.93 -5.15 28.53
N LEU F 172 10.13 -6.24 29.26
CA LEU F 172 9.77 -7.54 28.71
C LEU F 172 8.27 -7.77 28.80
N SER F 173 7.65 -7.39 29.91
CA SER F 173 6.25 -7.66 30.18
C SER F 173 5.31 -6.51 29.82
N THR F 174 5.75 -5.25 29.94
CA THR F 174 4.95 -4.10 29.55
C THR F 174 5.75 -3.26 28.55
N ASN F 175 5.09 -2.26 27.97
CA ASN F 175 5.76 -1.37 27.03
C ASN F 175 6.28 -0.09 27.68
N LYS F 176 6.13 0.06 28.99
CA LYS F 176 6.51 1.29 29.68
C LYS F 176 7.00 0.93 31.06
N ALA F 177 8.23 1.37 31.38
CA ALA F 177 8.79 1.13 32.70
C ALA F 177 9.77 2.26 32.99
N VAL F 178 10.00 2.50 34.27
CA VAL F 178 11.01 3.45 34.73
C VAL F 178 12.24 2.64 35.11
N VAL F 179 13.37 2.97 34.51
CA VAL F 179 14.61 2.24 34.75
C VAL F 179 15.58 3.17 35.45
N SER F 180 16.24 2.65 36.47
CA SER F 180 17.34 3.37 37.11
C SER F 180 18.63 2.97 36.43
N LEU F 181 19.29 3.92 35.78
CA LEU F 181 20.51 3.62 35.06
C LEU F 181 21.68 3.49 36.04
N SER F 182 22.83 3.06 35.51
CA SER F 182 23.99 2.81 36.37
C SER F 182 24.46 4.08 37.05
N ASN F 183 24.36 5.23 36.37
CA ASN F 183 24.76 6.49 37.00
C ASN F 183 23.74 6.94 38.03
N GLY F 184 22.57 6.31 38.09
CA GLY F 184 21.61 6.54 39.15
C GLY F 184 20.37 7.28 38.72
N VAL F 185 20.37 7.89 37.54
CA VAL F 185 19.25 8.69 37.09
C VAL F 185 18.12 7.78 36.63
N SER F 186 16.89 8.11 37.02
CA SER F 186 15.72 7.36 36.59
C SER F 186 15.16 8.00 35.33
N VAL F 187 14.98 7.19 34.30
CA VAL F 187 14.52 7.62 32.99
C VAL F 187 13.39 6.70 32.55
N LEU F 188 12.29 7.30 32.07
CA LEU F 188 11.21 6.53 31.49
C LEU F 188 11.68 5.81 30.23
N THR F 189 11.30 4.54 30.10
CA THR F 189 11.61 3.80 28.89
C THR F 189 10.30 3.41 28.22
N PHE F 190 10.41 3.06 26.95
CA PHE F 190 9.21 2.93 26.14
C PHE F 190 9.53 2.06 24.93
N LYS F 191 8.92 0.88 24.86
CA LYS F 191 9.04 0.02 23.70
C LYS F 191 7.90 0.37 22.76
N VAL F 192 8.21 1.00 21.63
CA VAL F 192 7.17 1.47 20.73
C VAL F 192 6.88 0.49 19.60
N LEU F 193 7.80 -0.41 19.29
CA LEU F 193 7.63 -1.33 18.18
C LEU F 193 8.37 -2.62 18.49
N ASP F 194 7.65 -3.75 18.44
CA ASP F 194 8.23 -5.05 18.72
C ASP F 194 8.28 -5.83 17.41
N LEU F 195 9.35 -5.62 16.64
CA LEU F 195 9.52 -6.36 15.39
C LEU F 195 10.16 -7.71 15.61
N LYS F 196 10.98 -7.86 16.66
CA LYS F 196 11.59 -9.15 16.94
C LYS F 196 10.53 -10.22 17.08
N ASN F 197 9.58 -9.99 17.96
CA ASN F 197 8.54 -10.98 18.22
C ASN F 197 7.68 -11.20 16.99
N TYR F 198 7.38 -10.12 16.26
CA TYR F 198 6.57 -10.25 15.05
C TYR F 198 7.26 -11.13 14.01
N ILE F 199 8.54 -10.88 13.76
CA ILE F 199 9.26 -11.68 12.79
C ILE F 199 9.54 -13.08 13.33
N ASP F 200 10.00 -13.18 14.58
CA ASP F 200 10.39 -14.49 15.09
C ASP F 200 9.18 -15.38 15.36
N LYS F 201 8.09 -14.80 15.85
CA LYS F 201 6.99 -15.63 16.29
C LYS F 201 5.78 -15.62 15.39
N GLN F 202 5.64 -14.64 14.49
CA GLN F 202 4.47 -14.62 13.65
C GLN F 202 4.73 -14.74 12.16
N LEU F 203 5.84 -14.21 11.65
CA LEU F 203 6.05 -14.22 10.21
C LEU F 203 6.96 -15.36 9.76
N LEU F 204 8.14 -15.45 10.36
CA LEU F 204 9.07 -16.50 9.99
C LEU F 204 8.50 -17.90 10.17
N PRO F 205 7.75 -18.21 11.23
CA PRO F 205 7.07 -19.52 11.26
C PRO F 205 6.07 -19.73 10.13
N ILE F 206 5.28 -18.70 9.80
CA ILE F 206 4.36 -18.79 8.66
C ILE F 206 5.14 -18.98 7.37
N LEU F 207 6.19 -18.18 7.18
CA LEU F 207 6.98 -18.25 5.96
C LEU F 207 7.60 -19.63 5.80
N ASN F 208 8.30 -20.10 6.83
CA ASN F 208 9.07 -21.35 6.74
C ASN F 208 8.19 -22.55 6.45
N LYS F 209 6.94 -22.55 6.93
CA LYS F 209 6.13 -23.75 6.87
C LYS F 209 5.98 -24.23 5.43
N GLN F 210 5.68 -23.33 4.51
CA GLN F 210 5.47 -23.69 3.10
C GLN F 210 6.67 -23.38 2.23
N SER F 211 7.89 -23.65 2.72
CA SER F 211 9.12 -23.45 1.96
C SER F 211 9.17 -22.03 1.39
N CYS F 212 8.97 -21.05 2.28
CA CYS F 212 9.00 -19.62 1.96
C CYS F 212 7.92 -19.23 0.96
N SER F 213 6.82 -19.97 0.87
CA SER F 213 5.72 -19.53 0.03
C SER F 213 4.53 -19.27 0.92
N ILE F 214 3.80 -18.19 0.64
CA ILE F 214 2.69 -17.76 1.47
C ILE F 214 1.42 -17.71 0.61
N SER F 215 0.37 -18.35 1.10
CA SER F 215 -0.90 -18.39 0.37
C SER F 215 -1.80 -17.22 0.72
N ASN F 216 -1.26 -16.20 1.37
CA ASN F 216 -2.05 -15.10 1.90
C ASN F 216 -1.32 -13.79 1.63
N ILE F 217 -1.79 -12.99 0.65
CA ILE F 217 -1.18 -11.69 0.38
C ILE F 217 -1.32 -10.76 1.57
N GLU F 218 -2.33 -11.01 2.40
CA GLU F 218 -2.56 -10.20 3.60
C GLU F 218 -1.37 -10.31 4.55
N THR F 219 -0.59 -11.38 4.44
CA THR F 219 0.61 -11.51 5.26
C THR F 219 1.66 -10.50 4.82
N VAL F 220 1.78 -10.26 3.50
CA VAL F 220 2.77 -9.29 3.04
C VAL F 220 2.44 -7.88 3.52
N ILE F 221 1.16 -7.50 3.44
CA ILE F 221 0.77 -6.14 3.80
C ILE F 221 0.99 -5.91 5.29
N GLU F 222 0.58 -6.85 6.13
CA GLU F 222 0.75 -6.68 7.57
C GLU F 222 2.21 -6.47 7.92
N PHE F 223 3.11 -7.19 7.24
CA PHE F 223 4.54 -6.99 7.47
C PHE F 223 5.01 -5.67 6.89
N GLN F 224 4.53 -5.32 5.70
CA GLN F 224 4.94 -4.07 5.09
C GLN F 224 4.43 -2.88 5.90
N GLN F 225 3.27 -3.01 6.55
CA GLN F 225 2.78 -1.96 7.45
C GLN F 225 3.64 -1.87 8.70
N LYS F 226 3.90 -3.01 9.34
CA LYS F 226 4.73 -3.02 10.55
C LYS F 226 6.12 -2.47 10.27
N ASN F 227 6.70 -2.88 9.14
CA ASN F 227 8.05 -2.49 8.78
C ASN F 227 8.12 -1.02 8.40
N ASN F 228 7.01 -0.45 7.94
CA ASN F 228 7.03 0.91 7.42
C ASN F 228 7.63 1.89 8.42
N ARG F 229 7.24 1.81 9.70
CA ARG F 229 7.74 2.77 10.67
C ARG F 229 9.25 2.67 10.84
N LEU F 230 9.76 1.45 10.90
CA LEU F 230 11.20 1.27 11.04
C LEU F 230 11.94 1.85 9.84
N LEU F 231 11.36 1.73 8.65
CA LEU F 231 11.99 2.30 7.46
C LEU F 231 12.03 3.82 7.51
N GLU F 232 10.94 4.46 7.95
CA GLU F 232 10.94 5.92 7.96
C GLU F 232 11.86 6.49 9.03
N ILE F 233 11.95 5.79 10.16
CA ILE F 233 12.90 6.17 11.21
C ILE F 233 14.31 6.17 10.68
N THR F 234 14.69 5.12 9.97
CA THR F 234 15.99 5.10 9.32
C THR F 234 16.15 6.25 8.34
N ARG F 235 15.11 6.56 7.57
CA ARG F 235 15.21 7.68 6.63
C ARG F 235 15.48 8.98 7.36
N GLU F 236 14.82 9.22 8.49
CA GLU F 236 15.01 10.48 9.19
C GLU F 236 16.41 10.55 9.80
N PHE F 237 16.84 9.47 10.44
CA PHE F 237 18.17 9.47 11.03
C PHE F 237 19.25 9.53 9.95
N SER F 238 18.95 9.08 8.73
CA SER F 238 20.00 9.02 7.71
C SER F 238 20.35 10.39 7.11
N VAL F 239 19.41 11.33 7.06
CA VAL F 239 19.77 12.66 6.56
C VAL F 239 20.00 13.65 7.66
N ASN F 240 19.65 13.31 8.90
CA ASN F 240 19.79 14.25 10.02
C ASN F 240 20.98 13.91 10.89
N ALA F 241 21.77 12.90 10.51
CA ALA F 241 22.90 12.45 11.30
C ALA F 241 22.49 12.21 12.75
N GLY F 242 21.36 11.52 12.94
CA GLY F 242 20.98 11.05 14.25
C GLY F 242 20.40 12.07 15.21
N VAL F 243 20.18 13.32 14.80
CA VAL F 243 19.52 14.29 15.66
C VAL F 243 18.47 15.03 14.83
N THR F 244 17.21 14.84 15.18
CA THR F 244 16.10 15.46 14.49
C THR F 244 15.39 16.41 15.46
N THR F 245 14.81 17.46 14.89
CA THR F 245 13.90 18.35 15.59
C THR F 245 13.10 19.05 14.51
N PRO F 246 11.77 19.18 14.67
CA PRO F 246 10.96 18.62 15.75
C PRO F 246 10.92 17.10 15.70
N VAL F 247 10.44 16.51 16.79
CA VAL F 247 10.31 15.06 16.87
C VAL F 247 9.13 14.63 15.99
N SER F 248 9.43 13.85 14.95
CA SER F 248 8.40 13.44 14.01
C SER F 248 7.48 12.40 14.64
N THR F 249 6.37 12.14 13.99
CA THR F 249 5.43 11.13 14.44
C THR F 249 5.86 9.70 14.14
N TYR F 250 6.90 9.50 13.31
CA TYR F 250 7.47 8.16 13.17
C TYR F 250 8.34 7.83 14.37
N MET F 251 9.10 8.81 14.87
CA MET F 251 9.90 8.63 16.07
C MET F 251 9.02 8.48 17.30
N LEU F 252 7.94 9.23 17.37
CA LEU F 252 7.03 9.22 18.53
C LEU F 252 5.64 9.56 18.04
N THR F 253 4.74 8.57 18.07
CA THR F 253 3.38 8.83 17.64
C THR F 253 2.69 9.79 18.61
N ASN F 254 1.60 10.40 18.17
CA ASN F 254 0.90 11.34 19.02
C ASN F 254 0.43 10.67 20.30
N SER F 255 -0.09 9.44 20.21
CA SER F 255 -0.55 8.74 21.40
C SER F 255 0.61 8.38 22.33
N GLU F 256 1.74 7.96 21.76
CA GLU F 256 2.90 7.64 22.60
C GLU F 256 3.39 8.88 23.33
N LEU F 257 3.42 10.03 22.65
CA LEU F 257 3.87 11.27 23.28
C LEU F 257 2.92 11.71 24.39
N LEU F 258 1.62 11.62 24.16
CA LEU F 258 0.67 11.90 25.23
C LEU F 258 0.81 10.93 26.40
N SER F 259 1.16 9.67 26.12
CA SER F 259 1.35 8.71 27.20
C SER F 259 2.62 9.02 28.00
N LEU F 260 3.68 9.48 27.34
CA LEU F 260 4.89 9.89 28.05
C LEU F 260 4.61 11.05 28.98
N ILE F 261 3.94 12.07 28.47
CA ILE F 261 3.64 13.24 29.28
C ILE F 261 2.82 12.84 30.50
N ASN F 262 1.86 11.93 30.32
CA ASN F 262 1.02 11.54 31.44
C ASN F 262 1.82 10.80 32.50
N ASP F 263 2.89 10.10 32.13
CA ASP F 263 3.72 9.38 33.09
C ASP F 263 4.96 10.14 33.52
N MET F 264 5.17 11.36 33.02
CA MET F 264 6.36 12.09 33.43
C MET F 264 6.18 12.67 34.83
N PRO F 265 7.29 12.83 35.57
CA PRO F 265 7.24 13.41 36.93
C PRO F 265 7.10 14.93 36.92
N ILE F 266 5.92 15.41 36.51
CA ILE F 266 5.65 16.84 36.41
C ILE F 266 4.29 17.13 37.01
N THR F 267 4.00 18.42 37.13
CA THR F 267 2.76 18.91 37.72
C THR F 267 1.56 18.47 36.88
N ASN F 268 0.38 18.47 37.51
CA ASN F 268 -0.83 18.26 36.72
C ASN F 268 -1.07 19.45 35.81
N ASP F 269 -0.74 20.67 36.28
CA ASP F 269 -0.72 21.83 35.39
C ASP F 269 0.30 21.64 34.29
N GLN F 270 1.46 21.07 34.62
CA GLN F 270 2.48 20.86 33.60
C GLN F 270 2.05 19.78 32.61
N LYS F 271 1.51 18.67 33.11
CA LYS F 271 0.99 17.63 32.22
C LYS F 271 -0.08 18.19 31.29
N LYS F 272 -0.99 19.00 31.84
CA LYS F 272 -2.05 19.60 31.03
C LYS F 272 -1.48 20.54 29.97
N LEU F 273 -0.51 21.39 30.34
CA LEU F 273 0.08 22.33 29.38
C LEU F 273 0.75 21.58 28.24
N MET F 274 1.57 20.58 28.56
CA MET F 274 2.24 19.82 27.51
C MET F 274 1.23 19.06 26.65
N SER F 275 0.16 18.53 27.25
CA SER F 275 -0.77 17.72 26.48
C SER F 275 -1.62 18.54 25.52
N ASN F 276 -1.97 19.77 25.89
CA ASN F 276 -2.80 20.56 25.00
C ASN F 276 -2.02 21.24 23.89
N ASN F 277 -0.68 21.18 23.94
CA ASN F 277 0.18 21.81 22.94
C ASN F 277 1.23 20.83 22.44
N VAL F 278 0.81 19.59 22.15
CA VAL F 278 1.77 18.57 21.73
C VAL F 278 2.52 18.99 20.47
N GLN F 279 1.89 19.76 19.59
CA GLN F 279 2.60 20.23 18.43
C GLN F 279 3.77 21.14 18.82
N ILE F 280 3.61 21.92 19.89
CA ILE F 280 4.71 22.75 20.36
C ILE F 280 5.76 21.91 21.06
N VAL F 281 5.33 20.93 21.87
CA VAL F 281 6.27 20.08 22.55
C VAL F 281 7.16 19.36 21.55
N ARG F 282 6.57 18.89 20.46
CA ARG F 282 7.37 18.31 19.39
C ARG F 282 8.38 19.31 18.87
N GLN F 283 7.92 20.51 18.55
CA GLN F 283 8.79 21.49 17.92
C GLN F 283 9.93 21.89 18.82
N GLN F 284 9.78 21.73 20.13
CA GLN F 284 10.83 22.08 21.08
C GLN F 284 11.61 20.87 21.56
N SER F 285 11.41 19.70 20.97
CA SER F 285 12.05 18.47 21.39
C SER F 285 13.11 18.05 20.39
N TYR F 286 14.03 17.24 20.86
CA TYR F 286 15.02 16.61 20.00
C TYR F 286 14.86 15.11 20.12
N SER F 287 15.16 14.38 19.05
CA SER F 287 15.25 12.93 19.07
C SER F 287 16.68 12.53 18.74
N ILE F 288 17.35 11.88 19.68
CA ILE F 288 18.79 11.63 19.60
C ILE F 288 19.01 10.13 19.47
N MET F 289 19.53 9.72 18.32
CA MET F 289 19.85 8.33 18.06
C MET F 289 20.95 7.84 18.99
N CYS F 290 20.82 6.59 19.49
CA CYS F 290 21.68 6.05 20.56
C CYS F 290 22.47 4.81 20.23
N ILE F 291 21.80 3.66 20.29
CA ILE F 291 22.42 2.37 20.02
C ILE F 291 21.44 1.49 19.27
N ILE F 292 21.99 0.62 18.43
CA ILE F 292 21.25 -0.53 17.92
C ILE F 292 22.17 -1.72 18.23
N LYS F 293 21.93 -2.34 19.38
CA LYS F 293 22.81 -3.38 19.88
C LYS F 293 21.93 -4.48 20.45
N GLU F 294 22.41 -5.71 20.34
CA GLU F 294 21.60 -6.86 20.67
C GLU F 294 20.29 -6.75 19.89
N GLU F 295 19.15 -7.02 20.51
CA GLU F 295 17.89 -7.01 19.77
C GLU F 295 17.12 -5.73 20.00
N VAL F 296 17.82 -4.63 20.31
CA VAL F 296 17.18 -3.38 20.66
C VAL F 296 17.80 -2.25 19.84
N LEU F 297 16.94 -1.46 19.22
CA LEU F 297 17.26 -0.13 18.74
C LEU F 297 16.71 0.85 19.76
N ALA F 298 17.54 1.76 20.25
CA ALA F 298 17.10 2.73 21.24
C ALA F 298 17.50 4.12 20.81
N TYR F 299 16.60 5.07 20.99
CA TYR F 299 16.91 6.48 20.83
C TYR F 299 16.32 7.25 22.00
N VAL F 300 16.96 8.36 22.32
CA VAL F 300 16.56 9.22 23.43
C VAL F 300 15.69 10.34 22.88
N VAL F 301 14.53 10.54 23.48
CA VAL F 301 13.70 11.69 23.16
C VAL F 301 13.83 12.72 24.27
N GLN F 302 14.34 13.90 23.92
CA GLN F 302 14.61 14.98 24.87
C GLN F 302 13.46 15.96 24.79
N LEU F 303 12.60 15.93 25.78
CA LEU F 303 11.41 16.78 25.77
C LEU F 303 11.62 18.03 26.63
N PRO F 304 11.08 19.18 26.23
CA PRO F 304 11.19 20.36 27.09
C PRO F 304 10.20 20.26 28.22
N LEU F 305 10.67 20.58 29.43
CA LEU F 305 9.78 20.72 30.58
C LEU F 305 9.66 22.18 30.95
N TYR F 306 8.43 22.61 31.20
CA TYR F 306 8.10 24.03 31.37
C TYR F 306 8.04 24.36 32.86
N GLY F 307 9.17 24.85 33.39
CA GLY F 307 9.22 25.15 34.81
C GLY F 307 8.65 26.49 35.21
N VAL F 308 8.37 27.37 34.26
CA VAL F 308 7.77 28.67 34.53
C VAL F 308 6.52 28.80 33.66
N ILE F 309 5.36 28.90 34.30
CA ILE F 309 4.07 28.87 33.61
C ILE F 309 3.21 29.99 34.16
N ASP F 310 2.45 30.64 33.28
CA ASP F 310 1.42 31.60 33.67
C ASP F 310 1.98 32.86 34.30
N THR F 311 3.22 33.19 34.04
CA THR F 311 3.61 34.48 34.58
C THR F 311 3.37 35.57 33.54
N PRO F 312 3.12 36.82 33.97
CA PRO F 312 2.78 37.87 33.00
C PRO F 312 3.93 38.10 32.04
N CYS F 313 3.60 38.24 30.76
CA CYS F 313 4.60 38.45 29.73
C CYS F 313 4.16 39.55 28.77
N TRP F 314 5.12 40.27 28.20
CA TRP F 314 4.81 41.31 27.23
C TRP F 314 5.86 41.37 26.13
N LYS F 315 5.43 41.81 24.95
CA LYS F 315 6.28 41.94 23.76
C LYS F 315 6.51 43.42 23.46
N LEU F 316 7.77 43.78 23.26
CA LEU F 316 8.14 45.16 22.92
C LEU F 316 8.45 45.25 21.43
N HIS F 317 7.70 46.08 20.71
CA HIS F 317 7.98 46.39 19.32
C HIS F 317 8.56 47.79 19.25
N THR F 318 9.65 47.95 18.48
CA THR F 318 10.29 49.24 18.33
C THR F 318 10.52 49.53 16.86
N SER F 319 10.62 50.82 16.54
CA SER F 319 10.80 51.31 15.18
C SER F 319 11.65 52.57 15.26
N PRO F 320 12.35 52.91 14.18
CA PRO F 320 13.23 54.10 14.23
C PRO F 320 12.45 55.39 14.32
N LEU F 321 12.98 56.34 15.09
CA LEU F 321 12.40 57.66 15.30
C LEU F 321 13.42 58.71 14.86
N CYS F 322 13.07 59.47 13.83
CA CYS F 322 13.97 60.44 13.21
C CYS F 322 13.32 61.81 13.13
N THR F 323 14.16 62.83 12.94
CA THR F 323 13.72 64.19 12.64
C THR F 323 13.11 64.29 11.24
N THR F 324 12.38 65.38 11.00
CA THR F 324 11.62 65.50 9.75
C THR F 324 11.86 66.83 9.04
N ASN F 325 13.10 67.33 9.04
CA ASN F 325 13.39 68.52 8.26
C ASN F 325 13.47 68.18 6.76
N THR F 326 13.26 69.21 5.93
CA THR F 326 13.22 69.00 4.48
C THR F 326 14.60 68.76 3.88
N LYS F 327 15.65 69.32 4.51
CA LYS F 327 17.02 69.10 4.03
C LYS F 327 17.39 67.63 4.17
N GLU F 328 17.87 67.03 3.09
CA GLU F 328 18.05 65.58 3.02
C GLU F 328 18.89 65.03 4.17
N GLY F 329 20.13 65.50 4.30
CA GLY F 329 21.07 64.92 5.26
C GLY F 329 21.24 65.61 6.59
N SER F 330 20.39 66.58 6.94
CA SER F 330 20.50 67.23 8.23
C SER F 330 19.78 66.47 9.34
N ASN F 331 19.33 65.24 9.07
CA ASN F 331 18.46 64.50 9.98
C ASN F 331 19.23 63.61 10.95
N ILE F 332 18.58 63.35 12.08
CA ILE F 332 19.09 62.52 13.17
C ILE F 332 18.08 61.41 13.42
N CYS F 333 18.55 60.24 13.84
CA CYS F 333 17.69 59.07 14.08
C CYS F 333 18.00 58.38 15.39
N LEU F 334 16.99 57.67 15.90
CA LEU F 334 17.03 57.04 17.21
C LEU F 334 16.09 55.85 17.25
N THR F 335 16.56 54.71 17.74
CA THR F 335 15.73 53.52 17.83
C THR F 335 15.95 52.81 19.16
N ARG F 336 14.86 52.41 19.82
CA ARG F 336 15.00 51.52 20.97
C ARG F 336 15.42 50.15 20.49
N THR F 337 16.47 49.60 21.11
CA THR F 337 17.00 48.30 20.69
C THR F 337 16.45 47.12 21.49
N ASP F 338 15.76 47.37 22.60
CA ASP F 338 15.37 46.28 23.49
C ASP F 338 14.07 45.59 23.07
N ARG F 339 13.78 45.52 21.78
CA ARG F 339 12.59 44.82 21.33
C ARG F 339 12.70 43.34 21.66
N GLY F 340 11.55 42.71 21.85
CA GLY F 340 11.49 41.30 22.12
C GLY F 340 10.47 41.02 23.21
N TRP F 341 10.55 39.81 23.74
CA TRP F 341 9.63 39.31 24.76
C TRP F 341 10.20 39.50 26.16
N TYR F 342 9.33 39.79 27.12
CA TYR F 342 9.71 39.94 28.51
C TYR F 342 8.73 39.17 29.37
N CYS F 343 9.22 38.25 30.20
CA CYS F 343 8.40 37.55 31.18
C CYS F 343 8.96 37.71 32.58
N ASP F 344 8.06 37.95 33.53
CA ASP F 344 8.40 37.82 34.93
C ASP F 344 8.79 36.36 35.17
N ASN F 345 9.87 36.16 35.92
CA ASN F 345 10.38 34.81 36.13
C ASN F 345 11.17 34.83 37.43
N ALA F 346 10.63 34.22 38.47
CA ALA F 346 11.36 34.08 39.72
C ALA F 346 11.84 35.44 40.21
N GLY F 347 10.94 36.41 40.21
CA GLY F 347 11.26 37.70 40.75
C GLY F 347 12.10 38.55 39.83
N SER F 348 12.57 38.00 38.74
CA SER F 348 13.39 38.70 37.77
C SER F 348 12.59 38.83 36.47
N VAL F 349 13.24 39.30 35.41
CA VAL F 349 12.61 39.45 34.09
C VAL F 349 13.48 38.75 33.07
N SER F 350 12.92 37.73 32.40
CA SER F 350 13.60 37.02 31.32
C SER F 350 13.33 37.76 30.02
N PHE F 351 14.40 38.18 29.36
CA PHE F 351 14.32 38.99 28.15
C PHE F 351 14.75 38.15 26.96
N PHE F 352 13.87 38.04 25.95
CA PHE F 352 14.12 37.29 24.72
C PHE F 352 14.23 38.27 23.56
N PRO F 353 15.42 38.62 23.11
CA PRO F 353 15.55 39.61 22.04
C PRO F 353 15.05 39.05 20.73
N GLN F 354 15.52 37.84 20.40
CA GLN F 354 15.10 37.12 19.19
C GLN F 354 13.66 36.69 19.35
N ALA F 355 12.73 37.48 18.80
CA ALA F 355 11.32 37.15 18.94
C ALA F 355 10.92 35.99 18.03
N GLU F 356 11.76 35.64 17.06
CA GLU F 356 11.48 34.49 16.20
C GLU F 356 11.71 33.16 16.89
N THR F 357 12.43 33.14 17.99
CA THR F 357 12.62 31.88 18.69
C THR F 357 11.46 31.57 19.62
N CYS F 358 10.52 32.49 19.77
CA CYS F 358 9.35 32.25 20.61
C CYS F 358 8.13 31.91 19.77
N LYS F 359 7.33 31.00 20.29
CA LYS F 359 6.09 30.56 19.66
C LYS F 359 4.92 31.03 20.51
N VAL F 360 3.95 31.67 19.86
CA VAL F 360 2.71 32.10 20.50
C VAL F 360 1.58 31.20 20.02
N GLN F 361 0.89 30.55 20.95
CA GLN F 361 -0.36 29.84 20.68
C GLN F 361 -1.45 30.57 21.44
N SER F 362 -2.31 31.27 20.70
CA SER F 362 -3.39 32.08 21.28
C SER F 362 -2.84 33.15 22.21
N ASN F 363 -2.81 32.86 23.51
CA ASN F 363 -2.37 33.81 24.53
C ASN F 363 -1.17 33.32 25.32
N ARG F 364 -0.61 32.17 24.97
CA ARG F 364 0.52 31.58 25.68
C ARG F 364 1.78 31.75 24.84
N VAL F 365 2.86 32.16 25.50
CA VAL F 365 4.14 32.38 24.82
C VAL F 365 5.11 31.28 25.24
N PHE F 366 5.53 30.45 24.30
CA PHE F 366 6.50 29.39 24.55
C PHE F 366 7.89 29.89 24.16
N CYS F 367 8.73 30.16 25.15
CA CYS F 367 10.08 30.59 24.86
C CYS F 367 11.06 29.62 25.52
N ASP F 368 12.34 29.77 25.15
CA ASP F 368 13.40 28.91 25.63
C ASP F 368 14.42 29.80 26.33
N THR F 369 14.65 29.55 27.62
CA THR F 369 15.41 30.49 28.45
C THR F 369 16.87 30.60 28.05
N MET F 370 17.42 29.62 27.33
CA MET F 370 18.79 29.74 26.86
C MET F 370 18.94 30.84 25.81
N ASN F 371 17.83 31.24 25.16
CA ASN F 371 17.80 32.39 24.27
C ASN F 371 17.34 33.64 24.99
N SER F 372 17.61 33.74 26.29
CA SER F 372 17.14 34.86 27.09
C SER F 372 18.32 35.49 27.83
N LEU F 373 18.15 36.77 28.16
CA LEU F 373 18.98 37.40 29.16
C LEU F 373 18.15 37.54 30.43
N THR F 374 18.81 37.53 31.58
CA THR F 374 18.15 37.73 32.87
C THR F 374 18.40 39.17 33.30
N LEU F 375 17.32 39.97 33.33
CA LEU F 375 17.36 41.40 33.56
C LEU F 375 16.58 41.76 34.82
N PRO F 376 16.97 42.85 35.49
CA PRO F 376 16.19 43.34 36.64
C PRO F 376 14.81 43.83 36.22
N SER F 377 13.85 43.72 37.14
CA SER F 377 12.45 44.04 36.82
C SER F 377 12.26 45.47 36.35
N GLU F 378 13.20 46.38 36.67
CA GLU F 378 13.12 47.79 36.30
C GLU F 378 13.27 48.03 34.79
N VAL F 379 13.51 47.00 33.97
CA VAL F 379 13.53 47.20 32.53
C VAL F 379 12.19 47.74 32.06
N ASN F 380 11.11 47.34 32.72
CA ASN F 380 9.76 47.73 32.30
C ASN F 380 9.55 49.24 32.40
N LEU F 381 10.43 49.94 33.14
CA LEU F 381 10.35 51.38 33.32
C LEU F 381 10.68 52.14 32.04
N CYS F 382 11.43 51.54 31.12
CA CYS F 382 11.74 52.20 29.85
C CYS F 382 10.48 52.52 29.06
N ASN F 383 9.37 51.87 29.38
CA ASN F 383 8.12 52.09 28.68
C ASN F 383 7.33 53.26 29.26
N VAL F 384 7.52 53.57 30.54
CA VAL F 384 6.83 54.70 31.15
C VAL F 384 7.69 55.97 31.12
N ASP F 385 9.02 55.84 31.11
CA ASP F 385 9.91 57.00 31.06
C ASP F 385 11.29 56.55 30.59
N ILE F 386 11.61 56.83 29.33
CA ILE F 386 12.88 56.36 28.80
C ILE F 386 14.07 57.06 29.49
N PHE F 387 13.83 58.21 30.12
CA PHE F 387 14.88 58.95 30.82
C PHE F 387 14.89 58.71 32.32
N ASN F 388 14.21 57.67 32.79
CA ASN F 388 14.24 57.34 34.20
C ASN F 388 15.67 57.10 34.67
N PRO F 389 15.97 57.44 35.92
CA PRO F 389 17.35 57.24 36.41
C PRO F 389 17.64 55.84 36.89
N LYS F 390 16.63 54.97 36.97
CA LYS F 390 16.83 53.70 37.64
C LYS F 390 17.28 52.57 36.72
N TYR F 391 17.02 52.65 35.42
CA TYR F 391 17.54 51.65 34.48
C TYR F 391 17.92 52.32 33.18
N ASP F 392 19.11 51.99 32.68
CA ASP F 392 19.70 52.62 31.51
C ASP F 392 19.12 51.96 30.26
N CYS F 393 18.16 52.62 29.64
CA CYS F 393 17.45 52.03 28.51
C CYS F 393 18.36 51.98 27.28
N LYS F 394 18.32 50.85 26.57
CA LYS F 394 19.23 50.64 25.46
C LYS F 394 18.65 51.23 24.19
N ILE F 395 19.50 51.91 23.41
CA ILE F 395 19.10 52.56 22.17
C ILE F 395 20.24 52.47 21.16
N MET F 396 19.93 52.68 19.89
CA MET F 396 20.93 52.89 18.85
C MET F 396 20.65 54.19 18.11
N THR F 397 21.69 54.78 17.54
CA THR F 397 21.62 56.06 16.85
C THR F 397 22.14 55.92 15.43
N SER F 398 21.53 56.69 14.51
CA SER F 398 21.89 56.63 13.10
C SER F 398 21.61 57.97 12.45
N LYS F 399 22.04 58.07 11.20
CA LYS F 399 21.71 59.18 10.31
C LYS F 399 20.99 58.63 9.08
N THR F 400 20.49 57.41 9.18
CA THR F 400 19.92 56.65 8.08
C THR F 400 18.39 56.78 8.15
N ASP F 401 17.87 57.75 7.40
CA ASP F 401 16.46 58.12 7.47
C ASP F 401 15.64 57.35 6.45
N VAL F 402 15.42 56.05 6.74
CA VAL F 402 14.67 55.15 5.86
C VAL F 402 13.26 54.91 6.40
N SER F 403 12.32 54.76 5.48
CA SER F 403 10.92 54.54 5.82
C SER F 403 10.67 53.06 6.03
N SER F 404 9.80 52.75 7.00
CA SER F 404 9.50 51.35 7.29
C SER F 404 8.20 51.27 8.10
N SER F 405 7.74 50.04 8.32
CA SER F 405 6.62 49.77 9.21
C SER F 405 6.91 48.51 10.01
N VAL F 406 6.46 48.51 11.26
CA VAL F 406 6.54 47.36 12.16
C VAL F 406 5.13 47.02 12.61
N ILE F 407 4.66 45.83 12.23
CA ILE F 407 3.34 45.36 12.64
C ILE F 407 3.40 44.82 14.06
N THR F 408 2.50 45.28 14.90
CA THR F 408 2.43 44.86 16.28
C THR F 408 1.41 43.75 16.46
N SER F 409 1.23 43.33 17.71
CA SER F 409 0.24 42.32 18.02
C SER F 409 -1.18 42.84 17.72
N LEU F 410 -1.41 44.13 17.95
CA LEU F 410 -2.74 44.71 17.80
C LEU F 410 -2.80 45.91 16.86
N GLY F 411 -1.76 46.18 16.09
CA GLY F 411 -1.85 47.33 15.20
C GLY F 411 -0.67 47.49 14.28
N ALA F 412 -0.32 48.73 13.95
CA ALA F 412 0.78 49.02 13.04
C ALA F 412 1.47 50.32 13.44
N ILE F 413 2.79 50.23 13.63
CA ILE F 413 3.69 51.38 13.76
C ILE F 413 4.19 51.75 12.36
N VAL F 414 4.24 53.05 12.07
CA VAL F 414 4.71 53.54 10.78
C VAL F 414 5.81 54.55 10.99
N SER F 415 7.01 54.25 10.47
CA SER F 415 8.11 55.20 10.41
C SER F 415 8.13 55.75 8.99
N CYS F 416 7.54 56.93 8.81
CA CYS F 416 7.37 57.52 7.48
C CYS F 416 8.26 58.75 7.41
N TYR F 417 9.26 58.73 6.54
CA TYR F 417 10.22 59.82 6.46
C TYR F 417 10.50 60.18 5.01
N GLY F 418 11.00 61.39 4.82
CA GLY F 418 11.30 61.87 3.48
C GLY F 418 10.04 61.99 2.66
N LYS F 419 10.16 61.68 1.37
CA LYS F 419 9.04 61.84 0.44
C LYS F 419 8.30 60.54 0.19
N THR F 420 8.47 59.55 1.07
CA THR F 420 7.82 58.26 0.90
C THR F 420 6.32 58.37 1.14
N LYS F 421 5.54 57.69 0.31
CA LYS F 421 4.08 57.69 0.46
C LYS F 421 3.66 56.57 1.42
N CYS F 422 3.03 56.95 2.53
CA CYS F 422 2.61 56.02 3.57
C CYS F 422 1.13 56.21 3.85
N THR F 423 0.36 55.12 3.75
CA THR F 423 -1.07 55.16 3.98
C THR F 423 -1.50 53.97 4.81
N ALA F 424 -2.71 54.08 5.37
CA ALA F 424 -3.40 53.00 6.04
C ALA F 424 -4.75 52.81 5.38
N SER F 425 -5.14 51.57 5.12
CA SER F 425 -6.32 51.29 4.32
C SER F 425 -7.30 50.39 5.05
N ASN F 426 -8.57 50.53 4.67
CA ASN F 426 -9.67 49.69 5.12
C ASN F 426 -10.16 48.87 3.92
N LYS F 427 -10.69 47.67 4.20
CA LYS F 427 -11.18 46.84 3.10
C LYS F 427 -12.46 47.41 2.48
N ASN F 428 -13.24 48.15 3.26
CA ASN F 428 -14.53 48.69 2.83
C ASN F 428 -14.44 50.13 2.35
N ARG F 429 -13.26 50.75 2.42
CA ARG F 429 -13.13 52.18 2.19
C ARG F 429 -11.93 52.58 1.33
N GLY F 430 -10.94 51.70 1.15
CA GLY F 430 -9.70 52.12 0.54
C GLY F 430 -8.83 52.84 1.57
N ILE F 431 -8.03 53.78 1.08
CA ILE F 431 -7.14 54.54 1.96
C ILE F 431 -7.98 55.43 2.86
N ILE F 432 -7.75 55.34 4.18
CA ILE F 432 -8.47 56.18 5.13
C ILE F 432 -7.56 57.12 5.90
N LYS F 433 -6.24 56.89 5.91
CA LYS F 433 -5.31 57.79 6.56
C LYS F 433 -4.02 57.85 5.76
N THR F 434 -3.48 59.06 5.59
CA THR F 434 -2.15 59.24 5.01
C THR F 434 -1.22 59.79 6.09
N PHE F 435 -0.10 59.10 6.31
CA PHE F 435 0.83 59.50 7.37
C PHE F 435 1.71 60.64 6.92
N SER F 436 1.97 61.57 7.83
CA SER F 436 2.94 62.63 7.62
C SER F 436 4.31 62.14 8.08
N ASN F 437 5.34 62.93 7.80
CA ASN F 437 6.69 62.54 8.19
C ASN F 437 6.78 62.47 9.72
N GLY F 438 7.48 61.45 10.22
CA GLY F 438 7.54 61.13 11.63
C GLY F 438 7.07 59.70 11.88
N CYS F 439 7.01 59.35 13.17
CA CYS F 439 6.57 58.03 13.59
C CYS F 439 5.14 58.12 14.12
N ASP F 440 4.25 57.31 13.55
CA ASP F 440 2.83 57.32 13.88
C ASP F 440 2.36 55.88 14.08
N TYR F 441 1.12 55.70 14.52
CA TYR F 441 0.59 54.39 14.89
C TYR F 441 -0.90 54.30 14.63
N VAL F 442 -1.36 53.09 14.32
CA VAL F 442 -2.75 52.83 13.98
C VAL F 442 -3.21 51.53 14.65
N SER F 443 -4.44 51.54 15.17
CA SER F 443 -5.05 50.36 15.76
C SER F 443 -5.68 49.48 14.67
N ASN F 444 -5.84 48.20 14.99
CA ASN F 444 -6.34 47.23 14.03
C ASN F 444 -7.85 47.25 13.85
N LYS F 445 -8.56 48.19 14.47
CA LYS F 445 -10.02 48.14 14.44
C LYS F 445 -10.56 48.37 13.03
N GLY F 446 -10.44 49.59 12.53
CA GLY F 446 -10.92 49.87 11.20
C GLY F 446 -9.96 49.59 10.08
N VAL F 447 -8.72 49.19 10.39
CA VAL F 447 -7.67 49.08 9.40
C VAL F 447 -7.35 47.61 9.16
N ASP F 448 -7.19 47.26 7.89
CA ASP F 448 -6.81 45.91 7.50
C ASP F 448 -5.41 45.82 6.93
N THR F 449 -4.96 46.84 6.21
CA THR F 449 -3.62 46.87 5.62
C THR F 449 -2.97 48.22 5.88
N VAL F 450 -1.65 48.24 5.77
CA VAL F 450 -0.85 49.45 5.89
C VAL F 450 0.20 49.42 4.78
N SER F 451 0.40 50.55 4.11
CA SER F 451 1.32 50.61 2.98
C SER F 451 2.37 51.66 3.26
N VAL F 452 3.64 51.24 3.27
CA VAL F 452 4.77 52.14 3.42
C VAL F 452 5.63 51.96 2.18
N GLY F 453 5.57 52.95 1.29
CA GLY F 453 6.27 52.81 0.04
C GLY F 453 5.64 51.69 -0.76
N ASN F 454 6.49 50.87 -1.36
CA ASN F 454 6.02 49.82 -2.23
C ASN F 454 5.72 48.52 -1.52
N THR F 455 5.67 48.53 -0.19
CA THR F 455 5.47 47.33 0.61
C THR F 455 4.10 47.43 1.28
N LEU F 456 3.25 46.43 1.05
CA LEU F 456 1.96 46.34 1.71
C LEU F 456 2.04 45.40 2.91
N TYR F 457 1.64 45.89 4.08
CA TYR F 457 1.55 45.06 5.29
C TYR F 457 0.08 44.75 5.58
N TYR F 458 -0.20 43.49 5.89
CA TYR F 458 -1.46 43.11 6.50
C TYR F 458 -1.34 43.18 8.02
N VAL F 459 -2.39 43.63 8.66
CA VAL F 459 -2.40 43.79 10.11
C VAL F 459 -3.01 42.55 10.73
N ASN F 460 -2.49 42.16 11.89
CA ASN F 460 -3.14 41.10 12.63
C ASN F 460 -4.55 41.54 13.00
N LYS F 461 -5.50 40.62 12.84
CA LYS F 461 -6.89 40.91 13.15
C LYS F 461 -7.30 40.30 14.49
N GLN F 462 -6.34 40.07 15.38
CA GLN F 462 -6.62 39.61 16.74
C GLN F 462 -7.36 40.68 17.52
N GLU F 463 -8.29 40.23 18.36
CA GLU F 463 -9.15 41.14 19.11
C GLU F 463 -8.43 41.65 20.36
N GLY F 464 -8.68 42.91 20.70
CA GLY F 464 -8.05 43.51 21.85
C GLY F 464 -8.02 45.03 21.83
N LYS F 465 -7.95 45.64 23.02
CA LYS F 465 -8.02 47.09 23.12
C LYS F 465 -6.65 47.72 22.88
N SER F 466 -6.64 48.82 22.14
CA SER F 466 -5.44 49.59 21.86
C SER F 466 -5.50 50.95 22.53
N LEU F 467 -4.36 51.42 23.02
CA LEU F 467 -4.26 52.73 23.65
C LEU F 467 -3.08 53.49 23.07
N TYR F 468 -3.34 54.71 22.60
CA TYR F 468 -2.33 55.60 22.03
C TYR F 468 -1.82 56.53 23.12
N VAL F 469 -0.58 56.35 23.55
CA VAL F 469 0.01 57.19 24.61
C VAL F 469 0.70 58.37 23.94
N LYS F 470 0.03 59.53 23.96
CA LYS F 470 0.56 60.73 23.33
C LYS F 470 1.82 61.21 24.04
N GLY F 471 2.77 61.72 23.27
CA GLY F 471 4.00 62.23 23.83
C GLY F 471 4.88 62.87 22.78
N GLU F 472 5.69 63.83 23.19
CA GLU F 472 6.59 64.51 22.26
C GLU F 472 7.72 63.56 21.87
N PRO F 473 7.99 63.39 20.57
CA PRO F 473 9.08 62.50 20.15
C PRO F 473 10.40 62.87 20.82
N ILE F 474 11.07 61.85 21.35
CA ILE F 474 12.25 62.03 22.18
C ILE F 474 13.41 62.62 21.39
N ILE F 475 13.41 62.46 20.07
CA ILE F 475 14.55 62.90 19.25
C ILE F 475 14.71 64.41 19.23
N ASN F 476 13.67 65.17 19.54
CA ASN F 476 13.76 66.62 19.47
C ASN F 476 14.67 67.19 20.56
N PHE F 477 14.92 66.41 21.62
CA PHE F 477 15.63 66.89 22.80
C PHE F 477 17.16 66.82 22.64
N TYR F 478 17.65 66.41 21.48
CA TYR F 478 19.08 66.26 21.23
C TYR F 478 19.56 67.36 20.29
N ASP F 479 20.78 67.83 20.52
CA ASP F 479 21.39 68.83 19.66
C ASP F 479 22.07 68.18 18.47
N PRO F 480 21.64 68.47 17.24
CA PRO F 480 22.22 67.79 16.08
C PRO F 480 23.70 68.06 15.86
N LEU F 481 24.25 69.15 16.42
CA LEU F 481 25.64 69.47 16.16
C LEU F 481 26.60 68.61 16.97
N VAL F 482 26.14 68.00 18.07
CA VAL F 482 26.97 67.20 18.97
C VAL F 482 26.44 65.78 19.11
N PHE F 483 25.49 65.37 18.26
CA PHE F 483 24.83 64.08 18.40
C PHE F 483 25.70 62.94 17.89
N PRO F 484 26.01 61.91 18.73
CA PRO F 484 26.77 60.75 18.26
C PRO F 484 25.88 59.75 17.54
N SER F 485 26.01 59.68 16.22
CA SER F 485 25.11 58.90 15.37
C SER F 485 25.76 57.64 14.82
N ASP F 486 26.70 57.03 15.56
CA ASP F 486 27.34 55.80 15.09
C ASP F 486 27.41 54.75 16.19
N GLU F 487 26.51 54.81 17.16
CA GLU F 487 26.52 53.88 18.28
C GLU F 487 25.47 52.80 18.06
N PHE F 488 25.91 51.55 18.04
CA PHE F 488 25.00 50.43 17.87
C PHE F 488 24.52 49.86 19.19
N ASP F 489 25.37 49.76 20.20
CA ASP F 489 25.00 49.20 21.49
C ASP F 489 25.24 50.27 22.54
N ALA F 490 24.43 51.32 22.49
CA ALA F 490 24.53 52.40 23.46
C ALA F 490 23.25 52.49 24.28
N SER F 491 23.05 53.61 24.96
CA SER F 491 21.95 53.76 25.89
C SER F 491 21.70 55.24 26.14
N ILE F 492 20.62 55.52 26.86
CA ILE F 492 20.25 56.90 27.19
C ILE F 492 21.43 57.62 27.82
N SER F 493 22.01 57.04 28.87
CA SER F 493 23.08 57.70 29.59
C SER F 493 24.38 57.72 28.79
N GLN F 494 24.61 56.71 27.94
CA GLN F 494 25.81 56.71 27.11
C GLN F 494 25.74 57.83 26.07
N VAL F 495 24.56 58.09 25.51
CA VAL F 495 24.42 59.19 24.58
C VAL F 495 24.50 60.52 25.33
N ASN F 496 23.95 60.58 26.55
CA ASN F 496 24.09 61.76 27.38
C ASN F 496 25.55 62.07 27.67
N GLU F 497 26.30 61.09 28.18
CA GLU F 497 27.68 61.35 28.59
C GLU F 497 28.59 61.62 27.40
N LYS F 498 28.28 61.09 26.23
CA LYS F 498 29.11 61.38 25.08
C LYS F 498 28.79 62.76 24.51
N ILE F 499 27.55 63.23 24.66
CA ILE F 499 27.23 64.62 24.37
C ILE F 499 27.84 65.56 25.40
N ASN F 500 27.66 65.25 26.69
CA ASN F 500 28.20 66.09 27.75
C ASN F 500 29.71 66.18 27.64
N GLN F 501 30.37 65.06 27.33
CA GLN F 501 31.83 65.09 27.16
C GLN F 501 32.24 65.79 25.87
N SER F 502 31.43 65.68 24.81
CA SER F 502 31.74 66.39 23.58
C SER F 502 31.30 67.85 23.65
N LEU F 503 30.28 68.14 24.46
CA LEU F 503 29.83 69.52 24.63
C LEU F 503 30.77 70.31 25.53
N ALA F 504 31.39 69.64 26.52
CA ALA F 504 32.33 70.33 27.39
C ALA F 504 33.65 70.62 26.70
N PHE F 505 34.12 69.75 25.80
CA PHE F 505 35.36 70.06 25.10
C PHE F 505 35.24 71.29 24.21
N ILE F 506 34.05 71.56 23.67
CA ILE F 506 33.88 72.77 22.87
C ILE F 506 33.70 73.97 23.78
N ARG F 507 33.19 73.75 24.99
CA ARG F 507 33.08 74.82 25.97
C ARG F 507 34.47 75.21 26.52
N LYS F 508 35.32 74.22 26.77
CA LYS F 508 36.65 74.49 27.31
C LYS F 508 37.57 75.17 26.29
N SER F 509 37.38 74.89 25.01
CA SER F 509 38.20 75.55 23.99
C SER F 509 37.79 77.01 23.80
N ASP F 510 36.50 77.30 23.96
CA ASP F 510 36.01 78.67 23.75
C ASP F 510 36.44 79.61 24.86
N GLU F 511 36.65 79.09 26.07
CA GLU F 511 37.15 79.94 27.16
C GLU F 511 38.47 80.61 26.78
N LEU F 512 39.26 79.96 25.94
CA LEU F 512 40.46 80.54 25.37
C LEU F 512 40.15 81.79 24.52
N GLN G 1 -30.06 -14.78 8.30
CA GLN G 1 -31.29 -15.43 7.83
C GLN G 1 -32.50 -14.88 8.58
N VAL G 2 -32.41 -13.60 8.95
CA VAL G 2 -33.56 -12.92 9.53
C VAL G 2 -34.74 -12.96 8.57
N GLN G 3 -35.92 -13.28 9.09
CA GLN G 3 -37.14 -13.35 8.29
C GLN G 3 -38.00 -12.14 8.60
N LEU G 4 -38.50 -11.48 7.57
CA LEU G 4 -39.37 -10.34 7.73
C LEU G 4 -40.80 -10.78 7.42
N VAL G 5 -41.69 -10.71 8.40
CA VAL G 5 -43.05 -11.23 8.26
C VAL G 5 -44.01 -10.08 8.48
N GLN G 6 -44.71 -9.69 7.42
CA GLN G 6 -45.55 -8.51 7.45
C GLN G 6 -46.99 -8.87 7.81
N SER G 7 -47.77 -7.85 8.15
CA SER G 7 -49.17 -8.04 8.48
C SER G 7 -49.96 -8.43 7.23
N GLY G 8 -51.22 -8.81 7.45
CA GLY G 8 -52.01 -9.33 6.36
C GLY G 8 -52.47 -8.24 5.41
N ALA G 9 -52.76 -8.67 4.19
CA ALA G 9 -53.32 -7.76 3.19
C ALA G 9 -54.69 -7.29 3.64
N GLU G 10 -55.01 -6.04 3.29
CA GLU G 10 -56.29 -5.48 3.68
C GLU G 10 -56.69 -4.34 2.75
N VAL G 11 -57.98 -4.04 2.78
CA VAL G 11 -58.58 -2.92 2.08
C VAL G 11 -58.87 -1.80 3.06
N LYS G 12 -58.55 -0.58 2.66
CA LYS G 12 -58.79 0.61 3.47
C LYS G 12 -59.60 1.61 2.67
N LYS G 13 -60.56 2.26 3.33
CA LYS G 13 -61.35 3.25 2.62
C LYS G 13 -60.51 4.51 2.34
N PRO G 14 -60.84 5.22 1.26
CA PRO G 14 -60.11 6.45 0.97
C PRO G 14 -60.26 7.47 2.09
N GLY G 15 -59.15 8.12 2.42
CA GLY G 15 -59.10 9.17 3.40
C GLY G 15 -58.66 8.76 4.79
N SER G 16 -58.79 7.48 5.14
CA SER G 16 -58.35 7.01 6.44
C SER G 16 -56.86 6.67 6.36
N SER G 17 -56.35 6.04 7.42
CA SER G 17 -54.94 5.70 7.49
C SER G 17 -54.78 4.20 7.74
N VAL G 18 -53.62 3.69 7.34
CA VAL G 18 -53.28 2.28 7.44
C VAL G 18 -51.95 2.16 8.16
N MET G 19 -51.81 1.11 8.98
CA MET G 19 -50.54 0.78 9.62
C MET G 19 -50.12 -0.62 9.18
N VAL G 20 -48.93 -0.73 8.60
CA VAL G 20 -48.37 -2.01 8.21
C VAL G 20 -47.29 -2.35 9.22
N SER G 21 -47.30 -3.59 9.70
CA SER G 21 -46.29 -4.07 10.64
C SER G 21 -45.35 -5.00 9.90
N CYS G 22 -44.17 -5.16 10.47
CA CYS G 22 -43.14 -5.99 9.87
C CYS G 22 -42.40 -6.63 11.02
N GLN G 23 -42.52 -7.95 11.13
CA GLN G 23 -41.99 -8.71 12.25
C GLN G 23 -40.63 -9.25 11.85
N ALA G 24 -39.58 -8.85 12.58
CA ALA G 24 -38.25 -9.38 12.35
C ALA G 24 -38.06 -10.60 13.25
N SER G 25 -37.78 -11.75 12.65
CA SER G 25 -37.61 -12.99 13.39
C SER G 25 -36.15 -13.38 13.27
N GLY G 26 -35.45 -13.44 14.40
CA GLY G 26 -34.05 -13.78 14.35
C GLY G 26 -33.09 -12.63 14.57
N GLY G 27 -33.57 -11.40 14.78
CA GLY G 27 -32.63 -10.34 15.05
C GLY G 27 -33.28 -9.13 15.70
N LEU G 28 -32.43 -8.18 16.09
CA LEU G 28 -32.87 -6.93 16.71
C LEU G 28 -33.06 -5.85 15.66
N LEU G 29 -33.88 -4.86 15.98
CA LEU G 29 -34.02 -3.75 15.06
C LEU G 29 -32.84 -2.79 15.15
N GLU G 30 -32.11 -2.78 16.26
CA GLU G 30 -30.94 -1.90 16.40
C GLU G 30 -29.88 -2.18 15.36
N ASP G 31 -29.85 -3.38 14.81
CA ASP G 31 -28.78 -3.84 13.93
C ASP G 31 -29.03 -3.55 12.45
N TYR G 32 -30.10 -2.84 12.12
CA TYR G 32 -30.47 -2.70 10.72
C TYR G 32 -30.90 -1.28 10.41
N ILE G 33 -30.85 -0.95 9.13
CA ILE G 33 -31.70 0.08 8.56
C ILE G 33 -32.96 -0.64 8.10
N ILE G 34 -34.12 -0.14 8.53
CA ILE G 34 -35.40 -0.72 8.14
C ILE G 34 -36.07 0.25 7.19
N ASN G 35 -36.26 -0.19 5.95
CA ASN G 35 -36.89 0.61 4.91
C ASN G 35 -38.30 0.08 4.60
N TRP G 36 -39.11 0.95 4.02
CA TRP G 36 -40.40 0.56 3.46
C TRP G 36 -40.43 0.91 1.98
N VAL G 37 -40.72 -0.09 1.15
CA VAL G 37 -40.71 0.07 -0.30
C VAL G 37 -42.03 -0.47 -0.83
N ARG G 38 -42.77 0.35 -1.57
CA ARG G 38 -44.04 -0.08 -2.12
C ARG G 38 -43.96 -0.22 -3.64
N GLN G 39 -44.92 -0.94 -4.19
CA GLN G 39 -45.00 -1.17 -5.63
C GLN G 39 -46.47 -1.19 -6.04
N ALA G 40 -46.88 -0.17 -6.82
CA ALA G 40 -48.24 -0.09 -7.31
C ALA G 40 -48.39 -1.01 -8.51
N PRO G 41 -49.64 -1.37 -8.86
CA PRO G 41 -49.85 -2.27 -10.00
C PRO G 41 -49.25 -1.71 -11.29
N GLY G 42 -48.45 -2.53 -11.96
CA GLY G 42 -47.84 -2.16 -13.21
C GLY G 42 -46.70 -1.17 -13.12
N GLN G 43 -46.24 -0.85 -11.92
CA GLN G 43 -45.17 0.11 -11.73
C GLN G 43 -43.98 -0.55 -11.03
N GLY G 44 -42.86 0.15 -11.03
CA GLY G 44 -41.71 -0.29 -10.28
C GLY G 44 -41.89 -0.06 -8.80
N PRO G 45 -40.94 -0.54 -8.01
CA PRO G 45 -40.97 -0.28 -6.56
C PRO G 45 -40.61 1.17 -6.29
N GLU G 46 -41.05 1.65 -5.13
CA GLU G 46 -40.84 3.04 -4.74
C GLU G 46 -40.37 3.11 -3.29
N TRP G 47 -39.25 3.79 -3.06
CA TRP G 47 -38.76 3.95 -1.69
C TRP G 47 -39.59 5.00 -0.97
N MET G 48 -40.17 4.60 0.16
CA MET G 48 -40.99 5.50 0.96
C MET G 48 -40.22 6.15 2.10
N GLY G 49 -39.31 5.41 2.71
CA GLY G 49 -38.57 5.95 3.84
C GLY G 49 -37.76 4.87 4.52
N GLY G 50 -37.02 5.29 5.53
CA GLY G 50 -36.20 4.37 6.28
C GLY G 50 -35.92 4.91 7.66
N ILE G 51 -35.69 4.01 8.60
CA ILE G 51 -35.41 4.37 9.98
C ILE G 51 -34.11 3.69 10.40
N ILE G 52 -33.28 4.41 11.14
CA ILE G 52 -31.99 3.88 11.59
C ILE G 52 -31.92 3.89 13.11
N PRO G 53 -32.45 2.88 13.80
CA PRO G 53 -32.56 2.97 15.27
C PRO G 53 -31.23 3.16 15.96
N VAL G 54 -30.15 2.60 15.42
CA VAL G 54 -28.86 2.75 16.07
C VAL G 54 -28.40 4.20 16.03
N LEU G 55 -28.88 4.97 15.06
CA LEU G 55 -28.58 6.39 14.97
C LEU G 55 -29.70 7.27 15.50
N GLY G 56 -30.87 6.68 15.77
CA GLY G 56 -32.04 7.48 16.12
C GLY G 56 -32.48 8.41 15.02
N THR G 57 -32.46 7.95 13.76
CA THR G 57 -32.75 8.80 12.62
C THR G 57 -33.88 8.20 11.78
N VAL G 58 -34.74 9.06 11.25
CA VAL G 58 -35.78 8.67 10.31
C VAL G 58 -35.64 9.51 9.05
N HIS G 59 -35.88 8.90 7.89
CA HIS G 59 -35.82 9.59 6.60
C HIS G 59 -37.05 9.23 5.79
N TYR G 60 -37.69 10.23 5.19
CA TYR G 60 -38.86 10.04 4.35
C TYR G 60 -38.65 10.67 2.98
N GLY G 61 -39.23 10.04 1.95
CA GLY G 61 -39.24 10.59 0.61
C GLY G 61 -40.11 11.83 0.52
N PRO G 62 -39.76 12.76 -0.39
CA PRO G 62 -40.55 13.99 -0.51
C PRO G 62 -41.99 13.73 -0.87
N LYS G 63 -42.24 12.73 -1.71
CA LYS G 63 -43.59 12.42 -2.17
C LYS G 63 -44.50 11.97 -1.04
N PHE G 64 -43.94 11.44 0.05
CA PHE G 64 -44.74 10.90 1.14
C PHE G 64 -44.61 11.69 2.42
N GLN G 65 -43.60 12.56 2.51
CA GLN G 65 -43.35 13.27 3.75
C GLN G 65 -44.57 14.11 4.12
N GLY G 66 -44.85 14.13 5.42
CA GLY G 66 -46.04 14.79 5.93
C GLY G 66 -47.26 13.92 5.98
N ARG G 67 -47.23 12.72 5.36
CA ARG G 67 -48.30 11.74 5.53
C ARG G 67 -47.77 10.33 5.75
N VAL G 68 -46.49 10.16 6.09
CA VAL G 68 -45.91 8.87 6.48
C VAL G 68 -45.20 9.01 7.82
N THR G 69 -45.42 8.04 8.70
CA THR G 69 -44.75 7.95 9.98
C THR G 69 -44.17 6.55 10.09
N ILE G 70 -42.85 6.45 10.26
CA ILE G 70 -42.19 5.16 10.41
C ILE G 70 -41.65 5.07 11.83
N THR G 71 -42.01 4.00 12.53
CA THR G 71 -41.56 3.80 13.90
C THR G 71 -40.94 2.41 14.02
N ALA G 72 -40.04 2.27 15.00
CA ALA G 72 -39.35 1.02 15.25
C ALA G 72 -39.47 0.73 16.75
N ASP G 73 -40.36 -0.20 17.10
CA ASP G 73 -40.60 -0.58 18.48
C ASP G 73 -39.56 -1.63 18.83
N GLU G 74 -38.50 -1.22 19.52
CA GLU G 74 -37.37 -2.11 19.78
C GLU G 74 -37.66 -3.15 20.86
N SER G 75 -38.76 -3.00 21.61
CA SER G 75 -39.10 -3.97 22.63
C SER G 75 -39.71 -5.27 22.07
N THR G 76 -40.24 -5.24 20.85
CA THR G 76 -40.84 -6.44 20.25
C THR G 76 -40.27 -6.78 18.89
N ASP G 77 -39.25 -6.06 18.42
CA ASP G 77 -38.61 -6.27 17.11
C ASP G 77 -39.62 -6.16 15.96
N THR G 78 -40.56 -5.23 16.08
CA THR G 78 -41.55 -4.99 15.06
C THR G 78 -41.36 -3.59 14.51
N ALA G 79 -41.31 -3.50 13.19
CA ALA G 79 -41.29 -2.22 12.51
C ALA G 79 -42.71 -1.86 12.10
N TYR G 80 -43.00 -0.55 12.11
CA TYR G 80 -44.32 -0.06 11.78
C TYR G 80 -44.20 1.08 10.77
N MET G 81 -45.22 1.19 9.93
CA MET G 81 -45.31 2.26 8.95
C MET G 81 -46.76 2.71 8.88
N GLU G 82 -47.04 3.94 9.28
CA GLU G 82 -48.38 4.49 9.16
C GLU G 82 -48.46 5.34 7.91
N LEU G 83 -49.52 5.18 7.13
CA LEU G 83 -49.72 5.98 5.93
C LEU G 83 -51.12 6.56 6.00
N SER G 84 -51.21 7.86 6.24
CA SER G 84 -52.47 8.55 6.46
C SER G 84 -52.98 9.19 5.17
N SER G 85 -54.27 9.52 5.18
CA SER G 85 -54.92 10.18 4.05
C SER G 85 -54.70 9.38 2.76
N LEU G 86 -55.29 8.19 2.74
CA LEU G 86 -55.08 7.25 1.65
C LEU G 86 -55.82 7.67 0.39
N ARG G 87 -55.20 7.42 -0.77
CA ARG G 87 -55.80 7.67 -2.05
C ARG G 87 -55.64 6.46 -2.95
N SER G 88 -56.29 6.54 -4.12
CA SER G 88 -56.33 5.39 -5.03
C SER G 88 -54.93 5.03 -5.51
N GLU G 89 -54.06 6.03 -5.65
CA GLU G 89 -52.68 5.77 -6.06
C GLU G 89 -51.96 4.91 -5.03
N ASP G 90 -52.42 4.88 -3.78
CA ASP G 90 -51.74 4.15 -2.72
C ASP G 90 -52.03 2.66 -2.74
N THR G 91 -53.00 2.22 -3.55
CA THR G 91 -53.19 0.78 -3.71
C THR G 91 -51.90 0.21 -4.26
N ALA G 92 -51.21 -0.59 -3.47
CA ALA G 92 -49.89 -1.05 -3.84
C ALA G 92 -49.47 -2.18 -2.92
N MET G 93 -48.42 -2.87 -3.32
CA MET G 93 -47.78 -3.88 -2.50
C MET G 93 -46.71 -3.21 -1.65
N TYR G 94 -46.89 -3.23 -0.32
CA TYR G 94 -45.99 -2.52 0.58
C TYR G 94 -45.00 -3.52 1.16
N TYR G 95 -43.72 -3.33 0.85
CA TYR G 95 -42.67 -4.26 1.27
C TYR G 95 -41.85 -3.62 2.37
N CYS G 96 -41.60 -4.39 3.42
CA CYS G 96 -40.61 -4.07 4.42
C CYS G 96 -39.26 -4.69 4.04
N ALA G 97 -38.20 -3.91 4.09
CA ALA G 97 -36.90 -4.41 3.64
C ALA G 97 -35.78 -3.75 4.42
N THR G 98 -34.82 -4.55 4.87
CA THR G 98 -33.78 -4.10 5.78
C THR G 98 -32.41 -4.09 5.11
N GLU G 99 -31.52 -3.29 5.68
CA GLU G 99 -30.12 -3.25 5.29
C GLU G 99 -29.32 -3.42 6.56
N THR G 100 -28.30 -4.27 6.52
CA THR G 100 -27.50 -4.54 7.72
C THR G 100 -26.67 -3.31 8.08
N ALA G 101 -26.77 -2.88 9.35
CA ALA G 101 -26.14 -1.65 9.83
C ALA G 101 -25.38 -1.91 11.14
N LEU G 102 -24.23 -2.58 11.05
CA LEU G 102 -23.44 -2.85 12.24
C LEU G 102 -22.38 -1.78 12.45
N VAL G 103 -21.58 -1.53 11.42
CA VAL G 103 -20.61 -0.44 11.45
C VAL G 103 -21.25 0.77 10.80
N VAL G 104 -21.67 1.72 11.61
CA VAL G 104 -22.49 2.83 11.18
C VAL G 104 -21.75 4.11 11.52
N SER G 105 -21.77 5.06 10.60
CA SER G 105 -21.31 6.41 10.84
C SER G 105 -22.51 7.31 11.08
N GLU G 106 -22.25 8.47 11.64
CA GLU G 106 -23.25 9.50 11.53
C GLU G 106 -23.40 9.84 10.05
N THR G 107 -24.47 10.56 9.72
CA THR G 107 -24.82 10.87 8.33
C THR G 107 -24.94 9.61 7.47
N TYR G 108 -25.20 8.47 8.11
CA TYR G 108 -25.42 7.23 7.37
C TYR G 108 -26.84 7.24 6.84
N LEU G 109 -27.00 6.83 5.59
CA LEU G 109 -28.27 6.83 4.90
C LEU G 109 -28.52 5.45 4.34
N PRO G 110 -29.78 5.12 4.05
CA PRO G 110 -30.07 3.84 3.40
C PRO G 110 -29.41 3.77 2.04
N HIS G 111 -28.94 2.56 1.69
CA HIS G 111 -28.24 2.37 0.43
C HIS G 111 -28.84 1.28 -0.44
N TYR G 112 -29.15 0.12 0.14
CA TYR G 112 -29.66 -1.00 -0.63
C TYR G 112 -30.63 -1.78 0.26
N PHE G 113 -31.25 -2.81 -0.32
CA PHE G 113 -32.22 -3.67 0.36
C PHE G 113 -31.81 -5.12 0.12
N ASP G 114 -31.24 -5.75 1.14
CA ASP G 114 -30.70 -7.08 0.99
C ASP G 114 -31.60 -8.17 1.55
N ASN G 115 -32.65 -7.80 2.30
CA ASN G 115 -33.61 -8.76 2.83
C ASN G 115 -34.98 -8.15 2.78
N TRP G 116 -35.94 -8.87 2.22
CA TRP G 116 -37.28 -8.35 1.96
C TRP G 116 -38.34 -9.12 2.72
N GLY G 117 -39.41 -8.42 3.07
CA GLY G 117 -40.61 -9.06 3.55
C GLY G 117 -41.36 -9.73 2.42
N GLN G 118 -42.47 -10.35 2.76
CA GLN G 118 -43.26 -10.98 1.70
C GLN G 118 -44.14 -9.98 0.98
N GLY G 119 -44.40 -8.83 1.57
CA GLY G 119 -45.23 -7.80 1.01
C GLY G 119 -46.64 -7.81 1.58
N THR G 120 -47.20 -6.62 1.73
CA THR G 120 -48.56 -6.44 2.24
C THR G 120 -49.35 -5.69 1.17
N LEU G 121 -50.35 -6.35 0.62
CA LEU G 121 -51.15 -5.77 -0.47
C LEU G 121 -52.26 -4.93 0.15
N VAL G 122 -52.09 -3.60 0.09
CA VAL G 122 -53.09 -2.67 0.58
C VAL G 122 -53.85 -2.14 -0.64
N THR G 123 -55.16 -2.32 -0.62
CA THR G 123 -56.06 -1.84 -1.64
C THR G 123 -56.85 -0.68 -1.04
N VAL G 124 -56.81 0.47 -1.68
CA VAL G 124 -57.58 1.62 -1.23
C VAL G 124 -58.84 1.65 -2.07
N SER G 125 -59.98 1.35 -1.45
CA SER G 125 -61.25 1.32 -2.16
C SER G 125 -62.39 1.41 -1.15
N SER G 126 -63.49 2.02 -1.60
CA SER G 126 -64.68 2.18 -0.77
C SER G 126 -65.49 0.90 -0.63
N ALA G 127 -65.26 -0.09 -1.49
CA ALA G 127 -66.06 -1.31 -1.51
C ALA G 127 -65.86 -2.13 -0.24
N SER G 128 -66.91 -2.86 0.15
CA SER G 128 -66.86 -3.75 1.30
C SER G 128 -66.13 -5.03 0.95
N THR G 129 -65.53 -5.66 1.96
CA THR G 129 -64.84 -6.91 1.76
C THR G 129 -65.82 -8.04 1.50
N LYS G 130 -65.51 -8.90 0.53
CA LYS G 130 -66.42 -10.00 0.20
C LYS G 130 -65.63 -11.24 -0.20
N GLY G 131 -66.01 -12.38 0.38
CA GLY G 131 -65.35 -13.65 0.11
C GLY G 131 -65.84 -14.29 -1.17
N PRO G 132 -65.05 -15.20 -1.72
CA PRO G 132 -65.36 -15.77 -3.04
C PRO G 132 -66.26 -16.99 -2.94
N SER G 133 -67.02 -17.20 -4.01
CA SER G 133 -67.69 -18.47 -4.22
C SER G 133 -66.88 -19.27 -5.23
N VAL G 134 -66.75 -20.57 -4.99
CA VAL G 134 -65.88 -21.43 -5.79
C VAL G 134 -66.74 -22.45 -6.52
N PHE G 135 -66.57 -22.51 -7.85
CA PHE G 135 -67.31 -23.37 -8.75
C PHE G 135 -66.37 -24.31 -9.49
N PRO G 136 -66.77 -25.57 -9.66
CA PRO G 136 -65.90 -26.52 -10.37
C PRO G 136 -65.82 -26.23 -11.86
N LEU G 137 -64.72 -26.67 -12.46
CA LEU G 137 -64.59 -26.75 -13.90
C LEU G 137 -64.40 -28.24 -14.22
N ALA G 138 -65.52 -28.96 -14.25
CA ALA G 138 -65.49 -30.41 -14.32
C ALA G 138 -64.92 -30.88 -15.65
N PRO G 139 -64.14 -31.97 -15.65
CA PRO G 139 -63.58 -32.57 -16.88
C PRO G 139 -64.64 -33.31 -17.73
N THR G 148 -54.51 -37.48 -21.70
CA THR G 148 -54.29 -36.58 -20.58
C THR G 148 -55.46 -35.60 -20.44
N ALA G 149 -55.95 -35.43 -19.21
CA ALA G 149 -57.14 -34.64 -18.91
C ALA G 149 -56.79 -33.37 -18.14
N ALA G 150 -57.72 -32.42 -18.13
CA ALA G 150 -57.55 -31.17 -17.40
C ALA G 150 -58.80 -30.83 -16.59
N LEU G 151 -58.61 -30.39 -15.35
CA LEU G 151 -59.69 -29.95 -14.48
C LEU G 151 -59.22 -28.74 -13.68
N GLY G 152 -60.16 -28.12 -12.99
CA GLY G 152 -59.83 -26.96 -12.19
C GLY G 152 -61.04 -26.44 -11.47
N CYS G 153 -60.89 -25.25 -10.89
CA CYS G 153 -62.01 -24.58 -10.24
C CYS G 153 -61.93 -23.09 -10.51
N LEU G 154 -63.10 -22.47 -10.55
CA LEU G 154 -63.25 -21.05 -10.84
C LEU G 154 -63.57 -20.35 -9.54
N VAL G 155 -62.76 -19.37 -9.17
CA VAL G 155 -62.93 -18.62 -7.93
C VAL G 155 -63.52 -17.27 -8.33
N LYS G 156 -64.79 -17.05 -8.02
CA LYS G 156 -65.51 -15.92 -8.60
C LYS G 156 -66.05 -15.01 -7.50
N ASP G 157 -66.01 -13.70 -7.75
CA ASP G 157 -66.69 -12.67 -6.97
C ASP G 157 -66.13 -12.46 -5.56
N TYR G 158 -64.88 -12.01 -5.45
CA TYR G 158 -64.26 -11.65 -4.17
C TYR G 158 -63.61 -10.28 -4.22
N PHE G 159 -63.45 -9.69 -3.03
CA PHE G 159 -62.82 -8.38 -2.88
C PHE G 159 -62.29 -8.21 -1.46
N PRO G 160 -61.06 -7.69 -1.26
CA PRO G 160 -60.08 -7.29 -2.28
C PRO G 160 -59.14 -8.43 -2.64
N GLU G 161 -58.14 -8.19 -3.47
CA GLU G 161 -57.11 -9.19 -3.66
C GLU G 161 -56.27 -9.27 -2.37
N PRO G 162 -55.53 -10.36 -2.17
CA PRO G 162 -55.38 -11.50 -3.06
C PRO G 162 -56.11 -12.73 -2.59
N VAL G 163 -56.27 -13.68 -3.51
CA VAL G 163 -56.75 -15.02 -3.22
C VAL G 163 -55.62 -15.98 -3.56
N THR G 164 -55.48 -17.02 -2.75
CA THR G 164 -54.51 -18.08 -3.02
C THR G 164 -55.26 -19.39 -3.23
N VAL G 165 -54.59 -20.34 -3.89
CA VAL G 165 -55.23 -21.61 -4.21
C VAL G 165 -54.15 -22.68 -4.28
N SER G 166 -54.42 -23.80 -3.63
CA SER G 166 -53.54 -24.95 -3.61
C SER G 166 -54.38 -26.19 -3.84
N TRP G 167 -53.76 -27.21 -4.44
CA TRP G 167 -54.45 -28.46 -4.75
C TRP G 167 -54.06 -29.57 -3.79
N ASN G 168 -55.07 -30.23 -3.22
CA ASN G 168 -54.87 -31.35 -2.30
C ASN G 168 -53.99 -30.93 -1.11
N SER G 169 -54.25 -29.73 -0.59
CA SER G 169 -53.51 -29.17 0.54
C SER G 169 -52.01 -29.13 0.28
N GLY G 170 -51.60 -28.89 -0.97
CA GLY G 170 -50.20 -28.84 -1.32
C GLY G 170 -49.61 -30.13 -1.84
N ALA G 171 -50.40 -31.21 -1.93
CA ALA G 171 -49.88 -32.48 -2.43
C ALA G 171 -49.69 -32.46 -3.94
N LEU G 172 -50.55 -31.75 -4.66
CA LEU G 172 -50.49 -31.66 -6.12
C LEU G 172 -49.87 -30.32 -6.51
N THR G 173 -48.68 -30.36 -7.09
CA THR G 173 -47.98 -29.15 -7.50
C THR G 173 -47.58 -29.18 -8.96
N SER G 174 -47.10 -30.31 -9.45
CA SER G 174 -46.64 -30.41 -10.83
C SER G 174 -47.85 -30.32 -11.75
N GLY G 175 -47.92 -29.26 -12.55
CA GLY G 175 -48.95 -29.14 -13.56
C GLY G 175 -50.09 -28.21 -13.22
N VAL G 176 -50.10 -27.59 -12.04
CA VAL G 176 -51.17 -26.65 -11.71
C VAL G 176 -50.86 -25.33 -12.39
N HIS G 177 -51.92 -24.62 -12.79
CA HIS G 177 -51.78 -23.29 -13.40
C HIS G 177 -52.85 -22.41 -12.80
N THR G 178 -52.46 -21.43 -11.99
CA THR G 178 -53.40 -20.48 -11.42
C THR G 178 -53.23 -19.13 -12.09
N PHE G 179 -54.29 -18.64 -12.70
CA PHE G 179 -54.20 -17.44 -13.51
C PHE G 179 -54.31 -16.18 -12.66
N PRO G 180 -53.73 -15.08 -13.14
CA PRO G 180 -53.96 -13.79 -12.49
C PRO G 180 -55.44 -13.49 -12.44
N ALA G 181 -55.88 -12.87 -11.35
CA ALA G 181 -57.28 -12.49 -11.26
C ALA G 181 -57.59 -11.43 -12.31
N VAL G 182 -58.79 -11.50 -12.87
CA VAL G 182 -59.27 -10.50 -13.82
C VAL G 182 -60.41 -9.74 -13.16
N LEU G 183 -60.41 -8.42 -13.31
CA LEU G 183 -61.47 -7.61 -12.73
C LEU G 183 -62.70 -7.65 -13.65
N GLN G 184 -63.83 -8.08 -13.12
CA GLN G 184 -65.05 -8.10 -13.89
C GLN G 184 -65.67 -6.71 -13.90
N SER G 185 -66.62 -6.50 -14.82
CA SER G 185 -67.25 -5.19 -14.92
C SER G 185 -68.01 -4.85 -13.65
N SER G 186 -68.46 -5.88 -12.91
CA SER G 186 -69.14 -5.70 -11.64
C SER G 186 -68.24 -5.07 -10.58
N GLY G 187 -66.92 -5.12 -10.76
CA GLY G 187 -66.00 -4.62 -9.76
C GLY G 187 -65.43 -5.67 -8.83
N LEU G 188 -65.78 -6.93 -9.01
CA LEU G 188 -65.27 -8.01 -8.19
C LEU G 188 -64.32 -8.87 -9.02
N TYR G 189 -63.37 -9.50 -8.34
CA TYR G 189 -62.35 -10.29 -9.01
C TYR G 189 -62.78 -11.74 -9.17
N SER G 190 -62.32 -12.37 -10.24
CA SER G 190 -62.51 -13.79 -10.47
C SER G 190 -61.20 -14.36 -10.98
N LEU G 191 -61.07 -15.67 -10.84
CA LEU G 191 -59.78 -16.32 -10.98
C LEU G 191 -60.02 -17.78 -11.28
N SER G 192 -59.09 -18.39 -11.98
CA SER G 192 -59.21 -19.79 -12.34
C SER G 192 -57.93 -20.52 -11.95
N SER G 193 -58.09 -21.76 -11.54
CA SER G 193 -56.96 -22.62 -11.23
C SER G 193 -57.23 -23.94 -11.92
N VAL G 194 -56.32 -24.33 -12.80
CA VAL G 194 -56.46 -25.54 -13.58
C VAL G 194 -55.28 -26.44 -13.28
N VAL G 195 -55.47 -27.75 -13.43
CA VAL G 195 -54.36 -28.69 -13.31
C VAL G 195 -54.57 -29.81 -14.32
N THR G 196 -53.51 -30.16 -15.03
CA THR G 196 -53.55 -31.25 -15.99
C THR G 196 -53.19 -32.57 -15.29
N VAL G 197 -53.96 -33.61 -15.61
CA VAL G 197 -53.94 -34.87 -14.88
C VAL G 197 -54.13 -36.03 -15.85
N PRO G 198 -53.43 -37.15 -15.67
CA PRO G 198 -53.69 -38.32 -16.52
C PRO G 198 -55.16 -38.72 -16.48
N SER G 199 -55.70 -39.04 -17.66
CA SER G 199 -57.12 -39.36 -17.76
C SER G 199 -57.49 -40.62 -16.99
N SER G 200 -56.51 -41.49 -16.73
CA SER G 200 -56.75 -42.78 -16.08
C SER G 200 -57.00 -42.66 -14.58
N SER G 201 -56.76 -41.50 -13.99
CA SER G 201 -56.89 -41.30 -12.55
C SER G 201 -58.17 -40.56 -12.15
N LEU G 202 -59.12 -40.38 -13.07
CA LEU G 202 -60.34 -39.65 -12.75
C LEU G 202 -61.22 -40.37 -11.73
N GLY G 203 -61.06 -41.69 -11.56
CA GLY G 203 -61.95 -42.42 -10.69
C GLY G 203 -61.38 -42.83 -9.34
N THR G 204 -60.06 -42.97 -9.24
CA THR G 204 -59.45 -43.46 -8.00
C THR G 204 -58.79 -42.37 -7.18
N GLN G 205 -58.53 -41.20 -7.75
CA GLN G 205 -57.85 -40.11 -7.06
C GLN G 205 -58.80 -38.93 -6.88
N THR G 206 -58.77 -38.33 -5.70
CA THR G 206 -59.63 -37.19 -5.38
C THR G 206 -58.86 -35.89 -5.62
N TYR G 207 -59.55 -34.90 -6.17
CA TYR G 207 -58.96 -33.61 -6.51
C TYR G 207 -59.72 -32.51 -5.80
N ILE G 208 -59.02 -31.83 -4.88
CA ILE G 208 -59.59 -30.75 -4.08
C ILE G 208 -58.74 -29.53 -4.36
N CYS G 209 -59.38 -28.40 -4.63
CA CYS G 209 -58.67 -27.12 -4.69
C CYS G 209 -59.01 -26.33 -3.44
N ASN G 210 -57.96 -25.93 -2.72
CA ASN G 210 -58.06 -25.23 -1.45
C ASN G 210 -57.90 -23.74 -1.69
N VAL G 211 -59.00 -22.98 -1.58
CA VAL G 211 -59.00 -21.53 -1.75
C VAL G 211 -58.91 -20.85 -0.40
N ASN G 212 -57.95 -19.94 -0.25
CA ASN G 212 -57.79 -19.13 0.96
C ASN G 212 -57.92 -17.66 0.55
N HIS G 213 -58.90 -16.97 1.14
CA HIS G 213 -59.13 -15.53 0.97
C HIS G 213 -59.00 -14.87 2.34
N LYS G 214 -57.79 -14.51 2.73
CA LYS G 214 -57.59 -13.95 4.06
C LYS G 214 -58.30 -12.60 4.24
N PRO G 215 -58.34 -11.67 3.25
CA PRO G 215 -58.99 -10.37 3.49
C PRO G 215 -60.37 -10.45 4.10
N SER G 216 -61.16 -11.47 3.72
CA SER G 216 -62.46 -11.72 4.32
C SER G 216 -62.42 -12.83 5.35
N ASN G 217 -61.24 -13.39 5.62
CA ASN G 217 -61.04 -14.46 6.60
C ASN G 217 -61.82 -15.72 6.22
N THR G 218 -61.96 -15.96 4.91
CA THR G 218 -62.69 -17.11 4.39
C THR G 218 -61.74 -18.00 3.62
N LYS G 219 -61.66 -19.27 4.03
CA LYS G 219 -60.92 -20.30 3.30
C LYS G 219 -61.85 -21.43 2.92
N VAL G 220 -61.88 -21.77 1.62
CA VAL G 220 -62.87 -22.64 1.00
C VAL G 220 -62.16 -23.79 0.30
N ASP G 221 -62.55 -25.03 0.63
CA ASP G 221 -62.01 -26.24 0.03
C ASP G 221 -63.09 -26.80 -0.88
N LYS G 222 -62.88 -26.73 -2.19
CA LYS G 222 -63.84 -27.19 -3.18
C LYS G 222 -63.35 -28.49 -3.82
N ARG G 223 -64.19 -29.51 -3.81
CA ARG G 223 -63.88 -30.78 -4.45
C ARG G 223 -64.59 -30.84 -5.80
N VAL G 224 -63.87 -31.23 -6.86
CA VAL G 224 -64.45 -31.26 -8.21
C VAL G 224 -64.57 -32.71 -8.66
N GLU G 225 -65.61 -32.99 -9.45
CA GLU G 225 -65.87 -34.33 -9.96
C GLU G 225 -66.71 -34.21 -11.22
N PRO G 226 -66.77 -35.28 -12.05
CA PRO G 226 -67.25 -35.11 -13.44
C PRO G 226 -68.76 -35.06 -13.66
N LYS G 227 -69.52 -34.51 -12.73
CA LYS G 227 -70.93 -34.13 -12.94
C LYS G 227 -71.75 -35.40 -13.24
N SER G 228 -72.65 -35.36 -14.22
CA SER G 228 -73.51 -36.50 -14.54
C SER G 228 -74.13 -36.33 -15.93
N ASP H 1 -35.35 14.96 -7.58
CA ASP H 1 -35.01 13.54 -7.62
C ASP H 1 -34.14 13.19 -8.79
N ILE H 2 -33.42 12.08 -8.64
CA ILE H 2 -32.59 11.54 -9.70
C ILE H 2 -33.43 10.54 -10.49
N GLN H 3 -33.53 10.74 -11.79
CA GLN H 3 -34.30 9.85 -12.65
C GLN H 3 -33.40 8.76 -13.21
N MET H 4 -33.83 7.51 -13.07
CA MET H 4 -33.11 6.39 -13.65
C MET H 4 -33.83 5.96 -14.92
N THR H 5 -33.10 6.01 -16.03
CA THR H 5 -33.61 5.65 -17.35
C THR H 5 -33.05 4.29 -17.72
N GLN H 6 -33.90 3.27 -17.74
CA GLN H 6 -33.46 1.92 -18.02
C GLN H 6 -33.89 1.52 -19.44
N SER H 7 -33.00 0.83 -20.16
CA SER H 7 -33.21 0.41 -21.54
C SER H 7 -32.62 -0.98 -21.75
N PRO H 8 -33.25 -1.86 -22.56
CA PRO H 8 -34.51 -1.63 -23.27
C PRO H 8 -35.70 -1.84 -22.35
N SER H 9 -36.91 -1.64 -22.86
CA SER H 9 -38.09 -1.83 -22.04
C SER H 9 -38.45 -3.30 -21.91
N SER H 10 -38.22 -4.07 -22.97
CA SER H 10 -38.40 -5.51 -22.94
C SER H 10 -37.47 -6.11 -23.99
N LEU H 11 -37.11 -7.37 -23.78
CA LEU H 11 -36.27 -8.07 -24.75
C LEU H 11 -36.55 -9.56 -24.68
N SER H 12 -36.35 -10.22 -25.82
CA SER H 12 -36.53 -11.66 -25.95
C SER H 12 -35.24 -12.25 -26.50
N ALA H 13 -34.68 -13.23 -25.79
CA ALA H 13 -33.44 -13.85 -26.23
C ALA H 13 -33.49 -15.35 -25.95
N ALA H 14 -32.75 -16.11 -26.75
CA ALA H 14 -32.75 -17.56 -26.63
C ALA H 14 -31.91 -17.99 -25.45
N VAL H 15 -32.18 -19.21 -24.96
CA VAL H 15 -31.42 -19.76 -23.85
C VAL H 15 -29.95 -19.88 -24.24
N GLY H 16 -29.07 -19.30 -23.42
CA GLY H 16 -27.64 -19.29 -23.65
C GLY H 16 -27.10 -18.01 -24.26
N ASP H 17 -27.96 -17.07 -24.63
CA ASP H 17 -27.55 -15.83 -25.27
C ASP H 17 -26.96 -14.87 -24.23
N ARG H 18 -26.16 -13.92 -24.70
CA ARG H 18 -25.63 -12.87 -23.84
C ARG H 18 -26.54 -11.65 -23.90
N VAL H 19 -26.99 -11.20 -22.73
CA VAL H 19 -27.96 -10.11 -22.61
C VAL H 19 -27.38 -9.02 -21.72
N THR H 20 -27.53 -7.77 -22.17
CA THR H 20 -27.07 -6.59 -21.46
C THR H 20 -28.23 -5.62 -21.29
N ILE H 21 -28.35 -5.07 -20.09
CA ILE H 21 -29.35 -4.06 -19.77
C ILE H 21 -28.59 -2.78 -19.43
N THR H 22 -29.20 -1.63 -19.73
CA THR H 22 -28.58 -0.33 -19.49
C THR H 22 -29.35 0.41 -18.41
N CYS H 23 -28.61 1.14 -17.59
CA CYS H 23 -29.19 2.04 -16.61
C CYS H 23 -28.45 3.37 -16.71
N GLN H 24 -29.19 4.46 -16.82
CA GLN H 24 -28.60 5.80 -16.81
C GLN H 24 -29.28 6.66 -15.76
N ALA H 25 -28.48 7.47 -15.09
CA ALA H 25 -28.95 8.42 -14.09
C ALA H 25 -29.04 9.81 -14.70
N SER H 26 -29.91 10.64 -14.13
CA SER H 26 -30.03 12.01 -14.60
C SER H 26 -28.82 12.86 -14.24
N GLN H 27 -27.98 12.38 -13.32
CA GLN H 27 -26.78 13.08 -12.91
C GLN H 27 -25.76 12.06 -12.43
N ASP H 28 -24.56 12.55 -12.14
CA ASP H 28 -23.46 11.69 -11.69
C ASP H 28 -23.80 11.06 -10.34
N ILE H 29 -23.72 9.73 -10.26
CA ILE H 29 -23.96 9.06 -8.99
C ILE H 29 -22.79 8.16 -8.62
N VAL H 30 -21.60 8.51 -9.11
CA VAL H 30 -20.35 7.78 -8.92
C VAL H 30 -20.64 6.31 -9.25
N ASN H 31 -20.46 5.41 -8.30
CA ASN H 31 -20.90 4.04 -8.53
C ASN H 31 -21.79 3.56 -7.41
N TYR H 32 -22.61 4.46 -6.88
CA TYR H 32 -23.55 4.13 -5.80
C TYR H 32 -24.85 3.61 -6.42
N LEU H 33 -24.79 2.39 -6.95
CA LEU H 33 -25.87 1.81 -7.74
C LEU H 33 -26.09 0.34 -7.44
N ASN H 34 -27.36 -0.07 -7.32
CA ASN H 34 -27.75 -1.45 -7.06
C ASN H 34 -28.65 -1.97 -8.17
N TRP H 35 -28.69 -3.31 -8.31
CA TRP H 35 -29.56 -3.99 -9.27
C TRP H 35 -30.47 -4.97 -8.53
N TYR H 36 -31.73 -5.05 -8.95
CA TYR H 36 -32.66 -6.01 -8.38
C TYR H 36 -33.32 -6.84 -9.49
N GLN H 37 -33.63 -8.09 -9.15
CA GLN H 37 -34.38 -8.99 -10.02
C GLN H 37 -35.71 -9.29 -9.35
N GLN H 38 -36.80 -9.12 -10.10
CA GLN H 38 -38.14 -9.38 -9.57
C GLN H 38 -38.87 -10.41 -10.44
N LYS H 39 -39.13 -11.59 -9.87
CA LYS H 39 -40.04 -12.39 -10.66
C LYS H 39 -41.47 -12.01 -10.33
N PRO H 40 -42.40 -12.24 -11.27
CA PRO H 40 -43.79 -11.83 -11.06
C PRO H 40 -44.36 -12.29 -9.72
N GLY H 41 -44.97 -11.34 -9.00
CA GLY H 41 -45.70 -11.64 -7.79
C GLY H 41 -44.85 -11.82 -6.54
N LYS H 42 -43.53 -11.82 -6.68
CA LYS H 42 -42.61 -12.04 -5.59
C LYS H 42 -41.83 -10.76 -5.31
N ALA H 43 -41.25 -10.69 -4.12
CA ALA H 43 -40.42 -9.56 -3.76
C ALA H 43 -39.22 -9.41 -4.70
N PRO H 44 -38.64 -8.21 -4.76
CA PRO H 44 -37.37 -8.05 -5.48
C PRO H 44 -36.24 -8.80 -4.76
N LYS H 45 -35.23 -9.17 -5.54
CA LYS H 45 -34.03 -9.84 -5.05
C LYS H 45 -32.83 -8.97 -5.40
N LEU H 46 -31.98 -8.72 -4.40
CA LEU H 46 -30.76 -7.94 -4.65
C LEU H 46 -29.74 -8.78 -5.40
N LEU H 47 -29.34 -8.32 -6.57
CA LEU H 47 -28.33 -9.01 -7.37
C LEU H 47 -26.96 -8.35 -7.30
N ILE H 48 -26.92 -7.03 -7.42
CA ILE H 48 -25.67 -6.28 -7.48
C ILE H 48 -25.80 -5.10 -6.53
N TYR H 49 -24.78 -4.86 -5.72
CA TYR H 49 -24.74 -3.70 -4.83
C TYR H 49 -23.42 -2.98 -5.01
N VAL H 50 -23.45 -1.67 -4.82
CA VAL H 50 -22.33 -0.76 -5.08
C VAL H 50 -21.78 -0.99 -6.47
N ALA H 51 -22.68 -1.01 -7.46
CA ALA H 51 -22.36 -1.04 -8.88
C ALA H 51 -21.85 -2.39 -9.39
N SER H 52 -21.05 -3.09 -8.60
CA SER H 52 -20.40 -4.26 -9.17
C SER H 52 -20.27 -5.48 -8.28
N ASN H 53 -20.64 -5.43 -7.00
CA ASN H 53 -20.42 -6.57 -6.13
C ASN H 53 -21.57 -7.56 -6.24
N LEU H 54 -21.24 -8.81 -6.52
CA LEU H 54 -22.23 -9.87 -6.67
C LEU H 54 -22.75 -10.34 -5.33
N GLU H 55 -24.07 -10.37 -5.18
CA GLU H 55 -24.69 -10.89 -3.97
C GLU H 55 -24.38 -12.38 -3.83
N THR H 56 -24.30 -12.83 -2.58
CA THR H 56 -23.94 -14.22 -2.31
C THR H 56 -24.97 -15.17 -2.90
N GLY H 57 -24.49 -16.23 -3.53
CA GLY H 57 -25.32 -17.28 -4.08
C GLY H 57 -25.94 -17.00 -5.43
N VAL H 58 -25.71 -15.83 -6.01
CA VAL H 58 -26.18 -15.56 -7.36
C VAL H 58 -25.19 -16.14 -8.36
N PRO H 59 -25.64 -16.86 -9.38
CA PRO H 59 -24.70 -17.49 -10.32
C PRO H 59 -23.78 -16.47 -10.96
N SER H 60 -22.53 -16.89 -11.18
CA SER H 60 -21.51 -16.02 -11.75
C SER H 60 -21.85 -15.55 -13.16
N ARG H 61 -22.87 -16.10 -13.82
CA ARG H 61 -23.22 -15.61 -15.15
C ARG H 61 -23.80 -14.20 -15.12
N PHE H 62 -24.20 -13.70 -13.94
CA PHE H 62 -24.60 -12.31 -13.75
C PHE H 62 -23.39 -11.44 -13.46
N SER H 63 -23.38 -10.23 -14.01
CA SER H 63 -22.33 -9.28 -13.69
C SER H 63 -22.91 -7.87 -13.73
N GLY H 64 -22.28 -6.98 -12.97
CA GLY H 64 -22.68 -5.59 -12.97
C GLY H 64 -21.48 -4.73 -13.33
N SER H 65 -21.73 -3.65 -14.06
CA SER H 65 -20.66 -2.76 -14.51
C SER H 65 -21.18 -1.33 -14.50
N GLY H 66 -20.26 -0.39 -14.68
CA GLY H 66 -20.60 1.01 -14.80
C GLY H 66 -20.07 1.85 -13.65
N SER H 67 -20.17 3.16 -13.88
CA SER H 67 -19.84 4.21 -12.93
C SER H 67 -20.29 5.54 -13.52
N GLY H 68 -20.38 6.55 -12.66
CA GLY H 68 -20.80 7.87 -13.08
C GLY H 68 -22.28 8.00 -13.33
N THR H 69 -22.66 7.99 -14.61
CA THR H 69 -24.05 8.12 -15.02
C THR H 69 -24.58 6.94 -15.82
N ASP H 70 -23.72 6.06 -16.34
CA ASP H 70 -24.15 4.98 -17.21
C ASP H 70 -23.75 3.64 -16.61
N PHE H 71 -24.71 2.73 -16.52
CA PHE H 71 -24.50 1.44 -15.88
C PHE H 71 -25.08 0.33 -16.74
N SER H 72 -24.61 -0.89 -16.50
CA SER H 72 -25.04 -2.04 -17.27
C SER H 72 -25.13 -3.27 -16.38
N LEU H 73 -26.03 -4.18 -16.75
CA LEU H 73 -26.14 -5.50 -16.15
C LEU H 73 -26.03 -6.53 -17.26
N THR H 74 -25.06 -7.43 -17.17
CA THR H 74 -24.72 -8.36 -18.24
C THR H 74 -24.97 -9.78 -17.76
N ILE H 75 -25.73 -10.55 -18.53
CA ILE H 75 -25.94 -11.97 -18.30
C ILE H 75 -25.22 -12.74 -19.38
N SER H 76 -24.24 -13.57 -18.97
CA SER H 76 -23.32 -14.17 -19.94
C SER H 76 -23.91 -15.38 -20.67
N SER H 77 -24.83 -16.11 -20.03
CA SER H 77 -25.41 -17.31 -20.64
C SER H 77 -26.82 -17.47 -20.05
N LEU H 78 -27.78 -16.87 -20.72
CA LEU H 78 -29.14 -16.77 -20.19
C LEU H 78 -29.76 -18.15 -20.02
N GLN H 79 -30.42 -18.35 -18.89
CA GLN H 79 -31.07 -19.60 -18.52
C GLN H 79 -32.57 -19.39 -18.34
N PRO H 80 -33.38 -20.45 -18.43
CA PRO H 80 -34.83 -20.25 -18.32
C PRO H 80 -35.28 -19.58 -17.05
N GLU H 81 -34.65 -19.88 -15.89
CA GLU H 81 -35.14 -19.32 -14.64
C GLU H 81 -34.83 -17.83 -14.48
N ASP H 82 -34.18 -17.17 -15.45
CA ASP H 82 -33.85 -15.76 -15.36
C ASP H 82 -34.97 -14.85 -15.88
N VAL H 83 -36.09 -15.42 -16.32
CA VAL H 83 -37.24 -14.65 -16.78
C VAL H 83 -37.78 -13.81 -15.62
N ALA H 84 -37.63 -12.50 -15.72
CA ALA H 84 -38.00 -11.61 -14.63
C ALA H 84 -37.80 -10.16 -15.08
N THR H 85 -38.24 -9.25 -14.23
CA THR H 85 -38.08 -7.82 -14.45
C THR H 85 -36.87 -7.33 -13.66
N TYR H 86 -36.03 -6.54 -14.28
CA TYR H 86 -34.82 -6.06 -13.61
C TYR H 86 -34.92 -4.57 -13.36
N TYR H 87 -34.45 -4.16 -12.18
CA TYR H 87 -34.47 -2.76 -11.78
C TYR H 87 -33.09 -2.37 -11.31
N CYS H 88 -32.61 -1.23 -11.76
CA CYS H 88 -31.47 -0.61 -11.11
C CYS H 88 -32.00 0.39 -10.09
N GLN H 89 -31.16 0.68 -9.08
CA GLN H 89 -31.57 1.54 -7.98
C GLN H 89 -30.34 2.29 -7.48
N GLN H 90 -30.45 3.62 -7.43
CA GLN H 90 -29.36 4.48 -6.98
C GLN H 90 -29.56 4.91 -5.54
N TYR H 91 -28.44 5.25 -4.88
CA TYR H 91 -28.52 5.79 -3.52
C TYR H 91 -27.56 6.95 -3.28
N ASP H 92 -27.07 7.60 -4.35
CA ASP H 92 -26.16 8.73 -4.22
C ASP H 92 -26.74 9.85 -3.37
N ASN H 93 -28.03 10.13 -3.53
CA ASN H 93 -28.71 11.01 -2.59
C ASN H 93 -30.19 10.65 -2.56
N LEU H 94 -30.88 11.15 -1.56
CA LEU H 94 -32.26 10.84 -1.30
C LEU H 94 -33.18 11.72 -2.15
N PRO H 95 -34.38 11.24 -2.49
CA PRO H 95 -34.92 9.92 -2.14
C PRO H 95 -34.35 8.82 -3.05
N LEU H 96 -34.24 7.60 -2.53
CA LEU H 96 -33.81 6.48 -3.36
C LEU H 96 -34.78 6.24 -4.51
N THR H 97 -34.23 6.01 -5.69
CA THR H 97 -35.05 5.85 -6.88
C THR H 97 -34.67 4.55 -7.57
N PHE H 98 -35.64 3.99 -8.29
CA PHE H 98 -35.47 2.81 -9.12
C PHE H 98 -35.61 3.18 -10.59
N GLY H 99 -35.05 2.34 -11.45
CA GLY H 99 -35.29 2.44 -12.88
C GLY H 99 -36.69 2.01 -13.26
N GLY H 100 -37.00 2.14 -14.55
CA GLY H 100 -38.32 1.79 -15.06
C GLY H 100 -38.57 0.30 -15.21
N GLY H 101 -37.51 -0.50 -15.24
CA GLY H 101 -37.57 -1.95 -15.36
C GLY H 101 -37.27 -2.40 -16.78
N THR H 102 -36.72 -3.62 -16.89
CA THR H 102 -36.50 -4.28 -18.17
C THR H 102 -37.08 -5.68 -18.08
N LYS H 103 -38.14 -5.93 -18.85
CA LYS H 103 -38.76 -7.25 -18.85
C LYS H 103 -37.97 -8.14 -19.79
N VAL H 104 -37.53 -9.28 -19.29
CA VAL H 104 -36.76 -10.24 -20.09
C VAL H 104 -37.63 -11.46 -20.34
N GLU H 105 -37.82 -11.78 -21.63
CA GLU H 105 -38.59 -12.92 -22.08
C GLU H 105 -37.64 -13.89 -22.76
N ILE H 106 -37.95 -15.18 -22.68
CA ILE H 106 -37.15 -16.22 -23.33
C ILE H 106 -37.77 -16.53 -24.69
N LYS H 107 -36.94 -16.54 -25.72
CA LYS H 107 -37.37 -16.99 -27.04
C LYS H 107 -37.01 -18.46 -27.16
N ARG H 108 -38.00 -19.29 -27.42
CA ARG H 108 -37.82 -20.73 -27.55
C ARG H 108 -38.51 -21.21 -28.82
N THR H 109 -38.49 -22.52 -29.04
CA THR H 109 -39.19 -23.08 -30.16
C THR H 109 -40.70 -22.95 -29.96
N VAL H 110 -41.44 -22.98 -31.08
CA VAL H 110 -42.88 -22.82 -31.04
C VAL H 110 -43.52 -24.10 -30.50
N ALA H 111 -44.41 -23.94 -29.53
CA ALA H 111 -45.18 -25.06 -28.98
C ALA H 111 -46.67 -24.76 -29.11
N ALA H 112 -47.42 -25.70 -29.67
CA ALA H 112 -48.85 -25.50 -29.87
C ALA H 112 -49.60 -25.62 -28.55
N PRO H 113 -50.68 -24.87 -28.38
CA PRO H 113 -51.48 -24.97 -27.15
C PRO H 113 -52.42 -26.15 -27.15
N SER H 114 -52.59 -26.75 -25.98
CA SER H 114 -53.63 -27.74 -25.73
C SER H 114 -54.90 -27.03 -25.28
N VAL H 115 -56.00 -27.21 -26.01
CA VAL H 115 -57.20 -26.40 -25.82
C VAL H 115 -58.27 -27.25 -25.16
N PHE H 116 -58.81 -26.73 -24.05
CA PHE H 116 -59.83 -27.39 -23.26
C PHE H 116 -60.94 -26.40 -22.97
N ILE H 117 -62.18 -26.87 -23.01
CA ILE H 117 -63.33 -26.02 -22.72
C ILE H 117 -64.09 -26.62 -21.55
N PHE H 118 -64.63 -25.74 -20.70
CA PHE H 118 -65.33 -26.13 -19.50
C PHE H 118 -66.72 -25.51 -19.49
N PRO H 119 -67.77 -26.30 -19.30
CA PRO H 119 -69.11 -25.74 -19.25
C PRO H 119 -69.35 -25.07 -17.92
N PRO H 120 -70.33 -24.19 -17.83
CA PRO H 120 -70.64 -23.59 -16.54
C PRO H 120 -71.26 -24.60 -15.60
N SER H 121 -71.06 -24.37 -14.31
CA SER H 121 -71.55 -25.28 -13.29
C SER H 121 -73.07 -25.20 -13.18
N ASP H 122 -73.68 -26.30 -12.77
CA ASP H 122 -75.11 -26.23 -12.47
C ASP H 122 -75.37 -25.35 -11.27
N GLU H 123 -74.41 -25.32 -10.33
CA GLU H 123 -74.52 -24.49 -9.13
C GLU H 123 -74.40 -23.01 -9.46
N GLN H 124 -73.53 -22.66 -10.41
CA GLN H 124 -73.39 -21.25 -10.76
C GLN H 124 -74.65 -20.74 -11.47
N LEU H 125 -75.26 -21.57 -12.32
CA LEU H 125 -76.47 -21.17 -13.03
C LEU H 125 -77.58 -20.78 -12.06
N LYS H 126 -77.66 -21.46 -10.92
CA LYS H 126 -78.72 -21.15 -9.96
C LYS H 126 -78.60 -19.74 -9.41
N SER H 127 -77.37 -19.23 -9.26
CA SER H 127 -77.16 -17.88 -8.79
C SER H 127 -77.43 -16.80 -9.85
N GLY H 128 -77.60 -17.19 -11.11
CA GLY H 128 -78.01 -16.27 -12.16
C GLY H 128 -76.97 -15.79 -13.15
N THR H 129 -75.79 -16.40 -13.20
CA THR H 129 -74.75 -16.05 -14.16
C THR H 129 -74.09 -17.34 -14.63
N ALA H 130 -73.52 -17.32 -15.82
CA ALA H 130 -72.86 -18.51 -16.36
C ALA H 130 -71.51 -18.11 -16.94
N SER H 131 -70.45 -18.76 -16.47
CA SER H 131 -69.08 -18.52 -16.95
C SER H 131 -68.61 -19.73 -17.74
N VAL H 132 -68.27 -19.52 -19.01
CA VAL H 132 -67.79 -20.58 -19.89
C VAL H 132 -66.31 -20.33 -20.13
N VAL H 133 -65.47 -21.30 -19.75
CA VAL H 133 -64.03 -21.13 -19.75
C VAL H 133 -63.40 -21.93 -20.88
N CYS H 134 -62.46 -21.30 -21.57
CA CYS H 134 -61.63 -21.94 -22.58
C CYS H 134 -60.18 -21.79 -22.15
N LEU H 135 -59.41 -22.87 -22.27
CA LEU H 135 -58.05 -22.91 -21.72
C LEU H 135 -57.06 -23.29 -22.82
N LEU H 136 -55.98 -22.50 -22.93
CA LEU H 136 -54.82 -22.84 -23.75
C LEU H 136 -53.67 -23.15 -22.81
N ASN H 137 -53.13 -24.36 -22.90
CA ASN H 137 -52.25 -24.90 -21.86
C ASN H 137 -50.85 -25.16 -22.43
N ASN H 138 -49.85 -24.49 -21.84
CA ASN H 138 -48.42 -24.71 -22.09
C ASN H 138 -48.06 -24.55 -23.58
N PHE H 139 -48.08 -23.29 -24.02
CA PHE H 139 -47.72 -22.93 -25.39
C PHE H 139 -46.71 -21.78 -25.42
N TYR H 140 -46.13 -21.58 -26.60
CA TYR H 140 -45.25 -20.46 -26.96
C TYR H 140 -45.38 -20.30 -28.46
N PRO H 141 -45.43 -19.06 -29.01
CA PRO H 141 -45.28 -17.74 -28.37
C PRO H 141 -46.54 -17.15 -27.72
N ARG H 142 -46.35 -15.99 -27.10
CA ARG H 142 -47.39 -15.31 -26.34
C ARG H 142 -48.66 -15.06 -27.14
N GLU H 143 -48.52 -14.75 -28.43
CA GLU H 143 -49.66 -14.28 -29.24
C GLU H 143 -50.60 -15.43 -29.56
N ALA H 144 -51.82 -15.35 -29.02
CA ALA H 144 -52.90 -16.26 -29.38
C ALA H 144 -54.20 -15.49 -29.40
N LYS H 145 -55.21 -16.06 -30.06
CA LYS H 145 -56.51 -15.41 -30.18
C LYS H 145 -57.64 -16.40 -29.90
N VAL H 146 -58.54 -16.00 -29.01
CA VAL H 146 -59.70 -16.79 -28.64
C VAL H 146 -60.93 -15.92 -28.88
N GLN H 147 -61.76 -16.33 -29.84
CA GLN H 147 -63.04 -15.66 -30.07
C GLN H 147 -64.14 -16.70 -29.86
N TRP H 148 -65.05 -16.39 -28.94
CA TRP H 148 -66.16 -17.28 -28.65
C TRP H 148 -67.16 -17.29 -29.80
N LYS H 149 -67.80 -18.45 -30.00
CA LYS H 149 -68.81 -18.62 -31.04
C LYS H 149 -69.97 -19.44 -30.50
N VAL H 150 -71.11 -18.79 -30.34
CA VAL H 150 -72.34 -19.42 -29.88
C VAL H 150 -73.16 -19.85 -31.09
N ASP H 151 -73.50 -21.13 -31.15
CA ASP H 151 -73.95 -21.77 -32.38
C ASP H 151 -72.93 -21.49 -33.48
N ASN H 152 -73.22 -20.48 -34.30
CA ASN H 152 -72.24 -19.99 -35.26
C ASN H 152 -72.06 -18.48 -35.13
N ALA H 153 -72.63 -17.87 -34.09
CA ALA H 153 -72.60 -16.43 -33.90
C ALA H 153 -71.31 -16.04 -33.19
N LEU H 154 -70.47 -15.26 -33.86
CA LEU H 154 -69.23 -14.78 -33.27
C LEU H 154 -69.55 -13.86 -32.10
N GLN H 155 -68.90 -14.10 -30.97
CA GLN H 155 -69.12 -13.33 -29.76
C GLN H 155 -68.06 -12.24 -29.68
N SER H 156 -68.49 -11.02 -29.37
CA SER H 156 -67.63 -9.85 -29.36
C SER H 156 -67.71 -9.17 -28.00
N GLY H 157 -66.58 -9.12 -27.31
CA GLY H 157 -66.48 -8.27 -26.14
C GLY H 157 -67.22 -8.74 -24.92
N ASN H 158 -67.65 -10.01 -24.90
CA ASN H 158 -68.27 -10.61 -23.72
C ASN H 158 -67.33 -11.57 -23.01
N SER H 159 -66.02 -11.38 -23.16
CA SER H 159 -65.07 -12.30 -22.56
C SER H 159 -63.89 -11.51 -22.01
N GLN H 160 -63.18 -12.16 -21.10
CA GLN H 160 -61.98 -11.63 -20.45
C GLN H 160 -60.95 -12.74 -20.48
N GLU H 161 -59.74 -12.41 -20.90
CA GLU H 161 -58.68 -13.39 -21.00
C GLU H 161 -57.57 -13.07 -20.01
N SER H 162 -56.97 -14.13 -19.46
CA SER H 162 -55.92 -14.03 -18.47
C SER H 162 -54.78 -14.94 -18.92
N VAL H 163 -53.56 -14.44 -18.78
CA VAL H 163 -52.38 -15.18 -19.22
C VAL H 163 -51.43 -15.32 -18.03
N THR H 164 -50.88 -16.52 -17.86
CA THR H 164 -49.88 -16.70 -16.83
C THR H 164 -48.56 -16.11 -17.30
N GLU H 165 -47.67 -15.87 -16.35
CA GLU H 165 -46.32 -15.49 -16.75
C GLU H 165 -45.56 -16.69 -17.29
N GLN H 166 -44.43 -16.39 -17.91
CA GLN H 166 -43.64 -17.43 -18.55
C GLN H 166 -43.13 -18.41 -17.51
N ASP H 167 -43.33 -19.69 -17.76
CA ASP H 167 -43.00 -20.71 -16.77
C ASP H 167 -41.48 -20.78 -16.57
N SER H 168 -41.06 -20.92 -15.31
CA SER H 168 -39.65 -20.73 -14.98
C SER H 168 -38.77 -21.89 -15.44
N LYS H 169 -39.33 -23.07 -15.70
CA LYS H 169 -38.51 -24.23 -16.04
C LYS H 169 -38.61 -24.65 -17.50
N ASP H 170 -39.68 -24.29 -18.21
CA ASP H 170 -39.82 -24.68 -19.62
C ASP H 170 -40.30 -23.56 -20.54
N SER H 171 -40.44 -22.33 -20.04
CA SER H 171 -40.59 -21.13 -20.88
C SER H 171 -41.88 -21.11 -21.70
N THR H 172 -42.94 -21.74 -21.22
CA THR H 172 -44.23 -21.74 -21.91
C THR H 172 -45.24 -20.86 -21.20
N TYR H 173 -46.31 -20.53 -21.91
CA TYR H 173 -47.42 -19.73 -21.40
C TYR H 173 -48.69 -20.56 -21.26
N SER H 174 -49.62 -20.06 -20.45
CA SER H 174 -50.97 -20.59 -20.37
C SER H 174 -51.96 -19.44 -20.37
N LEU H 175 -53.15 -19.67 -20.92
CA LEU H 175 -54.13 -18.62 -21.08
C LEU H 175 -55.53 -19.18 -20.85
N SER H 176 -56.34 -18.46 -20.07
CA SER H 176 -57.75 -18.80 -19.87
C SER H 176 -58.59 -17.63 -20.33
N SER H 177 -59.62 -17.91 -21.12
CA SER H 177 -60.62 -16.94 -21.53
C SER H 177 -61.96 -17.35 -20.96
N THR H 178 -62.63 -16.41 -20.31
CA THR H 178 -63.91 -16.68 -19.65
C THR H 178 -65.00 -15.86 -20.32
N LEU H 179 -66.03 -16.57 -20.79
CA LEU H 179 -67.20 -15.99 -21.44
C LEU H 179 -68.34 -15.96 -20.42
N THR H 180 -68.74 -14.76 -20.03
CA THR H 180 -69.77 -14.56 -19.00
C THR H 180 -71.07 -14.11 -19.66
N LEU H 181 -72.17 -14.76 -19.28
CA LEU H 181 -73.50 -14.48 -19.81
C LEU H 181 -74.51 -14.52 -18.67
N SER H 182 -75.70 -14.00 -18.95
CA SER H 182 -76.79 -14.14 -17.99
C SER H 182 -77.40 -15.54 -18.11
N LYS H 183 -78.05 -15.97 -17.04
CA LYS H 183 -78.71 -17.27 -17.08
C LYS H 183 -79.78 -17.31 -18.15
N ALA H 184 -80.48 -16.19 -18.35
CA ALA H 184 -81.55 -16.14 -19.34
C ALA H 184 -81.01 -16.43 -20.73
N ASP H 185 -79.92 -15.79 -21.12
CA ASP H 185 -79.42 -15.96 -22.48
C ASP H 185 -78.60 -17.25 -22.63
N TYR H 186 -78.07 -17.80 -21.54
CA TYR H 186 -77.32 -19.06 -21.65
C TYR H 186 -78.22 -20.22 -22.05
N GLU H 187 -79.35 -20.38 -21.37
CA GLU H 187 -80.29 -21.44 -21.70
C GLU H 187 -81.06 -21.17 -22.98
N LYS H 188 -80.80 -20.04 -23.64
CA LYS H 188 -81.44 -19.70 -24.90
C LYS H 188 -80.77 -20.38 -26.10
N HIS H 189 -79.49 -20.75 -25.98
CA HIS H 189 -78.73 -21.32 -27.08
C HIS H 189 -78.29 -22.74 -26.75
N LYS H 190 -77.65 -23.40 -27.71
CA LYS H 190 -77.39 -24.83 -27.58
C LYS H 190 -75.90 -25.15 -27.57
N VAL H 191 -75.18 -24.89 -28.66
CA VAL H 191 -73.81 -25.37 -28.85
C VAL H 191 -72.84 -24.20 -28.68
N TYR H 192 -71.94 -24.32 -27.69
CA TYR H 192 -70.97 -23.30 -27.34
C TYR H 192 -69.57 -23.74 -27.75
N ALA H 193 -68.84 -22.85 -28.41
CA ALA H 193 -67.49 -23.15 -28.87
C ALA H 193 -66.57 -21.95 -28.66
N CYS H 194 -65.29 -22.25 -28.46
CA CYS H 194 -64.21 -21.27 -28.47
C CYS H 194 -63.23 -21.69 -29.55
N GLU H 195 -62.97 -20.80 -30.49
CA GLU H 195 -62.06 -21.09 -31.59
C GLU H 195 -60.75 -20.36 -31.35
N VAL H 196 -59.63 -21.07 -31.52
CA VAL H 196 -58.32 -20.62 -31.08
C VAL H 196 -57.35 -20.68 -32.25
N THR H 197 -56.70 -19.56 -32.54
CA THR H 197 -55.67 -19.47 -33.57
C THR H 197 -54.31 -19.20 -32.94
N HIS H 198 -53.27 -19.87 -33.44
CA HIS H 198 -51.92 -19.73 -32.91
C HIS H 198 -50.93 -20.28 -33.92
N GLN H 199 -49.67 -19.87 -33.78
CA GLN H 199 -48.63 -20.18 -34.75
C GLN H 199 -48.20 -21.65 -34.71
N GLY H 200 -48.60 -22.39 -33.69
CA GLY H 200 -48.20 -23.77 -33.55
C GLY H 200 -49.15 -24.78 -34.14
N LEU H 201 -50.33 -24.34 -34.58
CA LEU H 201 -51.32 -25.22 -35.16
C LEU H 201 -51.46 -24.96 -36.65
N SER H 202 -51.51 -26.04 -37.43
CA SER H 202 -51.63 -25.90 -38.88
C SER H 202 -52.98 -25.33 -39.27
N SER H 203 -54.05 -25.83 -38.67
CA SER H 203 -55.40 -25.34 -38.84
C SER H 203 -55.95 -24.92 -37.48
N PRO H 204 -56.85 -23.94 -37.44
CA PRO H 204 -57.36 -23.46 -36.15
C PRO H 204 -58.13 -24.55 -35.41
N VAL H 205 -57.88 -24.64 -34.10
CA VAL H 205 -58.46 -25.67 -33.25
C VAL H 205 -59.70 -25.11 -32.58
N THR H 206 -60.79 -25.87 -32.65
CA THR H 206 -62.04 -25.52 -31.98
C THR H 206 -62.42 -26.64 -31.03
N LYS H 207 -62.74 -26.28 -29.80
CA LYS H 207 -63.30 -27.20 -28.81
C LYS H 207 -64.68 -26.69 -28.42
N SER H 208 -65.67 -27.58 -28.41
CA SER H 208 -67.04 -27.17 -28.16
C SER H 208 -67.72 -28.18 -27.25
N PHE H 209 -68.99 -27.88 -26.93
CA PHE H 209 -69.84 -28.78 -26.16
C PHE H 209 -71.29 -28.43 -26.46
N ASN H 210 -72.18 -29.39 -26.21
CA ASN H 210 -73.61 -29.19 -26.35
C ASN H 210 -74.25 -29.01 -24.98
N ARG H 211 -75.11 -28.00 -24.85
CA ARG H 211 -75.73 -27.72 -23.57
C ARG H 211 -76.70 -28.82 -23.14
N GLY H 212 -77.07 -29.71 -24.06
CA GLY H 212 -77.88 -30.87 -23.71
C GLY H 212 -77.10 -31.86 -22.87
N GLU H 213 -75.93 -32.27 -23.37
CA GLU H 213 -75.02 -33.14 -22.63
C GLU H 213 -73.70 -33.19 -23.39
N ASN I 27 21.16 39.15 -23.40
CA ASN I 27 20.09 39.07 -22.42
C ASN I 27 20.50 39.54 -21.01
N ILE I 28 21.64 39.09 -20.48
CA ILE I 28 22.10 39.50 -19.15
C ILE I 28 23.49 40.13 -19.29
N THR I 29 23.68 41.30 -18.67
CA THR I 29 24.96 42.01 -18.77
C THR I 29 25.46 42.32 -17.36
N GLU I 30 26.76 42.59 -17.27
CA GLU I 30 27.34 42.92 -15.97
C GLU I 30 28.46 43.94 -16.14
N GLU I 31 28.53 44.92 -15.24
CA GLU I 31 29.59 45.91 -15.22
C GLU I 31 30.32 45.82 -13.90
N PHE I 32 31.65 45.80 -13.96
CA PHE I 32 32.47 45.85 -12.75
C PHE I 32 33.07 47.24 -12.61
N TYR I 33 32.85 47.87 -11.46
CA TYR I 33 33.37 49.20 -11.18
C TYR I 33 34.61 49.04 -10.33
N GLN I 34 35.79 49.13 -10.96
CA GLN I 34 37.04 49.02 -10.22
C GLN I 34 37.19 50.14 -9.21
N SER I 35 36.52 51.27 -9.44
CA SER I 35 36.64 52.41 -8.56
C SER I 35 36.04 52.13 -7.18
N THR I 36 35.01 51.30 -7.10
CA THR I 36 34.37 51.03 -5.82
C THR I 36 34.27 49.55 -5.47
N CYS I 37 35.01 48.69 -6.18
CA CYS I 37 35.05 47.25 -5.87
C CYS I 37 33.66 46.64 -5.81
N SER I 38 32.88 46.87 -6.87
CA SER I 38 31.52 46.35 -6.91
C SER I 38 31.14 46.09 -8.36
N ALA I 39 30.01 45.42 -8.54
CA ALA I 39 29.55 45.03 -9.86
C ALA I 39 28.02 44.99 -9.86
N VAL I 40 27.42 45.31 -11.00
CA VAL I 40 25.98 45.29 -11.16
C VAL I 40 25.63 44.39 -12.33
N SER I 41 24.71 43.45 -12.10
CA SER I 41 24.18 42.60 -13.14
C SER I 41 22.79 43.11 -13.48
N LYS I 42 22.56 43.45 -14.75
CA LYS I 42 21.29 44.01 -15.19
C LYS I 42 20.68 43.09 -16.25
N GLY I 43 19.45 43.40 -16.62
CA GLY I 43 18.75 42.60 -17.59
C GLY I 43 17.78 41.61 -17.00
N TYR I 44 17.61 41.61 -15.70
CA TYR I 44 16.65 40.74 -15.03
C TYR I 44 15.25 41.34 -15.11
N LEU I 45 14.24 40.47 -15.13
CA LEU I 45 12.86 40.92 -15.03
C LEU I 45 12.28 40.62 -13.66
N SER I 46 11.34 41.45 -13.25
CA SER I 46 10.79 41.39 -11.90
C SER I 46 9.58 40.46 -11.83
N ALA I 47 9.37 39.93 -10.64
CA ALA I 47 8.11 39.32 -10.24
C ALA I 47 8.03 39.51 -8.72
N LEU I 48 7.56 40.67 -8.30
CA LEU I 48 7.58 41.04 -6.89
C LEU I 48 6.26 40.62 -6.26
N ARG I 49 6.31 39.78 -5.24
CA ARG I 49 5.09 39.49 -4.49
C ARG I 49 4.66 40.76 -3.80
N THR I 50 3.48 41.26 -4.14
CA THR I 50 3.01 42.48 -3.51
C THR I 50 1.83 42.27 -2.58
N GLY I 51 1.05 41.22 -2.79
CA GLY I 51 -0.10 40.94 -1.94
C GLY I 51 -0.42 39.46 -1.82
N TRP I 52 -1.58 39.14 -1.26
CA TRP I 52 -1.94 37.78 -0.92
C TRP I 52 -3.32 37.46 -1.46
N TYR I 53 -3.48 36.26 -1.98
CA TYR I 53 -4.80 35.69 -2.20
C TYR I 53 -4.99 34.55 -1.22
N THR I 54 -6.14 34.55 -0.57
CA THR I 54 -6.49 33.54 0.42
C THR I 54 -7.57 32.65 -0.17
N SER I 55 -7.34 31.35 -0.14
CA SER I 55 -8.26 30.37 -0.69
C SER I 55 -8.62 29.36 0.39
N VAL I 56 -9.84 28.84 0.33
CA VAL I 56 -10.33 27.88 1.30
C VAL I 56 -10.34 26.50 0.67
N ILE I 57 -9.54 25.59 1.22
CA ILE I 57 -9.45 24.21 0.78
C ILE I 57 -10.13 23.32 1.81
N THR I 58 -11.02 22.45 1.35
CA THR I 58 -11.79 21.60 2.25
C THR I 58 -11.61 20.12 1.95
N ILE I 59 -11.56 19.33 3.02
CA ILE I 59 -11.62 17.87 2.95
C ILE I 59 -12.83 17.45 3.76
N GLU I 60 -13.73 16.71 3.13
CA GLU I 60 -14.97 16.34 3.78
C GLU I 60 -14.76 15.01 4.50
N LEU I 61 -15.01 15.02 5.81
CA LEU I 61 -14.82 13.83 6.63
C LEU I 61 -16.17 13.32 7.15
N SER I 62 -16.21 12.04 7.54
CA SER I 62 -17.39 11.45 8.16
C SER I 62 -17.02 10.96 9.54
N ASN I 63 -17.78 11.40 10.54
CA ASN I 63 -17.62 10.96 11.91
C ASN I 63 -18.32 9.61 12.06
N ILE I 64 -17.58 8.58 12.48
CA ILE I 64 -18.07 7.20 12.55
C ILE I 64 -18.26 6.76 13.99
N LYS I 65 -19.48 6.32 14.32
CA LYS I 65 -19.89 6.12 15.71
C LYS I 65 -19.28 4.87 16.34
N GLU I 66 -19.68 3.69 15.88
CA GLU I 66 -19.26 2.44 16.52
C GLU I 66 -18.72 1.50 15.46
N ASN I 67 -17.50 1.02 15.66
CA ASN I 67 -16.92 0.03 14.75
C ASN I 67 -17.17 -1.36 15.30
N LYS I 68 -18.43 -1.70 15.58
CA LYS I 68 -18.70 -2.92 16.34
C LYS I 68 -18.65 -4.15 15.43
N CYS I 69 -17.49 -4.28 14.79
CA CYS I 69 -17.14 -5.41 13.95
C CYS I 69 -16.28 -6.37 14.77
N ASN I 70 -15.89 -7.47 14.14
CA ASN I 70 -15.00 -8.46 14.72
C ASN I 70 -13.59 -8.30 14.14
N GLY I 71 -12.61 -8.79 14.90
CA GLY I 71 -11.23 -8.73 14.44
C GLY I 71 -10.63 -10.10 14.18
N THR I 72 -11.44 -11.01 13.66
CA THR I 72 -10.99 -12.37 13.40
C THR I 72 -10.49 -12.57 11.97
N ASP I 73 -11.29 -12.18 10.98
CA ASP I 73 -10.87 -12.32 9.59
C ASP I 73 -9.74 -11.36 9.27
N ALA I 74 -8.73 -11.89 8.57
CA ALA I 74 -7.53 -11.12 8.26
C ALA I 74 -7.89 -9.84 7.52
N LYS I 75 -8.83 -9.92 6.57
CA LYS I 75 -9.20 -8.76 5.77
C LYS I 75 -9.93 -7.72 6.61
N VAL I 76 -10.79 -8.16 7.53
CA VAL I 76 -11.52 -7.22 8.38
C VAL I 76 -10.56 -6.46 9.27
N LYS I 77 -9.56 -7.15 9.81
CA LYS I 77 -8.61 -6.50 10.70
C LYS I 77 -7.95 -5.32 10.00
N LEU I 78 -7.60 -5.47 8.72
CA LEU I 78 -6.90 -4.41 8.01
C LEU I 78 -7.79 -3.19 7.81
N ILE I 79 -9.01 -3.38 7.33
CA ILE I 79 -9.91 -2.24 7.16
C ILE I 79 -10.28 -1.65 8.51
N LYS I 80 -10.50 -2.51 9.51
CA LYS I 80 -10.82 -2.03 10.85
C LYS I 80 -9.64 -1.27 11.43
N GLN I 81 -8.43 -1.78 11.24
CA GLN I 81 -7.25 -1.06 11.69
C GLN I 81 -6.99 0.17 10.81
N GLU I 82 -7.24 0.07 9.51
CA GLU I 82 -7.13 1.24 8.65
C GLU I 82 -8.18 2.28 9.02
N LEU I 83 -9.34 1.81 9.46
CA LEU I 83 -10.41 2.70 9.90
C LEU I 83 -10.08 3.34 11.25
N ASP I 84 -9.41 2.59 12.14
CA ASP I 84 -8.94 3.18 13.40
C ASP I 84 -7.88 4.24 13.12
N LYS I 85 -7.04 4.00 12.11
CA LYS I 85 -6.03 4.97 11.70
C LYS I 85 -6.67 6.29 11.29
N TYR I 86 -7.77 6.20 10.53
CA TYR I 86 -8.50 7.38 10.09
C TYR I 86 -9.07 8.16 11.27
N LYS I 87 -9.76 7.46 12.18
CA LYS I 87 -10.40 8.16 13.31
C LYS I 87 -9.36 8.90 14.15
N ASN I 88 -8.20 8.28 14.37
CA ASN I 88 -7.17 8.96 15.15
C ASN I 88 -6.73 10.24 14.46
N ALA I 89 -6.63 10.21 13.13
CA ALA I 89 -6.22 11.40 12.40
C ALA I 89 -7.24 12.53 12.55
N VAL I 90 -8.53 12.19 12.46
CA VAL I 90 -9.59 13.18 12.68
C VAL I 90 -9.53 13.71 14.10
N THR I 91 -9.41 12.80 15.07
CA THR I 91 -9.33 13.20 16.46
C THR I 91 -8.07 14.00 16.74
N GLU I 92 -6.94 13.60 16.15
CA GLU I 92 -5.70 14.32 16.39
C GLU I 92 -5.79 15.76 15.90
N LEU I 93 -6.42 15.97 14.76
CA LEU I 93 -6.57 17.33 14.24
C LEU I 93 -7.51 18.17 15.10
N GLN I 94 -8.52 17.56 15.71
CA GLN I 94 -9.37 18.31 16.63
C GLN I 94 -8.59 18.71 17.88
N LEU I 95 -7.70 17.83 18.34
CA LEU I 95 -6.82 18.16 19.44
C LEU I 95 -5.93 19.36 19.12
N LEU I 96 -5.58 19.53 17.84
CA LEU I 96 -4.72 20.63 17.45
C LEU I 96 -5.39 21.99 17.69
N MET I 97 -6.71 22.06 17.54
CA MET I 97 -7.46 23.28 17.84
C MET I 97 -7.66 23.50 19.34
N PHE I 137 24.45 43.33 3.92
CA PHE I 137 24.27 44.07 5.16
C PHE I 137 22.95 44.84 5.02
N LEU I 138 22.70 45.80 5.91
CA LEU I 138 21.51 46.67 5.86
C LEU I 138 20.19 45.93 6.01
N GLY I 139 20.20 44.63 6.34
CA GLY I 139 18.94 43.92 6.49
C GLY I 139 18.10 44.47 7.62
N PHE I 140 18.75 44.95 8.68
CA PHE I 140 18.13 45.42 9.91
C PHE I 140 17.24 46.65 9.74
N LEU I 141 17.20 47.22 8.54
CA LEU I 141 16.36 48.37 8.27
C LEU I 141 14.94 48.00 7.87
N LEU I 142 14.65 46.71 7.63
CA LEU I 142 13.50 46.35 6.81
C LEU I 142 12.16 46.52 7.51
N GLY I 143 12.09 46.37 8.82
CA GLY I 143 10.81 46.44 9.48
C GLY I 143 10.18 45.07 9.59
N VAL I 144 9.03 45.03 10.26
CA VAL I 144 8.42 43.76 10.67
C VAL I 144 7.02 43.65 10.12
N GLY I 145 6.71 42.51 9.50
CA GLY I 145 5.37 42.19 9.07
C GLY I 145 4.85 40.96 9.81
N SER I 146 3.59 40.64 9.53
CA SER I 146 2.94 39.46 10.11
C SER I 146 2.59 38.57 8.92
N ALA I 147 3.45 37.61 8.63
CA ALA I 147 3.44 36.99 7.31
C ALA I 147 2.07 36.42 6.95
N ILE I 148 1.38 35.81 7.91
CA ILE I 148 0.12 35.16 7.58
C ILE I 148 -1.08 35.87 8.22
N ALA I 149 -0.95 37.16 8.53
CA ALA I 149 -2.08 37.87 9.11
C ALA I 149 -3.30 37.83 8.20
N SER I 150 -3.08 37.80 6.87
CA SER I 150 -4.20 37.80 5.92
C SER I 150 -4.97 36.50 5.96
N GLY I 151 -4.28 35.38 5.77
CA GLY I 151 -4.94 34.08 5.79
C GLY I 151 -5.56 33.76 7.15
N VAL I 152 -4.84 34.08 8.23
CA VAL I 152 -5.39 33.88 9.56
C VAL I 152 -6.66 34.69 9.74
N ALA I 153 -6.67 35.91 9.19
CA ALA I 153 -7.89 36.71 9.22
C ALA I 153 -9.04 35.97 8.53
N VAL I 154 -8.76 35.36 7.38
CA VAL I 154 -9.79 34.58 6.72
C VAL I 154 -10.20 33.41 7.59
N CYS I 155 -9.23 32.80 8.27
CA CYS I 155 -9.53 31.64 9.10
C CYS I 155 -10.44 32.03 10.26
N LYS I 156 -10.17 33.18 10.88
CA LYS I 156 -10.98 33.62 12.01
C LYS I 156 -12.43 33.86 11.60
N VAL I 157 -12.66 34.34 10.38
CA VAL I 157 -14.04 34.55 9.92
C VAL I 157 -14.78 33.22 9.81
N LEU I 158 -14.07 32.14 9.48
CA LEU I 158 -14.69 30.84 9.28
C LEU I 158 -15.22 30.21 10.57
N HIS I 159 -14.81 30.71 11.73
CA HIS I 159 -15.33 30.15 12.97
C HIS I 159 -16.71 30.66 13.32
N LEU I 160 -17.22 31.65 12.59
CA LEU I 160 -18.51 32.26 12.91
C LEU I 160 -19.66 31.31 12.61
N GLU I 161 -20.80 31.60 13.25
CA GLU I 161 -21.96 30.73 13.14
C GLU I 161 -22.47 30.68 11.70
N GLY I 162 -22.73 29.46 11.22
CA GLY I 162 -23.26 29.22 9.89
C GLY I 162 -22.33 29.52 8.74
N GLU I 163 -21.13 30.05 9.00
CA GLU I 163 -20.23 30.39 7.91
C GLU I 163 -19.65 29.14 7.28
N VAL I 164 -19.51 28.06 8.05
CA VAL I 164 -19.01 26.81 7.49
C VAL I 164 -20.04 26.18 6.57
N ASN I 165 -21.34 26.29 6.91
CA ASN I 165 -22.39 25.69 6.09
C ASN I 165 -22.43 26.31 4.69
N LYS I 166 -22.19 27.61 4.57
CA LYS I 166 -22.11 28.23 3.25
C LYS I 166 -21.10 27.50 2.37
N ILE I 167 -19.90 27.25 2.92
CA ILE I 167 -18.88 26.53 2.17
C ILE I 167 -19.37 25.14 1.78
N LYS I 168 -19.97 24.42 2.73
CA LYS I 168 -20.31 23.02 2.50
C LYS I 168 -21.44 22.89 1.48
N SER I 169 -22.44 23.78 1.53
CA SER I 169 -23.55 23.70 0.60
C SER I 169 -23.16 24.16 -0.80
N ALA I 170 -22.23 25.12 -0.90
CA ALA I 170 -21.76 25.57 -2.21
C ALA I 170 -20.91 24.50 -2.90
N LEU I 171 -20.26 23.64 -2.13
CA LEU I 171 -19.49 22.52 -2.68
C LEU I 171 -20.28 21.21 -2.65
N LEU I 172 -21.62 21.31 -2.68
CA LEU I 172 -22.45 20.13 -2.68
C LEU I 172 -22.43 19.43 -4.03
N SER I 173 -22.51 20.20 -5.12
CA SER I 173 -22.58 19.63 -6.45
C SER I 173 -21.24 19.62 -7.18
N THR I 174 -20.38 20.61 -6.95
CA THR I 174 -19.07 20.67 -7.58
C THR I 174 -17.96 20.69 -6.54
N ASN I 175 -16.72 20.51 -7.02
CA ASN I 175 -15.54 20.52 -6.17
C ASN I 175 -14.85 21.87 -6.14
N LYS I 176 -15.41 22.89 -6.77
CA LYS I 176 -14.77 24.19 -6.85
C LYS I 176 -15.87 25.23 -6.88
N ALA I 177 -15.86 26.19 -5.96
CA ALA I 177 -16.88 27.22 -5.93
C ALA I 177 -16.34 28.51 -5.35
N VAL I 178 -16.94 29.62 -5.75
CA VAL I 178 -16.63 30.94 -5.21
C VAL I 178 -17.68 31.29 -4.18
N VAL I 179 -17.25 31.56 -2.95
CA VAL I 179 -18.14 31.84 -1.84
C VAL I 179 -17.96 33.28 -1.38
N SER I 180 -19.08 33.95 -1.10
CA SER I 180 -19.06 35.27 -0.49
C SER I 180 -19.19 35.12 1.02
N LEU I 181 -18.17 35.58 1.76
CA LEU I 181 -18.15 35.48 3.21
C LEU I 181 -19.01 36.57 3.85
N SER I 182 -19.21 36.45 5.17
CA SER I 182 -20.10 37.38 5.87
C SER I 182 -19.55 38.80 5.86
N ASN I 183 -18.24 38.97 5.98
CA ASN I 183 -17.64 40.30 5.99
C ASN I 183 -17.62 40.94 4.61
N GLY I 184 -17.95 40.19 3.56
CA GLY I 184 -18.12 40.72 2.22
C GLY I 184 -17.08 40.27 1.22
N VAL I 185 -15.96 39.72 1.67
CA VAL I 185 -14.90 39.30 0.75
C VAL I 185 -15.27 37.95 0.15
N SER I 186 -15.11 37.84 -1.18
CA SER I 186 -15.34 36.59 -1.90
C SER I 186 -14.04 35.81 -2.05
N VAL I 187 -14.07 34.54 -1.70
CA VAL I 187 -12.89 33.69 -1.64
C VAL I 187 -13.16 32.40 -2.41
N LEU I 188 -12.19 31.99 -3.25
CA LEU I 188 -12.28 30.72 -3.98
C LEU I 188 -12.32 29.56 -2.99
N THR I 189 -13.20 28.60 -3.26
CA THR I 189 -13.30 27.40 -2.45
C THR I 189 -13.02 26.18 -3.31
N PHE I 190 -12.71 25.07 -2.64
CA PHE I 190 -12.16 23.89 -3.33
C PHE I 190 -12.29 22.68 -2.43
N LYS I 191 -13.10 21.70 -2.85
CA LYS I 191 -13.17 20.41 -2.16
C LYS I 191 -12.14 19.49 -2.80
N VAL I 192 -11.07 19.20 -2.06
CA VAL I 192 -9.95 18.43 -2.62
C VAL I 192 -10.02 16.95 -2.30
N LEU I 193 -10.75 16.55 -1.27
CA LEU I 193 -10.83 15.14 -0.94
C LEU I 193 -12.16 14.89 -0.27
N ASP I 194 -12.93 13.94 -0.79
CA ASP I 194 -14.23 13.59 -0.22
C ASP I 194 -14.11 12.21 0.41
N LEU I 195 -13.66 12.17 1.66
CA LEU I 195 -13.57 10.92 2.38
C LEU I 195 -14.89 10.54 3.03
N LYS I 196 -15.71 11.54 3.37
CA LYS I 196 -17.03 11.27 3.95
C LYS I 196 -17.85 10.38 3.04
N ASN I 197 -17.99 10.79 1.78
CA ASN I 197 -18.81 10.04 0.84
C ASN I 197 -18.21 8.66 0.53
N TYR I 198 -16.88 8.57 0.49
CA TYR I 198 -16.23 7.28 0.25
C TYR I 198 -16.60 6.30 1.34
N ILE I 199 -16.51 6.74 2.58
CA ILE I 199 -16.82 5.89 3.72
C ILE I 199 -18.31 5.61 3.80
N ASP I 200 -19.13 6.64 3.65
CA ASP I 200 -20.57 6.48 3.92
C ASP I 200 -21.26 5.67 2.82
N LYS I 201 -20.87 5.85 1.55
CA LYS I 201 -21.61 5.26 0.46
C LYS I 201 -20.90 4.10 -0.23
N GLN I 202 -19.59 3.98 -0.09
CA GLN I 202 -18.86 2.94 -0.81
C GLN I 202 -18.19 1.92 0.09
N LEU I 203 -17.73 2.31 1.28
CA LEU I 203 -16.98 1.37 2.10
C LEU I 203 -17.87 0.72 3.15
N LEU I 204 -18.52 1.56 3.95
CA LEU I 204 -19.40 1.05 5.00
C LEU I 204 -20.53 0.18 4.44
N PRO I 205 -21.19 0.54 3.33
CA PRO I 205 -22.15 -0.40 2.74
C PRO I 205 -21.55 -1.73 2.29
N ILE I 206 -20.37 -1.72 1.67
CA ILE I 206 -19.74 -2.99 1.30
C ILE I 206 -19.49 -3.83 2.54
N LEU I 207 -18.99 -3.19 3.59
CA LEU I 207 -18.59 -3.86 4.81
C LEU I 207 -19.74 -4.59 5.50
N ASN I 208 -20.85 -3.91 5.76
CA ASN I 208 -21.94 -4.54 6.51
C ASN I 208 -22.57 -5.70 5.76
N LYS I 209 -22.67 -5.59 4.43
CA LYS I 209 -23.41 -6.58 3.64
C LYS I 209 -22.85 -7.99 3.80
N GLN I 210 -21.54 -8.14 3.74
CA GLN I 210 -20.96 -9.49 3.71
C GLN I 210 -20.60 -9.98 5.09
N SER I 211 -21.52 -9.78 6.03
CA SER I 211 -21.37 -10.21 7.44
C SER I 211 -20.08 -9.63 8.04
N CYS I 212 -19.93 -8.33 7.89
CA CYS I 212 -18.86 -7.51 8.45
C CYS I 212 -17.46 -7.94 7.96
N SER I 213 -17.38 -8.71 6.87
CA SER I 213 -16.13 -9.17 6.28
C SER I 213 -16.02 -8.71 4.82
N ILE I 214 -14.79 -8.49 4.35
CA ILE I 214 -14.55 -8.04 2.98
C ILE I 214 -13.78 -9.13 2.23
N SER I 215 -14.38 -9.61 1.14
CA SER I 215 -13.87 -10.73 0.36
C SER I 215 -12.97 -10.30 -0.81
N ASN I 216 -12.54 -9.04 -0.84
CA ASN I 216 -11.80 -8.50 -1.98
C ASN I 216 -10.64 -7.66 -1.46
N ILE I 217 -9.42 -8.15 -1.60
CA ILE I 217 -8.25 -7.41 -1.12
C ILE I 217 -8.15 -6.04 -1.76
N GLU I 218 -8.68 -5.88 -2.97
CA GLU I 218 -8.61 -4.59 -3.63
C GLU I 218 -9.41 -3.52 -2.90
N THR I 219 -10.40 -3.90 -2.10
CA THR I 219 -11.19 -2.92 -1.38
C THR I 219 -10.41 -2.25 -0.26
N VAL I 220 -9.61 -3.02 0.48
CA VAL I 220 -8.83 -2.44 1.58
C VAL I 220 -7.76 -1.48 1.04
N ILE I 221 -7.09 -1.85 -0.06
CA ILE I 221 -6.05 -0.98 -0.61
C ILE I 221 -6.65 0.34 -1.08
N GLU I 222 -7.80 0.28 -1.76
CA GLU I 222 -8.44 1.50 -2.23
C GLU I 222 -8.71 2.45 -1.08
N PHE I 223 -9.08 1.91 0.09
CA PHE I 223 -9.29 2.74 1.28
C PHE I 223 -7.99 3.24 1.86
N GLN I 224 -6.96 2.39 1.88
CA GLN I 224 -5.69 2.84 2.41
C GLN I 224 -5.13 3.98 1.57
N GLN I 225 -5.39 3.96 0.26
CA GLN I 225 -4.96 5.02 -0.63
C GLN I 225 -5.75 6.31 -0.41
N LYS I 226 -7.07 6.22 -0.30
CA LYS I 226 -7.87 7.41 -0.04
C LYS I 226 -7.49 8.03 1.30
N ASN I 227 -7.31 7.20 2.31
CA ASN I 227 -7.00 7.65 3.66
C ASN I 227 -5.59 8.21 3.77
N ASN I 228 -4.66 7.69 2.95
CA ASN I 228 -3.25 8.03 3.09
C ASN I 228 -2.99 9.53 3.06
N ARG I 229 -3.63 10.26 2.13
CA ARG I 229 -3.43 11.69 2.06
C ARG I 229 -3.89 12.38 3.34
N LEU I 230 -5.06 12.01 3.85
CA LEU I 230 -5.54 12.62 5.08
C LEU I 230 -4.57 12.35 6.23
N LEU I 231 -3.96 11.16 6.23
CA LEU I 231 -2.95 10.86 7.26
C LEU I 231 -1.71 11.73 7.08
N GLU I 232 -1.24 11.90 5.84
CA GLU I 232 -0.03 12.68 5.63
C GLU I 232 -0.26 14.15 5.88
N ILE I 233 -1.45 14.67 5.59
CA ILE I 233 -1.77 16.04 5.99
C ILE I 233 -1.68 16.19 7.50
N THR I 234 -2.25 15.25 8.24
CA THR I 234 -2.16 15.28 9.69
C THR I 234 -0.72 15.26 10.18
N ARG I 235 0.13 14.45 9.56
CA ARG I 235 1.53 14.46 9.98
C ARG I 235 2.15 15.84 9.83
N GLU I 236 1.83 16.56 8.75
CA GLU I 236 2.44 17.87 8.49
C GLU I 236 1.94 18.94 9.47
N PHE I 237 0.63 19.02 9.70
CA PHE I 237 0.16 20.02 10.65
C PHE I 237 0.62 19.68 12.07
N SER I 238 0.84 18.39 12.34
CA SER I 238 1.21 17.93 13.68
C SER I 238 2.65 18.29 14.01
N VAL I 239 3.49 18.41 12.99
CA VAL I 239 4.88 18.78 13.13
C VAL I 239 5.12 20.26 12.90
N ASN I 240 4.18 20.97 12.29
CA ASN I 240 4.33 22.37 11.97
C ASN I 240 3.46 23.29 12.81
N ALA I 241 2.72 22.75 13.78
CA ALA I 241 1.79 23.54 14.58
C ALA I 241 0.83 24.33 13.70
N GLY I 242 0.31 23.67 12.66
CA GLY I 242 -0.81 24.19 11.90
C GLY I 242 -0.51 25.29 10.89
N VAL I 243 0.75 25.66 10.68
CA VAL I 243 1.11 26.61 9.64
C VAL I 243 2.35 26.09 8.94
N THR I 244 2.23 25.73 7.67
CA THR I 244 3.31 25.15 6.88
C THR I 244 3.73 26.08 5.75
N THR I 245 5.01 25.96 5.36
CA THR I 245 5.54 26.57 4.15
C THR I 245 6.83 25.87 3.78
N PRO I 246 7.05 25.54 2.50
CA PRO I 246 6.12 25.68 1.38
C PRO I 246 4.92 24.74 1.43
N VAL I 247 3.89 25.06 0.63
CA VAL I 247 2.70 24.24 0.57
C VAL I 247 3.04 22.95 -0.18
N SER I 248 2.96 21.83 0.53
CA SER I 248 3.36 20.53 0.02
C SER I 248 2.35 20.00 -1.00
N THR I 249 2.74 18.94 -1.70
CA THR I 249 1.82 18.34 -2.66
C THR I 249 0.72 17.53 -2.01
N TYR I 250 0.86 17.19 -0.72
CA TYR I 250 -0.24 16.58 0.02
C TYR I 250 -1.29 17.62 0.41
N MET I 251 -0.86 18.84 0.72
CA MET I 251 -1.83 19.90 1.01
C MET I 251 -2.58 20.34 -0.24
N LEU I 252 -1.88 20.44 -1.36
CA LEU I 252 -2.44 20.96 -2.61
C LEU I 252 -1.72 20.25 -3.74
N THR I 253 -2.39 19.33 -4.45
CA THR I 253 -1.73 18.65 -5.54
C THR I 253 -1.48 19.63 -6.68
N ASN I 254 -0.56 19.25 -7.58
CA ASN I 254 -0.18 20.17 -8.65
C ASN I 254 -1.36 20.59 -9.51
N SER I 255 -2.25 19.64 -9.83
CA SER I 255 -3.42 19.99 -10.64
C SER I 255 -4.34 20.94 -9.89
N GLU I 256 -4.51 20.73 -8.59
CA GLU I 256 -5.35 21.64 -7.81
C GLU I 256 -4.77 23.05 -7.78
N LEU I 257 -3.44 23.17 -7.63
CA LEU I 257 -2.83 24.48 -7.57
C LEU I 257 -2.94 25.21 -8.91
N LEU I 258 -2.72 24.49 -10.01
CA LEU I 258 -2.94 25.06 -11.34
C LEU I 258 -4.39 25.45 -11.57
N SER I 259 -5.33 24.68 -11.00
CA SER I 259 -6.74 25.07 -11.09
C SER I 259 -7.03 26.29 -10.24
N LEU I 260 -6.41 26.39 -9.08
CA LEU I 260 -6.60 27.57 -8.24
C LEU I 260 -6.09 28.82 -8.94
N ILE I 261 -4.88 28.77 -9.49
CA ILE I 261 -4.34 29.94 -10.17
C ILE I 261 -5.23 30.31 -11.33
N ASN I 262 -5.64 29.31 -12.10
CA ASN I 262 -6.43 29.58 -13.30
C ASN I 262 -7.80 30.15 -12.98
N ASP I 263 -8.34 29.84 -11.80
CA ASP I 263 -9.64 30.35 -11.41
C ASP I 263 -9.54 31.61 -10.55
N MET I 264 -8.32 32.11 -10.29
CA MET I 264 -8.12 33.30 -9.48
C MET I 264 -8.46 34.56 -10.29
N PRO I 265 -8.98 35.59 -9.62
CA PRO I 265 -9.30 36.87 -10.30
C PRO I 265 -8.04 37.71 -10.53
N ILE I 266 -7.21 37.27 -11.48
CA ILE I 266 -5.95 37.93 -11.79
C ILE I 266 -5.77 38.04 -13.31
N THR I 267 -4.74 38.79 -13.70
CA THR I 267 -4.42 39.02 -15.10
C THR I 267 -4.01 37.73 -15.80
N ASN I 268 -4.11 37.73 -17.12
CA ASN I 268 -3.60 36.62 -17.91
C ASN I 268 -2.08 36.59 -17.90
N ASP I 269 -1.44 37.77 -17.85
CA ASP I 269 0.01 37.81 -17.61
C ASP I 269 0.36 37.20 -16.26
N GLN I 270 -0.49 37.44 -15.25
CA GLN I 270 -0.23 36.87 -13.93
C GLN I 270 -0.46 35.36 -13.90
N LYS I 271 -1.58 34.89 -14.46
CA LYS I 271 -1.87 33.46 -14.50
C LYS I 271 -0.78 32.68 -15.20
N LYS I 272 -0.32 33.17 -16.35
CA LYS I 272 0.75 32.48 -17.07
C LYS I 272 2.02 32.43 -16.22
N LEU I 273 2.34 33.54 -15.54
CA LEU I 273 3.52 33.56 -14.69
C LEU I 273 3.41 32.54 -13.57
N MET I 274 2.30 32.56 -12.82
CA MET I 274 2.13 31.61 -11.73
C MET I 274 2.10 30.18 -12.23
N SER I 275 1.48 29.96 -13.40
CA SER I 275 1.32 28.59 -13.88
C SER I 275 2.62 28.00 -14.41
N ASN I 276 3.53 28.81 -14.95
CA ASN I 276 4.80 28.26 -15.39
C ASN I 276 5.80 28.11 -14.26
N ASN I 277 5.53 28.70 -13.10
CA ASN I 277 6.43 28.72 -11.95
C ASN I 277 5.71 28.29 -10.68
N VAL I 278 4.94 27.20 -10.75
CA VAL I 278 4.20 26.74 -9.58
C VAL I 278 5.13 26.37 -8.44
N GLN I 279 6.34 25.87 -8.77
CA GLN I 279 7.26 25.50 -7.71
C GLN I 279 7.64 26.70 -6.87
N ILE I 280 7.77 27.86 -7.51
CA ILE I 280 8.04 29.11 -6.80
C ILE I 280 6.78 29.58 -6.08
N VAL I 281 5.61 29.38 -6.70
CA VAL I 281 4.36 29.72 -6.02
C VAL I 281 4.20 28.92 -4.74
N ARG I 282 4.60 27.64 -4.74
CA ARG I 282 4.59 26.88 -3.50
C ARG I 282 5.50 27.53 -2.45
N GLN I 283 6.75 27.81 -2.84
CA GLN I 283 7.72 28.27 -1.87
C GLN I 283 7.33 29.58 -1.23
N GLN I 284 6.50 30.38 -1.91
CA GLN I 284 6.03 31.65 -1.39
C GLN I 284 4.64 31.55 -0.81
N SER I 285 4.12 30.33 -0.64
CA SER I 285 2.76 30.12 -0.15
C SER I 285 2.77 29.58 1.27
N TYR I 286 1.68 29.82 1.98
CA TYR I 286 1.46 29.26 3.30
C TYR I 286 0.20 28.41 3.31
N SER I 287 0.20 27.39 4.14
CA SER I 287 -0.99 26.60 4.42
C SER I 287 -1.32 26.78 5.90
N ILE I 288 -2.49 27.34 6.17
CA ILE I 288 -2.87 27.68 7.52
C ILE I 288 -4.03 26.78 7.89
N MET I 289 -3.79 25.82 8.79
CA MET I 289 -4.84 24.93 9.26
C MET I 289 -5.92 25.74 9.96
N CYS I 290 -7.18 25.37 9.75
CA CYS I 290 -8.23 26.32 10.09
C CYS I 290 -9.28 25.77 11.06
N ILE I 291 -10.22 24.95 10.59
CA ILE I 291 -11.34 24.47 11.41
C ILE I 291 -11.63 23.01 11.09
N ILE I 292 -12.12 22.29 12.10
CA ILE I 292 -12.75 20.98 11.91
C ILE I 292 -14.10 21.03 12.62
N LYS I 293 -15.13 21.40 11.88
CA LYS I 293 -16.45 21.59 12.45
C LYS I 293 -17.44 20.99 11.49
N GLU I 294 -18.55 20.49 12.04
CA GLU I 294 -19.52 19.78 11.24
C GLU I 294 -18.79 18.65 10.51
N GLU I 295 -19.08 18.42 9.23
CA GLU I 295 -18.51 17.26 8.58
C GLU I 295 -17.35 17.62 7.65
N VAL I 296 -16.71 18.76 7.88
CA VAL I 296 -15.69 19.28 6.96
C VAL I 296 -14.45 19.71 7.73
N LEU I 297 -13.28 19.32 7.22
CA LEU I 297 -12.02 19.95 7.60
C LEU I 297 -11.66 20.96 6.53
N ALA I 298 -11.37 22.19 6.94
CA ALA I 298 -11.01 23.23 6.01
C ALA I 298 -9.71 23.85 6.44
N TYR I 299 -8.82 24.10 5.48
CA TYR I 299 -7.61 24.88 5.73
C TYR I 299 -7.42 25.92 4.64
N VAL I 300 -6.82 27.04 5.01
CA VAL I 300 -6.62 28.15 4.10
C VAL I 300 -5.26 28.02 3.42
N VAL I 301 -5.24 28.12 2.10
CA VAL I 301 -4.01 28.21 1.36
C VAL I 301 -3.82 29.66 0.93
N GLN I 302 -2.76 30.29 1.41
CA GLN I 302 -2.47 31.70 1.17
C GLN I 302 -1.46 31.82 0.04
N LEU I 303 -1.93 32.22 -1.12
CA LEU I 303 -1.12 32.29 -2.32
C LEU I 303 -0.61 33.70 -2.59
N PRO I 304 0.62 33.79 -3.11
CA PRO I 304 1.20 35.08 -3.46
C PRO I 304 0.63 35.59 -4.77
N LEU I 305 0.21 36.86 -4.81
CA LEU I 305 -0.13 37.48 -6.08
C LEU I 305 0.94 38.52 -6.43
N TYR I 306 1.41 38.47 -7.68
CA TYR I 306 2.55 39.25 -8.15
C TYR I 306 2.03 40.51 -8.83
N GLY I 307 1.94 41.60 -8.07
CA GLY I 307 1.43 42.86 -8.57
C GLY I 307 2.41 43.70 -9.35
N VAL I 308 3.69 43.32 -9.37
CA VAL I 308 4.72 43.99 -10.16
C VAL I 308 5.42 42.93 -10.98
N ILE I 309 5.33 43.04 -12.31
CA ILE I 309 5.88 42.05 -13.22
C ILE I 309 6.55 42.77 -14.37
N ASP I 310 7.66 42.22 -14.85
CA ASP I 310 8.33 42.64 -16.09
C ASP I 310 8.98 44.01 -15.99
N THR I 311 9.34 44.49 -14.71
CA THR I 311 10.14 45.71 -14.61
C THR I 311 11.62 45.35 -14.51
N PRO I 312 12.53 46.23 -14.92
CA PRO I 312 13.96 45.88 -14.89
C PRO I 312 14.45 45.65 -13.48
N CYS I 313 15.30 44.64 -13.30
CA CYS I 313 15.91 44.35 -12.02
C CYS I 313 17.41 44.17 -12.21
N TRP I 314 18.15 44.57 -11.20
CA TRP I 314 19.59 44.41 -11.19
C TRP I 314 20.05 44.04 -9.79
N LYS I 315 21.12 43.26 -9.75
CA LYS I 315 21.73 42.82 -8.51
C LYS I 315 23.06 43.55 -8.36
N LEU I 316 23.28 44.12 -7.17
CA LEU I 316 24.53 44.77 -6.83
C LEU I 316 25.36 43.82 -5.96
N HIS I 317 26.56 43.48 -6.43
CA HIS I 317 27.54 42.73 -5.63
C HIS I 317 28.65 43.66 -5.20
N THR I 318 29.04 43.57 -3.92
CA THR I 318 30.08 44.42 -3.35
C THR I 318 31.12 43.56 -2.62
N SER I 319 32.33 44.09 -2.53
CA SER I 319 33.48 43.43 -1.90
C SER I 319 34.35 44.53 -1.30
N PRO I 320 35.16 44.18 -0.27
CA PRO I 320 35.97 45.22 0.39
C PRO I 320 37.08 45.79 -0.48
N LEU I 321 37.26 47.11 -0.39
CA LEU I 321 38.26 47.84 -1.17
C LEU I 321 39.21 48.49 -0.19
N CYS I 322 40.46 48.03 -0.17
CA CYS I 322 41.45 48.44 0.81
C CYS I 322 42.69 48.98 0.15
N THR I 323 43.47 49.74 0.92
CA THR I 323 44.78 50.14 0.49
C THR I 323 45.70 48.92 0.48
N THR I 324 46.85 49.06 -0.16
CA THR I 324 47.74 47.93 -0.36
C THR I 324 49.16 48.25 0.11
N ASN I 325 49.31 48.92 1.25
CA ASN I 325 50.64 49.13 1.80
C ASN I 325 51.21 47.83 2.33
N THR I 326 52.54 47.75 2.36
CA THR I 326 53.21 46.55 2.84
C THR I 326 53.20 46.47 4.36
N LYS I 327 53.13 47.62 5.04
CA LYS I 327 53.09 47.63 6.50
C LYS I 327 51.82 46.93 6.98
N GLU I 328 51.98 46.00 7.92
CA GLU I 328 50.91 45.06 8.28
C GLU I 328 49.59 45.76 8.54
N GLY I 329 49.54 46.64 9.52
CA GLY I 329 48.32 47.30 9.91
C GLY I 329 48.11 48.70 9.39
N SER I 330 48.92 49.16 8.44
CA SER I 330 48.81 50.52 7.95
C SER I 330 47.70 50.72 6.93
N ASN I 331 46.88 49.71 6.70
CA ASN I 331 45.95 49.72 5.59
C ASN I 331 44.56 50.21 6.00
N ILE I 332 43.83 50.75 5.02
CA ILE I 332 42.49 51.30 5.21
C ILE I 332 41.52 50.59 4.26
N CYS I 333 40.27 50.39 4.71
CA CYS I 333 39.29 49.64 3.91
C CYS I 333 37.94 50.34 3.87
N LEU I 334 37.21 50.00 2.81
CA LEU I 334 35.92 50.61 2.51
C LEU I 334 35.12 49.65 1.64
N THR I 335 33.86 49.38 2.02
CA THR I 335 32.99 48.50 1.27
C THR I 335 31.59 49.08 1.17
N ARG I 336 31.00 48.98 -0.02
CA ARG I 336 29.62 49.35 -0.21
C ARG I 336 28.69 48.37 0.51
N THR I 337 27.76 48.89 1.31
CA THR I 337 26.85 48.04 2.07
C THR I 337 25.53 47.81 1.35
N ASP I 338 25.28 48.53 0.26
CA ASP I 338 23.99 48.50 -0.40
C ASP I 338 23.87 47.32 -1.37
N ARG I 339 24.54 46.22 -1.06
CA ARG I 339 24.43 45.00 -1.85
C ARG I 339 23.00 44.43 -1.75
N GLY I 340 22.58 43.73 -2.81
CA GLY I 340 21.28 43.09 -2.85
C GLY I 340 20.61 43.32 -4.20
N TRP I 341 19.30 43.06 -4.23
CA TRP I 341 18.50 43.22 -5.45
C TRP I 341 17.82 44.57 -5.48
N TYR I 342 17.71 45.14 -6.68
CA TYR I 342 17.01 46.40 -6.90
C TYR I 342 16.06 46.22 -8.07
N CYS I 343 14.77 46.55 -7.87
CA CYS I 343 13.80 46.52 -8.96
C CYS I 343 13.03 47.83 -9.00
N ASP I 344 12.87 48.37 -10.21
CA ASP I 344 11.93 49.46 -10.45
C ASP I 344 10.50 48.98 -10.23
N ASN I 345 9.69 49.79 -9.54
CA ASN I 345 8.27 49.47 -9.43
C ASN I 345 7.54 50.73 -8.96
N ALA I 346 6.65 51.24 -9.81
CA ALA I 346 5.81 52.39 -9.48
C ALA I 346 6.64 53.64 -9.20
N GLY I 347 7.59 53.91 -10.10
CA GLY I 347 8.35 55.14 -10.08
C GLY I 347 9.46 55.21 -9.08
N SER I 348 9.51 54.30 -8.13
CA SER I 348 10.56 54.23 -7.11
C SER I 348 11.35 52.94 -7.32
N VAL I 349 12.20 52.61 -6.37
CA VAL I 349 13.02 51.40 -6.44
C VAL I 349 12.83 50.58 -5.18
N SER I 350 12.37 49.34 -5.34
CA SER I 350 12.32 48.41 -4.22
C SER I 350 13.69 47.74 -4.09
N PHE I 351 14.27 47.86 -2.91
CA PHE I 351 15.61 47.36 -2.60
C PHE I 351 15.48 46.18 -1.66
N PHE I 352 16.10 45.06 -2.04
CA PHE I 352 16.07 43.85 -1.23
C PHE I 352 17.46 43.54 -0.70
N PRO I 353 17.75 43.86 0.57
CA PRO I 353 19.12 43.69 1.07
C PRO I 353 19.52 42.24 1.23
N GLN I 354 18.70 41.46 1.93
CA GLN I 354 18.94 40.03 2.06
C GLN I 354 18.65 39.39 0.71
N ALA I 355 19.70 39.15 -0.06
CA ALA I 355 19.57 38.61 -1.41
C ALA I 355 19.22 37.13 -1.43
N GLU I 356 19.31 36.43 -0.30
CA GLU I 356 18.94 35.03 -0.23
C GLU I 356 17.43 34.81 -0.23
N THR I 357 16.65 35.83 0.09
CA THR I 357 15.20 35.71 0.09
C THR I 357 14.59 35.92 -1.29
N CYS I 358 15.39 36.26 -2.29
CA CYS I 358 14.91 36.36 -3.67
C CYS I 358 15.31 35.12 -4.44
N LYS I 359 14.40 34.62 -5.27
CA LYS I 359 14.63 33.42 -6.06
C LYS I 359 14.68 33.77 -7.54
N VAL I 360 15.74 33.31 -8.21
CA VAL I 360 15.96 33.58 -9.62
C VAL I 360 15.62 32.33 -10.44
N GLN I 361 14.70 32.49 -11.38
CA GLN I 361 14.39 31.48 -12.40
C GLN I 361 14.79 32.06 -13.74
N SER I 362 15.83 31.50 -14.35
CA SER I 362 16.36 31.99 -15.62
C SER I 362 16.75 33.45 -15.48
N ASN I 363 15.88 34.37 -15.88
CA ASN I 363 16.16 35.78 -15.71
C ASN I 363 15.08 36.51 -14.93
N ARG I 364 14.16 35.78 -14.28
CA ARG I 364 13.12 36.42 -13.48
C ARG I 364 13.49 36.33 -12.01
N VAL I 365 13.34 37.44 -11.31
CA VAL I 365 13.68 37.57 -9.91
C VAL I 365 12.39 37.61 -9.13
N PHE I 366 12.13 36.60 -8.31
CA PHE I 366 10.96 36.57 -7.44
C PHE I 366 11.38 37.12 -6.09
N CYS I 367 10.93 38.32 -5.77
CA CYS I 367 11.23 38.89 -4.46
C CYS I 367 9.93 39.18 -3.73
N ASP I 368 10.08 39.51 -2.46
CA ASP I 368 8.95 39.79 -1.59
C ASP I 368 9.13 41.21 -1.05
N THR I 369 8.14 42.07 -1.28
CA THR I 369 8.29 43.48 -0.94
C THR I 369 8.38 43.70 0.56
N MET I 370 7.91 42.75 1.37
CA MET I 370 8.03 42.89 2.81
C MET I 370 9.46 42.78 3.31
N ASN I 371 10.37 42.17 2.54
CA ASN I 371 11.80 42.17 2.82
C ASN I 371 12.54 43.24 2.03
N SER I 372 11.88 44.35 1.70
CA SER I 372 12.43 45.39 0.86
C SER I 372 12.34 46.74 1.53
N LEU I 373 13.19 47.64 1.05
CA LEU I 373 13.06 49.08 1.30
C LEU I 373 12.54 49.74 0.03
N THR I 374 11.83 50.85 0.21
CA THR I 374 11.33 51.63 -0.90
C THR I 374 12.24 52.86 -1.05
N LEU I 375 12.96 52.91 -2.17
CA LEU I 375 13.99 53.91 -2.39
C LEU I 375 13.70 54.79 -3.60
N PRO I 376 14.19 56.02 -3.61
CA PRO I 376 14.05 56.89 -4.79
C PRO I 376 14.88 56.37 -5.95
N SER I 377 14.39 56.65 -7.17
CA SER I 377 15.03 56.10 -8.36
C SER I 377 16.49 56.49 -8.47
N GLU I 378 16.88 57.57 -7.80
CA GLU I 378 18.24 58.10 -7.83
C GLU I 378 19.24 57.19 -7.12
N VAL I 379 18.79 56.09 -6.49
CA VAL I 379 19.73 55.17 -5.87
C VAL I 379 20.74 54.67 -6.89
N ASN I 380 20.32 54.52 -8.15
CA ASN I 380 21.21 53.95 -9.14
C ASN I 380 22.43 54.84 -9.36
N LEU I 381 22.39 56.09 -8.90
CA LEU I 381 23.51 56.99 -9.08
C LEU I 381 24.75 56.53 -8.35
N CYS I 382 24.62 55.68 -7.32
CA CYS I 382 25.80 55.16 -6.66
C CYS I 382 26.67 54.35 -7.60
N ASN I 383 26.11 53.87 -8.70
CA ASN I 383 26.82 53.11 -9.72
C ASN I 383 27.49 54.02 -10.76
N VAL I 384 27.02 55.25 -10.92
CA VAL I 384 27.64 56.14 -11.88
C VAL I 384 28.65 57.06 -11.19
N ASP I 385 28.38 57.43 -9.94
CA ASP I 385 29.28 58.31 -9.18
C ASP I 385 28.88 58.28 -7.71
N ILE I 386 29.67 57.57 -6.90
CA ILE I 386 29.35 57.36 -5.49
C ILE I 386 29.35 58.65 -4.68
N PHE I 387 29.98 59.71 -5.20
CA PHE I 387 30.05 60.98 -4.49
C PHE I 387 28.98 61.96 -4.92
N ASN I 388 27.97 61.49 -5.64
CA ASN I 388 26.92 62.38 -6.09
C ASN I 388 26.26 63.07 -4.90
N PRO I 389 25.83 64.32 -5.07
CA PRO I 389 25.16 65.02 -3.96
C PRO I 389 23.68 64.70 -3.84
N LYS I 390 23.11 63.98 -4.80
CA LYS I 390 21.67 63.77 -4.83
C LYS I 390 21.25 62.55 -4.03
N TYR I 391 22.16 61.61 -3.82
CA TYR I 391 21.91 60.45 -2.96
C TYR I 391 23.20 60.10 -2.23
N ASP I 392 23.10 59.99 -0.91
CA ASP I 392 24.26 59.73 -0.04
C ASP I 392 24.49 58.22 0.03
N CYS I 393 25.47 57.74 -0.74
CA CYS I 393 25.69 56.31 -0.90
C CYS I 393 26.22 55.68 0.38
N LYS I 394 25.72 54.48 0.69
CA LYS I 394 26.05 53.83 1.95
C LYS I 394 27.34 53.03 1.85
N ILE I 395 28.16 53.14 2.89
CA ILE I 395 29.42 52.44 2.98
C ILE I 395 29.67 52.05 4.43
N MET I 396 30.56 51.09 4.61
CA MET I 396 31.14 50.78 5.90
C MET I 396 32.65 50.90 5.76
N THR I 397 33.30 51.25 6.85
CA THR I 397 34.74 51.51 6.85
C THR I 397 35.41 50.64 7.89
N SER I 398 36.62 50.19 7.59
CA SER I 398 37.33 49.29 8.48
C SER I 398 38.82 49.47 8.25
N LYS I 399 39.60 48.80 9.10
CA LYS I 399 41.04 48.73 8.98
C LYS I 399 41.46 47.27 8.82
N THR I 400 40.50 46.41 8.47
CA THR I 400 40.62 44.97 8.43
C THR I 400 40.83 44.56 6.97
N ASP I 401 42.10 44.42 6.58
CA ASP I 401 42.48 44.14 5.19
C ASP I 401 42.58 42.64 4.95
N VAL I 402 41.40 41.99 4.87
CA VAL I 402 41.27 40.54 4.65
C VAL I 402 40.88 40.24 3.21
N SER I 403 41.40 39.13 2.71
CA SER I 403 41.12 38.70 1.34
C SER I 403 39.84 37.87 1.32
N SER I 404 39.05 38.05 0.26
CA SER I 404 37.81 37.31 0.06
C SER I 404 37.43 37.43 -1.41
N SER I 405 36.38 36.74 -1.80
CA SER I 405 35.85 36.89 -3.14
C SER I 405 34.32 36.86 -3.10
N VAL I 406 33.72 37.66 -3.97
CA VAL I 406 32.28 37.72 -4.17
C VAL I 406 32.01 37.27 -5.60
N ILE I 407 31.33 36.14 -5.74
CA ILE I 407 30.94 35.65 -7.05
C ILE I 407 29.66 36.33 -7.48
N THR I 408 29.70 36.95 -8.66
CA THR I 408 28.60 37.68 -9.27
C THR I 408 27.90 36.82 -10.32
N SER I 409 26.94 37.43 -11.00
CA SER I 409 26.17 36.72 -12.02
C SER I 409 27.06 36.27 -13.17
N LEU I 410 28.03 37.10 -13.56
CA LEU I 410 28.85 36.79 -14.74
C LEU I 410 30.33 36.76 -14.44
N GLY I 411 30.72 36.76 -13.17
CA GLY I 411 32.14 36.69 -12.91
C GLY I 411 32.47 36.55 -11.45
N ALA I 412 33.62 37.11 -11.08
CA ALA I 412 34.12 36.98 -9.72
C ALA I 412 34.83 38.28 -9.37
N ILE I 413 34.41 38.90 -8.27
CA ILE I 413 35.15 39.99 -7.66
C ILE I 413 36.14 39.33 -6.72
N VAL I 414 37.39 39.79 -6.74
CA VAL I 414 38.42 39.23 -5.88
C VAL I 414 39.02 40.39 -5.12
N SER I 415 38.87 40.38 -3.80
CA SER I 415 39.57 41.31 -2.92
C SER I 415 40.79 40.57 -2.38
N CYS I 416 41.96 40.83 -2.97
CA CYS I 416 43.17 40.11 -2.61
C CYS I 416 44.11 41.09 -1.92
N TYR I 417 44.36 40.85 -0.64
CA TYR I 417 45.18 41.76 0.16
C TYR I 417 46.18 40.98 0.99
N GLY I 418 47.21 41.70 1.42
CA GLY I 418 48.23 41.06 2.23
C GLY I 418 49.00 40.02 1.45
N LYS I 419 49.33 38.94 2.11
CA LYS I 419 50.15 37.88 1.54
C LYS I 419 49.32 36.72 1.03
N THR I 420 48.01 36.89 0.87
CA THR I 420 47.13 35.80 0.45
C THR I 420 47.35 35.48 -1.02
N LYS I 421 47.32 34.19 -1.36
CA LYS I 421 47.44 33.77 -2.76
C LYS I 421 46.07 33.69 -3.43
N CYS I 422 45.87 34.49 -4.49
CA CYS I 422 44.61 34.56 -5.21
C CYS I 422 44.85 34.32 -6.69
N THR I 423 44.18 33.32 -7.25
CA THR I 423 44.32 32.98 -8.67
C THR I 423 42.95 32.69 -9.26
N ALA I 424 42.89 32.75 -10.59
CA ALA I 424 41.70 32.36 -11.34
C ALA I 424 42.12 31.24 -12.28
N SER I 425 41.33 30.17 -12.31
CA SER I 425 41.75 28.96 -12.99
C SER I 425 40.75 28.57 -14.06
N ASN I 426 41.25 27.85 -15.04
CA ASN I 426 40.49 27.31 -16.16
C ASN I 426 40.45 25.80 -16.02
N LYS I 427 39.37 25.18 -16.49
CA LYS I 427 39.26 23.73 -16.37
C LYS I 427 40.26 23.02 -17.28
N ASN I 428 40.65 23.65 -18.38
CA ASN I 428 41.56 23.05 -19.35
C ASN I 428 43.00 23.55 -19.21
N ARG I 429 43.25 24.53 -18.35
CA ARG I 429 44.57 25.16 -18.28
C ARG I 429 45.05 25.38 -16.86
N GLY I 430 44.20 25.28 -15.85
CA GLY I 430 44.62 25.59 -14.51
C GLY I 430 44.67 27.09 -14.28
N ILE I 431 45.65 27.52 -13.49
CA ILE I 431 45.77 28.93 -13.16
C ILE I 431 46.09 29.72 -14.42
N ILE I 432 45.22 30.68 -14.75
CA ILE I 432 45.41 31.54 -15.91
C ILE I 432 45.56 33.01 -15.55
N LYS I 433 45.24 33.41 -14.32
CA LYS I 433 45.51 34.77 -13.85
C LYS I 433 45.91 34.67 -12.39
N THR I 434 46.96 35.40 -12.00
CA THR I 434 47.34 35.56 -10.59
C THR I 434 47.07 37.01 -10.20
N PHE I 435 46.24 37.21 -9.18
CA PHE I 435 45.84 38.56 -8.84
C PHE I 435 46.94 39.27 -8.06
N SER I 436 47.07 40.57 -8.32
CA SER I 436 47.90 41.41 -7.50
C SER I 436 47.07 41.95 -6.34
N ASN I 437 47.73 42.52 -5.36
CA ASN I 437 47.00 43.02 -4.21
C ASN I 437 46.06 44.12 -4.65
N GLY I 438 44.87 44.14 -4.05
CA GLY I 438 43.82 45.04 -4.46
C GLY I 438 42.56 44.29 -4.86
N CYS I 439 41.58 45.06 -5.29
CA CYS I 439 40.30 44.51 -5.70
C CYS I 439 40.26 44.43 -7.23
N ASP I 440 40.05 43.23 -7.73
CA ASP I 440 40.04 42.96 -9.16
C ASP I 440 38.82 42.09 -9.48
N TYR I 441 38.63 41.85 -10.76
CA TYR I 441 37.44 41.17 -11.26
C TYR I 441 37.82 40.36 -12.47
N VAL I 442 37.13 39.26 -12.67
CA VAL I 442 37.43 38.38 -13.77
C VAL I 442 36.11 37.95 -14.39
N SER I 443 36.07 37.89 -15.71
CA SER I 443 34.85 37.49 -16.38
C SER I 443 34.76 35.97 -16.39
N ASN I 444 33.53 35.47 -16.50
CA ASN I 444 33.32 34.03 -16.47
C ASN I 444 33.61 33.35 -17.79
N LYS I 445 34.13 34.07 -18.78
CA LYS I 445 34.40 33.49 -20.09
C LYS I 445 35.56 32.49 -20.08
N GLY I 446 36.79 32.94 -19.86
CA GLY I 446 37.87 31.97 -19.86
C GLY I 446 38.07 31.26 -18.53
N VAL I 447 37.30 31.63 -17.51
CA VAL I 447 37.51 31.20 -16.14
C VAL I 447 36.37 30.32 -15.67
N ASP I 448 36.73 29.22 -15.00
CA ASP I 448 35.75 28.31 -14.40
C ASP I 448 35.76 28.35 -12.88
N THR I 449 36.93 28.53 -12.27
CA THR I 449 37.07 28.57 -10.81
C THR I 449 37.97 29.74 -10.39
N VAL I 450 37.83 30.13 -9.14
CA VAL I 450 38.64 31.16 -8.51
C VAL I 450 39.01 30.73 -7.10
N SER I 451 40.27 30.95 -6.72
CA SER I 451 40.79 30.55 -5.43
C SER I 451 41.37 31.76 -4.71
N VAL I 452 40.88 32.03 -3.49
CA VAL I 452 41.44 33.06 -2.64
C VAL I 452 41.88 32.36 -1.35
N GLY I 453 43.17 32.15 -1.19
CA GLY I 453 43.61 31.38 -0.05
C GLY I 453 43.21 29.93 -0.18
N ASN I 454 42.65 29.36 0.88
CA ASN I 454 42.32 27.94 0.89
C ASN I 454 40.92 27.63 0.36
N THR I 455 40.24 28.61 -0.21
CA THR I 455 38.87 28.42 -0.65
C THR I 455 38.81 28.51 -2.17
N LEU I 456 38.31 27.45 -2.80
CA LEU I 456 38.06 27.43 -4.22
C LEU I 456 36.60 27.77 -4.47
N TYR I 457 36.36 28.80 -5.27
CA TYR I 457 35.02 29.17 -5.70
C TYR I 457 34.80 28.71 -7.13
N TYR I 458 33.63 28.14 -7.40
CA TYR I 458 33.22 27.93 -8.79
C TYR I 458 32.46 29.15 -9.27
N VAL I 459 32.71 29.54 -10.49
CA VAL I 459 32.07 30.73 -11.02
C VAL I 459 30.84 30.28 -11.77
N ASN I 460 29.80 31.12 -11.73
CA ASN I 460 28.60 30.89 -12.48
C ASN I 460 28.89 30.80 -13.96
N LYS I 461 28.27 29.85 -14.65
CA LYS I 461 28.50 29.69 -16.08
C LYS I 461 27.35 30.19 -16.94
N GLN I 462 26.46 31.03 -16.41
CA GLN I 462 25.44 31.61 -17.28
C GLN I 462 26.11 32.51 -18.30
N GLU I 463 25.59 32.49 -19.52
CA GLU I 463 26.18 33.23 -20.62
C GLU I 463 25.69 34.68 -20.63
N GLY I 464 26.57 35.58 -21.02
CA GLY I 464 26.28 37.00 -21.05
C GLY I 464 27.55 37.82 -21.05
N LYS I 465 27.43 39.05 -21.54
CA LYS I 465 28.59 39.92 -21.66
C LYS I 465 28.89 40.63 -20.35
N SER I 466 30.16 40.67 -19.96
CA SER I 466 30.63 41.45 -18.83
C SER I 466 31.59 42.53 -19.31
N LEU I 467 31.55 43.68 -18.67
CA LEU I 467 32.39 44.80 -19.04
C LEU I 467 33.15 45.31 -17.81
N TYR I 468 34.46 45.45 -17.96
CA TYR I 468 35.36 45.89 -16.90
C TYR I 468 35.50 47.41 -16.99
N VAL I 469 34.94 48.13 -16.01
CA VAL I 469 35.01 49.60 -15.99
C VAL I 469 36.26 50.00 -15.21
N LYS I 470 37.30 50.42 -15.93
CA LYS I 470 38.56 50.83 -15.30
C LYS I 470 38.39 52.10 -14.47
N GLY I 471 39.13 52.17 -13.38
CA GLY I 471 39.06 53.33 -12.53
C GLY I 471 40.07 53.32 -11.40
N GLU I 472 40.44 54.50 -10.91
CA GLU I 472 41.30 54.56 -9.74
C GLU I 472 40.50 54.19 -8.49
N PRO I 473 40.99 53.25 -7.67
CA PRO I 473 40.24 52.83 -6.48
C PRO I 473 39.92 54.00 -5.57
N ILE I 474 38.66 54.06 -5.15
CA ILE I 474 38.17 55.20 -4.40
C ILE I 474 38.83 55.32 -3.03
N ILE I 475 39.40 54.24 -2.51
CA ILE I 475 40.00 54.29 -1.19
C ILE I 475 41.22 55.18 -1.18
N ASN I 476 41.81 55.45 -2.33
CA ASN I 476 43.02 56.26 -2.37
C ASN I 476 42.74 57.72 -2.10
N PHE I 477 41.48 58.18 -2.22
CA PHE I 477 41.12 59.58 -2.01
C PHE I 477 40.89 59.93 -0.55
N TYR I 478 41.13 59.00 0.37
CA TYR I 478 41.00 59.24 1.80
C TYR I 478 42.39 59.24 2.42
N ASP I 479 42.61 60.16 3.41
CA ASP I 479 43.85 60.29 4.17
C ASP I 479 43.85 59.34 5.36
N PRO I 480 44.86 58.47 5.48
CA PRO I 480 44.84 57.46 6.54
C PRO I 480 44.83 58.02 7.95
N LEU I 481 45.24 59.27 8.14
CA LEU I 481 45.34 59.82 9.48
C LEU I 481 43.99 60.23 10.05
N VAL I 482 42.98 60.48 9.22
CA VAL I 482 41.68 60.97 9.66
C VAL I 482 40.55 60.03 9.28
N PHE I 483 40.88 58.83 8.81
CA PHE I 483 39.89 57.90 8.30
C PHE I 483 39.17 57.19 9.45
N PRO I 484 37.83 57.26 9.54
CA PRO I 484 37.09 56.53 10.59
C PRO I 484 36.95 55.07 10.26
N SER I 485 37.63 54.20 11.01
CA SER I 485 37.78 52.80 10.65
C SER I 485 36.92 51.85 11.48
N ASP I 486 35.76 52.32 11.98
CA ASP I 486 34.84 51.40 12.63
C ASP I 486 33.39 51.74 12.30
N GLU I 487 33.13 52.28 11.12
CA GLU I 487 31.79 52.75 10.77
C GLU I 487 31.09 51.64 9.98
N PHE I 488 29.99 51.13 10.52
CA PHE I 488 29.22 50.11 9.82
C PHE I 488 28.05 50.69 9.04
N ASP I 489 27.40 51.71 9.56
CA ASP I 489 26.25 52.31 8.90
C ASP I 489 26.61 53.76 8.61
N ALA I 490 27.56 53.94 7.71
CA ALA I 490 27.99 55.27 7.35
C ALA I 490 27.63 55.52 5.89
N SER I 491 28.23 56.58 5.35
CA SER I 491 27.91 57.06 4.03
C SER I 491 29.07 57.91 3.56
N ILE I 492 29.04 58.23 2.27
CA ILE I 492 30.03 59.14 1.73
C ILE I 492 30.01 60.46 2.51
N SER I 493 28.80 61.02 2.69
CA SER I 493 28.66 62.30 3.34
C SER I 493 28.95 62.23 4.83
N GLN I 494 28.68 61.08 5.48
CA GLN I 494 29.02 60.98 6.89
C GLN I 494 30.52 60.96 7.12
N VAL I 495 31.26 60.21 6.31
CA VAL I 495 32.71 60.17 6.47
C VAL I 495 33.35 61.49 6.06
N ASN I 496 32.81 62.16 5.03
CA ASN I 496 33.32 63.48 4.65
C ASN I 496 33.25 64.47 5.81
N GLU I 497 32.06 64.63 6.42
CA GLU I 497 31.93 65.61 7.48
C GLU I 497 32.68 65.21 8.75
N LYS I 498 32.93 63.92 8.95
CA LYS I 498 33.73 63.48 10.10
C LYS I 498 35.22 63.73 9.87
N ILE I 499 35.67 63.72 8.62
CA ILE I 499 37.03 64.15 8.30
C ILE I 499 37.15 65.66 8.53
N ASN I 500 36.17 66.43 8.04
CA ASN I 500 36.20 67.88 8.24
C ASN I 500 36.19 68.20 9.72
N GLN I 501 35.40 67.47 10.51
CA GLN I 501 35.32 67.75 11.94
C GLN I 501 36.60 67.35 12.65
N SER I 502 37.24 66.26 12.24
CA SER I 502 38.49 65.85 12.87
C SER I 502 39.69 66.59 12.30
N LEU I 503 39.63 67.00 11.04
CA LEU I 503 40.73 67.75 10.46
C LEU I 503 40.72 69.22 10.92
N ALA I 504 39.52 69.78 11.16
CA ALA I 504 39.43 71.14 11.69
C ALA I 504 39.82 71.19 13.17
N PHE I 505 39.54 70.13 13.93
CA PHE I 505 39.98 70.08 15.31
C PHE I 505 41.50 70.15 15.41
N ILE I 506 42.20 69.69 14.37
CA ILE I 506 43.65 69.77 14.33
C ILE I 506 44.10 71.18 13.96
N ARG I 507 43.25 71.93 13.27
CA ARG I 507 43.54 73.32 12.94
C ARG I 507 43.44 74.23 14.15
N LYS I 508 42.51 73.95 15.08
CA LYS I 508 42.37 74.82 16.24
C LYS I 508 43.62 74.79 17.12
N SER I 509 44.29 73.63 17.20
CA SER I 509 45.53 73.57 17.96
C SER I 509 46.66 74.24 17.22
N ASP I 510 46.66 74.16 15.89
CA ASP I 510 47.75 74.77 15.12
C ASP I 510 47.61 76.29 15.07
N GLU I 511 46.38 76.81 14.96
CA GLU I 511 46.18 78.26 15.08
C GLU I 511 46.54 78.74 16.48
N LEU I 512 46.37 77.87 17.48
CA LEU I 512 46.86 78.15 18.83
C LEU I 512 48.37 78.35 18.84
N LEU I 513 49.08 77.52 18.10
CA LEU I 513 50.55 77.55 18.08
C LEU I 513 51.08 78.80 17.37
C1 NAG J . -13.20 0.53 -23.53
C2 NAG J . -14.48 0.30 -24.33
C3 NAG J . -14.27 -0.85 -25.29
C4 NAG J . -13.06 -0.59 -26.19
C5 NAG J . -11.82 -0.21 -25.37
C6 NAG J . -10.67 0.27 -26.23
C7 NAG J . -16.48 1.00 -23.10
C8 NAG J . -17.60 0.57 -22.20
N2 NAG J . -15.61 0.05 -23.45
O3 NAG J . -15.45 -1.02 -26.08
O4 NAG J . -12.77 -1.75 -26.95
O5 NAG J . -12.12 0.84 -24.43
O6 NAG J . -10.89 1.58 -26.74
O7 NAG J . -16.37 2.17 -23.48
C1 NAG J . -13.21 -1.54 -28.30
C2 NAG J . -13.09 -2.79 -29.13
C3 NAG J . -13.44 -2.48 -30.57
C4 NAG J . -14.82 -1.84 -30.68
C5 NAG J . -14.98 -0.69 -29.68
C6 NAG J . -16.42 -0.22 -29.55
C7 NAG J . -11.49 -4.44 -28.27
C8 NAG J . -10.08 -4.93 -28.31
N2 NAG J . -11.76 -3.39 -29.03
O3 NAG J . -13.39 -3.69 -31.31
O4 NAG J . -14.98 -1.25 -31.95
O5 NAG J . -14.55 -1.05 -28.35
O6 NAG J . -16.50 1.19 -29.53
O7 NAG J . -12.34 -4.98 -27.56
C1 BMA J . -15.44 -2.09 -33.03
C2 BMA J . -16.78 -2.71 -32.80
C3 BMA J . -17.02 -3.70 -33.92
C4 BMA J . -16.81 -3.06 -35.34
C5 BMA J . -15.69 -1.97 -35.40
C6 BMA J . -15.99 -0.82 -36.36
O2 BMA J . -17.81 -1.73 -32.89
O3 BMA J . -18.31 -4.31 -33.85
O4 BMA J . -16.48 -4.09 -36.26
O5 BMA J . -15.51 -1.31 -34.16
O6 BMA J . -16.15 -1.28 -37.68
C1 MAN J . -18.32 -5.40 -32.90
C2 MAN J . -19.33 -6.47 -33.33
C3 MAN J . -20.75 -5.94 -33.11
C4 MAN J . -20.93 -5.40 -31.68
C5 MAN J . -19.83 -4.39 -31.34
C6 MAN J . -19.87 -3.97 -29.87
O2 MAN J . -19.25 -7.60 -32.49
O3 MAN J . -21.71 -6.96 -33.37
O4 MAN J . -22.20 -4.77 -31.58
O5 MAN J . -18.54 -4.98 -31.59
O6 MAN J . -18.54 -3.67 -29.44
C1 MAN J . -18.95 -8.76 -33.27
C2 MAN J . -20.11 -9.76 -33.12
C3 MAN J . -20.00 -10.44 -31.77
C4 MAN J . -18.63 -11.13 -31.64
C5 MAN J . -17.54 -10.03 -31.72
C6 MAN J . -16.10 -10.58 -31.67
O2 MAN J . -20.02 -10.82 -34.10
O3 MAN J . -21.05 -11.38 -31.55
O4 MAN J . -18.53 -11.82 -30.41
O5 MAN J . -17.68 -9.30 -32.98
O6 MAN J . -15.93 -11.44 -30.51
C1 MAN J . -21.00 -10.65 -35.14
C2 MAN J . -21.64 -12.02 -35.42
C3 MAN J . -20.57 -12.96 -36.00
C4 MAN J . -19.82 -12.32 -37.20
C5 MAN J . -19.33 -10.89 -36.85
C6 MAN J . -18.78 -10.12 -38.03
O2 MAN J . -22.67 -11.91 -36.40
O3 MAN J . -21.12 -14.24 -36.38
O4 MAN J . -18.70 -13.13 -37.55
O5 MAN J . -20.43 -10.11 -36.31
O6 MAN J . -18.47 -8.80 -37.61
C1 MAN J . -16.82 -0.30 -38.50
C2 MAN J . -17.58 0.82 -37.71
C3 MAN J . -19.10 0.53 -37.49
C4 MAN J . -19.72 -0.56 -38.43
C5 MAN J . -18.68 -1.62 -38.74
C6 MAN J . -19.08 -2.74 -39.65
O2 MAN J . -17.53 2.10 -38.37
O3 MAN J . -19.86 1.73 -37.54
O4 MAN J . -20.84 -1.19 -37.80
O5 MAN J . -17.61 -0.97 -39.39
O6 MAN J . -18.04 -3.66 -39.48
C1 MAN J . -20.73 1.70 -36.39
C2 MAN J . -22.12 2.21 -36.73
C3 MAN J . -22.13 3.74 -36.69
C4 MAN J . -21.64 4.22 -35.30
C5 MAN J . -20.20 3.72 -35.07
C6 MAN J . -19.68 4.01 -33.68
O2 MAN J . -23.04 1.81 -35.72
O3 MAN J . -23.42 4.28 -37.00
O4 MAN J . -21.68 5.65 -35.21
O5 MAN J . -20.14 2.27 -35.23
O6 MAN J . -19.39 2.75 -33.07
C1 MAN J . -24.18 1.18 -36.30
C2 MAN J . -25.44 1.96 -35.85
C3 MAN J . -25.84 1.54 -34.42
C4 MAN J . -25.98 0.03 -34.37
C5 MAN J . -24.61 -0.55 -34.65
C6 MAN J . -24.52 -2.05 -34.55
O2 MAN J . -26.55 1.64 -36.69
O3 MAN J . -27.01 2.19 -33.93
O4 MAN J . -26.47 -0.38 -33.11
O5 MAN J . -24.22 -0.20 -36.00
O6 MAN J . -23.19 -2.42 -34.89
C1 MAN J . -17.90 -4.54 -40.60
C2 MAN J . -17.85 -6.00 -40.05
C3 MAN J . -16.51 -6.25 -39.35
C4 MAN J . -15.34 -5.87 -40.30
C5 MAN J . -15.49 -4.39 -40.73
C6 MAN J . -14.44 -3.96 -41.71
O2 MAN J . -17.99 -6.98 -41.13
O3 MAN J . -16.38 -7.60 -38.87
O4 MAN J . -14.07 -6.07 -39.65
O5 MAN J . -16.78 -4.19 -41.36
O6 MAN J . -14.27 -2.55 -41.58
C1 MAN J . -19.13 -7.86 -41.05
C2 MAN J . -19.32 -8.48 -42.44
C3 MAN J . -19.88 -7.42 -43.34
C4 MAN J . -21.22 -6.88 -42.81
C5 MAN J . -21.06 -6.33 -41.39
C6 MAN J . -22.38 -5.96 -40.71
O2 MAN J . -20.29 -9.53 -42.44
O3 MAN J . -20.01 -7.90 -44.64
O4 MAN J . -21.67 -5.84 -43.62
O5 MAN J . -20.35 -7.30 -40.53
O6 MAN J . -22.72 -4.62 -41.08
CL CL K . 9.80 11.02 -21.50
CL CL L . 8.22 31.94 39.02
#